data_8TOV
#
_entry.id   8TOV
#
_cell.length_a   91.174
_cell.length_b   91.326
_cell.length_c   117.518
_cell.angle_alpha   78.816
_cell.angle_beta   87.196
_cell.angle_gamma   60.116
#
_symmetry.space_group_name_H-M   'P 1'
#
loop_
_entity.id
_entity.type
_entity.pdbx_description
1 polymer 'Matrix protein p17'
2 non-polymer 2-[4-(4-aminobenzene-1-sulfonyl)-2-oxopiperazin-1-yl]-N-[(1R)-2-(3,5-difluorophenyl)-1-{3-[4-(morpholine-4-sulfonyl)phenyl]-4-oxo-3,4-dihydroquinazolin-2-yl}ethyl]acetamide
3 water water
#
_entity_poly.entity_id   1
_entity_poly.type   'polypeptide(L)'
_entity_poly.pdbx_seq_one_letter_code
;PIVQNLQGQMVHQCISPRTLNAWVKVVEEKAFSPEVIPMFSALSCGATPQDLNTMLNTVGGHQAAMQMLKETINEEAAEW
DRLHPVHAGPIAPGQMREPRGSDIAGTTSTLQEQIGWMTHNPPIPVGEIYKRWIILGLNKIVRMYSPTSILDIRQGPKEP
FRDYVDRFYKTLRAEQASQEVKNAATETLLVQNANPDCKTILKALGPGATLEEMMTACQGVGGPGHKARVL
;
_entity_poly.pdbx_strand_id   G,I,J,K,L,H,A,B,C,D,E,F
#
loop_
_chem_comp.id
_chem_comp.type
_chem_comp.name
_chem_comp.formula
J6U non-polymer 2-[4-(4-aminobenzene-1-sulfonyl)-2-oxopiperazin-1-yl]-N-[(1R)-2-(3,5-difluorophenyl)-1-{3-[4-(morpholine-4-sulfonyl)phenyl]-4-oxo-3,4-dihydroquinazolin-2-yl}ethyl]acetamide 'C38 H37 F2 N7 O8 S2'
#
# COMPACT_ATOMS: atom_id res chain seq x y z
N PRO A 1 22.43 1.90 -1.55
CA PRO A 1 21.93 2.78 -2.60
C PRO A 1 20.79 3.64 -2.07
N ILE A 2 20.34 4.54 -2.94
CA ILE A 2 19.11 5.26 -2.70
C ILE A 2 18.12 4.83 -3.77
N VAL A 3 16.89 4.51 -3.32
CA VAL A 3 15.85 3.91 -4.16
C VAL A 3 14.56 4.72 -4.01
N VAL A 11 15.00 6.48 -0.18
CA VAL A 11 15.40 5.79 1.08
C VAL A 11 16.79 5.17 0.88
N HIS A 12 17.58 5.11 1.98
CA HIS A 12 18.82 4.34 2.00
C HIS A 12 18.57 2.84 2.17
N GLN A 13 18.74 2.07 1.07
CA GLN A 13 18.89 0.64 1.09
C GLN A 13 20.36 0.30 1.30
N CYS A 14 20.58 -0.79 2.04
CA CYS A 14 21.88 -1.42 2.17
C CYS A 14 22.30 -2.01 0.84
N ILE A 15 23.61 -2.10 0.61
CA ILE A 15 24.09 -2.83 -0.54
C ILE A 15 23.75 -4.30 -0.30
N SER A 16 23.29 -4.98 -1.33
CA SER A 16 22.87 -6.35 -1.15
C SER A 16 24.08 -7.26 -1.20
N PRO A 17 24.05 -8.42 -0.54
CA PRO A 17 25.08 -9.46 -0.70
C PRO A 17 25.37 -9.86 -2.15
N ARG A 18 24.34 -9.88 -3.00
CA ARG A 18 24.50 -10.30 -4.38
C ARG A 18 25.39 -9.24 -5.04
N THR A 19 25.05 -7.96 -4.83
CA THR A 19 25.86 -6.88 -5.38
C THR A 19 27.30 -6.95 -4.87
N LEU A 20 27.48 -7.15 -3.56
CA LEU A 20 28.81 -7.11 -2.98
C LEU A 20 29.68 -8.18 -3.62
N ASN A 21 29.09 -9.37 -3.72
CA ASN A 21 29.83 -10.52 -4.18
C ASN A 21 30.16 -10.40 -5.67
N ALA A 22 29.22 -9.81 -6.42
CA ALA A 22 29.36 -9.68 -7.86
C ALA A 22 30.56 -8.80 -8.17
N TRP A 23 30.73 -7.73 -7.40
CA TRP A 23 31.82 -6.81 -7.65
C TRP A 23 33.15 -7.47 -7.30
N VAL A 24 33.19 -8.20 -6.19
CA VAL A 24 34.44 -8.82 -5.76
C VAL A 24 34.83 -9.83 -6.83
N LYS A 25 33.87 -10.62 -7.30
CA LYS A 25 34.14 -11.71 -8.24
C LYS A 25 34.63 -11.15 -9.57
N VAL A 26 33.99 -10.09 -10.04
CA VAL A 26 34.38 -9.49 -11.30
C VAL A 26 35.85 -9.11 -11.24
N VAL A 27 36.26 -8.48 -10.13
CA VAL A 27 37.64 -8.04 -9.99
C VAL A 27 38.56 -9.26 -9.86
N GLU A 28 38.10 -10.32 -9.18
CA GLU A 28 38.92 -11.50 -9.04
C GLU A 28 39.15 -12.14 -10.39
N GLU A 29 38.11 -12.19 -11.24
CA GLU A 29 38.15 -13.02 -12.43
C GLU A 29 38.71 -12.23 -13.62
N LYS A 30 38.57 -10.89 -13.64
CA LYS A 30 38.85 -10.12 -14.83
C LYS A 30 39.86 -9.00 -14.57
N ALA A 31 40.30 -8.82 -13.33
CA ALA A 31 41.34 -7.86 -13.01
C ALA A 31 40.92 -6.49 -13.53
N PHE A 32 41.69 -5.88 -14.44
CA PHE A 32 41.32 -4.59 -14.99
C PHE A 32 41.20 -4.66 -16.50
N SER A 33 40.63 -5.75 -16.97
CA SER A 33 40.14 -5.85 -18.32
C SER A 33 39.03 -4.79 -18.52
N PRO A 34 38.89 -4.18 -19.72
CA PRO A 34 38.01 -3.03 -19.88
C PRO A 34 36.57 -3.19 -19.43
N GLU A 35 36.01 -4.39 -19.57
CA GLU A 35 34.58 -4.59 -19.30
C GLU A 35 34.30 -4.58 -17.79
N VAL A 36 35.34 -4.52 -16.96
CA VAL A 36 35.12 -4.35 -15.53
C VAL A 36 34.49 -2.98 -15.24
N ILE A 37 34.78 -1.98 -16.07
CA ILE A 37 34.34 -0.61 -15.79
C ILE A 37 32.81 -0.56 -15.87
N PRO A 38 32.20 -0.95 -17.01
CA PRO A 38 30.74 -0.88 -17.14
C PRO A 38 30.04 -1.78 -16.14
N MET A 39 30.69 -2.87 -15.72
CA MET A 39 30.12 -3.71 -14.67
C MET A 39 30.11 -2.95 -13.34
N PHE A 40 31.21 -2.26 -13.05
CA PHE A 40 31.29 -1.46 -11.84
C PHE A 40 30.14 -0.45 -11.83
N SER A 41 29.96 0.21 -12.98
CA SER A 41 28.99 1.26 -13.11
C SER A 41 27.57 0.72 -12.93
N ALA A 42 27.30 -0.44 -13.53
CA ALA A 42 25.99 -1.06 -13.42
C ALA A 42 25.77 -1.53 -11.98
N LEU A 43 26.75 -2.24 -11.40
CA LEU A 43 26.61 -2.72 -10.04
C LEU A 43 26.49 -1.57 -9.04
N SER A 44 26.95 -0.36 -9.40
CA SER A 44 26.90 0.77 -8.48
C SER A 44 25.73 1.71 -8.81
N CYS A 45 24.79 1.25 -9.62
CA CYS A 45 23.58 2.01 -9.88
C CYS A 45 22.95 2.44 -8.56
N GLY A 46 22.62 3.74 -8.46
CA GLY A 46 21.97 4.32 -7.30
C GLY A 46 22.90 4.58 -6.11
N ALA A 47 24.19 4.31 -6.27
CA ALA A 47 25.10 4.26 -5.14
C ALA A 47 25.32 5.63 -4.50
N THR A 48 25.49 5.63 -3.18
CA THR A 48 26.00 6.78 -2.45
C THR A 48 27.52 6.74 -2.45
N PRO A 49 28.19 7.89 -2.16
CA PRO A 49 29.65 7.86 -1.99
C PRO A 49 30.08 6.76 -1.02
N GLN A 50 29.34 6.56 0.07
CA GLN A 50 29.69 5.52 1.01
C GLN A 50 29.66 4.14 0.33
N ASP A 51 28.62 3.89 -0.45
CA ASP A 51 28.47 2.62 -1.14
C ASP A 51 29.62 2.42 -2.12
N LEU A 52 30.03 3.51 -2.80
CA LEU A 52 31.16 3.44 -3.70
C LEU A 52 32.44 3.11 -2.94
N ASN A 53 32.65 3.75 -1.77
CA ASN A 53 33.81 3.43 -0.95
C ASN A 53 33.74 1.99 -0.45
N THR A 54 32.54 1.56 -0.04
CA THR A 54 32.36 0.19 0.39
C THR A 54 32.82 -0.76 -0.70
N MET A 55 32.35 -0.51 -1.94
CA MET A 55 32.66 -1.40 -3.03
C MET A 55 34.16 -1.40 -3.29
N LEU A 56 34.80 -0.21 -3.29
CA LEU A 56 36.23 -0.13 -3.56
C LEU A 56 37.02 -0.81 -2.44
N ASN A 57 36.55 -0.67 -1.20
CA ASN A 57 37.30 -1.21 -0.07
C ASN A 57 37.27 -2.73 -0.07
N THR A 58 36.26 -3.35 -0.71
CA THR A 58 36.11 -4.80 -0.58
C THR A 58 37.08 -5.50 -1.53
N VAL A 59 37.69 -4.72 -2.43
CA VAL A 59 38.68 -5.28 -3.33
C VAL A 59 39.93 -5.60 -2.53
N GLY A 60 40.30 -6.87 -2.51
CA GLY A 60 41.59 -7.31 -2.00
C GLY A 60 42.56 -7.47 -3.17
N GLY A 61 43.81 -7.08 -2.92
CA GLY A 61 44.83 -7.07 -3.94
C GLY A 61 44.76 -5.82 -4.79
N HIS A 62 45.51 -5.82 -5.90
CA HIS A 62 45.57 -4.67 -6.77
C HIS A 62 45.78 -3.36 -6.01
N GLN A 63 46.62 -3.34 -4.97
CA GLN A 63 46.66 -2.14 -4.15
C GLN A 63 47.50 -1.07 -4.84
N ALA A 64 48.38 -1.44 -5.76
CA ALA A 64 48.98 -0.41 -6.59
C ALA A 64 47.89 0.36 -7.34
N ALA A 65 47.05 -0.39 -8.03
CA ALA A 65 45.99 0.20 -8.82
C ALA A 65 45.11 1.06 -7.93
N MET A 66 44.77 0.55 -6.75
CA MET A 66 43.83 1.22 -5.86
C MET A 66 44.41 2.53 -5.34
N GLN A 67 45.73 2.57 -5.15
CA GLN A 67 46.39 3.79 -4.71
C GLN A 67 46.46 4.78 -5.87
N MET A 68 46.73 4.28 -7.08
CA MET A 68 46.67 5.12 -8.25
C MET A 68 45.31 5.76 -8.36
N LEU A 69 44.28 4.96 -8.05
CA LEU A 69 42.91 5.44 -8.15
C LEU A 69 42.69 6.61 -7.20
N LYS A 70 43.22 6.56 -5.98
CA LYS A 70 43.13 7.68 -5.05
C LYS A 70 43.77 8.95 -5.61
N GLU A 71 44.96 8.84 -6.20
CA GLU A 71 45.58 10.00 -6.80
C GLU A 71 44.61 10.66 -7.80
N THR A 72 44.00 9.87 -8.69
CA THR A 72 43.10 10.42 -9.69
C THR A 72 41.90 11.07 -9.01
N ILE A 73 41.33 10.38 -8.02
CA ILE A 73 40.20 10.92 -7.30
C ILE A 73 40.58 12.26 -6.70
N ASN A 74 41.78 12.37 -6.12
CA ASN A 74 42.25 13.62 -5.54
C ASN A 74 42.34 14.76 -6.53
N GLU A 75 42.94 14.54 -7.71
CA GLU A 75 43.04 15.58 -8.72
C GLU A 75 41.64 16.12 -9.02
N GLU A 76 40.65 15.22 -9.09
CA GLU A 76 39.30 15.60 -9.48
C GLU A 76 38.61 16.34 -8.33
N ALA A 77 38.94 15.98 -7.10
CA ALA A 77 38.41 16.64 -5.92
C ALA A 77 38.89 18.09 -5.86
N ALA A 78 40.20 18.26 -6.01
CA ALA A 78 40.84 19.57 -6.01
C ALA A 78 40.31 20.44 -7.14
N GLU A 79 40.17 19.88 -8.34
CA GLU A 79 39.61 20.63 -9.46
C GLU A 79 38.16 21.04 -9.16
N TRP A 80 37.42 20.21 -8.42
CA TRP A 80 36.05 20.53 -8.10
C TRP A 80 36.00 21.72 -7.15
N ASP A 81 36.93 21.76 -6.20
CA ASP A 81 37.07 22.84 -5.23
C ASP A 81 37.44 24.16 -5.93
N ARG A 82 38.22 24.08 -7.02
CA ARG A 82 38.56 25.23 -7.84
C ARG A 82 37.28 25.80 -8.44
N LEU A 83 36.51 24.97 -9.17
CA LEU A 83 35.35 25.44 -9.92
C LEU A 83 34.17 25.84 -9.02
N HIS A 84 34.03 25.23 -7.83
CA HIS A 84 32.84 25.41 -7.02
C HIS A 84 33.26 25.69 -5.58
N PRO A 85 33.76 26.90 -5.23
CA PRO A 85 34.30 27.13 -3.87
C PRO A 85 33.24 27.25 -2.79
N VAL A 86 33.67 27.14 -1.53
CA VAL A 86 32.77 27.31 -0.39
C VAL A 86 33.34 28.39 0.56
N GLY A 89 32.01 31.18 6.09
CA GLY A 89 31.74 31.20 7.54
C GLY A 89 31.04 29.92 8.00
N PRO A 90 30.45 29.88 9.22
CA PRO A 90 29.47 28.85 9.57
C PRO A 90 28.20 28.89 8.71
N ILE A 91 27.65 27.70 8.44
CA ILE A 91 26.48 27.53 7.58
C ILE A 91 25.24 28.08 8.29
N ALA A 92 24.24 28.48 7.49
CA ALA A 92 22.92 28.77 8.01
C ALA A 92 22.37 27.57 8.81
N PRO A 93 21.93 27.77 10.08
CA PRO A 93 21.36 26.66 10.84
C PRO A 93 20.30 25.84 10.10
N GLY A 94 20.41 24.49 10.19
CA GLY A 94 19.41 23.56 9.66
C GLY A 94 19.30 23.54 8.13
N GLN A 95 20.19 24.25 7.44
CA GLN A 95 20.14 24.35 5.98
C GLN A 95 21.23 23.45 5.39
N MET A 96 21.14 23.26 4.08
CA MET A 96 21.96 22.29 3.36
C MET A 96 23.22 23.00 2.86
N ARG A 97 24.39 22.55 3.35
CA ARG A 97 25.66 23.12 2.93
C ARG A 97 26.02 22.62 1.53
N GLU A 98 26.89 23.36 0.86
CA GLU A 98 27.42 22.96 -0.44
C GLU A 98 28.54 21.95 -0.22
N PRO A 99 28.65 20.88 -1.04
CA PRO A 99 29.68 19.85 -0.84
C PRO A 99 31.02 20.21 -1.45
N ARG A 100 32.08 20.08 -0.65
CA ARG A 100 33.46 20.13 -1.13
C ARG A 100 33.81 18.79 -1.80
N GLY A 101 34.94 18.77 -2.51
CA GLY A 101 35.41 17.58 -3.20
C GLY A 101 35.54 16.36 -2.28
N SER A 102 35.96 16.61 -1.05
CA SER A 102 36.16 15.52 -0.11
C SER A 102 34.82 15.03 0.44
N ASP A 103 33.76 15.82 0.22
CA ASP A 103 32.44 15.42 0.64
C ASP A 103 31.83 14.50 -0.40
N ILE A 104 32.10 14.80 -1.68
CA ILE A 104 31.66 13.98 -2.78
C ILE A 104 32.28 12.59 -2.70
N ALA A 105 33.54 12.51 -2.24
CA ALA A 105 34.22 11.23 -2.12
C ALA A 105 33.88 10.53 -0.82
N GLY A 106 33.02 11.15 0.00
CA GLY A 106 32.53 10.50 1.21
C GLY A 106 33.55 10.49 2.34
N THR A 107 34.59 11.32 2.21
CA THR A 107 35.67 11.34 3.18
C THR A 107 35.30 12.22 4.37
N THR A 108 34.62 13.35 4.11
CA THR A 108 34.30 14.34 5.12
C THR A 108 32.80 14.55 5.20
N SER A 109 32.01 13.66 4.58
CA SER A 109 30.55 13.79 4.58
C SER A 109 29.97 12.61 5.32
N THR A 110 28.80 12.80 5.92
CA THR A 110 28.06 11.72 6.53
C THR A 110 27.10 11.12 5.51
N LEU A 111 26.60 9.92 5.80
CA LEU A 111 25.63 9.27 4.94
C LEU A 111 24.40 10.17 4.76
N GLN A 112 23.94 10.80 5.85
CA GLN A 112 22.73 11.63 5.83
C GLN A 112 22.94 12.82 4.90
N GLU A 113 24.12 13.44 4.98
CA GLU A 113 24.49 14.51 4.08
C GLU A 113 24.46 14.05 2.61
N GLN A 114 24.96 12.84 2.35
CA GLN A 114 25.01 12.31 1.00
C GLN A 114 23.58 12.10 0.48
N ILE A 115 22.73 11.52 1.31
CA ILE A 115 21.32 11.33 0.98
C ILE A 115 20.64 12.68 0.76
N GLY A 116 20.93 13.63 1.65
CA GLY A 116 20.46 15.00 1.54
C GLY A 116 20.70 15.58 0.16
N TRP A 117 21.95 15.56 -0.30
CA TRP A 117 22.31 16.15 -1.57
C TRP A 117 21.62 15.41 -2.72
N MET A 118 21.56 14.08 -2.61
CA MET A 118 21.16 13.24 -3.73
C MET A 118 19.65 13.32 -3.95
N THR A 119 18.90 13.53 -2.86
CA THR A 119 17.44 13.57 -2.92
C THR A 119 16.89 14.99 -2.85
N HIS A 120 17.76 15.99 -2.65
CA HIS A 120 17.36 17.39 -2.70
C HIS A 120 16.65 17.68 -4.01
N ASN A 121 15.73 18.64 -3.97
CA ASN A 121 15.05 19.14 -5.14
C ASN A 121 15.55 20.57 -5.39
N PRO A 122 16.41 20.82 -6.41
CA PRO A 122 16.92 19.80 -7.32
C PRO A 122 18.12 19.04 -6.74
N PRO A 123 18.49 17.87 -7.30
CA PRO A 123 19.53 17.03 -6.73
C PRO A 123 20.93 17.60 -6.97
N ILE A 124 21.77 17.51 -5.93
CA ILE A 124 23.22 17.54 -6.08
C ILE A 124 23.68 16.08 -6.13
N PRO A 125 23.96 15.51 -7.31
CA PRO A 125 24.11 14.04 -7.45
C PRO A 125 25.53 13.60 -7.12
N VAL A 126 25.85 13.62 -5.82
CA VAL A 126 27.21 13.38 -5.38
C VAL A 126 27.62 11.94 -5.68
N GLY A 127 26.66 11.01 -5.69
CA GLY A 127 26.93 9.65 -6.12
C GLY A 127 27.44 9.61 -7.55
N GLU A 128 26.72 10.27 -8.45
CA GLU A 128 27.06 10.20 -9.85
C GLU A 128 28.36 10.93 -10.12
N ILE A 129 28.64 11.98 -9.35
CA ILE A 129 29.86 12.75 -9.54
C ILE A 129 31.05 11.91 -9.10
N TYR A 130 30.96 11.32 -7.91
CA TYR A 130 32.04 10.49 -7.41
C TYR A 130 32.29 9.30 -8.35
N LYS A 131 31.20 8.69 -8.85
CA LYS A 131 31.30 7.57 -9.77
C LYS A 131 32.10 8.02 -10.99
N ARG A 132 31.82 9.23 -11.48
CA ARG A 132 32.50 9.71 -12.67
C ARG A 132 34.00 9.79 -12.41
N TRP A 133 34.38 10.23 -11.21
CA TRP A 133 35.78 10.34 -10.85
C TRP A 133 36.41 8.96 -10.81
N ILE A 134 35.71 8.01 -10.18
CA ILE A 134 36.27 6.69 -10.00
C ILE A 134 36.53 6.08 -11.36
N ILE A 135 35.61 6.31 -12.30
CA ILE A 135 35.71 5.71 -13.61
C ILE A 135 36.88 6.33 -14.36
N LEU A 136 37.09 7.64 -14.17
CA LEU A 136 38.28 8.27 -14.74
C LEU A 136 39.53 7.51 -14.29
N GLY A 137 39.62 7.26 -12.98
CA GLY A 137 40.76 6.56 -12.44
C GLY A 137 40.84 5.11 -12.92
N LEU A 138 39.67 4.45 -13.06
CA LEU A 138 39.63 3.07 -13.50
C LEU A 138 40.10 2.97 -14.94
N ASN A 139 39.78 3.98 -15.76
CA ASN A 139 40.23 3.98 -17.15
C ASN A 139 41.74 4.10 -17.24
N LYS A 140 42.36 4.96 -16.41
CA LYS A 140 43.80 5.10 -16.39
C LYS A 140 44.44 3.77 -16.03
N ILE A 141 43.88 3.08 -15.02
CA ILE A 141 44.37 1.78 -14.62
C ILE A 141 44.26 0.79 -15.78
N VAL A 142 43.12 0.76 -16.49
CA VAL A 142 42.90 -0.19 -17.56
C VAL A 142 43.95 0.00 -18.66
N ARG A 143 44.30 1.25 -19.01
CA ARG A 143 45.33 1.50 -20.01
C ARG A 143 46.66 0.96 -19.50
N MET A 144 46.96 1.21 -18.22
CA MET A 144 48.23 0.82 -17.61
C MET A 144 48.40 -0.71 -17.68
N TYR A 145 47.42 -1.45 -17.15
CA TYR A 145 47.43 -2.90 -17.15
C TYR A 145 47.25 -3.47 -18.57
N SER A 146 47.02 -2.63 -19.60
CA SER A 146 46.96 -3.14 -20.96
C SER A 146 48.35 -3.51 -21.46
N PRO A 147 48.57 -4.80 -21.82
CA PRO A 147 49.92 -5.28 -22.10
C PRO A 147 50.50 -4.86 -23.45
N THR A 148 49.68 -4.41 -24.39
CA THR A 148 50.15 -4.28 -25.76
C THR A 148 49.62 -3.00 -26.39
N SER A 149 50.47 -2.40 -27.23
CA SER A 149 50.10 -1.27 -28.06
C SER A 149 49.39 -1.80 -29.31
N ILE A 150 48.41 -1.03 -29.79
CA ILE A 150 47.71 -1.39 -31.02
C ILE A 150 48.70 -1.53 -32.18
N LEU A 151 49.82 -0.81 -32.12
CA LEU A 151 50.85 -0.89 -33.15
C LEU A 151 51.45 -2.30 -33.25
N ASP A 152 51.37 -3.10 -32.18
CA ASP A 152 51.98 -4.42 -32.18
C ASP A 152 50.96 -5.53 -32.43
N ILE A 153 49.70 -5.19 -32.70
CA ILE A 153 48.71 -6.21 -33.02
C ILE A 153 48.77 -6.49 -34.51
N ARG A 154 49.57 -7.51 -34.86
CA ARG A 154 49.77 -7.95 -36.22
C ARG A 154 49.12 -9.33 -36.36
N GLN A 155 48.48 -9.60 -37.50
CA GLN A 155 47.81 -10.86 -37.75
C GLN A 155 48.83 -11.98 -37.96
N GLY A 156 48.69 -13.07 -37.21
CA GLY A 156 49.59 -14.20 -37.36
C GLY A 156 49.49 -14.81 -38.76
N PRO A 157 50.56 -15.46 -39.28
CA PRO A 157 50.50 -16.08 -40.60
C PRO A 157 49.40 -17.13 -40.72
N LYS A 158 49.03 -17.78 -39.59
CA LYS A 158 47.97 -18.78 -39.60
C LYS A 158 46.71 -18.31 -38.87
N GLU A 159 46.67 -17.05 -38.39
CA GLU A 159 45.59 -16.57 -37.55
C GLU A 159 44.39 -16.20 -38.42
N PRO A 160 43.19 -16.74 -38.13
CA PRO A 160 42.01 -16.35 -38.88
C PRO A 160 41.71 -14.85 -38.67
N PHE A 161 41.23 -14.22 -39.72
CA PHE A 161 41.06 -12.78 -39.69
C PHE A 161 40.26 -12.38 -38.44
N ARG A 162 39.16 -13.09 -38.16
CA ARG A 162 38.26 -12.71 -37.10
C ARG A 162 38.98 -12.64 -35.73
N ASP A 163 39.88 -13.57 -35.47
CA ASP A 163 40.60 -13.61 -34.21
C ASP A 163 41.52 -12.40 -34.08
N TYR A 164 42.17 -12.03 -35.19
CA TYR A 164 42.99 -10.84 -35.29
C TYR A 164 42.18 -9.60 -34.94
N VAL A 165 41.03 -9.49 -35.57
CA VAL A 165 40.16 -8.35 -35.36
C VAL A 165 39.72 -8.29 -33.89
N ASP A 166 39.39 -9.42 -33.27
CA ASP A 166 39.07 -9.45 -31.86
C ASP A 166 40.19 -8.85 -31.04
N ARG A 167 41.43 -9.26 -31.33
CA ARG A 167 42.60 -8.77 -30.59
C ARG A 167 42.78 -7.28 -30.87
N PHE A 168 42.68 -6.92 -32.15
CA PHE A 168 42.84 -5.54 -32.56
C PHE A 168 41.95 -4.66 -31.69
N TYR A 169 40.65 -4.92 -31.71
CA TYR A 169 39.70 -4.07 -31.02
C TYR A 169 39.73 -4.30 -29.51
N LYS A 170 40.10 -5.50 -29.03
CA LYS A 170 40.30 -5.67 -27.59
C LYS A 170 41.37 -4.67 -27.15
N THR A 171 42.51 -4.69 -27.86
CA THR A 171 43.63 -3.84 -27.51
C THR A 171 43.23 -2.37 -27.61
N LEU A 172 42.54 -2.04 -28.69
CA LEU A 172 42.15 -0.65 -28.95
C LEU A 172 41.23 -0.11 -27.86
N ARG A 173 40.30 -0.93 -27.36
CA ARG A 173 39.38 -0.56 -26.28
C ARG A 173 40.14 -0.21 -24.99
N ALA A 174 41.27 -0.88 -24.72
CA ALA A 174 42.03 -0.58 -23.52
C ALA A 174 42.70 0.80 -23.56
N GLU A 175 42.99 1.36 -24.74
CA GLU A 175 43.69 2.63 -24.88
C GLU A 175 42.76 3.86 -24.80
N ALA A 184 37.40 3.99 -38.98
CA ALA A 184 38.66 4.76 -39.22
C ALA A 184 39.86 3.89 -38.88
N ALA A 185 39.74 3.19 -37.74
CA ALA A 185 40.70 2.18 -37.34
C ALA A 185 40.87 1.15 -38.44
N THR A 186 39.77 0.75 -39.08
CA THR A 186 39.79 -0.22 -40.17
C THR A 186 40.73 0.26 -41.29
N GLU A 187 40.49 1.48 -41.78
CA GLU A 187 41.12 1.97 -42.99
C GLU A 187 42.62 2.18 -42.78
N THR A 188 43.05 2.52 -41.56
CA THR A 188 44.48 2.70 -41.31
C THR A 188 45.13 1.35 -41.02
N LEU A 189 45.24 1.07 -39.71
CA LEU A 189 46.15 0.11 -39.12
C LEU A 189 45.65 -1.31 -39.30
N LEU A 190 44.34 -1.49 -39.44
CA LEU A 190 43.77 -2.83 -39.44
C LEU A 190 44.20 -3.56 -40.69
N VAL A 191 44.07 -2.92 -41.85
CA VAL A 191 44.50 -3.51 -43.11
C VAL A 191 46.02 -3.60 -43.13
N GLN A 192 46.68 -2.50 -42.74
CA GLN A 192 48.13 -2.44 -42.69
C GLN A 192 48.70 -3.68 -42.01
N ASN A 193 48.10 -4.04 -40.86
CA ASN A 193 48.68 -5.02 -39.95
C ASN A 193 48.19 -6.43 -40.24
N ALA A 194 47.28 -6.58 -41.20
CA ALA A 194 46.86 -7.88 -41.66
C ALA A 194 48.05 -8.60 -42.26
N ASN A 195 47.92 -9.92 -42.43
CA ASN A 195 48.95 -10.77 -43.01
C ASN A 195 48.88 -10.61 -44.52
N PRO A 196 49.98 -10.94 -45.23
CA PRO A 196 50.07 -10.64 -46.67
C PRO A 196 48.88 -11.10 -47.51
N ASP A 197 48.43 -12.35 -47.29
CA ASP A 197 47.35 -12.91 -48.11
C ASP A 197 46.09 -12.06 -47.98
N CYS A 198 45.71 -11.75 -46.72
CA CYS A 198 44.46 -11.04 -46.43
C CYS A 198 44.64 -9.55 -46.77
N LYS A 199 45.85 -9.02 -46.54
CA LYS A 199 46.14 -7.63 -46.87
C LYS A 199 45.91 -7.35 -48.36
N THR A 200 46.34 -8.27 -49.23
CA THR A 200 46.18 -8.10 -50.66
C THR A 200 44.68 -8.05 -50.97
N ILE A 201 43.91 -9.00 -50.45
CA ILE A 201 42.47 -9.07 -50.69
C ILE A 201 41.78 -7.80 -50.22
N LEU A 202 42.16 -7.32 -49.02
CA LEU A 202 41.52 -6.15 -48.44
C LEU A 202 41.80 -4.91 -49.30
N LYS A 203 43.06 -4.75 -49.71
CA LYS A 203 43.49 -3.62 -50.54
C LYS A 203 42.68 -3.58 -51.83
N ALA A 204 42.33 -4.74 -52.37
CA ALA A 204 41.56 -4.86 -53.60
C ALA A 204 40.12 -4.39 -53.42
N LEU A 205 39.59 -4.39 -52.18
CA LEU A 205 38.28 -3.81 -51.94
C LEU A 205 38.43 -2.30 -51.99
N GLY A 206 37.49 -1.62 -52.65
CA GLY A 206 37.61 -0.17 -52.84
C GLY A 206 37.57 0.60 -51.54
N PRO A 207 37.84 1.92 -51.53
CA PRO A 207 37.66 2.72 -50.32
C PRO A 207 36.30 2.50 -49.65
N GLY A 208 36.25 2.69 -48.33
CA GLY A 208 34.98 2.76 -47.61
C GLY A 208 34.36 1.40 -47.31
N ALA A 209 35.15 0.32 -47.43
CA ALA A 209 34.68 -1.02 -47.10
C ALA A 209 34.30 -1.12 -45.62
N THR A 210 33.22 -1.86 -45.34
CA THR A 210 32.78 -2.10 -43.98
C THR A 210 33.55 -3.26 -43.36
N LEU A 211 33.49 -3.32 -42.02
CA LEU A 211 34.12 -4.39 -41.28
C LEU A 211 33.48 -5.73 -41.62
N GLU A 212 32.16 -5.75 -41.76
CA GLU A 212 31.47 -6.96 -42.19
C GLU A 212 32.04 -7.44 -43.52
N GLU A 213 32.26 -6.50 -44.46
CA GLU A 213 32.75 -6.83 -45.79
C GLU A 213 34.17 -7.35 -45.72
N MET A 214 35.02 -6.67 -44.93
CA MET A 214 36.41 -7.07 -44.78
C MET A 214 36.50 -8.49 -44.24
N MET A 215 35.63 -8.81 -43.28
CA MET A 215 35.69 -10.08 -42.57
C MET A 215 35.19 -11.20 -43.46
N THR A 216 34.15 -10.93 -44.25
CA THR A 216 33.66 -11.88 -45.24
C THR A 216 34.77 -12.23 -46.21
N ALA A 217 35.47 -11.20 -46.69
CA ALA A 217 36.49 -11.34 -47.72
C ALA A 217 37.70 -12.14 -47.22
N CYS A 218 37.87 -12.35 -45.90
CA CYS A 218 39.05 -13.05 -45.41
C CYS A 218 38.66 -14.27 -44.58
N GLN A 219 37.48 -14.85 -44.84
CA GLN A 219 36.87 -15.82 -43.93
C GLN A 219 37.45 -17.23 -44.13
N PRO B 1 7.53 -18.99 9.40
CA PRO B 1 7.62 -17.94 10.43
C PRO B 1 6.33 -17.16 10.52
N ILE B 2 6.27 -16.02 11.23
CA ILE B 2 5.01 -15.31 11.29
C ILE B 2 5.12 -13.98 10.54
N VAL B 3 4.09 -13.71 9.71
CA VAL B 3 3.71 -12.34 9.35
C VAL B 3 2.31 -11.99 9.92
N GLN B 9 -6.12 -10.78 10.33
CA GLN B 9 -5.40 -12.04 10.67
C GLN B 9 -3.89 -11.80 10.57
N MET B 10 -3.15 -12.01 11.67
CA MET B 10 -1.72 -12.31 11.65
C MET B 10 -1.51 -13.79 11.25
N VAL B 11 -0.58 -14.02 10.31
CA VAL B 11 -0.58 -15.24 9.50
C VAL B 11 0.86 -15.76 9.28
N HIS B 12 0.92 -17.09 9.20
CA HIS B 12 2.08 -17.93 8.90
C HIS B 12 2.59 -17.73 7.47
N GLN B 13 3.81 -17.20 7.37
CA GLN B 13 4.66 -17.32 6.18
C GLN B 13 5.39 -18.66 6.15
N CYS B 14 5.52 -19.22 4.95
CA CYS B 14 6.16 -20.51 4.77
C CYS B 14 7.65 -20.38 5.01
N ILE B 15 8.30 -21.46 5.44
CA ILE B 15 9.75 -21.45 5.47
C ILE B 15 10.21 -21.42 4.03
N SER B 16 11.23 -20.62 3.74
CA SER B 16 11.67 -20.46 2.39
C SER B 16 12.59 -21.62 2.03
N PRO B 17 12.68 -22.00 0.74
CA PRO B 17 13.69 -22.94 0.27
C PRO B 17 15.12 -22.60 0.63
N ARG B 18 15.46 -21.30 0.66
CA ARG B 18 16.81 -20.88 0.96
C ARG B 18 17.08 -21.28 2.41
N THR B 19 16.14 -20.95 3.30
CA THR B 19 16.26 -21.31 4.70
C THR B 19 16.37 -22.82 4.88
N LEU B 20 15.51 -23.57 4.20
CA LEU B 20 15.47 -25.01 4.42
C LEU B 20 16.82 -25.61 4.05
N ASN B 21 17.33 -25.18 2.90
CA ASN B 21 18.52 -25.76 2.36
C ASN B 21 19.74 -25.37 3.19
N ALA B 22 19.72 -24.15 3.72
CA ALA B 22 20.84 -23.64 4.48
C ALA B 22 21.01 -24.47 5.75
N TRP B 23 19.89 -24.85 6.38
CA TRP B 23 19.96 -25.62 7.60
C TRP B 23 20.47 -27.03 7.31
N VAL B 24 19.98 -27.63 6.21
CA VAL B 24 20.39 -28.98 5.90
C VAL B 24 21.88 -28.99 5.63
N LYS B 25 22.35 -28.00 4.85
CA LYS B 25 23.75 -27.95 4.44
C LYS B 25 24.67 -27.74 5.63
N VAL B 26 24.28 -26.84 6.53
CA VAL B 26 25.08 -26.58 7.71
C VAL B 26 25.31 -27.88 8.46
N VAL B 27 24.25 -28.66 8.64
CA VAL B 27 24.35 -29.90 9.39
C VAL B 27 25.20 -30.90 8.59
N GLU B 28 25.08 -30.91 7.27
CA GLU B 28 25.85 -31.83 6.45
C GLU B 28 27.34 -31.49 6.58
N GLU B 29 27.68 -30.21 6.58
CA GLU B 29 29.06 -29.79 6.41
C GLU B 29 29.76 -29.66 7.77
N LYS B 30 29.03 -29.40 8.86
CA LYS B 30 29.65 -29.05 10.12
C LYS B 30 29.19 -29.95 11.27
N ALA B 31 28.26 -30.87 11.02
CA ALA B 31 27.84 -31.83 12.02
C ALA B 31 27.43 -31.08 13.28
N PHE B 32 28.10 -31.31 14.43
CA PHE B 32 27.73 -30.62 15.65
C PHE B 32 28.93 -29.84 16.20
N SER B 33 29.68 -29.25 15.29
CA SER B 33 30.61 -28.20 15.63
C SER B 33 29.84 -27.03 16.27
N PRO B 34 30.43 -26.30 17.25
CA PRO B 34 29.64 -25.34 18.03
C PRO B 34 28.90 -24.27 17.24
N GLU B 35 29.46 -23.82 16.11
CA GLU B 35 28.88 -22.70 15.38
C GLU B 35 27.59 -23.10 14.66
N VAL B 36 27.25 -24.40 14.66
CA VAL B 36 25.97 -24.81 14.12
C VAL B 36 24.82 -24.23 14.95
N ILE B 37 25.03 -24.02 16.25
CA ILE B 37 23.96 -23.62 17.13
C ILE B 37 23.48 -22.22 16.75
N PRO B 38 24.37 -21.20 16.72
CA PRO B 38 23.96 -19.84 16.38
C PRO B 38 23.42 -19.76 14.95
N MET B 39 23.89 -20.63 14.06
CA MET B 39 23.33 -20.66 12.72
C MET B 39 21.88 -21.17 12.77
N PHE B 40 21.63 -22.22 13.57
CA PHE B 40 20.29 -22.73 13.74
C PHE B 40 19.39 -21.61 14.23
N SER B 41 19.88 -20.87 15.23
CA SER B 41 19.11 -19.84 15.87
C SER B 41 18.80 -18.71 14.90
N ALA B 42 19.78 -18.33 14.09
CA ALA B 42 19.59 -17.27 13.12
C ALA B 42 18.64 -17.75 12.02
N LEU B 43 18.88 -18.96 11.48
CA LEU B 43 18.01 -19.48 10.44
C LEU B 43 16.59 -19.70 10.95
N SER B 44 16.38 -19.81 12.26
CA SER B 44 15.05 -20.06 12.81
C SER B 44 14.42 -18.77 13.39
N CYS B 45 15.01 -17.63 13.04
CA CYS B 45 14.41 -16.36 13.42
C CYS B 45 12.95 -16.34 13.00
N GLY B 46 12.07 -15.93 13.92
CA GLY B 46 10.64 -15.80 13.68
C GLY B 46 9.87 -17.12 13.71
N ALA B 47 10.56 -18.23 13.99
CA ALA B 47 10.00 -19.55 13.76
C ALA B 47 8.85 -19.87 14.71
N THR B 48 7.86 -20.61 14.20
CA THR B 48 6.86 -21.27 15.02
C THR B 48 7.38 -22.63 15.48
N PRO B 49 6.78 -23.22 16.53
CA PRO B 49 7.14 -24.59 16.90
C PRO B 49 7.10 -25.54 15.69
N GLN B 50 6.09 -25.38 14.82
CA GLN B 50 6.01 -26.22 13.63
C GLN B 50 7.25 -26.03 12.75
N ASP B 51 7.66 -24.78 12.56
CA ASP B 51 8.81 -24.47 11.73
C ASP B 51 10.06 -25.10 12.34
N LEU B 52 10.17 -25.05 13.67
CA LEU B 52 11.29 -25.65 14.36
C LEU B 52 11.29 -27.16 14.15
N ASN B 53 10.11 -27.80 14.26
CA ASN B 53 10.01 -29.23 14.00
C ASN B 53 10.33 -29.53 12.54
N THR B 54 9.84 -28.70 11.63
CA THR B 54 10.16 -28.86 10.23
C THR B 54 11.66 -28.89 10.03
N MET B 55 12.35 -27.92 10.63
CA MET B 55 13.78 -27.82 10.44
C MET B 55 14.48 -29.04 11.02
N LEU B 56 14.07 -29.46 12.23
CA LEU B 56 14.70 -30.62 12.86
C LEU B 56 14.42 -31.89 12.05
N ASN B 57 13.22 -32.01 11.48
CA ASN B 57 12.85 -33.22 10.78
C ASN B 57 13.63 -33.35 9.46
N THR B 58 14.12 -32.23 8.90
CA THR B 58 14.74 -32.31 7.59
C THR B 58 16.16 -32.83 7.71
N VAL B 59 16.66 -32.91 8.94
CA VAL B 59 18.00 -33.44 9.17
C VAL B 59 17.96 -34.93 8.93
N GLY B 60 18.77 -35.36 7.96
CA GLY B 60 19.03 -36.78 7.74
C GLY B 60 20.34 -37.15 8.45
N GLY B 61 20.34 -38.35 9.05
CA GLY B 61 21.47 -38.79 9.84
C GLY B 61 21.44 -38.23 11.25
N HIS B 62 22.54 -38.45 11.96
CA HIS B 62 22.66 -38.01 13.35
C HIS B 62 21.43 -38.38 14.16
N GLN B 63 20.89 -39.59 14.00
CA GLN B 63 19.64 -39.87 14.66
C GLN B 63 19.87 -40.21 16.13
N ALA B 64 21.07 -40.61 16.50
CA ALA B 64 21.39 -40.69 17.91
C ALA B 64 21.23 -39.32 18.54
N ALA B 65 21.90 -38.34 17.94
CA ALA B 65 21.86 -37.00 18.46
C ALA B 65 20.43 -36.50 18.54
N MET B 66 19.64 -36.78 17.49
CA MET B 66 18.29 -36.25 17.40
C MET B 66 17.39 -36.87 18.46
N GLN B 67 17.65 -38.13 18.83
CA GLN B 67 16.89 -38.78 19.87
C GLN B 67 17.31 -38.23 21.24
N MET B 68 18.62 -37.98 21.41
CA MET B 68 19.10 -37.33 22.61
C MET B 68 18.40 -36.00 22.77
N LEU B 69 18.22 -35.30 21.64
CA LEU B 69 17.61 -33.99 21.66
C LEU B 69 16.17 -34.08 22.17
N LYS B 70 15.42 -35.11 21.77
CA LYS B 70 14.07 -35.32 22.31
C LYS B 70 14.07 -35.48 23.83
N GLU B 71 14.98 -36.31 24.36
CA GLU B 71 15.07 -36.45 25.81
C GLU B 71 15.19 -35.07 26.48
N THR B 72 16.10 -34.23 25.99
CA THR B 72 16.30 -32.92 26.60
C THR B 72 15.04 -32.09 26.48
N ILE B 73 14.44 -32.09 25.29
CA ILE B 73 13.22 -31.33 25.09
C ILE B 73 12.18 -31.78 26.09
N ASN B 74 12.06 -33.10 26.31
CA ASN B 74 11.08 -33.64 27.27
C ASN B 74 11.31 -33.15 28.70
N GLU B 75 12.56 -33.20 29.20
CA GLU B 75 12.85 -32.72 30.54
C GLU B 75 12.35 -31.28 30.68
N GLU B 76 12.55 -30.47 29.63
CA GLU B 76 12.21 -29.05 29.70
C GLU B 76 10.69 -28.86 29.62
N ALA B 77 10.02 -29.75 28.89
CA ALA B 77 8.57 -29.72 28.78
C ALA B 77 7.93 -30.01 30.13
N ALA B 78 8.38 -31.10 30.76
CA ALA B 78 7.91 -31.54 32.07
C ALA B 78 8.18 -30.46 33.13
N GLU B 79 9.37 -29.86 33.12
CA GLU B 79 9.68 -28.81 34.06
C GLU B 79 8.77 -27.60 33.83
N TRP B 80 8.38 -27.36 32.58
CA TRP B 80 7.51 -26.22 32.28
C TRP B 80 6.12 -26.47 32.86
N ASP B 81 5.65 -27.72 32.78
CA ASP B 81 4.36 -28.13 33.32
C ASP B 81 4.35 -28.02 34.85
N ARG B 82 5.51 -28.24 35.49
CA ARG B 82 5.66 -28.07 36.94
C ARG B 82 5.44 -26.60 37.28
N LEU B 83 6.20 -25.69 36.64
CA LEU B 83 6.19 -24.26 37.01
C LEU B 83 4.88 -23.57 36.58
N HIS B 84 4.22 -24.02 35.50
CA HIS B 84 3.09 -23.29 34.95
C HIS B 84 1.94 -24.26 34.70
N PRO B 85 1.20 -24.73 35.73
CA PRO B 85 0.19 -25.76 35.54
C PRO B 85 -1.08 -25.29 34.85
N VAL B 86 -1.87 -26.24 34.33
CA VAL B 86 -3.15 -25.94 33.73
C VAL B 86 -4.28 -26.72 34.44
N ILE B 91 -12.15 -25.21 29.07
CA ILE B 91 -11.59 -23.87 28.70
C ILE B 91 -12.71 -23.00 28.13
N ALA B 92 -12.61 -21.69 28.43
CA ALA B 92 -13.66 -20.75 28.06
C ALA B 92 -13.85 -20.75 26.55
N PRO B 93 -15.09 -20.93 26.03
CA PRO B 93 -15.32 -20.86 24.58
C PRO B 93 -14.67 -19.65 23.88
N GLY B 94 -14.00 -19.91 22.74
CA GLY B 94 -13.44 -18.87 21.88
C GLY B 94 -12.25 -18.11 22.47
N GLN B 95 -11.79 -18.51 23.65
CA GLN B 95 -10.72 -17.82 24.35
C GLN B 95 -9.42 -18.61 24.21
N MET B 96 -8.33 -17.99 24.65
CA MET B 96 -6.99 -18.51 24.43
C MET B 96 -6.59 -19.36 25.65
N ARG B 97 -6.35 -20.66 25.42
CA ARG B 97 -5.92 -21.56 26.47
C ARG B 97 -4.44 -21.32 26.76
N GLU B 98 -4.01 -21.72 27.96
CA GLU B 98 -2.61 -21.66 28.35
C GLU B 98 -1.89 -22.86 27.75
N PRO B 99 -0.64 -22.72 27.24
CA PRO B 99 0.05 -23.84 26.58
C PRO B 99 0.78 -24.73 27.56
N ARG B 100 0.56 -26.03 27.44
CA ARG B 100 1.36 -27.04 28.13
C ARG B 100 2.69 -27.22 27.38
N GLY B 101 3.64 -27.91 28.03
CA GLY B 101 4.96 -28.15 27.47
C GLY B 101 4.89 -28.81 26.08
N SER B 102 3.93 -29.70 25.90
CA SER B 102 3.82 -30.42 24.63
C SER B 102 3.21 -29.51 23.56
N ASP B 103 2.62 -28.39 23.98
CA ASP B 103 2.06 -27.43 23.05
C ASP B 103 3.17 -26.52 22.53
N ILE B 104 4.11 -26.16 23.42
CA ILE B 104 5.26 -25.37 23.05
C ILE B 104 6.11 -26.12 22.03
N ALA B 105 6.21 -27.46 22.17
CA ALA B 105 7.01 -28.24 21.26
C ALA B 105 6.24 -28.59 19.99
N GLY B 106 4.99 -28.13 19.89
CA GLY B 106 4.21 -28.28 18.68
C GLY B 106 3.67 -29.69 18.50
N THR B 107 3.67 -30.48 19.58
CA THR B 107 3.24 -31.86 19.51
C THR B 107 1.73 -31.96 19.64
N THR B 108 1.13 -31.12 20.49
CA THR B 108 -0.29 -31.18 20.81
C THR B 108 -0.98 -29.86 20.48
N SER B 109 -0.29 -28.98 19.73
CA SER B 109 -0.83 -27.67 19.39
C SER B 109 -0.99 -27.60 17.88
N THR B 110 -1.95 -26.79 17.43
CA THR B 110 -2.12 -26.51 16.01
C THR B 110 -1.29 -25.29 15.65
N LEU B 111 -1.08 -25.09 14.35
CA LEU B 111 -0.40 -23.92 13.85
C LEU B 111 -1.10 -22.65 14.31
N GLN B 112 -2.45 -22.65 14.24
CA GLN B 112 -3.25 -21.47 14.57
C GLN B 112 -3.06 -21.13 16.04
N GLU B 113 -3.06 -22.15 16.91
CA GLU B 113 -2.79 -21.95 18.32
C GLU B 113 -1.40 -21.33 18.53
N GLN B 114 -0.40 -21.80 17.78
CA GLN B 114 0.96 -21.31 17.92
C GLN B 114 1.02 -19.83 17.53
N ILE B 115 0.38 -19.50 16.40
CA ILE B 115 0.29 -18.12 15.94
C ILE B 115 -0.45 -17.27 16.97
N GLY B 116 -1.57 -17.82 17.48
CA GLY B 116 -2.35 -17.19 18.53
C GLY B 116 -1.47 -16.72 19.70
N TRP B 117 -0.70 -17.65 20.28
CA TRP B 117 0.12 -17.34 21.43
C TRP B 117 1.17 -16.31 21.09
N MET B 118 1.77 -16.45 19.89
CA MET B 118 2.96 -15.70 19.54
C MET B 118 2.60 -14.25 19.23
N THR B 119 1.39 -14.02 18.69
CA THR B 119 0.97 -12.70 18.28
C THR B 119 -0.03 -12.07 19.27
N HIS B 120 -0.43 -12.82 20.31
CA HIS B 120 -1.24 -12.27 21.38
C HIS B 120 -0.57 -11.03 21.95
N ASN B 121 -1.41 -10.11 22.45
CA ASN B 121 -0.94 -8.93 23.15
C ASN B 121 -1.35 -9.09 24.61
N PRO B 122 -0.41 -9.38 25.56
CA PRO B 122 1.02 -9.58 25.25
C PRO B 122 1.33 -11.00 24.76
N PRO B 123 2.51 -11.22 24.14
CA PRO B 123 2.82 -12.51 23.53
C PRO B 123 3.15 -13.60 24.56
N ILE B 124 2.65 -14.80 24.30
CA ILE B 124 3.24 -16.03 24.84
C ILE B 124 4.17 -16.58 23.76
N PRO B 125 5.51 -16.36 23.88
CA PRO B 125 6.43 -16.59 22.76
C PRO B 125 6.86 -18.06 22.68
N VAL B 126 5.94 -18.91 22.23
CA VAL B 126 6.15 -20.35 22.26
C VAL B 126 7.28 -20.73 21.30
N GLY B 127 7.44 -19.99 20.21
CA GLY B 127 8.58 -20.19 19.33
C GLY B 127 9.90 -19.99 20.07
N GLU B 128 10.02 -18.88 20.78
CA GLU B 128 11.28 -18.56 21.42
C GLU B 128 11.55 -19.53 22.57
N ILE B 129 10.50 -20.01 23.23
CA ILE B 129 10.66 -20.92 24.35
C ILE B 129 11.13 -22.27 23.82
N TYR B 130 10.46 -22.77 22.78
CA TYR B 130 10.85 -24.06 22.22
C TYR B 130 12.29 -23.97 21.69
N LYS B 131 12.65 -22.86 21.04
CA LYS B 131 13.99 -22.69 20.51
C LYS B 131 14.98 -22.80 21.66
N ARG B 132 14.65 -22.19 22.80
CA ARG B 132 15.56 -22.22 23.94
C ARG B 132 15.81 -23.67 24.36
N TRP B 133 14.74 -24.49 24.34
CA TRP B 133 14.86 -25.89 24.72
C TRP B 133 15.76 -26.62 23.74
N ILE B 134 15.52 -26.38 22.44
CA ILE B 134 16.24 -27.11 21.42
C ILE B 134 17.72 -26.80 21.59
N ILE B 135 18.04 -25.53 21.87
CA ILE B 135 19.42 -25.11 21.96
C ILE B 135 20.07 -25.75 23.19
N LEU B 136 19.31 -25.89 24.28
CA LEU B 136 19.82 -26.61 25.44
C LEU B 136 20.26 -28.01 25.00
N GLY B 137 19.40 -28.70 24.24
CA GLY B 137 19.71 -30.03 23.78
C GLY B 137 20.87 -30.06 22.80
N LEU B 138 20.94 -29.02 21.94
CA LEU B 138 21.99 -28.95 20.94
C LEU B 138 23.33 -28.75 21.62
N ASN B 139 23.35 -27.98 22.72
CA ASN B 139 24.58 -27.77 23.47
C ASN B 139 25.10 -29.07 24.08
N LYS B 140 24.19 -29.89 24.65
CA LYS B 140 24.58 -31.17 25.22
C LYS B 140 25.20 -32.05 24.13
N ILE B 141 24.58 -32.07 22.96
CA ILE B 141 25.11 -32.82 21.83
C ILE B 141 26.50 -32.30 21.44
N VAL B 142 26.69 -30.98 21.37
CA VAL B 142 27.96 -30.39 20.97
C VAL B 142 29.07 -30.83 21.93
N ARG B 143 28.80 -30.86 23.25
CA ARG B 143 29.80 -31.31 24.21
CA ARG B 143 29.80 -31.31 24.21
C ARG B 143 30.12 -32.79 23.95
N MET B 144 29.08 -33.59 23.69
CA MET B 144 29.23 -35.03 23.48
C MET B 144 30.14 -35.30 22.29
N TYR B 145 29.81 -34.73 21.12
CA TYR B 145 30.58 -34.87 19.91
C TYR B 145 31.94 -34.16 20.00
N SER B 146 32.22 -33.41 21.09
CA SER B 146 33.53 -32.79 21.25
C SER B 146 34.57 -33.87 21.60
N PRO B 147 35.61 -34.02 20.75
CA PRO B 147 36.56 -35.13 20.89
C PRO B 147 37.55 -35.00 22.05
N THR B 148 37.77 -33.79 22.58
CA THR B 148 38.93 -33.57 23.43
C THR B 148 38.57 -32.70 24.63
N SER B 149 39.17 -33.04 25.77
CA SER B 149 39.13 -32.23 26.97
C SER B 149 40.16 -31.10 26.86
N ILE B 150 39.81 -29.94 27.41
CA ILE B 150 40.73 -28.80 27.44
C ILE B 150 42.03 -29.18 28.12
N LEU B 151 41.97 -30.13 29.07
CA LEU B 151 43.16 -30.61 29.77
C LEU B 151 44.16 -31.24 28.82
N ASP B 152 43.73 -31.71 27.64
CA ASP B 152 44.63 -32.40 26.72
C ASP B 152 45.10 -31.48 25.59
N ILE B 153 44.73 -30.19 25.61
CA ILE B 153 45.19 -29.27 24.59
C ILE B 153 46.53 -28.70 25.01
N ARG B 154 47.61 -29.36 24.55
CA ARG B 154 48.98 -28.98 24.84
C ARG B 154 49.60 -28.48 23.52
N GLN B 155 50.42 -27.43 23.59
CA GLN B 155 51.06 -26.86 22.41
C GLN B 155 52.14 -27.79 21.88
N GLY B 156 52.09 -28.10 20.59
CA GLY B 156 53.10 -28.95 19.99
C GLY B 156 54.49 -28.31 20.06
N PRO B 157 55.58 -29.10 20.07
CA PRO B 157 56.93 -28.51 20.12
C PRO B 157 57.22 -27.59 18.94
N LYS B 158 56.58 -27.83 17.79
CA LYS B 158 56.75 -27.00 16.60
C LYS B 158 55.49 -26.18 16.26
N GLU B 159 54.45 -26.24 17.10
CA GLU B 159 53.18 -25.59 16.80
C GLU B 159 53.28 -24.09 17.10
N PRO B 160 52.93 -23.21 16.14
CA PRO B 160 52.91 -21.78 16.42
C PRO B 160 51.88 -21.47 17.51
N PHE B 161 52.21 -20.50 18.35
CA PHE B 161 51.36 -20.20 19.49
C PHE B 161 49.92 -20.01 19.03
N ARG B 162 49.72 -19.24 17.96
CA ARG B 162 48.38 -18.87 17.52
C ARG B 162 47.51 -20.09 17.22
N ASP B 163 48.10 -21.12 16.60
CA ASP B 163 47.36 -22.32 16.24
C ASP B 163 46.92 -23.08 17.50
N TYR B 164 47.82 -23.11 18.51
CA TYR B 164 47.54 -23.69 19.82
C TYR B 164 46.33 -22.99 20.44
N VAL B 165 46.39 -21.66 20.45
CA VAL B 165 45.34 -20.88 21.05
C VAL B 165 44.01 -21.14 20.33
N ASP B 166 44.02 -21.23 18.99
CA ASP B 166 42.82 -21.58 18.24
C ASP B 166 42.23 -22.89 18.75
N ARG B 167 43.10 -23.91 18.93
CA ARG B 167 42.64 -25.21 19.39
C ARG B 167 42.12 -25.09 20.82
N PHE B 168 42.89 -24.39 21.65
CA PHE B 168 42.54 -24.21 23.04
C PHE B 168 41.09 -23.72 23.12
N TYR B 169 40.82 -22.57 22.48
CA TYR B 169 39.52 -21.96 22.58
C TYR B 169 38.47 -22.70 21.74
N LYS B 170 38.86 -23.36 20.65
CA LYS B 170 37.90 -24.21 19.95
C LYS B 170 37.38 -25.25 20.94
N THR B 171 38.30 -25.94 21.60
CA THR B 171 37.96 -26.99 22.53
C THR B 171 37.12 -26.45 23.68
N LEU B 172 37.55 -25.30 24.21
CA LEU B 172 36.89 -24.69 25.35
C LEU B 172 35.45 -24.31 25.04
N ARG B 173 35.19 -23.80 23.82
CA ARG B 173 33.84 -23.45 23.37
C ARG B 173 32.91 -24.66 23.36
N ALA B 174 33.43 -25.86 23.05
CA ALA B 174 32.58 -27.02 23.00
C ALA B 174 32.10 -27.47 24.38
N GLU B 175 32.82 -27.14 25.47
CA GLU B 175 32.50 -27.59 26.82
C GLU B 175 31.48 -26.68 27.55
N THR B 186 41.19 -18.45 32.03
CA THR B 186 41.60 -19.10 30.76
C THR B 186 43.13 -19.22 30.72
N GLU B 187 43.81 -18.11 30.96
CA GLU B 187 45.26 -18.05 31.00
C GLU B 187 45.79 -18.80 32.23
N THR B 188 45.03 -19.65 32.93
CA THR B 188 45.58 -20.51 33.96
C THR B 188 46.23 -21.70 33.27
N LEU B 189 45.39 -22.43 32.54
CA LEU B 189 45.76 -23.61 31.77
C LEU B 189 46.49 -23.23 30.47
N LEU B 190 46.23 -22.03 29.96
CA LEU B 190 46.74 -21.66 28.64
C LEU B 190 48.26 -21.55 28.69
N VAL B 191 48.78 -20.83 29.67
CA VAL B 191 50.22 -20.69 29.87
C VAL B 191 50.80 -22.03 30.28
N GLN B 192 50.15 -22.69 31.25
CA GLN B 192 50.57 -23.98 31.75
C GLN B 192 50.88 -24.92 30.59
N ASN B 193 49.98 -24.96 29.60
CA ASN B 193 49.98 -25.99 28.57
C ASN B 193 50.77 -25.58 27.34
N ALA B 194 51.28 -24.34 27.34
CA ALA B 194 52.19 -23.89 26.30
C ALA B 194 53.45 -24.74 26.35
N ASN B 195 54.23 -24.68 25.26
CA ASN B 195 55.47 -25.42 25.13
C ASN B 195 56.56 -24.68 25.90
N PRO B 196 57.66 -25.36 26.29
CA PRO B 196 58.64 -24.78 27.19
C PRO B 196 59.14 -23.38 26.79
N ASP B 197 59.47 -23.21 25.50
CA ASP B 197 60.06 -21.95 25.03
C ASP B 197 59.08 -20.80 25.29
N CYS B 198 57.82 -21.00 24.87
CA CYS B 198 56.81 -19.95 24.94
C CYS B 198 56.34 -19.80 26.38
N LYS B 199 56.27 -20.91 27.13
CA LYS B 199 55.88 -20.85 28.53
C LYS B 199 56.82 -19.94 29.35
N THR B 200 58.13 -20.04 29.09
CA THR B 200 59.09 -19.23 29.80
C THR B 200 58.81 -17.76 29.49
N ILE B 201 58.67 -17.42 28.21
CA ILE B 201 58.42 -16.05 27.77
C ILE B 201 57.13 -15.51 28.40
N LEU B 202 56.07 -16.34 28.41
CA LEU B 202 54.78 -15.89 28.93
C LEU B 202 54.88 -15.60 30.42
N LYS B 203 55.53 -16.51 31.16
CA LYS B 203 55.69 -16.38 32.60
C LYS B 203 56.41 -15.07 32.93
N ALA B 204 57.34 -14.65 32.07
CA ALA B 204 58.10 -13.42 32.24
C ALA B 204 57.24 -12.18 32.06
N LEU B 205 56.11 -12.27 31.33
CA LEU B 205 55.18 -11.16 31.26
C LEU B 205 54.47 -11.01 32.60
N GLY B 206 54.31 -12.09 33.37
CA GLY B 206 53.78 -11.98 34.71
C GLY B 206 52.32 -11.57 34.71
N PRO B 207 51.71 -11.36 35.90
CA PRO B 207 50.26 -11.27 36.02
C PRO B 207 49.63 -10.24 35.09
N GLY B 208 48.39 -10.52 34.67
CA GLY B 208 47.53 -9.53 34.06
C GLY B 208 47.80 -9.32 32.57
N ALA B 209 48.65 -10.15 31.94
CA ALA B 209 48.90 -10.00 30.51
C ALA B 209 47.63 -10.31 29.71
N THR B 210 47.42 -9.55 28.63
CA THR B 210 46.31 -9.80 27.71
C THR B 210 46.70 -10.88 26.70
N LEU B 211 45.67 -11.45 26.07
CA LEU B 211 45.87 -12.44 25.03
C LEU B 211 46.62 -11.86 23.84
N GLU B 212 46.29 -10.63 23.46
CA GLU B 212 47.01 -9.95 22.40
C GLU B 212 48.50 -9.90 22.75
N GLU B 213 48.81 -9.56 24.01
CA GLU B 213 50.19 -9.43 24.45
C GLU B 213 50.90 -10.77 24.43
N MET B 214 50.22 -11.81 24.95
CA MET B 214 50.76 -13.15 25.00
C MET B 214 51.12 -13.61 23.58
N MET B 215 50.24 -13.32 22.62
CA MET B 215 50.38 -13.84 21.28
C MET B 215 51.48 -13.11 20.52
N THR B 216 51.60 -11.79 20.76
CA THR B 216 52.69 -11.01 20.21
C THR B 216 54.02 -11.59 20.70
N ALA B 217 54.09 -11.88 22.00
CA ALA B 217 55.32 -12.32 22.64
C ALA B 217 55.76 -13.71 22.15
N CYS B 218 54.90 -14.48 21.46
CA CYS B 218 55.29 -15.82 21.03
C CYS B 218 55.17 -15.98 19.52
N GLN B 219 55.27 -14.89 18.77
CA GLN B 219 54.83 -14.87 17.37
C GLN B 219 55.91 -15.41 16.42
N PRO C 1 18.21 -7.13 11.12
CA PRO C 1 18.34 -5.68 11.02
C PRO C 1 17.05 -5.00 11.44
N ILE C 2 16.86 -3.70 11.18
CA ILE C 2 15.61 -3.09 11.58
C ILE C 2 14.78 -2.74 10.35
N VAL C 3 13.49 -3.11 10.39
CA VAL C 3 12.43 -2.48 9.62
C VAL C 3 11.44 -1.72 10.56
N MET C 10 7.99 -0.08 14.67
CA MET C 10 9.31 -0.36 14.06
C MET C 10 9.86 -1.66 14.65
N VAL C 11 10.28 -2.58 13.77
CA VAL C 11 10.38 -4.00 14.09
C VAL C 11 11.63 -4.62 13.41
N HIS C 12 12.18 -5.64 14.10
CA HIS C 12 13.28 -6.49 13.70
C HIS C 12 12.93 -7.39 12.52
N GLN C 13 13.62 -7.14 11.40
CA GLN C 13 13.78 -8.10 10.30
C GLN C 13 14.90 -9.11 10.60
N CYS C 14 14.67 -10.35 10.22
CA CYS C 14 15.62 -11.42 10.46
C CYS C 14 16.83 -11.23 9.56
N ILE C 15 17.99 -11.71 9.99
CA ILE C 15 19.12 -11.74 9.09
C ILE C 15 18.78 -12.78 8.03
N SER C 16 19.10 -12.46 6.78
CA SER C 16 18.72 -13.35 5.70
C SER C 16 19.75 -14.47 5.59
N PRO C 17 19.37 -15.66 5.10
CA PRO C 17 20.33 -16.71 4.75
C PRO C 17 21.47 -16.28 3.83
N ARG C 18 21.19 -15.37 2.90
CA ARG C 18 22.21 -14.93 1.95
C ARG C 18 23.27 -14.18 2.76
N THR C 19 22.81 -13.26 3.62
CA THR C 19 23.73 -12.53 4.49
C THR C 19 24.54 -13.47 5.38
N LEU C 20 23.87 -14.44 6.01
CA LEU C 20 24.54 -15.31 6.97
C LEU C 20 25.66 -16.05 6.27
N ASN C 21 25.33 -16.58 5.10
CA ASN C 21 26.26 -17.43 4.40
C ASN C 21 27.44 -16.63 3.85
N ALA C 22 27.15 -15.39 3.42
CA ALA C 22 28.16 -14.54 2.82
C ALA C 22 29.24 -14.24 3.86
N TRP C 23 28.82 -14.00 5.11
CA TRP C 23 29.77 -13.66 6.15
C TRP C 23 30.62 -14.89 6.49
N VAL C 24 29.99 -16.06 6.58
CA VAL C 24 30.73 -17.25 6.94
C VAL C 24 31.77 -17.51 5.85
N LYS C 25 31.36 -17.39 4.59
CA LYS C 25 32.21 -17.71 3.46
C LYS C 25 33.40 -16.77 3.37
N VAL C 26 33.14 -15.48 3.57
CA VAL C 26 34.21 -14.51 3.54
C VAL C 26 35.29 -14.89 4.54
N VAL C 27 34.87 -15.26 5.75
CA VAL C 27 35.82 -15.61 6.78
C VAL C 27 36.54 -16.92 6.42
N GLU C 28 35.81 -17.87 5.81
CA GLU C 28 36.43 -19.13 5.43
C GLU C 28 37.48 -18.89 4.36
N GLU C 29 37.21 -17.99 3.41
CA GLU C 29 38.04 -17.90 2.22
C GLU C 29 39.18 -16.89 2.44
N LYS C 30 39.01 -15.90 3.31
CA LYS C 30 39.94 -14.77 3.38
C LYS C 30 40.49 -14.56 4.79
N ALA C 31 40.03 -15.34 5.77
CA ALA C 31 40.58 -15.29 7.11
C ALA C 31 40.54 -13.85 7.61
N PHE C 32 41.69 -13.24 7.93
CA PHE C 32 41.70 -11.85 8.40
C PHE C 32 42.56 -10.99 7.49
N SER C 33 42.46 -11.25 6.21
CA SER C 33 42.92 -10.33 5.19
C SER C 33 42.14 -9.01 5.32
N PRO C 34 42.75 -7.83 5.06
CA PRO C 34 42.10 -6.56 5.37
C PRO C 34 40.71 -6.33 4.81
N GLU C 35 40.43 -6.86 3.62
CA GLU C 35 39.16 -6.56 2.94
C GLU C 35 38.00 -7.30 3.61
N VAL C 36 38.27 -8.17 4.59
CA VAL C 36 37.20 -8.77 5.35
C VAL C 36 36.45 -7.72 6.15
N ILE C 37 37.14 -6.66 6.58
CA ILE C 37 36.54 -5.68 7.48
C ILE C 37 35.41 -4.96 6.77
N PRO C 38 35.66 -4.32 5.61
CA PRO C 38 34.62 -3.59 4.91
C PRO C 38 33.49 -4.51 4.46
N MET C 39 33.80 -5.78 4.20
CA MET C 39 32.75 -6.74 3.89
C MET C 39 31.86 -6.97 5.10
N PHE C 40 32.49 -7.12 6.28
CA PHE C 40 31.74 -7.29 7.52
C PHE C 40 30.80 -6.11 7.70
N SER C 41 31.35 -4.92 7.48
CA SER C 41 30.62 -3.67 7.70
C SER C 41 29.44 -3.56 6.75
N ALA C 42 29.66 -3.93 5.49
CA ALA C 42 28.61 -3.86 4.49
C ALA C 42 27.56 -4.93 4.79
N LEU C 43 27.99 -6.16 5.06
CA LEU C 43 27.05 -7.24 5.36
C LEU C 43 26.27 -6.96 6.64
N SER C 44 26.78 -6.09 7.52
CA SER C 44 26.11 -5.80 8.78
C SER C 44 25.37 -4.46 8.74
N CYS C 45 25.17 -3.92 7.54
CA CYS C 45 24.35 -2.74 7.38
C CYS C 45 23.00 -2.95 8.05
N GLY C 46 22.57 -1.97 8.85
CA GLY C 46 21.29 -1.99 9.56
C GLY C 46 21.27 -2.89 10.81
N ALA C 47 22.40 -3.49 11.14
CA ALA C 47 22.42 -4.54 12.15
C ALA C 47 22.12 -4.02 13.55
N THR C 48 21.43 -4.84 14.34
CA THR C 48 21.31 -4.65 15.77
C THR C 48 22.50 -5.31 16.47
N PRO C 49 22.79 -4.95 17.74
CA PRO C 49 23.81 -5.68 18.49
C PRO C 49 23.60 -7.19 18.44
N GLN C 50 22.33 -7.64 18.52
CA GLN C 50 22.06 -9.07 18.46
C GLN C 50 22.53 -9.64 17.10
N ASP C 51 22.23 -8.92 16.02
CA ASP C 51 22.61 -9.36 14.69
C ASP C 51 24.13 -9.43 14.58
N LEU C 52 24.82 -8.44 15.17
CA LEU C 52 26.27 -8.44 15.18
C LEU C 52 26.79 -9.66 15.96
N ASN C 53 26.19 -9.96 17.11
CA ASN C 53 26.60 -11.14 17.87
C ASN C 53 26.30 -12.42 17.08
N THR C 54 25.14 -12.44 16.43
CA THR C 54 24.80 -13.59 15.59
C THR C 54 25.89 -13.81 14.57
N MET C 55 26.29 -12.73 13.88
CA MET C 55 27.26 -12.85 12.83
C MET C 55 28.59 -13.33 13.39
N LEU C 56 29.03 -12.75 14.53
CA LEU C 56 30.30 -13.15 15.11
C LEU C 56 30.26 -14.60 15.59
N ASN C 57 29.11 -15.02 16.14
CA ASN C 57 29.02 -16.36 16.69
C ASN C 57 29.06 -17.43 15.59
N THR C 58 28.70 -17.06 14.34
CA THR C 58 28.59 -18.09 13.32
C THR C 58 29.96 -18.43 12.77
N VAL C 59 30.97 -17.64 13.13
CA VAL C 59 32.33 -17.93 12.71
C VAL C 59 32.83 -19.13 13.48
N GLY C 60 33.16 -20.18 12.74
CA GLY C 60 33.87 -21.33 13.27
C GLY C 60 35.36 -21.17 13.01
N GLY C 61 36.16 -21.60 13.98
CA GLY C 61 37.59 -21.41 13.96
C GLY C 61 37.99 -20.02 14.42
N HIS C 62 39.26 -19.69 14.22
CA HIS C 62 39.79 -18.39 14.60
C HIS C 62 39.42 -18.01 16.02
N GLN C 63 39.43 -18.95 16.97
CA GLN C 63 38.88 -18.60 18.27
C GLN C 63 39.89 -17.80 19.07
N ALA C 64 41.18 -17.87 18.74
CA ALA C 64 42.12 -16.93 19.32
C ALA C 64 41.68 -15.52 18.96
N ALA C 65 41.51 -15.29 17.67
CA ALA C 65 41.16 -13.97 17.19
C ALA C 65 39.86 -13.51 17.84
N MET C 66 38.89 -14.42 17.94
CA MET C 66 37.57 -14.05 18.44
C MET C 66 37.63 -13.69 19.91
N GLN C 67 38.53 -14.31 20.66
CA GLN C 67 38.70 -13.98 22.08
C GLN C 67 39.43 -12.64 22.21
N MET C 68 40.43 -12.43 21.34
CA MET C 68 41.10 -11.14 21.28
C MET C 68 40.06 -10.05 21.04
N LEU C 69 39.12 -10.36 20.16
CA LEU C 69 38.09 -9.39 19.80
C LEU C 69 37.27 -9.02 21.03
N LYS C 70 36.91 -9.98 21.89
CA LYS C 70 36.20 -9.68 23.13
C LYS C 70 36.99 -8.72 24.03
N GLU C 71 38.30 -8.97 24.20
CA GLU C 71 39.11 -8.04 24.99
C GLU C 71 38.94 -6.61 24.48
N THR C 72 39.06 -6.41 23.16
CA THR C 72 38.95 -5.07 22.60
C THR C 72 37.55 -4.50 22.86
N ILE C 73 36.53 -5.32 22.62
CA ILE C 73 35.17 -4.87 22.83
C ILE C 73 35.03 -4.42 24.28
N ASN C 74 35.60 -5.19 25.23
CA ASN C 74 35.53 -4.83 26.65
C ASN C 74 36.17 -3.48 26.97
N GLU C 75 37.38 -3.21 26.47
CA GLU C 75 38.05 -1.94 26.71
C GLU C 75 37.12 -0.81 26.28
N GLU C 76 36.44 -0.99 25.13
CA GLU C 76 35.62 0.06 24.58
C GLU C 76 34.32 0.22 25.36
N ALA C 77 33.82 -0.90 25.92
CA ALA C 77 32.63 -0.89 26.76
C ALA C 77 32.90 -0.09 28.04
N ALA C 78 33.99 -0.44 28.71
CA ALA C 78 34.42 0.22 29.94
C ALA C 78 34.67 1.71 29.71
N GLU C 79 35.34 2.07 28.62
CA GLU C 79 35.58 3.48 28.31
C GLU C 79 34.24 4.20 28.06
N TRP C 80 33.25 3.49 27.52
CA TRP C 80 31.96 4.10 27.25
C TRP C 80 31.24 4.41 28.57
N ASP C 81 31.39 3.50 29.54
CA ASP C 81 30.81 3.66 30.88
C ASP C 81 31.47 4.82 31.62
N ARG C 82 32.76 5.07 31.35
CA ARG C 82 33.48 6.21 31.91
C ARG C 82 32.82 7.50 31.39
N LEU C 83 32.73 7.65 30.05
CA LEU C 83 32.28 8.89 29.44
C LEU C 83 30.77 9.13 29.65
N HIS C 84 29.95 8.08 29.76
CA HIS C 84 28.50 8.23 29.75
C HIS C 84 27.90 7.42 30.90
N PRO C 85 28.01 7.87 32.16
CA PRO C 85 27.57 7.04 33.29
C PRO C 85 26.05 6.93 33.43
N VAL C 86 25.61 5.95 34.23
CA VAL C 86 24.22 5.83 34.64
C VAL C 86 24.12 5.83 36.17
N ALA C 88 21.29 5.74 37.41
CA ALA C 88 21.83 5.33 38.73
C ALA C 88 20.75 4.59 39.52
N GLY C 89 19.72 5.33 39.96
CA GLY C 89 18.62 4.74 40.70
C GLY C 89 17.77 3.84 39.82
N PRO C 90 16.59 3.34 40.29
CA PRO C 90 15.59 2.72 39.43
C PRO C 90 14.99 3.69 38.40
N ILE C 91 14.72 3.16 37.20
CA ILE C 91 14.38 3.97 36.04
C ILE C 91 12.98 4.53 36.19
N ALA C 92 12.71 5.67 35.54
CA ALA C 92 11.36 6.18 35.39
C ALA C 92 10.47 5.12 34.74
N PRO C 93 9.30 4.77 35.34
CA PRO C 93 8.40 3.81 34.71
C PRO C 93 8.10 4.09 33.22
N GLY C 94 8.17 3.04 32.38
CA GLY C 94 7.76 3.09 30.98
C GLY C 94 8.64 3.96 30.08
N GLN C 95 9.77 4.44 30.62
CA GLN C 95 10.65 5.33 29.90
C GLN C 95 11.86 4.57 29.38
N MET C 96 12.62 5.24 28.52
CA MET C 96 13.76 4.64 27.86
C MET C 96 15.02 4.88 28.70
N ARG C 97 15.63 3.80 29.19
CA ARG C 97 16.85 3.90 29.98
C ARG C 97 18.03 4.19 29.07
N GLU C 98 19.10 4.73 29.67
CA GLU C 98 20.34 4.98 28.94
C GLU C 98 21.13 3.67 28.86
N PRO C 99 21.79 3.35 27.72
CA PRO C 99 22.50 2.08 27.60
C PRO C 99 23.91 2.13 28.16
N ARG C 100 24.24 1.13 28.99
CA ARG C 100 25.61 0.88 29.41
C ARG C 100 26.36 0.16 28.29
N GLY C 101 27.69 0.08 28.43
CA GLY C 101 28.55 -0.55 27.44
C GLY C 101 28.13 -1.98 27.13
N SER C 102 27.67 -2.70 28.15
CA SER C 102 27.30 -4.09 27.99
C SER C 102 25.95 -4.19 27.29
N ASP C 103 25.22 -3.08 27.23
CA ASP C 103 23.94 -3.04 26.54
C ASP C 103 24.17 -2.84 25.05
N ILE C 104 25.16 -2.01 24.72
CA ILE C 104 25.54 -1.76 23.34
C ILE C 104 26.06 -3.05 22.70
N ALA C 105 26.75 -3.89 23.48
CA ALA C 105 27.28 -5.14 22.95
C ALA C 105 26.23 -6.24 22.97
N GLY C 106 25.02 -5.92 23.45
CA GLY C 106 23.90 -6.86 23.39
C GLY C 106 24.00 -7.95 24.46
N THR C 107 24.85 -7.72 25.47
CA THR C 107 25.08 -8.71 26.50
C THR C 107 24.01 -8.63 27.59
N THR C 108 23.59 -7.40 27.92
CA THR C 108 22.64 -7.15 29.01
C THR C 108 21.40 -6.43 28.49
N SER C 109 21.21 -6.38 27.17
CA SER C 109 20.09 -5.68 26.58
C SER C 109 19.22 -6.69 25.85
N THR C 110 17.93 -6.39 25.75
CA THR C 110 17.02 -7.19 24.96
C THR C 110 16.96 -6.62 23.55
N LEU C 111 16.44 -7.43 22.63
CA LEU C 111 16.24 -6.99 21.26
C LEU C 111 15.36 -5.73 21.22
N GLN C 112 14.28 -5.71 22.03
CA GLN C 112 13.32 -4.62 22.05
C GLN C 112 14.02 -3.33 22.50
N GLU C 113 14.87 -3.44 23.52
CA GLU C 113 15.65 -2.31 23.98
C GLU C 113 16.56 -1.79 22.86
N GLN C 114 17.18 -2.70 22.10
CA GLN C 114 18.09 -2.33 21.03
C GLN C 114 17.32 -1.56 19.95
N ILE C 115 16.16 -2.11 19.57
CA ILE C 115 15.29 -1.47 18.59
C ILE C 115 14.83 -0.09 19.12
N GLY C 116 14.44 -0.07 20.40
CA GLY C 116 14.08 1.17 21.08
C GLY C 116 15.11 2.28 20.86
N TRP C 117 16.37 2.00 21.22
CA TRP C 117 17.43 2.99 21.11
C TRP C 117 17.65 3.41 19.67
N MET C 118 17.60 2.43 18.75
CA MET C 118 18.03 2.64 17.39
C MET C 118 16.99 3.46 16.61
N THR C 119 15.72 3.30 16.97
CA THR C 119 14.63 3.97 16.27
C THR C 119 14.09 5.18 17.05
N HIS C 120 14.58 5.40 18.27
CA HIS C 120 14.22 6.57 19.05
C HIS C 120 14.48 7.83 18.23
N ASN C 121 13.69 8.87 18.49
CA ASN C 121 13.88 10.18 17.90
C ASN C 121 14.34 11.12 19.02
N PRO C 122 15.63 11.52 19.07
CA PRO C 122 16.66 11.11 18.10
C PRO C 122 17.27 9.74 18.44
N PRO C 123 17.97 9.08 17.49
CA PRO C 123 18.45 7.71 17.72
C PRO C 123 19.67 7.67 18.65
N ILE C 124 19.67 6.67 19.53
CA ILE C 124 20.89 6.17 20.14
C ILE C 124 21.35 4.97 19.32
N PRO C 125 22.34 5.14 18.41
CA PRO C 125 22.63 4.13 17.39
C PRO C 125 23.54 3.02 17.91
N VAL C 126 22.98 2.17 18.74
CA VAL C 126 23.76 1.16 19.45
C VAL C 126 24.36 0.16 18.48
N GLY C 127 23.66 -0.11 17.36
CA GLY C 127 24.23 -0.93 16.31
C GLY C 127 25.52 -0.34 15.76
N GLU C 128 25.47 0.94 15.41
CA GLU C 128 26.62 1.55 14.76
C GLU C 128 27.77 1.69 15.77
N ILE C 129 27.44 1.87 17.06
CA ILE C 129 28.48 2.03 18.07
C ILE C 129 29.17 0.67 18.28
N TYR C 130 28.38 -0.38 18.45
CA TYR C 130 28.96 -1.70 18.64
C TYR C 130 29.79 -2.10 17.41
N LYS C 131 29.30 -1.79 16.21
CA LYS C 131 30.02 -2.09 14.99
C LYS C 131 31.38 -1.41 15.04
N ARG C 132 31.40 -0.16 15.51
CA ARG C 132 32.65 0.58 15.54
C ARG C 132 33.65 -0.15 16.44
N TRP C 133 33.15 -0.69 17.57
CA TRP C 133 34.01 -1.41 18.49
C TRP C 133 34.56 -2.67 17.84
N ILE C 134 33.66 -3.40 17.16
CA ILE C 134 34.03 -4.67 16.58
C ILE C 134 35.14 -4.42 15.56
N ILE C 135 34.99 -3.34 14.78
CA ILE C 135 35.93 -3.05 13.73
C ILE C 135 37.29 -2.67 14.34
N LEU C 136 37.27 -1.95 15.47
CA LEU C 136 38.51 -1.68 16.17
C LEU C 136 39.22 -2.98 16.46
N GLY C 137 38.49 -3.96 17.00
CA GLY C 137 39.07 -5.24 17.33
C GLY C 137 39.50 -6.01 16.08
N LEU C 138 38.73 -5.89 15.00
CA LEU C 138 39.03 -6.61 13.77
C LEU C 138 40.32 -6.05 13.17
N ASN C 139 40.52 -4.74 13.30
CA ASN C 139 41.75 -4.12 12.78
C ASN C 139 42.98 -4.63 13.54
N LYS C 140 42.88 -4.76 14.88
CA LYS C 140 43.99 -5.26 15.68
C LYS C 140 44.32 -6.68 15.23
N ILE C 141 43.29 -7.50 15.01
CA ILE C 141 43.50 -8.85 14.51
C ILE C 141 44.18 -8.84 13.15
N VAL C 142 43.74 -7.97 12.22
CA VAL C 142 44.30 -7.91 10.89
C VAL C 142 45.78 -7.58 10.95
N ARG C 143 46.22 -6.65 11.82
CA ARG C 143 47.63 -6.34 11.96
CA ARG C 143 47.63 -6.34 11.96
C ARG C 143 48.38 -7.57 12.48
N MET C 144 47.79 -8.27 13.46
CA MET C 144 48.40 -9.43 14.09
C MET C 144 48.67 -10.52 13.03
N TYR C 145 47.61 -10.92 12.31
CA TYR C 145 47.70 -11.94 11.29
C TYR C 145 48.44 -11.44 10.05
N SER C 146 48.88 -10.18 10.01
CA SER C 146 49.71 -9.69 8.91
C SER C 146 51.11 -10.27 9.02
N PRO C 147 51.57 -11.04 8.01
CA PRO C 147 52.83 -11.77 8.11
C PRO C 147 54.10 -10.93 8.02
N THR C 148 54.03 -9.70 7.50
CA THR C 148 55.24 -8.99 7.14
C THR C 148 55.15 -7.52 7.54
N SER C 149 56.30 -6.99 7.97
CA SER C 149 56.45 -5.56 8.18
C SER C 149 56.76 -4.88 6.85
N ILE C 150 56.27 -3.64 6.69
CA ILE C 150 56.53 -2.87 5.49
C ILE C 150 58.03 -2.71 5.29
N LEU C 151 58.80 -2.73 6.38
CA LEU C 151 60.25 -2.61 6.31
C LEU C 151 60.88 -3.77 5.55
N ASP C 152 60.20 -4.92 5.44
CA ASP C 152 60.76 -6.08 4.77
C ASP C 152 60.25 -6.24 3.35
N ILE C 153 59.42 -5.31 2.85
CA ILE C 153 58.95 -5.42 1.48
C ILE C 153 59.97 -4.76 0.55
N ARG C 154 60.88 -5.57 0.01
CA ARG C 154 61.94 -5.15 -0.90
C ARG C 154 61.62 -5.76 -2.26
N GLN C 155 61.86 -5.01 -3.35
CA GLN C 155 61.59 -5.47 -4.70
C GLN C 155 62.60 -6.54 -5.11
N GLY C 156 62.11 -7.68 -5.58
CA GLY C 156 62.99 -8.75 -6.04
C GLY C 156 63.83 -8.29 -7.24
N PRO C 157 65.04 -8.87 -7.46
CA PRO C 157 65.88 -8.46 -8.59
C PRO C 157 65.18 -8.67 -9.94
N LYS C 158 64.26 -9.64 -10.02
CA LYS C 158 63.51 -9.92 -11.24
C LYS C 158 62.02 -9.56 -11.11
N GLU C 159 61.60 -8.96 -9.98
CA GLU C 159 60.19 -8.68 -9.74
C GLU C 159 59.77 -7.42 -10.51
N PRO C 160 58.70 -7.49 -11.33
CA PRO C 160 58.19 -6.29 -11.98
C PRO C 160 57.73 -5.26 -10.95
N PHE C 161 57.97 -3.99 -11.26
CA PHE C 161 57.69 -2.94 -10.30
C PHE C 161 56.27 -3.09 -9.77
N ARG C 162 55.30 -3.29 -10.66
CA ARG C 162 53.89 -3.32 -10.28
C ARG C 162 53.60 -4.35 -9.19
N ASP C 163 54.21 -5.53 -9.29
CA ASP C 163 53.98 -6.59 -8.33
C ASP C 163 54.53 -6.21 -6.95
N TYR C 164 55.70 -5.53 -6.95
CA TYR C 164 56.31 -4.99 -5.75
C TYR C 164 55.35 -4.01 -5.09
N VAL C 165 54.84 -3.08 -5.88
CA VAL C 165 53.94 -2.07 -5.37
C VAL C 165 52.68 -2.72 -4.79
N ASP C 166 52.13 -3.74 -5.45
CA ASP C 166 50.99 -4.47 -4.91
C ASP C 166 51.31 -4.99 -3.50
N ARG C 167 52.49 -5.61 -3.35
CA ARG C 167 52.90 -6.17 -2.06
C ARG C 167 53.08 -5.05 -1.05
N PHE C 168 53.78 -3.99 -1.50
CA PHE C 168 54.05 -2.86 -0.65
C PHE C 168 52.75 -2.40 0.00
N TYR C 169 51.78 -2.05 -0.84
CA TYR C 169 50.55 -1.47 -0.33
C TYR C 169 49.64 -2.53 0.29
N LYS C 170 49.72 -3.79 -0.15
CA LYS C 170 48.98 -4.83 0.57
C LYS C 170 49.45 -4.84 2.01
N THR C 171 50.77 -4.90 2.19
CA THR C 171 51.36 -4.97 3.52
C THR C 171 51.01 -3.71 4.33
N LEU C 172 51.12 -2.56 3.68
CA LEU C 172 50.89 -1.29 4.35
C LEU C 172 49.45 -1.17 4.84
N ARG C 173 48.47 -1.65 4.06
CA ARG C 173 47.05 -1.67 4.42
C ARG C 173 46.81 -2.47 5.71
N ALA C 174 47.56 -3.54 5.94
CA ALA C 174 47.35 -4.34 7.12
C ALA C 174 47.80 -3.62 8.41
N GLU C 175 48.73 -2.67 8.32
CA GLU C 175 49.28 -1.98 9.49
C GLU C 175 48.45 -0.76 9.94
N ALA C 184 53.08 9.81 0.30
CA ALA C 184 54.15 9.97 1.31
C ALA C 184 54.94 8.67 1.45
N ALA C 185 54.20 7.56 1.51
CA ALA C 185 54.77 6.24 1.45
C ALA C 185 55.64 6.08 0.20
N THR C 186 55.19 6.64 -0.93
CA THR C 186 55.94 6.61 -2.18
C THR C 186 57.33 7.20 -1.99
N GLU C 187 57.37 8.44 -1.49
CA GLU C 187 58.58 9.25 -1.48
C GLU C 187 59.61 8.64 -0.53
N THR C 188 59.18 8.00 0.56
CA THR C 188 60.12 7.42 1.50
C THR C 188 60.55 6.03 1.04
N LEU C 189 59.85 5.03 1.61
CA LEU C 189 60.28 3.64 1.67
C LEU C 189 60.12 2.95 0.31
N LEU C 190 59.17 3.44 -0.51
CA LEU C 190 58.84 2.74 -1.73
C LEU C 190 60.03 2.80 -2.70
N VAL C 191 60.58 4.00 -2.89
CA VAL C 191 61.75 4.19 -3.73
C VAL C 191 62.96 3.52 -3.11
N GLN C 192 63.15 3.77 -1.80
CA GLN C 192 64.25 3.20 -1.05
C GLN C 192 64.36 1.71 -1.32
N ASN C 193 63.22 1.00 -1.28
CA ASN C 193 63.19 -0.45 -1.23
C ASN C 193 63.09 -1.06 -2.63
N ALA C 194 62.97 -0.21 -3.65
CA ALA C 194 63.03 -0.68 -5.03
C ALA C 194 64.39 -1.29 -5.29
N ASN C 195 64.48 -2.07 -6.39
CA ASN C 195 65.70 -2.73 -6.78
C ASN C 195 66.60 -1.71 -7.47
N PRO C 196 67.92 -1.96 -7.54
CA PRO C 196 68.87 -0.94 -8.02
C PRO C 196 68.51 -0.30 -9.35
N ASP C 197 68.10 -1.12 -10.34
CA ASP C 197 67.83 -0.61 -11.69
C ASP C 197 66.70 0.43 -11.62
N CYS C 198 65.60 0.07 -10.95
CA CYS C 198 64.40 0.90 -10.90
C CYS C 198 64.64 2.05 -9.92
N LYS C 199 65.39 1.81 -8.84
CA LYS C 199 65.71 2.87 -7.88
C LYS C 199 66.43 4.03 -8.57
N THR C 200 67.38 3.71 -9.46
CA THR C 200 68.12 4.74 -10.16
C THR C 200 67.14 5.57 -11.00
N ILE C 201 66.30 4.90 -11.78
CA ILE C 201 65.32 5.55 -12.64
C ILE C 201 64.38 6.44 -11.82
N LEU C 202 63.90 5.93 -10.68
CA LEU C 202 62.95 6.66 -9.86
C LEU C 202 63.59 7.92 -9.29
N LYS C 203 64.83 7.79 -8.79
CA LYS C 203 65.56 8.90 -8.21
C LYS C 203 65.73 10.02 -9.23
N ALA C 204 65.87 9.65 -10.52
CA ALA C 204 66.05 10.60 -11.61
C ALA C 204 64.77 11.38 -11.90
N LEU C 205 63.59 10.85 -11.52
CA LEU C 205 62.36 11.61 -11.63
C LEU C 205 62.35 12.70 -10.56
N GLY C 206 63.04 12.50 -9.43
CA GLY C 206 63.17 13.56 -8.45
C GLY C 206 61.84 13.89 -7.79
N PRO C 207 61.82 14.93 -6.92
CA PRO C 207 60.67 15.17 -6.06
C PRO C 207 59.32 15.25 -6.80
N GLY C 208 58.26 14.83 -6.11
CA GLY C 208 56.91 15.14 -6.52
C GLY C 208 56.36 14.17 -7.56
N ALA C 209 57.08 13.11 -7.91
CA ALA C 209 56.57 12.14 -8.89
C ALA C 209 55.35 11.41 -8.35
N THR C 210 54.37 11.17 -9.22
CA THR C 210 53.18 10.39 -8.87
C THR C 210 53.48 8.89 -9.01
N LEU C 211 52.61 8.10 -8.39
CA LEU C 211 52.70 6.65 -8.48
C LEU C 211 52.50 6.17 -9.91
N GLU C 212 51.56 6.79 -10.62
CA GLU C 212 51.35 6.47 -12.03
C GLU C 212 52.67 6.68 -12.78
N GLU C 213 53.35 7.80 -12.51
CA GLU C 213 54.58 8.15 -13.20
C GLU C 213 55.69 7.16 -12.87
N MET C 214 55.82 6.84 -11.57
CA MET C 214 56.84 5.92 -11.10
C MET C 214 56.66 4.57 -11.80
N MET C 215 55.41 4.13 -11.94
CA MET C 215 55.12 2.79 -12.44
C MET C 215 55.35 2.72 -13.94
N THR C 216 55.00 3.80 -14.65
CA THR C 216 55.28 3.89 -16.07
C THR C 216 56.79 3.79 -16.29
N ALA C 217 57.56 4.53 -15.48
CA ALA C 217 59.00 4.62 -15.65
C ALA C 217 59.71 3.29 -15.35
N CYS C 218 59.04 2.29 -14.74
CA CYS C 218 59.71 1.04 -14.41
C CYS C 218 58.99 -0.15 -15.05
N GLN C 219 58.28 0.06 -16.15
CA GLN C 219 57.30 -0.91 -16.63
C GLN C 219 57.92 -2.06 -17.44
N PRO D 1 0.96 -21.78 -5.12
CA PRO D 1 0.33 -21.67 -3.80
C PRO D 1 -0.77 -20.63 -3.82
N ILE D 2 -1.35 -20.22 -2.69
CA ILE D 2 -2.39 -19.22 -2.77
C ILE D 2 -1.90 -17.89 -2.18
N VAL D 3 -2.17 -16.79 -2.92
CA VAL D 3 -2.28 -15.46 -2.32
C VAL D 3 -3.73 -14.92 -2.45
N MET D 10 -8.96 -13.52 -4.13
CA MET D 10 -7.87 -14.43 -3.66
C MET D 10 -7.42 -15.33 -4.80
N VAL D 11 -6.09 -15.38 -5.03
CA VAL D 11 -5.54 -15.79 -6.32
C VAL D 11 -4.26 -16.64 -6.13
N HIS D 12 -4.08 -17.56 -7.08
CA HIS D 12 -2.96 -18.46 -7.27
C HIS D 12 -1.67 -17.73 -7.64
N GLN D 13 -0.69 -17.81 -6.72
CA GLN D 13 0.73 -17.57 -7.03
C GLN D 13 1.38 -18.82 -7.63
N CYS D 14 2.26 -18.61 -8.59
CA CYS D 14 2.94 -19.68 -9.28
C CYS D 14 3.93 -20.35 -8.34
N ILE D 15 4.21 -21.63 -8.55
CA ILE D 15 5.31 -22.25 -7.83
C ILE D 15 6.59 -21.60 -8.36
N SER D 16 7.51 -21.29 -7.46
CA SER D 16 8.69 -20.58 -7.86
C SER D 16 9.69 -21.58 -8.42
N PRO D 17 10.60 -21.15 -9.32
CA PRO D 17 11.73 -21.99 -9.74
C PRO D 17 12.59 -22.55 -8.62
N ARG D 18 12.75 -21.78 -7.55
CA ARG D 18 13.60 -22.22 -6.44
C ARG D 18 12.90 -23.43 -5.82
N THR D 19 11.59 -23.30 -5.57
CA THR D 19 10.82 -24.42 -5.02
C THR D 19 10.88 -25.63 -5.95
N LEU D 20 10.68 -25.42 -7.24
CA LEU D 20 10.58 -26.53 -8.17
C LEU D 20 11.88 -27.32 -8.14
N ASN D 21 12.99 -26.57 -8.19
CA ASN D 21 14.29 -27.19 -8.32
C ASN D 21 14.67 -27.90 -7.03
N ALA D 22 14.26 -27.32 -5.89
CA ALA D 22 14.60 -27.87 -4.59
C ALA D 22 13.99 -29.26 -4.44
N TRP D 23 12.74 -29.41 -4.91
CA TRP D 23 12.06 -30.67 -4.76
C TRP D 23 12.70 -31.72 -5.68
N VAL D 24 13.04 -31.32 -6.91
CA VAL D 24 13.62 -32.27 -7.83
C VAL D 24 14.94 -32.76 -7.26
N LYS D 25 15.74 -31.82 -6.74
CA LYS D 25 17.08 -32.14 -6.26
C LYS D 25 17.03 -33.04 -5.04
N VAL D 26 16.11 -32.76 -4.12
CA VAL D 26 15.97 -33.57 -2.94
C VAL D 26 15.73 -35.03 -3.34
N VAL D 27 14.83 -35.23 -4.32
CA VAL D 27 14.50 -36.57 -4.75
C VAL D 27 15.71 -37.19 -5.46
N GLU D 28 16.45 -36.40 -6.23
CA GLU D 28 17.61 -36.93 -6.92
C GLU D 28 18.66 -37.38 -5.91
N GLU D 29 18.86 -36.61 -4.84
CA GLU D 29 20.02 -36.79 -3.98
C GLU D 29 19.69 -37.75 -2.83
N LYS D 30 18.42 -37.89 -2.43
CA LYS D 30 18.09 -38.62 -1.22
C LYS D 30 17.05 -39.72 -1.48
N ALA D 31 16.56 -39.84 -2.72
CA ALA D 31 15.66 -40.91 -3.07
C ALA D 31 14.47 -40.89 -2.10
N PHE D 32 14.25 -41.97 -1.35
CA PHE D 32 13.14 -42.01 -0.40
C PHE D 32 13.66 -42.29 1.01
N SER D 33 14.79 -41.69 1.32
CA SER D 33 15.24 -41.57 2.69
C SER D 33 14.18 -40.78 3.50
N PRO D 34 13.97 -41.08 4.80
CA PRO D 34 12.83 -40.49 5.52
C PRO D 34 12.71 -38.98 5.51
N GLU D 35 13.83 -38.26 5.50
CA GLU D 35 13.80 -36.81 5.64
C GLU D 35 13.30 -36.14 4.35
N VAL D 36 13.10 -36.91 3.28
CA VAL D 36 12.49 -36.35 2.09
C VAL D 36 11.05 -35.92 2.39
N ILE D 37 10.36 -36.60 3.30
CA ILE D 37 8.94 -36.36 3.54
C ILE D 37 8.77 -34.95 4.10
N PRO D 38 9.41 -34.60 5.24
CA PRO D 38 9.24 -33.28 5.81
C PRO D 38 9.72 -32.18 4.88
N MET D 39 10.70 -32.49 4.02
CA MET D 39 11.13 -31.51 3.03
C MET D 39 10.01 -31.27 2.00
N PHE D 40 9.36 -32.37 1.56
CA PHE D 40 8.25 -32.26 0.64
C PHE D 40 7.18 -31.38 1.26
N SER D 41 6.88 -31.63 2.54
CA SER D 41 5.82 -30.95 3.24
C SER D 41 6.14 -29.46 3.37
N ALA D 42 7.40 -29.15 3.69
CA ALA D 42 7.81 -27.76 3.84
C ALA D 42 7.80 -27.07 2.48
N LEU D 43 8.38 -27.72 1.46
CA LEU D 43 8.42 -27.13 0.13
C LEU D 43 7.01 -26.97 -0.45
N SER D 44 6.02 -27.71 0.06
CA SER D 44 4.67 -27.63 -0.48
C SER D 44 3.75 -26.80 0.44
N CYS D 45 4.34 -26.04 1.35
CA CYS D 45 3.57 -25.11 2.15
C CYS D 45 2.71 -24.23 1.23
N GLY D 46 1.42 -24.10 1.56
CA GLY D 46 0.46 -23.28 0.86
C GLY D 46 -0.06 -23.92 -0.44
N ALA D 47 0.35 -25.15 -0.74
CA ALA D 47 0.14 -25.71 -2.06
C ALA D 47 -1.33 -26.00 -2.35
N THR D 48 -1.72 -25.81 -3.61
CA THR D 48 -2.98 -26.32 -4.13
C THR D 48 -2.81 -27.76 -4.61
N PRO D 49 -3.90 -28.53 -4.77
CA PRO D 49 -3.78 -29.85 -5.39
C PRO D 49 -3.00 -29.81 -6.70
N GLN D 50 -3.22 -28.78 -7.51
CA GLN D 50 -2.49 -28.65 -8.77
C GLN D 50 -0.98 -28.54 -8.51
N ASP D 51 -0.61 -27.72 -7.52
CA ASP D 51 0.79 -27.52 -7.18
C ASP D 51 1.39 -28.84 -6.71
N LEU D 52 0.62 -29.62 -5.92
CA LEU D 52 1.07 -30.90 -5.45
C LEU D 52 1.28 -31.85 -6.63
N ASN D 53 0.34 -31.86 -7.59
CA ASN D 53 0.51 -32.68 -8.79
C ASN D 53 1.71 -32.22 -9.60
N THR D 54 1.87 -30.90 -9.72
CA THR D 54 3.01 -30.35 -10.42
C THR D 54 4.30 -30.89 -9.81
N MET D 55 4.38 -30.83 -8.48
CA MET D 55 5.60 -31.25 -7.81
C MET D 55 5.82 -32.75 -8.03
N LEU D 56 4.77 -33.56 -7.91
CA LEU D 56 4.92 -35.00 -8.09
C LEU D 56 5.29 -35.32 -9.55
N ASN D 57 4.73 -34.59 -10.50
CA ASN D 57 4.96 -34.88 -11.90
C ASN D 57 6.41 -34.54 -12.30
N THR D 58 7.09 -33.65 -11.57
CA THR D 58 8.40 -33.22 -12.00
C THR D 58 9.44 -34.26 -11.62
N VAL D 59 9.06 -35.22 -10.79
CA VAL D 59 9.96 -36.29 -10.41
C VAL D 59 10.16 -37.19 -11.60
N GLY D 60 11.41 -37.29 -12.05
CA GLY D 60 11.80 -38.28 -13.05
C GLY D 60 12.39 -39.50 -12.34
N GLY D 61 12.06 -40.68 -12.86
CA GLY D 61 12.45 -41.93 -12.24
C GLY D 61 11.52 -42.31 -11.11
N HIS D 62 11.94 -43.32 -10.34
CA HIS D 62 11.12 -43.83 -9.24
C HIS D 62 9.67 -44.04 -9.67
N GLN D 63 9.42 -44.59 -10.86
CA GLN D 63 8.04 -44.64 -11.32
C GLN D 63 7.32 -45.81 -10.65
N ALA D 64 8.02 -46.81 -10.14
CA ALA D 64 7.37 -47.79 -9.30
C ALA D 64 6.79 -47.08 -8.09
N ALA D 65 7.63 -46.33 -7.40
CA ALA D 65 7.20 -45.65 -6.20
C ALA D 65 6.03 -44.73 -6.52
N MET D 66 6.11 -44.02 -7.64
CA MET D 66 5.10 -43.02 -7.98
C MET D 66 3.76 -43.69 -8.29
N GLN D 67 3.79 -44.89 -8.84
CA GLN D 67 2.56 -45.64 -9.10
C GLN D 67 2.00 -46.18 -7.79
N MET D 68 2.89 -46.65 -6.91
CA MET D 68 2.46 -47.07 -5.58
C MET D 68 1.74 -45.92 -4.91
N LEU D 69 2.30 -44.71 -5.10
CA LEU D 69 1.74 -43.53 -4.48
C LEU D 69 0.31 -43.30 -4.96
N LYS D 70 0.03 -43.47 -6.25
CA LYS D 70 -1.33 -43.36 -6.77
C LYS D 70 -2.28 -44.35 -6.11
N GLU D 71 -1.87 -45.62 -5.96
CA GLU D 71 -2.71 -46.58 -5.27
C GLU D 71 -3.12 -46.04 -3.89
N THR D 72 -2.16 -45.53 -3.11
CA THR D 72 -2.47 -45.04 -1.78
C THR D 72 -3.42 -43.86 -1.87
N ILE D 73 -3.13 -42.94 -2.78
CA ILE D 73 -3.98 -41.79 -2.96
C ILE D 73 -5.40 -42.24 -3.26
N ASN D 74 -5.55 -43.25 -4.12
CA ASN D 74 -6.87 -43.77 -4.48
C ASN D 74 -7.63 -44.34 -3.29
N GLU D 75 -6.98 -45.18 -2.45
CA GLU D 75 -7.64 -45.75 -1.28
C GLU D 75 -8.20 -44.61 -0.45
N GLU D 76 -7.43 -43.51 -0.31
CA GLU D 76 -7.83 -42.41 0.56
C GLU D 76 -8.94 -41.59 -0.08
N ALA D 77 -8.95 -41.52 -1.41
CA ALA D 77 -10.00 -40.83 -2.14
C ALA D 77 -11.34 -41.54 -1.96
N ALA D 78 -11.32 -42.85 -2.18
CA ALA D 78 -12.49 -43.71 -2.04
C ALA D 78 -13.03 -43.68 -0.60
N GLU D 79 -12.14 -43.75 0.39
CA GLU D 79 -12.55 -43.67 1.77
C GLU D 79 -13.17 -42.31 2.07
N TRP D 80 -12.70 -41.26 1.40
CA TRP D 80 -13.23 -39.92 1.64
C TRP D 80 -14.66 -39.84 1.10
N ASP D 81 -14.90 -40.48 -0.06
CA ASP D 81 -16.22 -40.53 -0.69
C ASP D 81 -17.20 -41.30 0.20
N ARG D 82 -16.71 -42.33 0.92
CA ARG D 82 -17.52 -43.09 1.86
C ARG D 82 -17.98 -42.15 2.98
N LEU D 83 -17.04 -41.48 3.66
CA LEU D 83 -17.34 -40.67 4.85
C LEU D 83 -18.12 -39.39 4.50
N HIS D 84 -17.92 -38.81 3.30
CA HIS D 84 -18.46 -37.50 2.99
C HIS D 84 -19.16 -37.54 1.63
N PRO D 85 -20.36 -38.14 1.50
CA PRO D 85 -20.97 -38.34 0.17
C PRO D 85 -21.53 -37.07 -0.46
N VAL D 86 -21.81 -37.12 -1.76
CA VAL D 86 -22.21 -35.95 -2.53
C VAL D 86 -23.45 -36.33 -3.34
N GLY D 89 -27.68 -34.75 -6.99
CA GLY D 89 -28.30 -34.04 -8.13
C GLY D 89 -27.35 -32.99 -8.70
N PRO D 90 -27.78 -32.17 -9.69
CA PRO D 90 -27.05 -30.94 -10.06
C PRO D 90 -27.02 -29.89 -8.94
N ILE D 91 -25.90 -29.18 -8.86
CA ILE D 91 -25.61 -28.26 -7.77
C ILE D 91 -26.50 -27.01 -7.89
N ALA D 92 -26.73 -26.35 -6.76
CA ALA D 92 -27.31 -25.01 -6.76
C ALA D 92 -26.50 -24.07 -7.64
N PRO D 93 -27.14 -23.37 -8.62
CA PRO D 93 -26.41 -22.41 -9.45
C PRO D 93 -25.53 -21.43 -8.68
N GLY D 94 -24.28 -21.24 -9.15
CA GLY D 94 -23.36 -20.23 -8.64
C GLY D 94 -22.85 -20.49 -7.23
N GLN D 95 -23.18 -21.66 -6.66
CA GLN D 95 -22.82 -22.00 -5.30
C GLN D 95 -21.65 -22.97 -5.31
N MET D 96 -21.08 -23.18 -4.13
CA MET D 96 -19.86 -23.96 -3.98
C MET D 96 -20.24 -25.42 -3.73
N ARG D 97 -19.84 -26.30 -4.66
CA ARG D 97 -20.11 -27.72 -4.54
C ARG D 97 -19.18 -28.33 -3.50
N GLU D 98 -19.58 -29.50 -2.97
CA GLU D 98 -18.75 -30.26 -2.06
C GLU D 98 -17.72 -31.04 -2.89
N PRO D 99 -16.45 -31.16 -2.44
CA PRO D 99 -15.43 -31.86 -3.21
C PRO D 99 -15.45 -33.37 -2.98
N ARG D 100 -15.47 -34.13 -4.09
CA ARG D 100 -15.25 -35.56 -4.06
C ARG D 100 -13.74 -35.83 -3.93
N GLY D 101 -13.39 -37.08 -3.63
CA GLY D 101 -12.01 -37.45 -3.45
C GLY D 101 -11.13 -37.11 -4.65
N SER D 102 -11.68 -37.23 -5.85
CA SER D 102 -10.92 -36.98 -7.06
C SER D 102 -10.76 -35.47 -7.28
N ASP D 103 -11.55 -34.68 -6.55
CA ASP D 103 -11.45 -33.23 -6.63
C ASP D 103 -10.31 -32.75 -5.73
N ILE D 104 -10.18 -33.40 -4.56
CA ILE D 104 -9.11 -33.12 -3.64
C ILE D 104 -7.75 -33.43 -4.27
N ALA D 105 -7.69 -34.48 -5.11
CA ALA D 105 -6.45 -34.86 -5.75
C ALA D 105 -6.23 -34.05 -7.02
N GLY D 106 -7.15 -33.14 -7.35
CA GLY D 106 -6.96 -32.23 -8.47
C GLY D 106 -7.18 -32.90 -9.82
N THR D 107 -7.81 -34.08 -9.81
CA THR D 107 -8.03 -34.85 -11.02
C THR D 107 -9.28 -34.34 -11.75
N THR D 108 -10.32 -33.99 -11.00
CA THR D 108 -11.61 -33.62 -11.57
C THR D 108 -12.00 -32.20 -11.13
N SER D 109 -11.06 -31.45 -10.56
CA SER D 109 -11.33 -30.10 -10.08
C SER D 109 -10.48 -29.13 -10.88
N THR D 110 -10.98 -27.90 -11.01
CA THR D 110 -10.24 -26.82 -11.64
C THR D 110 -9.45 -26.08 -10.57
N LEU D 111 -8.45 -25.31 -11.00
CA LEU D 111 -7.68 -24.48 -10.10
C LEU D 111 -8.60 -23.55 -9.31
N GLN D 112 -9.59 -22.94 -9.99
CA GLN D 112 -10.49 -21.96 -9.39
C GLN D 112 -11.30 -22.64 -8.28
N GLU D 113 -11.78 -23.85 -8.55
CA GLU D 113 -12.48 -24.64 -7.56
C GLU D 113 -11.59 -24.90 -6.34
N GLN D 114 -10.31 -25.23 -6.58
CA GLN D 114 -9.38 -25.52 -5.49
C GLN D 114 -9.19 -24.27 -4.62
N ILE D 115 -8.98 -23.14 -5.29
CA ILE D 115 -8.83 -21.86 -4.60
C ILE D 115 -10.12 -21.53 -3.83
N GLY D 116 -11.27 -21.74 -4.48
CA GLY D 116 -12.58 -21.57 -3.86
C GLY D 116 -12.66 -22.28 -2.51
N TRP D 117 -12.38 -23.59 -2.50
CA TRP D 117 -12.50 -24.38 -1.29
C TRP D 117 -11.52 -23.89 -0.23
N MET D 118 -10.30 -23.55 -0.66
CA MET D 118 -9.20 -23.31 0.25
C MET D 118 -9.37 -21.96 0.95
N THR D 119 -9.97 -20.99 0.24
CA THR D 119 -10.14 -19.65 0.77
C THR D 119 -11.56 -19.37 1.27
N HIS D 120 -12.48 -20.33 1.07
CA HIS D 120 -13.83 -20.21 1.60
C HIS D 120 -13.77 -19.95 3.11
N ASN D 121 -14.78 -19.24 3.61
CA ASN D 121 -14.96 -19.01 5.02
C ASN D 121 -16.18 -19.82 5.47
N PRO D 122 -16.02 -20.94 6.22
CA PRO D 122 -14.71 -21.48 6.60
C PRO D 122 -14.06 -22.32 5.50
N PRO D 123 -12.73 -22.59 5.59
CA PRO D 123 -12.03 -23.28 4.51
C PRO D 123 -12.35 -24.77 4.45
N ILE D 124 -12.50 -25.28 3.22
CA ILE D 124 -12.31 -26.69 2.93
C ILE D 124 -10.87 -26.86 2.43
N PRO D 125 -9.93 -27.31 3.28
CA PRO D 125 -8.51 -27.21 2.95
C PRO D 125 -8.04 -28.40 2.11
N VAL D 126 -8.42 -28.37 0.83
CA VAL D 126 -8.19 -29.47 -0.06
C VAL D 126 -6.69 -29.68 -0.27
N GLY D 127 -5.91 -28.60 -0.24
CA GLY D 127 -4.47 -28.73 -0.29
C GLY D 127 -3.93 -29.57 0.86
N GLU D 128 -4.36 -29.25 2.08
CA GLU D 128 -3.82 -29.92 3.24
C GLU D 128 -4.31 -31.37 3.29
N ILE D 129 -5.51 -31.63 2.78
CA ILE D 129 -6.06 -32.98 2.78
C ILE D 129 -5.29 -33.82 1.79
N TYR D 130 -5.10 -33.31 0.58
CA TYR D 130 -4.35 -34.05 -0.43
C TYR D 130 -2.92 -34.30 0.04
N LYS D 131 -2.29 -33.29 0.67
CA LYS D 131 -0.95 -33.44 1.20
C LYS D 131 -0.93 -34.59 2.18
N ARG D 132 -1.96 -34.69 3.03
CA ARG D 132 -1.97 -35.74 4.03
C ARG D 132 -1.97 -37.10 3.35
N TRP D 133 -2.72 -37.22 2.24
CA TRP D 133 -2.78 -38.46 1.50
C TRP D 133 -1.42 -38.79 0.92
N ILE D 134 -0.79 -37.79 0.31
CA ILE D 134 0.47 -38.01 -0.37
C ILE D 134 1.48 -38.50 0.65
N ILE D 135 1.47 -37.91 1.84
CA ILE D 135 2.44 -38.24 2.85
C ILE D 135 2.20 -39.67 3.34
N LEU D 136 0.92 -40.08 3.44
CA LEU D 136 0.63 -41.46 3.77
C LEU D 136 1.33 -42.38 2.77
N GLY D 137 1.19 -42.07 1.48
CA GLY D 137 1.80 -42.87 0.45
C GLY D 137 3.31 -42.80 0.48
N LEU D 138 3.85 -41.61 0.81
CA LEU D 138 5.30 -41.43 0.84
C LEU D 138 5.88 -42.25 1.97
N ASN D 139 5.16 -42.35 3.09
CA ASN D 139 5.63 -43.14 4.21
C ASN D 139 5.69 -44.63 3.85
N LYS D 140 4.67 -45.14 3.13
CA LYS D 140 4.67 -46.53 2.70
C LYS D 140 5.88 -46.79 1.80
N ILE D 141 6.17 -45.86 0.88
CA ILE D 141 7.32 -45.96 0.02
C ILE D 141 8.61 -45.98 0.85
N VAL D 142 8.73 -45.10 1.85
CA VAL D 142 9.94 -45.01 2.66
C VAL D 142 10.20 -46.35 3.37
N ARG D 143 9.15 -47.01 3.90
CA ARG D 143 9.32 -48.30 4.54
CA ARG D 143 9.33 -48.31 4.53
C ARG D 143 9.80 -49.33 3.50
N MET D 144 9.21 -49.29 2.30
CA MET D 144 9.51 -50.23 1.23
C MET D 144 11.00 -50.13 0.85
N TYR D 145 11.46 -48.91 0.51
CA TYR D 145 12.84 -48.66 0.15
C TYR D 145 13.78 -48.80 1.34
N SER D 146 13.27 -49.04 2.57
CA SER D 146 14.14 -49.28 3.71
C SER D 146 14.77 -50.65 3.60
N PRO D 147 16.13 -50.72 3.53
CA PRO D 147 16.80 -51.98 3.19
C PRO D 147 16.86 -53.00 4.33
N THR D 148 16.65 -52.57 5.59
CA THR D 148 17.02 -53.40 6.70
C THR D 148 15.94 -53.34 7.79
N SER D 149 15.73 -54.50 8.42
CA SER D 149 14.92 -54.58 9.63
C SER D 149 15.75 -54.15 10.84
N ILE D 150 15.09 -53.50 11.81
CA ILE D 150 15.74 -53.10 13.03
C ILE D 150 16.36 -54.32 13.73
N LEU D 151 15.77 -55.50 13.53
CA LEU D 151 16.29 -56.73 14.10
C LEU D 151 17.70 -57.05 13.62
N ASP D 152 18.10 -56.53 12.45
CA ASP D 152 19.39 -56.87 11.87
C ASP D 152 20.42 -55.76 12.11
N ILE D 153 20.08 -54.70 12.85
CA ILE D 153 21.05 -53.67 13.17
C ILE D 153 21.83 -54.08 14.41
N ARG D 154 22.99 -54.72 14.16
CA ARG D 154 23.88 -55.19 15.21
C ARG D 154 25.15 -54.34 15.17
N GLN D 155 25.70 -53.99 16.34
CA GLN D 155 26.90 -53.18 16.43
C GLN D 155 28.12 -53.99 15.99
N GLY D 156 28.90 -53.44 15.06
CA GLY D 156 30.10 -54.11 14.59
C GLY D 156 31.10 -54.29 15.72
N PRO D 157 31.99 -55.32 15.67
CA PRO D 157 32.99 -55.52 16.73
C PRO D 157 33.91 -54.31 16.90
N LYS D 158 34.13 -53.53 15.82
CA LYS D 158 34.97 -52.34 15.89
C LYS D 158 34.17 -51.04 15.75
N GLU D 159 32.83 -51.13 15.68
CA GLU D 159 32.01 -49.95 15.41
C GLU D 159 31.82 -49.13 16.69
N PRO D 160 32.13 -47.82 16.67
CA PRO D 160 31.86 -46.99 17.84
C PRO D 160 30.37 -46.95 18.14
N PHE D 161 30.04 -46.92 19.43
CA PHE D 161 28.66 -47.03 19.84
C PHE D 161 27.81 -46.00 19.08
N ARG D 162 28.29 -44.76 18.99
CA ARG D 162 27.50 -43.67 18.41
C ARG D 162 27.05 -43.99 16.98
N ASP D 163 27.94 -44.58 16.19
CA ASP D 163 27.64 -44.90 14.80
C ASP D 163 26.55 -45.97 14.70
N TYR D 164 26.63 -46.95 15.61
CA TYR D 164 25.62 -47.99 15.76
C TYR D 164 24.26 -47.36 16.04
N VAL D 165 24.24 -46.47 17.02
CA VAL D 165 23.01 -45.83 17.41
C VAL D 165 22.43 -45.02 16.24
N ASP D 166 23.28 -44.31 15.49
CA ASP D 166 22.82 -43.61 14.30
C ASP D 166 22.10 -44.57 13.35
N ARG D 167 22.71 -45.73 13.11
CA ARG D 167 22.12 -46.72 12.20
C ARG D 167 20.83 -47.26 12.80
N PHE D 168 20.89 -47.59 14.10
CA PHE D 168 19.73 -48.12 14.80
C PHE D 168 18.53 -47.22 14.53
N TYR D 169 18.67 -45.94 14.88
CA TYR D 169 17.55 -45.03 14.80
C TYR D 169 17.29 -44.60 13.36
N LYS D 170 18.30 -44.59 12.48
CA LYS D 170 18.02 -44.36 11.05
C LYS D 170 17.05 -45.43 10.60
N THR D 171 17.38 -46.69 10.87
CA THR D 171 16.59 -47.83 10.44
C THR D 171 15.19 -47.74 11.05
N LEU D 172 15.15 -47.44 12.35
CA LEU D 172 13.90 -47.41 13.08
C LEU D 172 12.95 -46.35 12.53
N ARG D 173 13.49 -45.17 12.16
CA ARG D 173 12.71 -44.08 11.56
C ARG D 173 12.03 -44.51 10.25
N ALA D 174 12.65 -45.41 9.48
CA ALA D 174 12.07 -45.80 8.22
C ALA D 174 10.86 -46.72 8.40
N GLU D 175 10.85 -47.51 9.48
CA GLU D 175 9.77 -48.43 9.78
C GLU D 175 8.69 -47.63 10.50
N GLN D 176 9.16 -46.62 11.26
CA GLN D 176 8.38 -45.73 12.13
C GLN D 176 7.99 -46.49 13.40
N THR D 186 14.57 -49.37 22.98
CA THR D 186 15.90 -48.88 23.45
C THR D 186 16.37 -49.69 24.65
N GLU D 187 15.50 -49.82 25.67
CA GLU D 187 15.70 -50.76 26.77
C GLU D 187 15.67 -52.21 26.24
N THR D 188 14.94 -52.48 25.16
CA THR D 188 14.95 -53.81 24.55
C THR D 188 16.18 -53.98 23.65
N LEU D 189 16.00 -53.65 22.37
CA LEU D 189 16.82 -54.15 21.27
C LEU D 189 18.17 -53.45 21.19
N LEU D 190 18.24 -52.21 21.68
CA LEU D 190 19.44 -51.42 21.49
C LEU D 190 20.60 -52.02 22.27
N VAL D 191 20.34 -52.33 23.55
CA VAL D 191 21.33 -52.98 24.40
C VAL D 191 21.60 -54.39 23.91
N GLN D 192 20.52 -55.12 23.63
CA GLN D 192 20.59 -56.49 23.15
C GLN D 192 21.60 -56.60 21.99
N ASN D 193 21.51 -55.65 21.05
CA ASN D 193 22.19 -55.76 19.77
C ASN D 193 23.56 -55.09 19.79
N ALA D 194 23.91 -54.46 20.91
CA ALA D 194 25.25 -53.94 21.10
C ALA D 194 26.24 -55.09 21.07
N ASN D 195 27.52 -54.75 20.90
CA ASN D 195 28.61 -55.71 20.86
C ASN D 195 28.93 -56.10 22.30
N PRO D 196 29.58 -57.27 22.51
CA PRO D 196 29.77 -57.83 23.85
C PRO D 196 30.35 -56.84 24.87
N ASP D 197 31.40 -56.11 24.47
CA ASP D 197 32.11 -55.22 25.39
C ASP D 197 31.15 -54.15 25.92
N CYS D 198 30.42 -53.51 24.99
CA CYS D 198 29.55 -52.39 25.33
C CYS D 198 28.28 -52.93 25.98
N LYS D 199 27.81 -54.11 25.54
CA LYS D 199 26.62 -54.73 26.13
C LYS D 199 26.82 -54.97 27.64
N THR D 200 28.01 -55.44 28.02
CA THR D 200 28.30 -55.69 29.42
C THR D 200 28.18 -54.38 30.20
N ILE D 201 28.85 -53.33 29.70
CA ILE D 201 28.85 -52.02 30.35
C ILE D 201 27.43 -51.47 30.47
N LEU D 202 26.63 -51.61 29.41
CA LEU D 202 25.27 -51.07 29.41
C LEU D 202 24.40 -51.80 30.43
N LYS D 203 24.51 -53.13 30.47
CA LYS D 203 23.73 -53.96 31.38
C LYS D 203 24.03 -53.54 32.83
N ALA D 204 25.27 -53.12 33.10
CA ALA D 204 25.70 -52.70 34.43
C ALA D 204 25.06 -51.37 34.84
N LEU D 205 24.63 -50.55 33.87
CA LEU D 205 23.89 -49.35 34.20
C LEU D 205 22.49 -49.74 34.66
N GLY D 206 21.95 -50.87 34.21
CA GLY D 206 20.69 -51.36 34.71
C GLY D 206 19.54 -50.46 34.32
N PRO D 207 18.32 -50.73 34.84
CA PRO D 207 17.12 -50.07 34.38
C PRO D 207 17.22 -48.54 34.38
N GLY D 208 16.50 -47.92 33.43
CA GLY D 208 16.22 -46.50 33.49
C GLY D 208 17.35 -45.63 32.95
N ALA D 209 18.40 -46.22 32.35
CA ALA D 209 19.47 -45.40 31.77
C ALA D 209 18.95 -44.59 30.59
N THR D 210 19.43 -43.34 30.47
CA THR D 210 19.13 -42.50 29.31
C THR D 210 20.11 -42.83 28.18
N LEU D 211 19.73 -42.40 26.98
CA LEU D 211 20.56 -42.57 25.80
C LEU D 211 21.87 -41.80 25.95
N GLU D 212 21.79 -40.58 26.50
CA GLU D 212 22.99 -39.80 26.76
C GLU D 212 23.94 -40.61 27.66
N GLU D 213 23.38 -41.25 28.69
CA GLU D 213 24.17 -42.00 29.66
C GLU D 213 24.80 -43.22 29.00
N MET D 214 23.99 -43.94 28.21
CA MET D 214 24.45 -45.14 27.52
C MET D 214 25.63 -44.79 26.61
N MET D 215 25.52 -43.65 25.92
CA MET D 215 26.48 -43.27 24.91
C MET D 215 27.79 -42.80 25.54
N THR D 216 27.68 -42.08 26.67
CA THR D 216 28.84 -41.68 27.43
C THR D 216 29.60 -42.94 27.87
N ALA D 217 28.86 -43.93 28.39
CA ALA D 217 29.45 -45.13 28.95
C ALA D 217 30.15 -45.99 27.90
N CYS D 218 29.95 -45.76 26.59
CA CYS D 218 30.57 -46.61 25.58
C CYS D 218 31.41 -45.78 24.60
N GLN D 219 31.92 -44.62 25.04
CA GLN D 219 32.44 -43.62 24.13
C GLN D 219 33.89 -43.92 23.70
N PRO E 1 5.19 -12.86 -17.80
CA PRO E 1 3.85 -13.28 -17.34
C PRO E 1 2.94 -12.08 -17.14
N ILE E 2 1.77 -12.22 -16.53
CA ILE E 2 0.93 -11.06 -16.36
C ILE E 2 0.87 -10.67 -14.87
N VAL E 3 1.05 -9.36 -14.59
CA VAL E 3 0.49 -8.73 -13.40
C VAL E 3 -0.58 -7.68 -13.79
N MET E 10 -3.61 -3.55 -16.05
CA MET E 10 -3.07 -4.92 -16.00
C MET E 10 -1.94 -5.06 -17.04
N VAL E 11 -0.78 -5.53 -16.58
CA VAL E 11 0.50 -5.28 -17.26
C VAL E 11 1.41 -6.53 -17.15
N HIS E 12 2.21 -6.68 -18.22
CA HIS E 12 3.26 -7.66 -18.42
C HIS E 12 4.45 -7.46 -17.46
N GLN E 13 4.63 -8.45 -16.58
CA GLN E 13 5.89 -8.70 -15.88
C GLN E 13 6.86 -9.49 -16.77
N CYS E 14 8.14 -9.14 -16.68
CA CYS E 14 9.17 -9.76 -17.47
C CYS E 14 9.40 -11.19 -16.99
N ILE E 15 9.84 -12.08 -17.88
CA ILE E 15 10.26 -13.39 -17.42
C ILE E 15 11.54 -13.16 -16.62
N SER E 16 11.66 -13.86 -15.50
CA SER E 16 12.78 -13.63 -14.62
C SER E 16 13.99 -14.40 -15.15
N PRO E 17 15.22 -13.94 -14.86
CA PRO E 17 16.41 -14.73 -15.14
C PRO E 17 16.42 -16.14 -14.56
N ARG E 18 15.82 -16.32 -13.38
CA ARG E 18 15.82 -17.62 -12.73
C ARG E 18 14.97 -18.54 -13.61
N THR E 19 13.79 -18.05 -14.00
CA THR E 19 12.92 -18.83 -14.87
C THR E 19 13.62 -19.17 -16.19
N LEU E 20 14.27 -18.18 -16.81
CA LEU E 20 14.85 -18.39 -18.13
C LEU E 20 15.89 -19.50 -18.04
N ASN E 21 16.73 -19.39 -17.02
CA ASN E 21 17.84 -20.29 -16.89
C ASN E 21 17.37 -21.70 -16.55
N ALA E 22 16.29 -21.79 -15.75
CA ALA E 22 15.78 -23.06 -15.30
C ALA E 22 15.29 -23.87 -16.50
N TRP E 23 14.64 -23.19 -17.44
CA TRP E 23 14.09 -23.87 -18.60
C TRP E 23 15.23 -24.35 -19.50
N VAL E 24 16.26 -23.51 -19.69
CA VAL E 24 17.34 -23.88 -20.57
C VAL E 24 18.04 -25.10 -19.98
N LYS E 25 18.27 -25.06 -18.65
CA LYS E 25 19.02 -26.12 -17.98
C LYS E 25 18.26 -27.45 -18.04
N VAL E 26 16.95 -27.39 -17.80
CA VAL E 26 16.16 -28.59 -17.84
C VAL E 26 16.32 -29.28 -19.19
N VAL E 27 16.25 -28.48 -20.26
CA VAL E 27 16.35 -29.03 -21.60
C VAL E 27 17.78 -29.55 -21.83
N GLU E 28 18.79 -28.86 -21.30
CA GLU E 28 20.16 -29.31 -21.48
C GLU E 28 20.36 -30.65 -20.78
N GLU E 29 19.78 -30.81 -19.58
CA GLU E 29 20.13 -31.93 -18.72
C GLU E 29 19.23 -33.14 -19.01
N LYS E 30 18.00 -32.92 -19.49
CA LYS E 30 17.00 -33.99 -19.55
C LYS E 30 16.42 -34.17 -20.95
N ALA E 31 16.81 -33.32 -21.91
CA ALA E 31 16.39 -33.49 -23.29
C ALA E 31 14.87 -33.59 -23.34
N PHE E 32 14.31 -34.71 -23.82
CA PHE E 32 12.86 -34.84 -23.88
C PHE E 32 12.39 -36.05 -23.09
N SER E 33 13.05 -36.28 -21.96
CA SER E 33 12.54 -37.15 -20.93
C SER E 33 11.18 -36.62 -20.44
N PRO E 34 10.21 -37.49 -20.07
CA PRO E 34 8.84 -37.04 -19.83
C PRO E 34 8.66 -35.91 -18.81
N GLU E 35 9.50 -35.85 -17.78
CA GLU E 35 9.30 -34.89 -16.69
C GLU E 35 9.67 -33.47 -17.14
N VAL E 36 10.21 -33.31 -18.35
CA VAL E 36 10.44 -31.99 -18.88
C VAL E 36 9.12 -31.26 -19.11
N ILE E 37 8.05 -32.01 -19.42
CA ILE E 37 6.78 -31.38 -19.79
C ILE E 37 6.22 -30.63 -18.59
N PRO E 38 6.00 -31.30 -17.44
CA PRO E 38 5.43 -30.64 -16.27
C PRO E 38 6.32 -29.50 -15.77
N MET E 39 7.64 -29.63 -15.97
CA MET E 39 8.53 -28.54 -15.60
C MET E 39 8.28 -27.34 -16.51
N PHE E 40 8.12 -27.59 -17.81
CA PHE E 40 7.83 -26.53 -18.76
C PHE E 40 6.56 -25.81 -18.32
N SER E 41 5.55 -26.61 -17.97
CA SER E 41 4.24 -26.09 -17.62
C SER E 41 4.32 -25.24 -16.36
N ALA E 42 5.07 -25.72 -15.36
CA ALA E 42 5.21 -24.99 -14.11
C ALA E 42 6.04 -23.72 -14.35
N LEU E 43 7.17 -23.83 -15.06
CA LEU E 43 7.99 -22.67 -15.32
C LEU E 43 7.25 -21.64 -16.19
N SER E 44 6.21 -22.06 -16.93
CA SER E 44 5.49 -21.13 -17.79
C SER E 44 4.16 -20.70 -17.17
N CYS E 45 4.01 -20.91 -15.86
CA CYS E 45 2.86 -20.42 -15.14
C CYS E 45 2.71 -18.92 -15.40
N GLY E 46 1.49 -18.49 -15.72
CA GLY E 46 1.15 -17.10 -15.98
C GLY E 46 1.55 -16.61 -17.37
N ALA E 47 2.14 -17.47 -18.19
CA ALA E 47 2.85 -17.01 -19.39
C ALA E 47 1.91 -16.46 -20.44
N THR E 48 2.38 -15.43 -21.16
CA THR E 48 1.76 -14.98 -22.39
C THR E 48 2.29 -15.78 -23.57
N PRO E 49 1.60 -15.78 -24.72
CA PRO E 49 2.17 -16.40 -25.91
C PRO E 49 3.59 -15.94 -26.18
N GLN E 50 3.87 -14.65 -26.00
CA GLN E 50 5.23 -14.15 -26.20
C GLN E 50 6.21 -14.84 -25.26
N ASP E 51 5.83 -14.98 -23.99
CA ASP E 51 6.69 -15.62 -23.01
C ASP E 51 6.94 -17.07 -23.39
N LEU E 52 5.89 -17.75 -23.89
CA LEU E 52 6.03 -19.12 -24.35
C LEU E 52 7.00 -19.17 -25.54
N ASN E 53 6.88 -18.24 -26.50
CA ASN E 53 7.80 -18.20 -27.61
C ASN E 53 9.22 -17.89 -27.14
N THR E 54 9.33 -16.97 -26.19
CA THR E 54 10.63 -16.65 -25.62
C THR E 54 11.28 -17.92 -25.08
N MET E 55 10.50 -18.67 -24.30
CA MET E 55 11.05 -19.86 -23.67
C MET E 55 11.46 -20.87 -24.73
N LEU E 56 10.61 -21.08 -25.76
CA LEU E 56 10.92 -22.06 -26.79
C LEU E 56 12.14 -21.60 -27.60
N ASN E 57 12.26 -20.29 -27.85
CA ASN E 57 13.35 -19.81 -28.67
C ASN E 57 14.69 -19.95 -27.96
N THR E 58 14.71 -20.00 -26.61
CA THR E 58 15.98 -20.00 -25.91
C THR E 58 16.61 -21.37 -25.94
N VAL E 59 15.85 -22.37 -26.37
CA VAL E 59 16.37 -23.72 -26.50
C VAL E 59 17.32 -23.76 -27.68
N GLY E 60 18.58 -24.08 -27.40
CA GLY E 60 19.56 -24.38 -28.43
C GLY E 60 19.63 -25.90 -28.62
N GLY E 61 19.78 -26.31 -29.88
CA GLY E 61 19.78 -27.72 -30.23
C GLY E 61 18.37 -28.24 -30.41
N HIS E 62 18.25 -29.56 -30.55
CA HIS E 62 16.97 -30.21 -30.72
C HIS E 62 16.12 -29.51 -31.79
N GLN E 63 16.71 -29.09 -32.91
CA GLN E 63 15.94 -28.28 -33.83
C GLN E 63 15.03 -29.16 -34.67
N ALA E 64 15.32 -30.44 -34.80
CA ALA E 64 14.36 -31.35 -35.38
C ALA E 64 13.10 -31.33 -34.54
N ALA E 65 13.27 -31.56 -33.25
CA ALA E 65 12.13 -31.61 -32.35
C ALA E 65 11.37 -30.29 -32.41
N MET E 66 12.09 -29.17 -32.44
CA MET E 66 11.46 -27.86 -32.38
C MET E 66 10.66 -27.59 -33.65
N GLN E 67 11.10 -28.13 -34.79
CA GLN E 67 10.37 -27.97 -36.03
C GLN E 67 9.13 -28.89 -36.02
N MET E 68 9.29 -30.11 -35.47
CA MET E 68 8.16 -30.99 -35.28
C MET E 68 7.11 -30.28 -34.45
N LEU E 69 7.59 -29.56 -33.42
CA LEU E 69 6.69 -28.87 -32.51
C LEU E 69 5.86 -27.83 -33.28
N LYS E 70 6.46 -27.08 -34.21
CA LYS E 70 5.72 -26.15 -35.04
C LYS E 70 4.62 -26.84 -35.86
N GLU E 71 4.92 -27.97 -36.48
CA GLU E 71 3.91 -28.69 -37.22
C GLU E 71 2.70 -28.95 -36.31
N THR E 72 2.93 -29.45 -35.09
CA THR E 72 1.82 -29.76 -34.20
C THR E 72 1.06 -28.48 -33.85
N ILE E 73 1.80 -27.43 -33.53
CA ILE E 73 1.17 -26.16 -33.20
C ILE E 73 0.29 -25.72 -34.35
N ASN E 74 0.78 -25.86 -35.59
CA ASN E 74 0.01 -25.48 -36.78
C ASN E 74 -1.30 -26.26 -36.92
N GLU E 75 -1.28 -27.58 -36.77
CA GLU E 75 -2.49 -28.39 -36.87
C GLU E 75 -3.52 -27.84 -35.89
N GLU E 76 -3.07 -27.47 -34.68
CA GLU E 76 -3.98 -27.02 -33.64
C GLU E 76 -4.49 -25.62 -33.92
N ALA E 77 -3.66 -24.80 -34.57
CA ALA E 77 -4.04 -23.46 -34.96
C ALA E 77 -5.16 -23.50 -36.01
N ALA E 78 -4.94 -24.31 -37.05
CA ALA E 78 -5.89 -24.51 -38.13
C ALA E 78 -7.20 -25.09 -37.60
N GLU E 79 -7.13 -26.08 -36.72
CA GLU E 79 -8.34 -26.64 -36.13
C GLU E 79 -9.08 -25.58 -35.31
N TRP E 80 -8.34 -24.64 -34.69
CA TRP E 80 -8.97 -23.61 -33.89
C TRP E 80 -9.74 -22.65 -34.80
N ASP E 81 -9.17 -22.35 -35.96
CA ASP E 81 -9.78 -21.49 -36.97
C ASP E 81 -11.05 -22.14 -37.54
N ARG E 82 -11.08 -23.48 -37.62
CA ARG E 82 -12.26 -24.23 -38.04
C ARG E 82 -13.38 -23.99 -37.02
N LEU E 83 -13.12 -24.28 -35.73
CA LEU E 83 -14.15 -24.23 -34.70
C LEU E 83 -14.59 -22.80 -34.37
N HIS E 84 -13.71 -21.80 -34.50
CA HIS E 84 -14.00 -20.46 -34.03
C HIS E 84 -13.65 -19.45 -35.12
N PRO E 85 -14.46 -19.30 -36.19
CA PRO E 85 -14.07 -18.44 -37.31
C PRO E 85 -14.21 -16.93 -37.00
N VAL E 86 -13.57 -16.10 -37.84
CA VAL E 86 -13.59 -14.66 -37.68
C VAL E 86 -14.06 -14.01 -39.00
N GLY E 89 -15.58 -8.91 -41.27
CA GLY E 89 -15.27 -7.53 -41.72
C GLY E 89 -14.16 -6.89 -40.88
N PRO E 90 -13.82 -5.60 -41.10
CA PRO E 90 -13.01 -4.83 -40.14
C PRO E 90 -13.71 -4.62 -38.79
N ILE E 91 -12.91 -4.62 -37.72
CA ILE E 91 -13.39 -4.71 -36.36
C ILE E 91 -14.06 -3.40 -35.94
N ALA E 92 -14.99 -3.50 -34.98
CA ALA E 92 -15.52 -2.33 -34.31
C ALA E 92 -14.39 -1.49 -33.71
N PRO E 93 -14.31 -0.18 -34.00
CA PRO E 93 -13.26 0.66 -33.39
C PRO E 93 -13.12 0.51 -31.87
N GLY E 94 -11.87 0.39 -31.40
CA GLY E 94 -11.54 0.40 -29.97
C GLY E 94 -12.03 -0.83 -29.20
N GLN E 95 -12.59 -1.81 -29.90
CA GLN E 95 -13.14 -3.00 -29.27
C GLN E 95 -12.17 -4.17 -29.45
N MET E 96 -12.45 -5.26 -28.73
CA MET E 96 -11.54 -6.38 -28.65
C MET E 96 -11.88 -7.39 -29.76
N ARG E 97 -10.91 -7.62 -30.66
CA ARG E 97 -11.11 -8.58 -31.75
C ARG E 97 -11.00 -9.99 -31.20
N GLU E 98 -11.59 -10.96 -31.94
CA GLU E 98 -11.47 -12.36 -31.60
C GLU E 98 -10.10 -12.87 -32.11
N PRO E 99 -9.40 -13.74 -31.37
CA PRO E 99 -8.09 -14.22 -31.80
C PRO E 99 -8.16 -15.41 -32.75
N ARG E 100 -7.44 -15.31 -33.87
CA ARG E 100 -7.19 -16.44 -34.74
C ARG E 100 -6.10 -17.33 -34.14
N GLY E 101 -5.94 -18.52 -34.72
CA GLY E 101 -4.94 -19.48 -34.24
C GLY E 101 -3.53 -18.89 -34.21
N SER E 102 -3.21 -18.04 -35.18
CA SER E 102 -1.88 -17.49 -35.27
C SER E 102 -1.71 -16.37 -34.24
N ASP E 103 -2.82 -15.90 -33.67
CA ASP E 103 -2.78 -14.89 -32.63
C ASP E 103 -2.50 -15.54 -31.28
N ILE E 104 -3.08 -16.73 -31.08
CA ILE E 104 -2.85 -17.51 -29.88
C ILE E 104 -1.39 -17.92 -29.78
N ALA E 105 -0.75 -18.21 -30.92
CA ALA E 105 0.64 -18.62 -30.92
C ALA E 105 1.56 -17.41 -30.92
N GLY E 106 1.00 -16.21 -30.89
CA GLY E 106 1.79 -14.98 -30.73
C GLY E 106 2.51 -14.58 -32.02
N THR E 107 2.08 -15.14 -33.14
CA THR E 107 2.73 -14.89 -34.42
C THR E 107 2.21 -13.60 -35.05
N THR E 108 0.90 -13.36 -34.90
CA THR E 108 0.24 -12.23 -35.55
C THR E 108 -0.42 -11.34 -34.50
N SER E 109 -0.10 -11.53 -33.22
CA SER E 109 -0.70 -10.74 -32.15
C SER E 109 0.40 -9.94 -31.48
N THR E 110 0.01 -8.80 -30.91
CA THR E 110 0.93 -7.99 -30.12
C THR E 110 0.82 -8.41 -28.66
N LEU E 111 1.82 -8.01 -27.86
CA LEU E 111 1.80 -8.27 -26.43
C LEU E 111 0.53 -7.69 -25.80
N GLN E 112 0.16 -6.47 -26.19
CA GLN E 112 -0.99 -5.75 -25.63
C GLN E 112 -2.27 -6.54 -25.92
N GLU E 113 -2.39 -7.04 -27.14
CA GLU E 113 -3.52 -7.87 -27.52
C GLU E 113 -3.58 -9.13 -26.65
N GLN E 114 -2.41 -9.75 -26.39
CA GLN E 114 -2.36 -10.97 -25.59
C GLN E 114 -2.82 -10.67 -24.16
N ILE E 115 -2.31 -9.57 -23.59
CA ILE E 115 -2.72 -9.13 -22.27
C ILE E 115 -4.22 -8.81 -22.25
N GLY E 116 -4.68 -8.11 -23.29
CA GLY E 116 -6.09 -7.81 -23.48
C GLY E 116 -6.97 -9.05 -23.32
N TRP E 117 -6.68 -10.10 -24.10
CA TRP E 117 -7.49 -11.31 -24.08
C TRP E 117 -7.43 -11.99 -22.72
N MET E 118 -6.23 -12.00 -22.12
CA MET E 118 -5.97 -12.81 -20.95
C MET E 118 -6.61 -12.19 -19.70
N THR E 119 -6.70 -10.85 -19.68
CA THR E 119 -7.22 -10.14 -18.52
C THR E 119 -8.65 -9.64 -18.76
N HIS E 120 -9.19 -9.82 -19.97
CA HIS E 120 -10.58 -9.49 -20.24
C HIS E 120 -11.48 -10.20 -19.24
N ASN E 121 -12.62 -9.57 -18.96
CA ASN E 121 -13.66 -10.15 -18.14
C ASN E 121 -14.84 -10.47 -19.04
N PRO E 122 -15.12 -11.76 -19.38
CA PRO E 122 -14.32 -12.90 -18.93
C PRO E 122 -13.07 -13.14 -19.80
N PRO E 123 -12.09 -13.93 -19.33
CA PRO E 123 -10.82 -14.07 -20.05
C PRO E 123 -10.95 -14.95 -21.29
N ILE E 124 -10.28 -14.53 -22.37
CA ILE E 124 -9.86 -15.45 -23.43
C ILE E 124 -8.42 -15.86 -23.13
N PRO E 125 -8.19 -17.06 -22.55
CA PRO E 125 -6.89 -17.40 -21.96
C PRO E 125 -5.92 -17.93 -23.01
N VAL E 126 -5.42 -17.01 -23.84
CA VAL E 126 -4.62 -17.39 -24.99
C VAL E 126 -3.31 -18.03 -24.54
N GLY E 127 -2.78 -17.61 -23.39
CA GLY E 127 -1.63 -18.27 -22.82
C GLY E 127 -1.88 -19.75 -22.55
N GLU E 128 -3.00 -20.04 -21.87
CA GLU E 128 -3.28 -21.41 -21.48
C GLU E 128 -3.60 -22.25 -22.72
N ILE E 129 -4.19 -21.64 -23.75
CA ILE E 129 -4.54 -22.37 -24.95
C ILE E 129 -3.26 -22.72 -25.70
N TYR E 130 -2.39 -21.73 -25.89
CA TYR E 130 -1.13 -21.98 -26.58
C TYR E 130 -0.30 -23.03 -25.83
N LYS E 131 -0.27 -22.93 -24.49
CA LYS E 131 0.44 -23.89 -23.68
C LYS E 131 -0.07 -25.29 -23.96
N ARG E 132 -1.39 -25.41 -24.07
CA ARG E 132 -1.99 -26.73 -24.30
C ARG E 132 -1.48 -27.29 -25.61
N TRP E 133 -1.36 -26.43 -26.64
CA TRP E 133 -0.88 -26.87 -27.94
C TRP E 133 0.56 -27.32 -27.83
N ILE E 134 1.38 -26.51 -27.14
CA ILE E 134 2.80 -26.80 -27.07
C ILE E 134 2.98 -28.15 -26.41
N ILE E 135 2.19 -28.42 -25.37
CA ILE E 135 2.33 -29.64 -24.61
C ILE E 135 1.92 -30.83 -25.48
N LEU E 136 0.87 -30.64 -26.31
CA LEU E 136 0.52 -31.68 -27.27
C LEU E 136 1.74 -32.04 -28.11
N GLY E 137 2.41 -31.02 -28.64
CA GLY E 137 3.59 -31.24 -29.45
C GLY E 137 4.75 -31.85 -28.67
N LEU E 138 4.90 -31.42 -27.40
CA LEU E 138 5.98 -31.92 -26.56
C LEU E 138 5.77 -33.39 -26.27
N ASN E 139 4.51 -33.80 -26.10
CA ASN E 139 4.20 -35.20 -25.84
C ASN E 139 4.56 -36.07 -27.05
N LYS E 140 4.25 -35.61 -28.27
CA LYS E 140 4.61 -36.35 -29.47
C LYS E 140 6.12 -36.52 -29.55
N ILE E 141 6.87 -35.45 -29.24
CA ILE E 141 8.32 -35.52 -29.23
C ILE E 141 8.79 -36.55 -28.18
N VAL E 142 8.21 -36.52 -26.98
CA VAL E 142 8.63 -37.42 -25.91
C VAL E 142 8.44 -38.88 -26.34
N ARG E 143 7.33 -39.23 -27.01
CA ARG E 143 7.13 -40.58 -27.49
CA ARG E 143 7.12 -40.58 -27.49
C ARG E 143 8.20 -40.94 -28.51
N MET E 144 8.50 -39.99 -29.42
CA MET E 144 9.47 -40.21 -30.49
C MET E 144 10.85 -40.53 -29.90
N TYR E 145 11.36 -39.65 -29.04
CA TYR E 145 12.65 -39.82 -28.38
C TYR E 145 12.61 -40.98 -27.37
N SER E 146 11.45 -41.63 -27.12
CA SER E 146 11.41 -42.77 -26.22
C SER E 146 12.03 -43.98 -26.90
N PRO E 147 13.11 -44.53 -26.28
CA PRO E 147 13.90 -45.58 -26.95
C PRO E 147 13.27 -46.97 -27.00
N THR E 148 12.26 -47.24 -26.16
CA THR E 148 11.86 -48.63 -25.97
C THR E 148 10.34 -48.75 -25.92
N SER E 149 9.84 -49.86 -26.50
CA SER E 149 8.45 -50.24 -26.37
C SER E 149 8.24 -50.98 -25.06
N ILE E 150 7.07 -50.77 -24.44
CA ILE E 150 6.73 -51.46 -23.21
C ILE E 150 6.79 -52.97 -23.41
N LEU E 151 6.56 -53.43 -24.64
CA LEU E 151 6.64 -54.85 -24.98
C LEU E 151 8.03 -55.42 -24.76
N ASP E 152 9.08 -54.59 -24.74
CA ASP E 152 10.44 -55.06 -24.59
C ASP E 152 10.96 -54.91 -23.16
N ILE E 153 10.13 -54.44 -22.23
CA ILE E 153 10.57 -54.33 -20.85
C ILE E 153 10.32 -55.65 -20.14
N ARG E 154 11.35 -56.51 -20.14
CA ARG E 154 11.31 -57.81 -19.46
C ARG E 154 12.27 -57.75 -18.27
N GLN E 155 11.91 -58.38 -17.15
CA GLN E 155 12.73 -58.39 -15.94
C GLN E 155 13.95 -59.27 -16.15
N GLY E 156 15.14 -58.71 -15.88
CA GLY E 156 16.37 -59.48 -16.00
C GLY E 156 16.38 -60.66 -15.02
N PRO E 157 17.11 -61.76 -15.33
CA PRO E 157 17.16 -62.91 -14.42
C PRO E 157 17.70 -62.55 -13.03
N LYS E 158 18.55 -61.52 -12.94
CA LYS E 158 19.11 -61.08 -11.67
C LYS E 158 18.58 -59.70 -11.25
N GLU E 159 17.62 -59.12 -11.99
CA GLU E 159 17.15 -57.76 -11.75
C GLU E 159 16.15 -57.76 -10.59
N PRO E 160 16.37 -56.93 -9.55
CA PRO E 160 15.38 -56.82 -8.48
C PRO E 160 14.04 -56.31 -9.03
N PHE E 161 12.96 -56.83 -8.48
CA PHE E 161 11.64 -56.53 -9.00
C PHE E 161 11.48 -55.01 -9.13
N ARG E 162 11.86 -54.27 -8.08
CA ARG E 162 11.62 -52.83 -8.03
C ARG E 162 12.24 -52.10 -9.23
N ASP E 163 13.46 -52.50 -9.61
CA ASP E 163 14.14 -51.85 -10.72
C ASP E 163 13.40 -52.11 -12.04
N TYR E 164 12.88 -53.34 -12.20
CA TYR E 164 12.06 -53.72 -13.33
C TYR E 164 10.84 -52.81 -13.43
N VAL E 165 10.14 -52.69 -12.30
CA VAL E 165 8.95 -51.89 -12.25
C VAL E 165 9.26 -50.43 -12.59
N ASP E 166 10.37 -49.88 -12.09
CA ASP E 166 10.80 -48.55 -12.46
C ASP E 166 10.91 -48.40 -13.97
N ARG E 167 11.56 -49.38 -14.61
CA ARG E 167 11.76 -49.35 -16.06
C ARG E 167 10.40 -49.47 -16.76
N PHE E 168 9.60 -50.44 -16.27
CA PHE E 168 8.30 -50.68 -16.84
C PHE E 168 7.55 -49.35 -16.93
N TYR E 169 7.36 -48.70 -15.80
CA TYR E 169 6.54 -47.50 -15.75
C TYR E 169 7.28 -46.30 -16.33
N LYS E 170 8.62 -46.26 -16.28
CA LYS E 170 9.33 -45.20 -16.99
C LYS E 170 8.95 -45.28 -18.46
N THR E 171 9.08 -46.48 -19.02
CA THR E 171 8.81 -46.69 -20.43
C THR E 171 7.35 -46.37 -20.75
N LEU E 172 6.45 -46.84 -19.89
CA LEU E 172 5.03 -46.67 -20.10
C LEU E 172 4.62 -45.20 -20.12
N ARG E 173 5.23 -44.38 -19.23
CA ARG E 173 5.00 -42.94 -19.18
C ARG E 173 5.36 -42.26 -20.50
N ALA E 174 6.39 -42.74 -21.20
CA ALA E 174 6.84 -42.07 -22.40
C ALA E 174 5.85 -42.33 -23.55
N GLU E 175 5.04 -43.39 -23.46
CA GLU E 175 4.20 -43.81 -24.58
C GLU E 175 2.79 -43.20 -24.53
N THR E 188 -1.16 -57.09 -16.01
CA THR E 188 -1.30 -57.60 -17.41
C THR E 188 0.03 -58.08 -18.00
N LEU E 189 0.73 -57.12 -18.63
CA LEU E 189 2.08 -57.23 -19.13
C LEU E 189 3.11 -57.26 -18.01
N LEU E 190 2.78 -56.66 -16.85
CA LEU E 190 3.76 -56.50 -15.80
C LEU E 190 4.11 -57.87 -15.22
N VAL E 191 3.08 -58.66 -14.90
CA VAL E 191 3.28 -60.00 -14.39
C VAL E 191 3.85 -60.89 -15.48
N GLN E 192 3.26 -60.80 -16.67
CA GLN E 192 3.70 -61.57 -17.83
C GLN E 192 5.22 -61.48 -17.99
N ASN E 193 5.75 -60.25 -17.87
CA ASN E 193 7.11 -59.94 -18.26
C ASN E 193 8.08 -60.08 -17.10
N ALA E 194 7.58 -60.37 -15.91
CA ALA E 194 8.42 -60.69 -14.78
C ALA E 194 9.22 -61.94 -15.09
N ASN E 195 10.28 -62.18 -14.31
CA ASN E 195 11.16 -63.32 -14.47
C ASN E 195 10.47 -64.53 -13.82
N PRO E 196 10.87 -65.76 -14.21
CA PRO E 196 10.14 -66.96 -13.78
C PRO E 196 9.87 -67.06 -12.28
N ASP E 197 10.90 -66.79 -11.46
CA ASP E 197 10.78 -66.94 -10.01
C ASP E 197 9.68 -66.02 -9.48
N CYS E 198 9.73 -64.74 -9.87
CA CYS E 198 8.82 -63.73 -9.36
C CYS E 198 7.45 -63.91 -10.02
N LYS E 199 7.42 -64.33 -11.30
CA LYS E 199 6.16 -64.57 -11.98
C LYS E 199 5.32 -65.64 -11.26
N THR E 200 5.98 -66.70 -10.80
CA THR E 200 5.29 -67.76 -10.09
C THR E 200 4.67 -67.18 -8.81
N ILE E 201 5.46 -66.45 -8.03
CA ILE E 201 5.02 -65.85 -6.78
C ILE E 201 3.85 -64.89 -7.03
N LEU E 202 3.93 -64.07 -8.07
CA LEU E 202 2.89 -63.09 -8.36
C LEU E 202 1.59 -63.79 -8.71
N LYS E 203 1.68 -64.83 -9.56
CA LYS E 203 0.51 -65.57 -10.00
C LYS E 203 -0.21 -66.18 -8.79
N ALA E 204 0.56 -66.57 -7.77
CA ALA E 204 0.02 -67.17 -6.54
C ALA E 204 -0.75 -66.16 -5.70
N LEU E 205 -0.49 -64.84 -5.87
CA LEU E 205 -1.30 -63.83 -5.21
C LEU E 205 -2.66 -63.78 -5.88
N GLY E 206 -2.77 -64.13 -7.17
CA GLY E 206 -4.06 -64.23 -7.80
C GLY E 206 -4.73 -62.87 -7.95
N PRO E 207 -5.96 -62.83 -8.49
CA PRO E 207 -6.52 -61.58 -9.01
C PRO E 207 -6.52 -60.44 -7.98
N GLY E 208 -6.39 -59.20 -8.49
CA GLY E 208 -6.68 -58.02 -7.71
C GLY E 208 -5.53 -57.58 -6.80
N ALA E 209 -4.35 -58.20 -6.93
CA ALA E 209 -3.21 -57.80 -6.10
C ALA E 209 -2.78 -56.37 -6.41
N THR E 210 -2.40 -55.61 -5.36
CA THR E 210 -1.90 -54.26 -5.52
C THR E 210 -0.40 -54.29 -5.85
N LEU E 211 0.09 -53.16 -6.38
CA LEU E 211 1.49 -53.02 -6.71
C LEU E 211 2.34 -53.10 -5.44
N GLU E 212 1.87 -52.49 -4.35
CA GLU E 212 2.57 -52.60 -3.08
C GLU E 212 2.74 -54.07 -2.71
N GLU E 213 1.66 -54.86 -2.88
CA GLU E 213 1.67 -56.26 -2.50
C GLU E 213 2.61 -57.05 -3.39
N MET E 214 2.54 -56.79 -4.71
CA MET E 214 3.38 -57.46 -5.68
C MET E 214 4.86 -57.24 -5.33
N MET E 215 5.19 -56.00 -4.96
CA MET E 215 6.57 -55.61 -4.76
C MET E 215 7.12 -56.19 -3.47
N THR E 216 6.28 -56.23 -2.43
CA THR E 216 6.64 -56.87 -1.18
C THR E 216 6.97 -58.33 -1.44
N ALA E 217 6.10 -58.99 -2.22
CA ALA E 217 6.21 -60.42 -2.47
C ALA E 217 7.44 -60.79 -3.29
N CYS E 218 8.15 -59.82 -3.92
CA CYS E 218 9.30 -60.16 -4.75
C CYS E 218 10.55 -59.41 -4.29
N GLN E 219 10.62 -59.04 -3.00
CA GLN E 219 11.59 -58.06 -2.53
C GLN E 219 12.96 -58.68 -2.27
N PRO F 1 15.86 -0.93 -16.02
CA PRO F 1 14.57 -0.92 -16.70
C PRO F 1 13.66 0.18 -16.17
N ILE F 2 12.37 0.22 -16.49
CA ILE F 2 11.56 1.29 -15.95
C ILE F 2 10.56 0.76 -14.91
N VAL F 3 10.53 1.43 -13.74
CA VAL F 3 9.59 1.16 -12.67
C VAL F 3 8.91 2.45 -12.23
N GLN F 9 6.21 10.60 -11.69
CA GLN F 9 6.43 9.55 -10.67
C GLN F 9 7.21 8.35 -11.26
N MET F 10 7.52 8.36 -12.57
CA MET F 10 7.94 7.16 -13.32
C MET F 10 9.47 7.16 -13.43
N VAL F 11 10.11 6.05 -12.99
CA VAL F 11 11.52 6.09 -12.58
C VAL F 11 12.24 4.78 -12.98
N HIS F 12 13.53 4.93 -13.26
CA HIS F 12 14.53 3.91 -13.57
C HIS F 12 14.83 3.00 -12.37
N GLN F 13 14.45 1.73 -12.52
CA GLN F 13 15.01 0.62 -11.74
C GLN F 13 16.35 0.15 -12.30
N CYS F 14 17.26 -0.20 -11.40
CA CYS F 14 18.59 -0.61 -11.77
C CYS F 14 18.54 -1.98 -12.41
N ILE F 15 19.49 -2.27 -13.31
CA ILE F 15 19.61 -3.63 -13.79
C ILE F 15 20.11 -4.45 -12.60
N SER F 16 19.54 -5.64 -12.44
CA SER F 16 19.85 -6.44 -11.29
C SER F 16 21.16 -7.19 -11.56
N PRO F 17 21.93 -7.54 -10.51
CA PRO F 17 23.06 -8.44 -10.65
C PRO F 17 22.77 -9.77 -11.34
N ARG F 18 21.59 -10.32 -11.12
CA ARG F 18 21.24 -11.62 -11.70
C ARG F 18 21.17 -11.40 -13.21
N THR F 19 20.48 -10.33 -13.64
CA THR F 19 20.40 -10.02 -15.06
C THR F 19 21.78 -9.79 -15.66
N LEU F 20 22.62 -9.01 -14.98
CA LEU F 20 23.90 -8.64 -15.55
C LEU F 20 24.72 -9.90 -15.79
N ASN F 21 24.73 -10.77 -14.78
CA ASN F 21 25.58 -11.93 -14.80
C ASN F 21 25.07 -12.93 -15.85
N ALA F 22 23.75 -13.01 -15.99
CA ALA F 22 23.14 -13.96 -16.91
C ALA F 22 23.55 -13.63 -18.34
N TRP F 23 23.59 -12.32 -18.66
CA TRP F 23 23.94 -11.91 -20.01
C TRP F 23 25.41 -12.19 -20.27
N VAL F 24 26.27 -11.91 -19.29
CA VAL F 24 27.69 -12.11 -19.49
C VAL F 24 27.94 -13.60 -19.72
N LYS F 25 27.30 -14.44 -18.91
CA LYS F 25 27.53 -15.88 -18.94
C LYS F 25 27.05 -16.47 -20.26
N VAL F 26 25.87 -16.04 -20.72
CA VAL F 26 25.34 -16.53 -21.96
C VAL F 26 26.35 -16.30 -23.07
N VAL F 27 26.92 -15.09 -23.11
CA VAL F 27 27.86 -14.75 -24.16
C VAL F 27 29.14 -15.56 -23.98
N GLU F 28 29.57 -15.78 -22.73
CA GLU F 28 30.78 -16.56 -22.51
C GLU F 28 30.58 -17.99 -23.00
N GLU F 29 29.40 -18.56 -22.74
CA GLU F 29 29.22 -20.00 -22.90
C GLU F 29 28.73 -20.33 -24.31
N LYS F 30 28.06 -19.40 -25.00
CA LYS F 30 27.39 -19.73 -26.26
C LYS F 30 27.81 -18.82 -27.41
N ALA F 31 28.67 -17.83 -27.13
CA ALA F 31 29.22 -16.99 -28.18
C ALA F 31 28.07 -16.40 -28.98
N PHE F 32 27.99 -16.67 -30.30
CA PHE F 32 26.91 -16.13 -31.11
C PHE F 32 26.11 -17.24 -31.77
N SER F 33 25.92 -18.31 -31.02
CA SER F 33 24.94 -19.31 -31.35
C SER F 33 23.55 -18.64 -31.36
N PRO F 34 22.60 -19.06 -32.24
CA PRO F 34 21.36 -18.32 -32.44
C PRO F 34 20.54 -18.03 -31.20
N GLU F 35 20.53 -18.94 -30.22
CA GLU F 35 19.63 -18.80 -29.08
C GLU F 35 20.12 -17.70 -28.13
N VAL F 36 21.30 -17.12 -28.38
CA VAL F 36 21.74 -15.98 -27.59
C VAL F 36 20.81 -14.79 -27.82
N ILE F 37 20.23 -14.69 -29.03
CA ILE F 37 19.45 -13.50 -29.39
C ILE F 37 18.21 -13.43 -28.51
N PRO F 38 17.35 -14.48 -28.49
CA PRO F 38 16.13 -14.44 -27.68
C PRO F 38 16.44 -14.32 -26.20
N MET F 39 17.60 -14.83 -25.76
CA MET F 39 17.99 -14.65 -24.38
C MET F 39 18.31 -13.17 -24.11
N PHE F 40 19.02 -12.53 -25.05
CA PHE F 40 19.31 -11.11 -24.94
C PHE F 40 18.00 -10.35 -24.80
N SER F 41 17.05 -10.69 -25.66
CA SER F 41 15.78 -9.99 -25.73
C SER F 41 14.99 -10.16 -24.44
N ALA F 42 14.99 -11.38 -23.90
CA ALA F 42 14.28 -11.65 -22.66
C ALA F 42 14.99 -10.95 -21.51
N LEU F 43 16.31 -11.09 -21.41
CA LEU F 43 17.06 -10.45 -20.34
C LEU F 43 16.95 -8.92 -20.41
N SER F 44 16.63 -8.36 -21.58
CA SER F 44 16.56 -6.91 -21.73
C SER F 44 15.10 -6.41 -21.74
N CYS F 45 14.18 -7.27 -21.29
CA CYS F 45 12.80 -6.85 -21.11
C CYS F 45 12.77 -5.59 -20.26
N GLY F 46 12.01 -4.58 -20.73
CA GLY F 46 11.82 -3.32 -20.04
C GLY F 46 13.00 -2.34 -20.16
N ALA F 47 14.03 -2.71 -20.91
CA ALA F 47 15.29 -1.99 -20.88
C ALA F 47 15.19 -0.59 -21.49
N THR F 48 15.95 0.35 -20.91
CA THR F 48 16.20 1.64 -21.52
C THR F 48 17.40 1.54 -22.46
N PRO F 49 17.58 2.50 -23.40
CA PRO F 49 18.79 2.51 -24.21
C PRO F 49 20.05 2.41 -23.35
N GLN F 50 20.07 3.09 -22.20
CA GLN F 50 21.23 3.02 -21.32
C GLN F 50 21.46 1.57 -20.85
N ASP F 51 20.38 0.90 -20.46
CA ASP F 51 20.46 -0.47 -19.99
C ASP F 51 20.98 -1.38 -21.10
N LEU F 52 20.53 -1.13 -22.34
CA LEU F 52 21.00 -1.88 -23.48
C LEU F 52 22.50 -1.64 -23.69
N ASN F 53 22.94 -0.38 -23.59
CA ASN F 53 24.37 -0.09 -23.71
C ASN F 53 25.15 -0.74 -22.57
N THR F 54 24.60 -0.68 -21.36
CA THR F 54 25.23 -1.32 -20.23
C THR F 54 25.46 -2.79 -20.55
N MET F 55 24.42 -3.46 -21.04
CA MET F 55 24.50 -4.88 -21.29
C MET F 55 25.55 -5.16 -22.36
N LEU F 56 25.55 -4.35 -23.45
CA LEU F 56 26.50 -4.58 -24.53
C LEU F 56 27.93 -4.31 -24.05
N ASN F 57 28.10 -3.29 -23.20
CA ASN F 57 29.43 -2.92 -22.77
C ASN F 57 30.03 -3.98 -21.85
N THR F 58 29.20 -4.80 -21.19
CA THR F 58 29.74 -5.72 -20.19
C THR F 58 30.34 -6.93 -20.86
N VAL F 59 30.08 -7.08 -22.17
CA VAL F 59 30.67 -8.18 -22.93
C VAL F 59 32.14 -7.89 -23.10
N GLY F 60 32.98 -8.77 -22.57
CA GLY F 60 34.41 -8.80 -22.87
C GLY F 60 34.68 -9.80 -23.98
N GLY F 61 35.59 -9.45 -24.88
CA GLY F 61 35.87 -10.26 -26.05
C GLY F 61 34.87 -9.97 -27.17
N HIS F 62 34.94 -10.77 -28.23
CA HIS F 62 34.10 -10.58 -29.39
C HIS F 62 34.08 -9.12 -29.86
N GLN F 63 35.21 -8.43 -29.88
CA GLN F 63 35.15 -7.01 -30.16
C GLN F 63 35.02 -6.79 -31.66
N ALA F 64 35.41 -7.75 -32.48
CA ALA F 64 35.07 -7.67 -33.89
C ALA F 64 33.55 -7.61 -34.03
N ALA F 65 32.89 -8.58 -33.43
CA ALA F 65 31.44 -8.66 -33.52
C ALA F 65 30.81 -7.37 -33.01
N MET F 66 31.33 -6.85 -31.89
CA MET F 66 30.74 -5.70 -31.24
C MET F 66 30.90 -4.45 -32.11
N GLN F 67 31.99 -4.36 -32.87
CA GLN F 67 32.20 -3.24 -33.76
C GLN F 67 31.29 -3.39 -34.99
N MET F 68 31.14 -4.62 -35.48
CA MET F 68 30.19 -4.89 -36.54
C MET F 68 28.82 -4.42 -36.11
N LEU F 69 28.50 -4.69 -34.84
CA LEU F 69 27.20 -4.35 -34.30
C LEU F 69 26.98 -2.83 -34.36
N LYS F 70 27.99 -2.03 -34.05
CA LYS F 70 27.89 -0.58 -34.17
C LYS F 70 27.58 -0.15 -35.60
N GLU F 71 28.26 -0.71 -36.60
CA GLU F 71 27.97 -0.38 -37.97
C GLU F 71 26.47 -0.56 -38.25
N THR F 72 25.91 -1.71 -37.85
CA THR F 72 24.51 -1.98 -38.13
C THR F 72 23.63 -0.97 -37.39
N ILE F 73 23.95 -0.72 -36.12
CA ILE F 73 23.19 0.25 -35.35
C ILE F 73 23.21 1.59 -36.07
N ASN F 74 24.37 2.00 -36.59
CA ASN F 74 24.49 3.27 -37.31
C ASN F 74 23.59 3.35 -38.54
N GLU F 75 23.60 2.32 -39.41
CA GLU F 75 22.76 2.31 -40.60
C GLU F 75 21.31 2.55 -40.17
N GLU F 76 20.89 1.94 -39.06
CA GLU F 76 19.50 2.01 -38.63
C GLU F 76 19.20 3.38 -38.03
N ALA F 77 20.20 3.99 -37.39
CA ALA F 77 20.06 5.33 -36.84
C ALA F 77 19.84 6.35 -37.96
N ALA F 78 20.72 6.29 -38.96
CA ALA F 78 20.68 7.17 -40.12
C ALA F 78 19.36 7.00 -40.89
N GLU F 79 18.92 5.76 -41.09
CA GLU F 79 17.64 5.53 -41.76
C GLU F 79 16.49 6.10 -40.94
N TRP F 80 16.61 6.09 -39.61
CA TRP F 80 15.56 6.62 -38.75
C TRP F 80 15.48 8.14 -38.92
N ASP F 81 16.64 8.79 -39.04
CA ASP F 81 16.75 10.23 -39.25
C ASP F 81 16.16 10.62 -40.60
N ARG F 82 16.28 9.75 -41.61
CA ARG F 82 15.67 9.96 -42.92
C ARG F 82 14.16 10.00 -42.76
N LEU F 83 13.56 8.94 -42.18
CA LEU F 83 12.11 8.80 -42.10
C LEU F 83 11.46 9.79 -41.12
N HIS F 84 12.17 10.21 -40.06
CA HIS F 84 11.56 10.99 -39.00
C HIS F 84 12.44 12.20 -38.68
N PRO F 85 12.48 13.25 -39.52
CA PRO F 85 13.43 14.35 -39.31
C PRO F 85 13.04 15.27 -38.15
N VAL F 86 14.03 16.06 -37.68
CA VAL F 86 13.85 16.93 -36.52
C VAL F 86 14.40 18.31 -36.92
N PRO F 90 14.73 25.69 -32.52
CA PRO F 90 14.82 25.41 -31.07
C PRO F 90 13.51 24.90 -30.46
N ILE F 91 13.62 23.96 -29.53
CA ILE F 91 12.47 23.20 -29.05
C ILE F 91 11.65 24.05 -28.10
N ALA F 92 10.34 23.78 -28.03
CA ALA F 92 9.46 24.49 -27.13
C ALA F 92 9.94 24.32 -25.68
N PRO F 93 10.14 25.41 -24.91
CA PRO F 93 10.53 25.27 -23.50
C PRO F 93 9.70 24.26 -22.70
N GLY F 94 10.40 23.40 -21.92
CA GLY F 94 9.78 22.48 -20.98
C GLY F 94 8.97 21.35 -21.62
N GLN F 95 9.02 21.24 -22.95
CA GLN F 95 8.27 20.24 -23.69
C GLN F 95 9.21 19.10 -24.10
N MET F 96 8.60 18.04 -24.64
CA MET F 96 9.30 16.82 -24.98
C MET F 96 9.77 16.91 -26.44
N ARG F 97 11.10 16.88 -26.64
CA ARG F 97 11.66 16.91 -27.99
C ARG F 97 11.49 15.55 -28.65
N GLU F 98 11.56 15.54 -29.99
CA GLU F 98 11.52 14.31 -30.75
C GLU F 98 12.91 13.68 -30.75
N PRO F 99 13.04 12.34 -30.63
CA PRO F 99 14.36 11.69 -30.58
C PRO F 99 14.96 11.44 -31.96
N ARG F 100 16.21 11.85 -32.13
CA ARG F 100 17.02 11.45 -33.28
C ARG F 100 17.55 10.03 -33.07
N GLY F 101 18.10 9.44 -34.12
CA GLY F 101 18.63 8.08 -34.10
C GLY F 101 19.67 7.90 -32.99
N SER F 102 20.48 8.92 -32.75
CA SER F 102 21.54 8.83 -31.78
C SER F 102 20.97 8.94 -30.37
N ASP F 103 19.72 9.40 -30.27
CA ASP F 103 19.04 9.50 -28.98
C ASP F 103 18.46 8.15 -28.61
N ILE F 104 17.94 7.43 -29.62
CA ILE F 104 17.42 6.10 -29.43
C ILE F 104 18.54 5.15 -28.98
N ALA F 105 19.76 5.34 -29.48
CA ALA F 105 20.88 4.50 -29.11
C ALA F 105 21.51 4.96 -27.82
N GLY F 106 20.98 6.02 -27.21
CA GLY F 106 21.43 6.45 -25.90
C GLY F 106 22.78 7.19 -25.94
N THR F 107 23.18 7.61 -27.13
CA THR F 107 24.45 8.27 -27.32
C THR F 107 24.37 9.76 -26.98
N THR F 108 23.24 10.39 -27.35
CA THR F 108 23.06 11.82 -27.21
C THR F 108 21.84 12.12 -26.35
N SER F 109 21.31 11.11 -25.65
CA SER F 109 20.13 11.27 -24.82
C SER F 109 20.53 11.01 -23.38
N THR F 110 19.81 11.64 -22.45
CA THR F 110 19.99 11.37 -21.03
C THR F 110 19.02 10.28 -20.63
N LEU F 111 19.27 9.68 -19.46
CA LEU F 111 18.38 8.68 -18.91
C LEU F 111 16.97 9.24 -18.76
N GLN F 112 16.86 10.49 -18.27
CA GLN F 112 15.57 11.13 -18.00
C GLN F 112 14.79 11.29 -19.30
N GLU F 113 15.49 11.70 -20.36
CA GLU F 113 14.89 11.80 -21.69
C GLU F 113 14.37 10.44 -22.15
N GLN F 114 15.14 9.37 -21.90
CA GLN F 114 14.76 8.03 -22.32
C GLN F 114 13.48 7.60 -21.58
N ILE F 115 13.47 7.83 -20.28
CA ILE F 115 12.30 7.54 -19.46
C ILE F 115 11.11 8.38 -19.93
N GLY F 116 11.36 9.67 -20.18
CA GLY F 116 10.37 10.58 -20.75
C GLY F 116 9.64 9.97 -21.96
N TRP F 117 10.42 9.58 -22.97
CA TRP F 117 9.84 9.05 -24.20
C TRP F 117 9.08 7.75 -23.94
N MET F 118 9.64 6.90 -23.07
CA MET F 118 9.15 5.55 -22.89
C MET F 118 7.84 5.54 -22.11
N THR F 119 7.69 6.50 -21.18
CA THR F 119 6.51 6.56 -20.33
C THR F 119 5.52 7.65 -20.77
N HIS F 120 5.87 8.43 -21.79
CA HIS F 120 4.95 9.41 -22.36
C HIS F 120 3.66 8.71 -22.77
N ASN F 121 2.56 9.46 -22.73
CA ASN F 121 1.27 9.01 -23.19
C ASN F 121 0.94 9.80 -24.46
N PRO F 122 1.00 9.19 -25.67
CA PRO F 122 1.40 7.80 -25.87
C PRO F 122 2.93 7.61 -25.90
N PRO F 123 3.44 6.37 -25.74
CA PRO F 123 4.88 6.15 -25.61
C PRO F 123 5.62 6.28 -26.95
N ILE F 124 6.79 6.92 -26.90
CA ILE F 124 7.82 6.73 -27.90
C ILE F 124 8.78 5.66 -27.37
N PRO F 125 8.66 4.39 -27.82
CA PRO F 125 9.33 3.27 -27.14
C PRO F 125 10.78 3.11 -27.61
N VAL F 126 11.63 4.02 -27.16
CA VAL F 126 12.99 4.08 -27.63
C VAL F 126 13.77 2.83 -27.22
N GLY F 127 13.42 2.24 -26.08
CA GLY F 127 14.00 0.97 -25.69
C GLY F 127 13.72 -0.11 -26.71
N GLU F 128 12.45 -0.25 -27.10
CA GLU F 128 12.08 -1.32 -28.00
C GLU F 128 12.66 -1.07 -29.40
N ILE F 129 12.80 0.19 -29.79
CA ILE F 129 13.33 0.52 -31.10
C ILE F 129 14.81 0.18 -31.13
N TYR F 130 15.55 0.62 -30.12
CA TYR F 130 16.97 0.34 -30.07
C TYR F 130 17.21 -1.17 -30.01
N LYS F 131 16.39 -1.89 -29.23
CA LYS F 131 16.51 -3.33 -29.12
C LYS F 131 16.37 -3.94 -30.51
N ARG F 132 15.41 -3.43 -31.28
CA ARG F 132 15.17 -3.98 -32.61
C ARG F 132 16.43 -3.83 -33.46
N TRP F 133 17.09 -2.68 -33.33
CA TRP F 133 18.31 -2.42 -34.10
C TRP F 133 19.40 -3.40 -33.68
N ILE F 134 19.56 -3.56 -32.36
CA ILE F 134 20.63 -4.38 -31.85
C ILE F 134 20.44 -5.80 -32.36
N ILE F 135 19.19 -6.26 -32.38
CA ILE F 135 18.89 -7.63 -32.78
C ILE F 135 19.18 -7.78 -34.26
N LEU F 136 18.88 -6.75 -35.07
CA LEU F 136 19.27 -6.79 -36.47
C LEU F 136 20.76 -7.07 -36.59
N GLY F 137 21.56 -6.33 -35.82
CA GLY F 137 23.00 -6.49 -35.84
C GLY F 137 23.43 -7.85 -35.31
N LEU F 138 22.73 -8.34 -34.28
CA LEU F 138 23.08 -9.61 -33.66
C LEU F 138 22.81 -10.74 -34.66
N ASN F 139 21.74 -10.60 -35.45
CA ASN F 139 21.42 -11.60 -36.46
C ASN F 139 22.50 -11.66 -37.54
N LYS F 140 23.01 -10.50 -37.99
CA LYS F 140 24.08 -10.48 -38.98
C LYS F 140 25.32 -11.17 -38.42
N ILE F 141 25.65 -10.91 -37.16
CA ILE F 141 26.76 -11.59 -36.52
C ILE F 141 26.53 -13.10 -36.47
N VAL F 142 25.32 -13.55 -36.11
CA VAL F 142 25.03 -14.97 -36.00
C VAL F 142 25.24 -15.66 -37.34
N ARG F 143 24.81 -15.04 -38.45
CA ARG F 143 25.03 -15.63 -39.77
C ARG F 143 26.53 -15.72 -40.04
N MET F 144 27.27 -14.65 -39.70
CA MET F 144 28.71 -14.57 -39.95
C MET F 144 29.43 -15.71 -39.23
N TYR F 145 29.24 -15.83 -37.92
CA TYR F 145 29.85 -16.86 -37.10
C TYR F 145 29.27 -18.25 -37.43
N SER F 146 28.26 -18.36 -38.30
CA SER F 146 27.75 -19.66 -38.71
C SER F 146 28.74 -20.32 -39.66
N PRO F 147 29.28 -21.51 -39.28
CA PRO F 147 30.38 -22.11 -40.03
C PRO F 147 30.00 -22.76 -41.37
N THR F 148 28.72 -23.06 -41.58
CA THR F 148 28.35 -23.94 -42.67
C THR F 148 27.10 -23.43 -43.39
N SER F 149 27.10 -23.62 -44.71
CA SER F 149 25.93 -23.40 -45.53
C SER F 149 25.01 -24.61 -45.46
N ILE F 150 23.71 -24.38 -45.52
CA ILE F 150 22.72 -25.45 -45.52
C ILE F 150 22.99 -26.40 -46.68
N LEU F 151 23.58 -25.90 -47.78
CA LEU F 151 23.92 -26.73 -48.92
C LEU F 151 24.91 -27.82 -48.57
N ASP F 152 25.70 -27.65 -47.50
CA ASP F 152 26.74 -28.60 -47.15
C ASP F 152 26.30 -29.54 -46.03
N ILE F 153 25.05 -29.44 -45.55
CA ILE F 153 24.58 -30.35 -44.53
C ILE F 153 24.04 -31.61 -45.20
N ARG F 154 24.93 -32.61 -45.31
CA ARG F 154 24.61 -33.90 -45.91
C ARG F 154 24.62 -34.95 -44.80
N GLN F 155 23.69 -35.91 -44.86
CA GLN F 155 23.59 -36.96 -43.86
C GLN F 155 24.74 -37.95 -44.00
N GLY F 156 25.45 -38.20 -42.90
CA GLY F 156 26.54 -39.16 -42.91
C GLY F 156 26.05 -40.57 -43.26
N PRO F 157 26.91 -41.43 -43.83
CA PRO F 157 26.48 -42.79 -44.19
C PRO F 157 25.98 -43.60 -43.01
N LYS F 158 26.48 -43.31 -41.80
CA LYS F 158 26.06 -44.02 -40.59
C LYS F 158 25.28 -43.10 -39.64
N GLU F 159 24.99 -41.84 -40.04
CA GLU F 159 24.39 -40.85 -39.16
C GLU F 159 22.90 -41.11 -39.04
N PRO F 160 22.35 -41.25 -37.83
CA PRO F 160 20.91 -41.40 -37.67
C PRO F 160 20.17 -40.19 -38.21
N PHE F 161 19.02 -40.43 -38.82
CA PHE F 161 18.29 -39.38 -39.49
C PHE F 161 18.12 -38.19 -38.53
N ARG F 162 17.71 -38.46 -37.28
CA ARG F 162 17.38 -37.41 -36.34
C ARG F 162 18.54 -36.44 -36.12
N ASP F 163 19.76 -36.96 -36.04
CA ASP F 163 20.94 -36.14 -35.81
C ASP F 163 21.21 -35.23 -37.01
N TYR F 164 21.00 -35.78 -38.22
CA TYR F 164 21.08 -35.03 -39.46
C TYR F 164 20.11 -33.86 -39.45
N VAL F 165 18.86 -34.16 -39.10
CA VAL F 165 17.82 -33.15 -39.07
C VAL F 165 18.18 -32.06 -38.05
N ASP F 166 18.69 -32.44 -36.87
CA ASP F 166 19.15 -31.46 -35.89
C ASP F 166 20.16 -30.50 -36.52
N ARG F 167 21.14 -31.07 -37.26
CA ARG F 167 22.17 -30.25 -37.89
C ARG F 167 21.54 -29.37 -38.98
N PHE F 168 20.70 -30.01 -39.79
CA PHE F 168 20.04 -29.32 -40.88
C PHE F 168 19.41 -28.04 -40.34
N TYR F 169 18.51 -28.19 -39.36
CA TYR F 169 17.76 -27.07 -38.86
C TYR F 169 18.61 -26.17 -37.96
N LYS F 170 19.64 -26.71 -37.28
CA LYS F 170 20.55 -25.82 -36.57
C LYS F 170 21.15 -24.85 -37.58
N THR F 171 21.69 -25.40 -38.66
CA THR F 171 22.36 -24.61 -39.69
C THR F 171 21.38 -23.61 -40.30
N LEU F 172 20.17 -24.09 -40.60
CA LEU F 172 19.17 -23.28 -41.26
C LEU F 172 18.76 -22.07 -40.41
N ARG F 173 18.64 -22.27 -39.07
CA ARG F 173 18.33 -21.21 -38.12
C ARG F 173 19.39 -20.09 -38.16
N ALA F 174 20.65 -20.42 -38.40
CA ALA F 174 21.70 -19.43 -38.36
C ALA F 174 21.61 -18.51 -39.59
N GLU F 175 20.94 -18.93 -40.67
CA GLU F 175 20.91 -18.14 -41.89
C GLU F 175 19.71 -17.17 -41.95
N THR F 188 12.53 -30.48 -49.48
CA THR F 188 13.32 -30.01 -50.68
C THR F 188 14.77 -30.45 -50.63
N LEU F 189 15.61 -29.66 -49.92
CA LEU F 189 17.00 -29.99 -49.66
C LEU F 189 17.15 -31.11 -48.63
N LEU F 190 16.16 -31.27 -47.75
CA LEU F 190 16.29 -32.18 -46.64
C LEU F 190 16.31 -33.61 -47.16
N VAL F 191 15.37 -33.96 -48.04
CA VAL F 191 15.33 -35.27 -48.65
C VAL F 191 16.52 -35.45 -49.58
N GLN F 192 16.77 -34.42 -50.41
CA GLN F 192 17.87 -34.43 -51.36
C GLN F 192 19.16 -34.86 -50.67
N ASN F 193 19.41 -34.29 -49.47
CA ASN F 193 20.71 -34.37 -48.83
C ASN F 193 20.80 -35.55 -47.86
N ALA F 194 19.69 -36.27 -47.70
CA ALA F 194 19.69 -37.51 -46.94
C ALA F 194 20.61 -38.50 -47.63
N ASN F 195 20.97 -39.55 -46.89
CA ASN F 195 21.83 -40.61 -47.39
C ASN F 195 20.98 -41.55 -48.24
N PRO F 196 21.60 -42.33 -49.14
CA PRO F 196 20.85 -43.13 -50.12
C PRO F 196 19.75 -43.99 -49.52
N ASP F 197 20.04 -44.70 -48.41
CA ASP F 197 19.08 -45.64 -47.83
C ASP F 197 17.81 -44.88 -47.43
N CYS F 198 17.99 -43.77 -46.70
CA CYS F 198 16.87 -43.00 -46.14
C CYS F 198 16.23 -42.19 -47.26
N LYS F 199 17.01 -41.71 -48.22
CA LYS F 199 16.47 -40.97 -49.36
C LYS F 199 15.45 -41.81 -50.14
N THR F 200 15.76 -43.09 -50.35
CA THR F 200 14.85 -43.98 -51.07
C THR F 200 13.54 -44.07 -50.29
N ILE F 201 13.62 -44.35 -48.99
CA ILE F 201 12.45 -44.49 -48.14
C ILE F 201 11.61 -43.21 -48.14
N LEU F 202 12.28 -42.05 -48.06
CA LEU F 202 11.57 -40.78 -48.00
C LEU F 202 10.82 -40.53 -49.31
N LYS F 203 11.49 -40.78 -50.43
CA LYS F 203 10.90 -40.58 -51.74
C LYS F 203 9.63 -41.42 -51.90
N ALA F 204 9.62 -42.61 -51.28
CA ALA F 204 8.49 -43.53 -51.33
C ALA F 204 7.29 -43.01 -50.52
N LEU F 205 7.51 -42.11 -49.56
CA LEU F 205 6.40 -41.46 -48.88
C LEU F 205 5.74 -40.47 -49.83
N GLY F 206 6.49 -39.90 -50.78
CA GLY F 206 5.88 -39.05 -51.79
C GLY F 206 5.35 -37.75 -51.18
N PRO F 207 4.70 -36.91 -52.01
CA PRO F 207 4.45 -35.52 -51.62
C PRO F 207 3.72 -35.38 -50.28
N GLY F 208 4.00 -34.27 -49.59
CA GLY F 208 3.18 -33.82 -48.48
C GLY F 208 3.51 -34.50 -47.17
N ALA F 209 4.59 -35.30 -47.10
CA ALA F 209 4.94 -35.96 -45.84
C ALA F 209 5.35 -34.93 -44.79
N THR F 210 4.94 -35.17 -43.52
CA THR F 210 5.37 -34.34 -42.41
C THR F 210 6.74 -34.77 -41.91
N LEU F 211 7.37 -33.89 -41.14
CA LEU F 211 8.67 -34.16 -40.54
C LEU F 211 8.57 -35.32 -39.56
N GLU F 212 7.48 -35.36 -38.78
CA GLU F 212 7.26 -36.48 -37.87
C GLU F 212 7.26 -37.78 -38.66
N GLU F 213 6.57 -37.79 -39.81
CA GLU F 213 6.43 -38.98 -40.63
C GLU F 213 7.77 -39.39 -41.22
N MET F 214 8.51 -38.40 -41.73
CA MET F 214 9.82 -38.63 -42.33
C MET F 214 10.75 -39.28 -41.30
N MET F 215 10.68 -38.79 -40.07
CA MET F 215 11.62 -39.21 -39.03
C MET F 215 11.27 -40.60 -38.53
N THR F 216 9.98 -40.89 -38.42
CA THR F 216 9.52 -42.24 -38.08
C THR F 216 10.04 -43.22 -39.12
N ALA F 217 9.90 -42.86 -40.40
CA ALA F 217 10.25 -43.75 -41.51
C ALA F 217 11.75 -44.01 -41.60
N CYS F 218 12.62 -43.25 -40.89
CA CYS F 218 14.05 -43.46 -40.98
C CYS F 218 14.66 -43.74 -39.60
N GLN F 219 13.87 -44.29 -38.67
CA GLN F 219 14.24 -44.32 -37.27
C GLN F 219 15.11 -45.55 -36.97
N PRO G 1 -22.78 30.46 22.09
CA PRO G 1 -22.60 31.88 21.75
C PRO G 1 -23.87 32.66 22.11
N ILE G 2 -23.75 33.97 21.95
CA ILE G 2 -24.93 34.83 22.00
C ILE G 2 -25.12 35.43 20.61
N VAL G 3 -26.37 35.37 20.13
CA VAL G 3 -26.72 35.71 18.75
C VAL G 3 -27.88 36.73 18.75
N VAL G 11 -29.78 35.91 22.47
CA VAL G 11 -30.15 34.57 23.00
C VAL G 11 -28.92 33.66 23.06
N HIS G 12 -28.90 32.75 24.05
CA HIS G 12 -27.87 31.73 24.14
C HIS G 12 -28.12 30.57 23.18
N GLN G 13 -27.33 30.48 22.11
CA GLN G 13 -27.16 29.29 21.30
C GLN G 13 -26.07 28.42 21.90
N CYS G 14 -26.28 27.10 21.77
CA CYS G 14 -25.24 26.12 22.05
C CYS G 14 -24.12 26.24 21.04
N ILE G 15 -22.91 25.84 21.41
CA ILE G 15 -21.85 25.72 20.44
C ILE G 15 -22.23 24.58 19.51
N SER G 16 -22.02 24.78 18.21
CA SER G 16 -22.45 23.78 17.26
C SER G 16 -21.39 22.68 17.19
N PRO G 17 -21.76 21.44 16.84
CA PRO G 17 -20.80 20.39 16.54
C PRO G 17 -19.73 20.74 15.50
N ARG G 18 -20.11 21.55 14.49
CA ARG G 18 -19.16 21.90 13.44
C ARG G 18 -18.07 22.76 14.10
N THR G 19 -18.50 23.75 14.90
CA THR G 19 -17.55 24.59 15.61
C THR G 19 -16.66 23.77 16.54
N LEU G 20 -17.25 22.86 17.30
CA LEU G 20 -16.50 22.11 18.30
C LEU G 20 -15.40 21.32 17.61
N ASN G 21 -15.80 20.66 16.53
CA ASN G 21 -14.91 19.75 15.84
C ASN G 21 -13.79 20.53 15.13
N ALA G 22 -14.13 21.71 14.63
CA ALA G 22 -13.20 22.53 13.89
C ALA G 22 -12.07 22.95 14.81
N TRP G 23 -12.39 23.30 16.06
CA TRP G 23 -11.38 23.75 16.99
C TRP G 23 -10.48 22.58 17.38
N VAL G 24 -11.07 21.41 17.62
CA VAL G 24 -10.27 20.27 18.03
C VAL G 24 -9.32 19.92 16.90
N LYS G 25 -9.82 19.92 15.66
CA LYS G 25 -9.04 19.50 14.51
C LYS G 25 -7.90 20.46 14.25
N VAL G 26 -8.17 21.76 14.36
CA VAL G 26 -7.14 22.76 14.16
C VAL G 26 -5.98 22.48 15.09
N VAL G 27 -6.28 22.20 16.37
CA VAL G 27 -5.24 21.96 17.34
C VAL G 27 -4.54 20.64 17.02
N GLU G 28 -5.29 19.63 16.56
CA GLU G 28 -4.68 18.35 16.22
C GLU G 28 -3.71 18.52 15.06
N GLU G 29 -4.08 19.33 14.07
CA GLU G 29 -3.36 19.34 12.80
C GLU G 29 -2.25 20.39 12.82
N LYS G 30 -2.37 21.46 13.62
CA LYS G 30 -1.48 22.60 13.53
C LYS G 30 -0.80 22.93 14.86
N ALA G 31 -1.16 22.19 15.92
CA ALA G 31 -0.50 22.37 17.21
C ALA G 31 -0.61 23.84 17.60
N PHE G 32 0.53 24.52 17.79
CA PHE G 32 0.49 25.93 18.16
C PHE G 32 1.27 26.77 17.15
N SER G 33 1.08 26.40 15.89
CA SER G 33 1.49 27.24 14.79
C SER G 33 0.74 28.57 14.87
N PRO G 34 1.31 29.72 14.47
CA PRO G 34 0.68 31.03 14.71
C PRO G 34 -0.76 31.18 14.24
N GLU G 35 -1.12 30.55 13.12
CA GLU G 35 -2.44 30.78 12.52
C GLU G 35 -3.54 30.08 13.33
N VAL G 36 -3.18 29.30 14.34
CA VAL G 36 -4.17 28.72 15.23
C VAL G 36 -4.88 29.85 15.99
N ILE G 37 -4.18 30.96 16.28
CA ILE G 37 -4.75 32.00 17.10
C ILE G 37 -5.95 32.62 16.41
N PRO G 38 -5.80 33.17 15.18
CA PRO G 38 -6.91 33.80 14.48
C PRO G 38 -8.03 32.80 14.20
N MET G 39 -7.71 31.52 14.04
CA MET G 39 -8.75 30.52 13.88
C MET G 39 -9.55 30.36 15.17
N PHE G 40 -8.84 30.35 16.32
CA PHE G 40 -9.49 30.28 17.61
C PHE G 40 -10.45 31.45 17.74
N SER G 41 -9.95 32.63 17.38
CA SER G 41 -10.70 33.86 17.54
C SER G 41 -11.94 33.86 16.66
N ALA G 42 -11.80 33.39 15.43
CA ALA G 42 -12.92 33.33 14.51
C ALA G 42 -13.91 32.28 14.98
N LEU G 43 -13.43 31.07 15.33
CA LEU G 43 -14.32 30.02 15.80
C LEU G 43 -15.01 30.41 17.10
N SER G 44 -14.46 31.36 17.86
CA SER G 44 -15.05 31.76 19.12
C SER G 44 -15.83 33.09 19.01
N CYS G 45 -16.12 33.50 17.78
CA CYS G 45 -16.98 34.64 17.56
C CYS G 45 -18.28 34.45 18.36
N GLY G 46 -18.67 35.49 19.08
CA GLY G 46 -19.91 35.50 19.86
C GLY G 46 -19.81 34.78 21.20
N ALA G 47 -18.64 34.22 21.53
CA ALA G 47 -18.55 33.25 22.59
C ALA G 47 -18.78 33.86 23.96
N THR G 48 -19.42 33.08 24.86
CA THR G 48 -19.45 33.40 26.27
C THR G 48 -18.21 32.84 26.96
N PRO G 49 -17.86 33.31 28.17
CA PRO G 49 -16.77 32.68 28.92
C PRO G 49 -16.95 31.17 29.02
N GLN G 50 -18.18 30.70 29.22
CA GLN G 50 -18.42 29.27 29.28
C GLN G 50 -18.00 28.59 27.97
N ASP G 51 -18.39 29.20 26.84
CA ASP G 51 -18.07 28.66 25.54
C ASP G 51 -16.56 28.62 25.35
N LEU G 52 -15.87 29.66 25.81
CA LEU G 52 -14.42 29.71 25.73
C LEU G 52 -13.81 28.58 26.58
N ASN G 53 -14.33 28.37 27.80
CA ASN G 53 -13.84 27.27 28.62
C ASN G 53 -14.15 25.93 27.95
N THR G 54 -15.35 25.81 27.38
CA THR G 54 -15.71 24.60 26.67
C THR G 54 -14.67 24.31 25.60
N MET G 55 -14.35 25.33 24.81
CA MET G 55 -13.42 25.15 23.71
C MET G 55 -12.04 24.74 24.24
N LEU G 56 -11.57 25.41 25.30
CA LEU G 56 -10.26 25.10 25.85
C LEU G 56 -10.25 23.70 26.46
N ASN G 57 -11.35 23.29 27.09
CA ASN G 57 -11.39 22.00 27.76
C ASN G 57 -11.37 20.85 26.74
N THR G 58 -11.80 21.10 25.49
CA THR G 58 -11.95 20.01 24.55
C THR G 58 -10.61 19.66 23.94
N VAL G 59 -9.61 20.49 24.18
CA VAL G 59 -8.27 20.22 23.69
C VAL G 59 -7.70 19.06 24.48
N GLY G 60 -7.39 17.99 23.75
CA GLY G 60 -6.67 16.86 24.32
C GLY G 60 -5.18 17.00 23.97
N GLY G 61 -4.33 16.64 24.94
CA GLY G 61 -2.91 16.81 24.78
C GLY G 61 -2.47 18.23 25.11
N HIS G 62 -1.21 18.52 24.82
CA HIS G 62 -0.66 19.84 25.04
C HIS G 62 -0.97 20.38 26.44
N GLN G 63 -0.86 19.55 27.48
CA GLN G 63 -1.37 19.99 28.77
C GLN G 63 -0.35 20.90 29.43
N ALA G 64 0.93 20.82 29.06
CA ALA G 64 1.86 21.85 29.51
C ALA G 64 1.37 23.20 29.02
N ALA G 65 1.13 23.30 27.73
CA ALA G 65 0.70 24.56 27.14
C ALA G 65 -0.57 25.05 27.82
N MET G 66 -1.52 24.13 28.06
CA MET G 66 -2.82 24.51 28.58
C MET G 66 -2.69 25.03 30.02
N GLN G 67 -1.73 24.48 30.77
CA GLN G 67 -1.50 24.95 32.13
C GLN G 67 -0.78 26.30 32.11
N MET G 68 0.16 26.47 31.17
CA MET G 68 0.79 27.76 30.97
C MET G 68 -0.29 28.80 30.70
N LEU G 69 -1.29 28.39 29.90
CA LEU G 69 -2.35 29.30 29.53
C LEU G 69 -3.11 29.77 30.78
N LYS G 70 -3.39 28.87 31.73
CA LYS G 70 -4.04 29.26 32.97
C LYS G 70 -3.23 30.31 33.74
N GLU G 71 -1.91 30.11 33.86
CA GLU G 71 -1.09 31.10 34.53
C GLU G 71 -1.32 32.48 33.93
N THR G 72 -1.28 32.58 32.59
CA THR G 72 -1.43 33.87 31.94
C THR G 72 -2.82 34.43 32.22
N ILE G 73 -3.84 33.58 32.10
CA ILE G 73 -5.18 34.03 32.36
C ILE G 73 -5.26 34.60 33.77
N ASN G 74 -4.62 33.92 34.75
CA ASN G 74 -4.64 34.37 36.14
C ASN G 74 -4.02 35.75 36.32
N GLU G 75 -2.83 35.99 35.74
CA GLU G 75 -2.16 37.28 35.85
C GLU G 75 -3.14 38.37 35.39
N GLU G 76 -3.88 38.10 34.31
CA GLU G 76 -4.75 39.10 33.71
C GLU G 76 -6.01 39.29 34.56
N ALA G 77 -6.46 38.22 35.22
CA ALA G 77 -7.60 38.30 36.12
C ALA G 77 -7.27 39.19 37.32
N ALA G 78 -6.13 38.91 37.95
CA ALA G 78 -5.63 39.67 39.09
C ALA G 78 -5.41 41.14 38.72
N GLU G 79 -4.81 41.40 37.57
CA GLU G 79 -4.61 42.78 37.13
C GLU G 79 -5.95 43.48 36.90
N TRP G 80 -6.98 42.73 36.48
CA TRP G 80 -8.29 43.31 36.24
C TRP G 80 -8.91 43.73 37.58
N ASP G 81 -8.70 42.91 38.62
CA ASP G 81 -9.18 43.17 39.96
C ASP G 81 -8.48 44.41 40.56
N ARG G 82 -7.21 44.63 40.19
CA ARG G 82 -6.46 45.82 40.58
C ARG G 82 -7.15 47.06 39.99
N LEU G 83 -7.33 47.08 38.66
CA LEU G 83 -7.84 48.26 37.96
C LEU G 83 -9.32 48.53 38.24
N HIS G 84 -10.13 47.50 38.51
CA HIS G 84 -11.58 47.65 38.62
C HIS G 84 -12.06 46.98 39.91
N PRO G 85 -11.74 47.53 41.11
CA PRO G 85 -11.81 46.77 42.37
C PRO G 85 -13.14 46.12 42.76
N MET G 96 -27.47 44.22 37.79
CA MET G 96 -26.19 43.61 37.37
C MET G 96 -25.16 43.98 38.45
N ARG G 97 -24.54 42.98 39.09
CA ARG G 97 -23.29 43.19 39.82
C ARG G 97 -22.13 43.42 38.83
N GLU G 98 -21.05 44.04 39.30
CA GLU G 98 -19.86 44.23 38.50
C GLU G 98 -19.05 42.92 38.49
N PRO G 99 -18.45 42.51 37.36
CA PRO G 99 -17.72 41.24 37.31
C PRO G 99 -16.28 41.37 37.78
N ARG G 100 -15.89 40.45 38.69
CA ARG G 100 -14.49 40.26 39.05
C ARG G 100 -13.78 39.46 37.96
N GLY G 101 -12.45 39.41 38.02
CA GLY G 101 -11.63 38.70 37.04
C GLY G 101 -12.05 37.24 36.89
N SER G 102 -12.43 36.61 38.01
CA SER G 102 -12.79 35.20 37.99
C SER G 102 -14.18 35.02 37.40
N ASP G 103 -14.94 36.11 37.28
CA ASP G 103 -16.25 36.07 36.66
C ASP G 103 -16.11 36.14 35.14
N ILE G 104 -15.15 36.95 34.68
CA ILE G 104 -14.85 37.08 33.27
C ILE G 104 -14.34 35.74 32.73
N ALA G 105 -13.58 34.99 33.53
CA ALA G 105 -13.06 33.71 33.09
C ALA G 105 -14.08 32.60 33.28
N GLY G 106 -15.27 32.94 33.78
CA GLY G 106 -16.36 31.98 33.88
C GLY G 106 -16.19 30.99 35.03
N THR G 107 -15.30 31.32 35.96
CA THR G 107 -15.01 30.43 37.07
C THR G 107 -16.02 30.60 38.19
N THR G 108 -16.43 31.84 38.45
CA THR G 108 -17.30 32.18 39.57
C THR G 108 -18.59 32.84 39.07
N SER G 109 -18.86 32.76 37.76
CA SER G 109 -20.03 33.38 37.18
C SER G 109 -20.91 32.29 36.59
N THR G 110 -22.22 32.54 36.55
CA THR G 110 -23.15 31.65 35.90
C THR G 110 -23.30 32.08 34.45
N LEU G 111 -23.87 31.18 33.64
CA LEU G 111 -24.16 31.49 32.24
C LEU G 111 -25.06 32.73 32.15
N GLN G 112 -26.08 32.81 33.01
CA GLN G 112 -27.06 33.89 32.99
C GLN G 112 -26.37 35.21 33.27
N GLU G 113 -25.47 35.22 34.26
CA GLU G 113 -24.67 36.39 34.56
C GLU G 113 -23.85 36.82 33.35
N GLN G 114 -23.25 35.85 32.64
CA GLN G 114 -22.43 36.15 31.48
C GLN G 114 -23.28 36.79 30.38
N ILE G 115 -24.45 36.20 30.13
CA ILE G 115 -25.40 36.73 29.17
C ILE G 115 -25.85 38.13 29.60
N GLY G 116 -26.15 38.28 30.90
CA GLY G 116 -26.49 39.56 31.48
C GLY G 116 -25.50 40.66 31.09
N TRP G 117 -24.22 40.43 31.37
CA TRP G 117 -23.19 41.42 31.11
C TRP G 117 -23.08 41.71 29.61
N MET G 118 -23.17 40.66 28.81
CA MET G 118 -22.84 40.75 27.39
C MET G 118 -23.95 41.47 26.63
N THR G 119 -25.20 41.32 27.09
CA THR G 119 -26.35 41.91 26.42
C THR G 119 -26.86 43.18 27.13
N HIS G 120 -26.28 43.51 28.29
CA HIS G 120 -26.61 44.74 28.99
C HIS G 120 -26.44 45.93 28.05
N ASN G 121 -27.22 46.98 28.30
CA ASN G 121 -27.10 48.24 27.60
C ASN G 121 -26.56 49.26 28.61
N PRO G 122 -25.27 49.69 28.54
CA PRO G 122 -24.32 49.22 27.53
C PRO G 122 -23.67 47.88 27.90
N PRO G 123 -23.04 47.17 26.94
CA PRO G 123 -22.51 45.84 27.22
C PRO G 123 -21.22 45.87 28.04
N ILE G 124 -21.14 44.97 29.03
CA ILE G 124 -19.87 44.54 29.60
C ILE G 124 -19.44 43.28 28.86
N PRO G 125 -18.52 43.37 27.89
CA PRO G 125 -18.26 42.27 26.96
C PRO G 125 -17.27 41.26 27.53
N VAL G 126 -17.77 40.47 28.49
CA VAL G 126 -16.91 39.57 29.24
C VAL G 126 -16.35 38.49 28.32
N GLY G 127 -17.10 38.09 27.29
CA GLY G 127 -16.57 37.19 26.30
C GLY G 127 -15.33 37.76 25.59
N GLU G 128 -15.43 39.00 25.13
CA GLU G 128 -14.33 39.58 24.38
C GLU G 128 -13.13 39.83 25.29
N ILE G 129 -13.38 40.13 26.57
CA ILE G 129 -12.30 40.40 27.50
C ILE G 129 -11.57 39.10 27.79
N TYR G 130 -12.32 38.03 28.09
CA TYR G 130 -11.71 36.75 28.38
C TYR G 130 -10.93 36.26 27.16
N LYS G 131 -11.50 36.43 25.96
CA LYS G 131 -10.84 36.03 24.73
C LYS G 131 -9.49 36.75 24.63
N ARG G 132 -9.47 38.03 24.98
CA ARG G 132 -8.24 38.79 24.88
C ARG G 132 -7.17 38.18 25.77
N TRP G 133 -7.59 37.74 26.97
CA TRP G 133 -6.66 37.11 27.91
C TRP G 133 -6.13 35.79 27.33
N ILE G 134 -7.05 35.00 26.78
CA ILE G 134 -6.69 33.69 26.27
C ILE G 134 -5.67 33.86 25.15
N ILE G 135 -5.88 34.87 24.31
CA ILE G 135 -5.01 35.11 23.18
C ILE G 135 -3.63 35.53 23.67
N LEU G 136 -3.59 36.34 24.75
CA LEU G 136 -2.31 36.68 25.35
C LEU G 136 -1.56 35.40 25.69
N GLY G 137 -2.25 34.46 26.35
CA GLY G 137 -1.65 33.21 26.73
C GLY G 137 -1.27 32.35 25.52
N LEU G 138 -2.11 32.37 24.49
CA LEU G 138 -1.86 31.59 23.29
C LEU G 138 -0.63 32.12 22.57
N ASN G 139 -0.43 33.43 22.60
CA ASN G 139 0.76 34.02 22.00
C ASN G 139 2.03 33.57 22.69
N LYS G 140 2.02 33.51 24.04
CA LYS G 140 3.17 33.05 24.80
C LYS G 140 3.47 31.60 24.43
N ILE G 141 2.44 30.78 24.32
CA ILE G 141 2.60 29.40 23.90
C ILE G 141 3.21 29.31 22.50
N VAL G 142 2.72 30.13 21.56
CA VAL G 142 3.21 30.08 20.18
C VAL G 142 4.71 30.41 20.15
N ARG G 143 5.17 31.40 20.94
CA ARG G 143 6.60 31.72 20.99
C ARG G 143 7.36 30.51 21.55
N MET G 144 6.81 29.87 22.60
CA MET G 144 7.45 28.75 23.26
C MET G 144 7.67 27.60 22.26
N TYR G 145 6.60 27.17 21.61
CA TYR G 145 6.65 26.10 20.61
C TYR G 145 7.41 26.54 19.34
N SER G 146 7.80 27.81 19.22
CA SER G 146 8.59 28.24 18.07
C SER G 146 10.03 27.75 18.24
N PRO G 147 10.55 26.94 17.30
CA PRO G 147 11.88 26.35 17.43
C PRO G 147 13.07 27.29 17.27
N THR G 148 12.88 28.48 16.67
CA THR G 148 14.02 29.25 16.24
C THR G 148 13.84 30.74 16.55
N SER G 149 14.95 31.41 16.86
CA SER G 149 14.99 32.86 16.94
C SER G 149 15.19 33.44 15.53
N ILE G 150 14.59 34.61 15.29
CA ILE G 150 14.73 35.29 14.02
C ILE G 150 16.20 35.54 13.72
N LEU G 151 17.02 35.68 14.77
CA LEU G 151 18.46 35.90 14.61
C LEU G 151 19.13 34.74 13.89
N ASP G 152 18.54 33.53 13.92
CA ASP G 152 19.15 32.37 13.32
C ASP G 152 18.58 32.03 11.95
N ILE G 153 17.68 32.86 11.42
CA ILE G 153 17.14 32.60 10.10
C ILE G 153 18.05 33.24 9.06
N ARG G 154 19.00 32.46 8.55
CA ARG G 154 19.96 32.85 7.52
C ARG G 154 19.62 32.04 6.26
N GLN G 155 19.74 32.66 5.08
CA GLN G 155 19.43 32.02 3.81
C GLN G 155 20.49 30.98 3.47
N GLY G 156 20.05 29.75 3.17
CA GLY G 156 20.97 28.70 2.79
C GLY G 156 21.70 29.05 1.49
N PRO G 157 22.93 28.53 1.26
CA PRO G 157 23.65 28.83 0.02
C PRO G 157 22.89 28.41 -1.24
N LYS G 158 22.04 27.37 -1.12
CA LYS G 158 21.22 26.90 -2.24
C LYS G 158 19.74 27.16 -2.04
N GLU G 159 19.35 27.89 -0.98
CA GLU G 159 17.94 28.14 -0.69
C GLU G 159 17.42 29.27 -1.59
N PRO G 160 16.32 29.04 -2.33
CA PRO G 160 15.70 30.12 -3.09
C PRO G 160 15.23 31.24 -2.16
N PHE G 161 15.35 32.47 -2.64
CA PHE G 161 15.05 33.62 -1.81
C PHE G 161 13.68 33.44 -1.17
N ARG G 162 12.67 33.06 -1.97
CA ARG G 162 11.29 33.03 -1.50
C ARG G 162 11.14 32.11 -0.28
N ASP G 163 11.82 30.98 -0.27
CA ASP G 163 11.74 30.02 0.82
C ASP G 163 12.32 30.61 2.11
N TYR G 164 13.43 31.34 1.96
CA TYR G 164 14.08 32.07 3.04
C TYR G 164 13.10 33.06 3.66
N VAL G 165 12.47 33.85 2.80
CA VAL G 165 11.54 34.85 3.25
C VAL G 165 10.36 34.19 3.99
N ASP G 166 9.84 33.07 3.46
CA ASP G 166 8.79 32.32 4.15
C ASP G 166 9.23 31.97 5.58
N ARG G 167 10.46 31.46 5.72
CA ARG G 167 10.97 31.06 7.01
C ARG G 167 11.14 32.30 7.90
N PHE G 168 11.72 33.34 7.31
CA PHE G 168 11.97 34.56 8.04
C PHE G 168 10.66 34.99 8.72
N TYR G 169 9.62 35.21 7.90
CA TYR G 169 8.39 35.76 8.43
C TYR G 169 7.61 34.71 9.22
N LYS G 170 7.74 33.41 8.90
CA LYS G 170 7.11 32.40 9.75
C LYS G 170 7.66 32.57 11.17
N THR G 171 8.99 32.59 11.27
CA THR G 171 9.65 32.69 12.56
C THR G 171 9.27 34.00 13.26
N LEU G 172 9.28 35.10 12.50
CA LEU G 172 9.03 36.41 13.06
C LEU G 172 7.61 36.49 13.65
N ARG G 173 6.62 35.89 12.96
CA ARG G 173 5.24 35.87 13.41
C ARG G 173 5.09 35.16 14.77
N ALA G 174 5.94 34.18 15.07
CA ALA G 174 5.83 33.46 16.31
C ALA G 174 6.32 34.29 17.51
N GLU G 175 7.28 35.18 17.28
CA GLU G 175 7.93 35.88 18.37
C GLU G 175 7.01 36.92 18.99
N GLN G 176 7.34 37.29 20.24
CA GLN G 176 6.50 38.17 21.04
C GLN G 176 7.11 39.57 21.10
N ALA G 177 6.51 40.52 20.37
CA ALA G 177 7.06 41.85 20.23
C ALA G 177 6.04 42.76 19.57
N SER G 178 6.09 44.04 19.93
CA SER G 178 5.28 45.07 19.30
C SER G 178 5.51 45.07 17.80
N GLN G 179 4.55 45.61 17.06
CA GLN G 179 4.69 45.67 15.62
C GLN G 179 5.93 46.47 15.24
N GLU G 180 6.23 47.53 16.03
CA GLU G 180 7.37 48.40 15.78
C GLU G 180 8.70 47.61 15.80
N VAL G 181 8.85 46.71 16.77
CA VAL G 181 10.09 45.98 16.98
C VAL G 181 10.28 44.93 15.89
N LYS G 182 9.17 44.28 15.51
CA LYS G 182 9.15 43.34 14.39
C LYS G 182 9.44 44.05 13.06
N ASN G 183 8.90 45.27 12.90
CA ASN G 183 9.26 46.09 11.73
C ASN G 183 10.77 46.36 11.71
N ALA G 184 11.34 46.63 12.89
CA ALA G 184 12.77 46.91 13.00
C ALA G 184 13.58 45.67 12.62
N ALA G 185 13.17 44.51 13.13
CA ALA G 185 13.90 43.28 12.86
C ALA G 185 13.97 43.01 11.35
N THR G 186 12.86 43.27 10.66
CA THR G 186 12.79 43.08 9.22
C THR G 186 13.84 43.94 8.52
N GLU G 187 13.82 45.25 8.83
CA GLU G 187 14.62 46.22 8.11
C GLU G 187 16.11 46.01 8.29
N THR G 188 16.55 45.46 9.42
CA THR G 188 17.98 45.21 9.62
C THR G 188 18.29 43.86 8.96
N LEU G 189 17.49 42.88 9.36
CA LEU G 189 17.94 41.50 9.41
C LEU G 189 17.70 40.76 8.09
N LEU G 190 16.67 41.14 7.32
CA LEU G 190 16.28 40.32 6.19
C LEU G 190 17.35 40.36 5.11
N VAL G 191 17.81 41.57 4.76
CA VAL G 191 18.85 41.71 3.76
C VAL G 191 20.17 41.23 4.34
N GLN G 192 20.44 41.64 5.59
CA GLN G 192 21.64 41.22 6.29
C GLN G 192 21.86 39.71 6.15
N ASN G 193 20.79 38.93 6.35
CA ASN G 193 20.88 37.49 6.54
C ASN G 193 20.72 36.74 5.23
N ALA G 194 20.46 37.46 4.14
CA ALA G 194 20.46 36.84 2.82
C ALA G 194 21.86 36.29 2.52
N ASN G 195 21.94 35.41 1.52
CA ASN G 195 23.18 34.76 1.13
C ASN G 195 23.95 35.73 0.26
N PRO G 196 25.28 35.57 0.12
CA PRO G 196 26.12 36.59 -0.51
C PRO G 196 25.64 37.08 -1.87
N ASP G 197 25.24 36.16 -2.75
CA ASP G 197 24.86 36.47 -4.11
C ASP G 197 23.66 37.43 -4.09
N CYS G 198 22.63 37.05 -3.32
CA CYS G 198 21.37 37.78 -3.29
C CYS G 198 21.56 39.05 -2.45
N LYS G 199 22.38 38.98 -1.40
CA LYS G 199 22.65 40.15 -0.56
C LYS G 199 23.25 41.28 -1.39
N THR G 200 24.17 40.97 -2.30
CA THR G 200 24.79 41.99 -3.12
C THR G 200 23.71 42.68 -3.94
N ILE G 201 22.89 41.87 -4.63
CA ILE G 201 21.84 42.40 -5.50
C ILE G 201 20.85 43.26 -4.70
N LEU G 202 20.47 42.80 -3.52
CA LEU G 202 19.50 43.51 -2.71
C LEU G 202 20.07 44.86 -2.25
N LYS G 203 21.32 44.85 -1.79
CA LYS G 203 21.98 46.06 -1.30
C LYS G 203 22.03 47.11 -2.40
N ALA G 204 22.14 46.67 -3.66
CA ALA G 204 22.18 47.56 -4.82
C ALA G 204 20.83 48.23 -5.06
N LEU G 205 19.72 47.65 -4.59
CA LEU G 205 18.43 48.33 -4.65
C LEU G 205 18.43 49.42 -3.58
N GLY G 206 17.96 50.61 -3.88
CA GLY G 206 18.03 51.73 -2.93
C GLY G 206 17.26 51.48 -1.65
N PRO G 207 17.40 52.28 -0.58
CA PRO G 207 16.82 51.93 0.72
C PRO G 207 15.33 51.58 0.69
N GLY G 208 14.60 52.07 -0.31
CA GLY G 208 13.15 52.06 -0.30
C GLY G 208 12.58 50.82 -0.96
N ALA G 209 13.36 49.76 -1.23
CA ALA G 209 12.91 48.69 -2.11
C ALA G 209 11.74 47.92 -1.47
N THR G 210 10.78 47.53 -2.32
CA THR G 210 9.65 46.73 -1.87
C THR G 210 10.02 45.25 -1.84
N LEU G 211 9.22 44.47 -1.10
CA LEU G 211 9.42 43.03 -1.02
C LEU G 211 9.20 42.39 -2.40
N GLU G 212 8.19 42.88 -3.14
CA GLU G 212 7.97 42.40 -4.49
C GLU G 212 9.25 42.58 -5.31
N GLU G 213 9.88 43.76 -5.19
CA GLU G 213 11.06 44.09 -5.96
C GLU G 213 12.24 43.21 -5.55
N MET G 214 12.41 43.05 -4.23
CA MET G 214 13.49 42.24 -3.69
C MET G 214 13.38 40.81 -4.22
N MET G 215 12.16 40.28 -4.27
CA MET G 215 11.94 38.89 -4.59
C MET G 215 12.12 38.65 -6.08
N THR G 216 11.69 39.62 -6.90
CA THR G 216 11.93 39.55 -8.34
C THR G 216 13.42 39.52 -8.60
N ALA G 217 14.17 40.39 -7.90
CA ALA G 217 15.59 40.54 -8.12
C ALA G 217 16.40 39.31 -7.71
N CYS G 218 15.82 38.35 -6.97
CA CYS G 218 16.57 37.19 -6.51
C CYS G 218 15.91 35.89 -6.98
N GLN G 219 15.15 35.92 -8.08
CA GLN G 219 14.23 34.85 -8.44
C GLN G 219 14.96 33.68 -9.15
N PRO H 1 -40.70 13.61 8.72
CA PRO H 1 -41.14 13.73 10.12
C PRO H 1 -42.24 14.78 10.21
N ILE H 2 -42.79 14.88 11.41
CA ILE H 2 -43.67 15.98 11.76
C ILE H 2 -42.96 16.80 12.84
N VAL H 3 -42.95 18.13 12.61
CA VAL H 3 -42.12 19.07 13.39
C VAL H 3 -43.03 20.21 13.88
N MET H 10 -47.57 22.48 13.23
CA MET H 10 -47.04 21.09 13.08
C MET H 10 -47.23 20.67 11.61
N VAL H 11 -46.13 20.23 10.99
CA VAL H 11 -45.96 20.21 9.54
C VAL H 11 -45.15 18.97 9.10
N HIS H 12 -45.44 18.46 7.89
CA HIS H 12 -44.65 17.36 7.32
C HIS H 12 -43.38 17.89 6.67
N GLN H 13 -42.22 17.66 7.31
CA GLN H 13 -40.92 17.75 6.71
C GLN H 13 -40.57 16.43 6.05
N CYS H 14 -39.84 16.53 4.93
CA CYS H 14 -39.19 15.39 4.31
C CYS H 14 -38.08 14.86 5.22
N ILE H 15 -37.77 13.57 5.10
CA ILE H 15 -36.58 13.07 5.75
C ILE H 15 -35.40 13.70 5.06
N SER H 16 -34.41 14.11 5.86
CA SER H 16 -33.29 14.83 5.30
C SER H 16 -32.30 13.81 4.74
N PRO H 17 -31.50 14.18 3.73
CA PRO H 17 -30.38 13.35 3.29
C PRO H 17 -29.40 12.94 4.38
N ARG H 18 -29.18 13.80 5.37
CA ARG H 18 -28.23 13.49 6.44
C ARG H 18 -28.83 12.31 7.22
N THR H 19 -30.11 12.42 7.56
CA THR H 19 -30.79 11.33 8.26
C THR H 19 -30.77 10.04 7.45
N LEU H 20 -31.06 10.12 6.16
CA LEU H 20 -31.17 8.93 5.34
C LEU H 20 -29.85 8.21 5.32
N ASN H 21 -28.79 8.99 5.13
CA ASN H 21 -27.47 8.42 4.95
C ASN H 21 -26.97 7.83 6.26
N ALA H 22 -27.33 8.48 7.38
CA ALA H 22 -26.86 8.06 8.68
C ALA H 22 -27.42 6.68 8.99
N TRP H 23 -28.68 6.44 8.64
CA TRP H 23 -29.32 5.17 8.93
C TRP H 23 -28.71 4.07 8.06
N VAL H 24 -28.46 4.38 6.79
CA VAL H 24 -27.91 3.37 5.90
C VAL H 24 -26.53 2.99 6.41
N LYS H 25 -25.73 3.99 6.79
CA LYS H 25 -24.35 3.77 7.19
C LYS H 25 -24.27 2.98 8.48
N VAL H 26 -25.15 3.30 9.44
CA VAL H 26 -25.18 2.58 10.69
C VAL H 26 -25.36 1.10 10.42
N VAL H 27 -26.31 0.77 9.54
CA VAL H 27 -26.60 -0.62 9.25
C VAL H 27 -25.42 -1.24 8.49
N GLU H 28 -24.77 -0.47 7.61
CA GLU H 28 -23.63 -1.00 6.88
C GLU H 28 -22.49 -1.32 7.84
N GLU H 29 -22.26 -0.45 8.82
CA GLU H 29 -21.05 -0.53 9.62
C GLU H 29 -21.24 -1.40 10.86
N LYS H 30 -22.48 -1.56 11.36
CA LYS H 30 -22.71 -2.20 12.64
C LYS H 30 -23.69 -3.35 12.54
N ALA H 31 -24.25 -3.60 11.36
CA ALA H 31 -25.14 -4.73 11.14
C ALA H 31 -26.27 -4.65 12.18
N PHE H 32 -26.41 -5.67 13.03
CA PHE H 32 -27.46 -5.65 14.04
C PHE H 32 -26.85 -5.81 15.43
N SER H 33 -25.73 -5.13 15.62
CA SER H 33 -25.18 -4.91 16.94
C SER H 33 -26.20 -4.13 17.78
N PRO H 34 -26.31 -4.34 19.10
CA PRO H 34 -27.40 -3.74 19.89
C PRO H 34 -27.58 -2.23 19.76
N GLU H 35 -26.48 -1.48 19.61
CA GLU H 35 -26.56 -0.02 19.63
C GLU H 35 -27.18 0.52 18.34
N VAL H 36 -27.45 -0.35 17.35
CA VAL H 36 -28.18 0.08 16.17
C VAL H 36 -29.60 0.49 16.55
N ILE H 37 -30.17 -0.13 17.58
CA ILE H 37 -31.57 0.11 17.91
C ILE H 37 -31.76 1.55 18.36
N PRO H 38 -31.04 2.01 19.41
CA PRO H 38 -31.20 3.38 19.88
C PRO H 38 -30.83 4.40 18.82
N MET H 39 -29.92 4.06 17.91
CA MET H 39 -29.62 4.95 16.81
C MET H 39 -30.82 5.07 15.85
N PHE H 40 -31.45 3.92 15.58
CA PHE H 40 -32.64 3.91 14.74
C PHE H 40 -33.69 4.81 15.37
N SER H 41 -33.86 4.66 16.68
CA SER H 41 -34.89 5.37 17.41
C SER H 41 -34.63 6.87 17.38
N ALA H 42 -33.37 7.25 17.57
CA ALA H 42 -33.00 8.67 17.56
C ALA H 42 -33.15 9.22 16.14
N LEU H 43 -32.62 8.50 15.14
CA LEU H 43 -32.73 8.96 13.76
C LEU H 43 -34.19 9.03 13.30
N SER H 44 -35.10 8.30 13.95
CA SER H 44 -36.50 8.28 13.54
C SER H 44 -37.37 9.15 14.46
N CYS H 45 -36.73 10.03 15.23
CA CYS H 45 -37.46 11.00 16.02
C CYS H 45 -38.44 11.75 15.11
N GLY H 46 -39.69 11.87 15.55
CA GLY H 46 -40.73 12.60 14.85
C GLY H 46 -41.36 11.82 13.71
N ALA H 47 -40.92 10.59 13.45
CA ALA H 47 -41.18 9.95 12.16
C ALA H 47 -42.65 9.60 11.98
N THR H 48 -43.13 9.69 10.73
CA THR H 48 -44.41 9.11 10.34
C THR H 48 -44.23 7.65 9.97
N PRO H 49 -45.31 6.83 9.95
CA PRO H 49 -45.18 5.47 9.45
C PRO H 49 -44.51 5.41 8.08
N GLN H 50 -44.82 6.36 7.20
CA GLN H 50 -44.18 6.40 5.89
C GLN H 50 -42.66 6.57 6.04
N ASP H 51 -42.25 7.47 6.92
CA ASP H 51 -40.84 7.73 7.15
C ASP H 51 -40.17 6.47 7.69
N LEU H 52 -40.86 5.76 8.58
CA LEU H 52 -40.34 4.52 9.13
C LEU H 52 -40.18 3.48 8.02
N ASN H 53 -41.19 3.37 7.13
CA ASN H 53 -41.08 2.44 6.00
C ASN H 53 -39.94 2.87 5.08
N THR H 54 -39.83 4.16 4.84
CA THR H 54 -38.75 4.68 4.01
C THR H 54 -37.42 4.21 4.58
N MET H 55 -37.24 4.40 5.89
CA MET H 55 -35.98 4.06 6.52
C MET H 55 -35.71 2.56 6.39
N LEU H 56 -36.74 1.73 6.64
CA LEU H 56 -36.56 0.29 6.57
C LEU H 56 -36.29 -0.16 5.13
N ASN H 57 -36.93 0.49 4.16
CA ASN H 57 -36.77 0.08 2.77
C ASN H 57 -35.37 0.41 2.27
N THR H 58 -34.68 1.39 2.88
CA THR H 58 -33.41 1.84 2.32
C THR H 58 -32.31 0.90 2.73
N VAL H 59 -32.61 -0.01 3.65
CA VAL H 59 -31.63 -1.01 4.06
C VAL H 59 -31.45 -1.99 2.91
N GLY H 60 -30.21 -2.06 2.41
CA GLY H 60 -29.83 -3.09 1.45
C GLY H 60 -29.13 -4.23 2.18
N GLY H 61 -29.42 -5.46 1.74
CA GLY H 61 -28.90 -6.64 2.42
C GLY H 61 -29.78 -7.00 3.61
N HIS H 62 -29.30 -7.95 4.40
CA HIS H 62 -30.00 -8.40 5.58
C HIS H 62 -31.48 -8.68 5.31
N GLN H 63 -31.80 -9.33 4.19
CA GLN H 63 -33.21 -9.41 3.81
C GLN H 63 -33.90 -10.50 4.61
N ALA H 64 -33.15 -11.50 5.11
CA ALA H 64 -33.74 -12.41 6.06
C ALA H 64 -34.24 -11.64 7.26
N ALA H 65 -33.36 -10.84 7.85
CA ALA H 65 -33.70 -10.09 9.04
C ALA H 65 -34.90 -9.20 8.75
N MET H 66 -34.91 -8.55 7.57
CA MET H 66 -35.95 -7.57 7.26
C MET H 66 -37.30 -8.26 7.10
N GLN H 67 -37.30 -9.50 6.61
CA GLN H 67 -38.54 -10.26 6.47
C GLN H 67 -39.00 -10.76 7.83
N MET H 68 -38.05 -11.18 8.68
CA MET H 68 -38.37 -11.51 10.05
C MET H 68 -39.05 -10.32 10.71
N LEU H 69 -38.54 -9.12 10.42
CA LEU H 69 -39.07 -7.92 11.01
C LEU H 69 -40.54 -7.75 10.61
N LYS H 70 -40.91 -8.01 9.35
CA LYS H 70 -42.30 -7.96 8.94
C LYS H 70 -43.19 -8.92 9.74
N GLU H 71 -42.74 -10.15 9.92
CA GLU H 71 -43.51 -11.09 10.74
C GLU H 71 -43.84 -10.48 12.09
N THR H 72 -42.84 -9.89 12.77
CA THR H 72 -43.06 -9.33 14.09
C THR H 72 -44.05 -8.18 13.99
N ILE H 73 -43.84 -7.31 13.01
CA ILE H 73 -44.74 -6.19 12.83
C ILE H 73 -46.17 -6.69 12.67
N ASN H 74 -46.35 -7.76 11.89
CA ASN H 74 -47.68 -8.34 11.67
C ASN H 74 -48.34 -8.84 12.95
N GLU H 75 -47.62 -9.59 13.79
CA GLU H 75 -48.16 -10.09 15.05
C GLU H 75 -48.70 -8.91 15.84
N GLU H 76 -47.95 -7.79 15.86
CA GLU H 76 -48.31 -6.65 16.68
C GLU H 76 -49.49 -5.90 16.07
N ALA H 77 -49.60 -5.91 14.73
CA ALA H 77 -50.72 -5.31 14.05
C ALA H 77 -52.03 -6.04 14.38
N ALA H 78 -51.99 -7.36 14.26
CA ALA H 78 -53.10 -8.23 14.57
C ALA H 78 -53.53 -8.10 16.03
N GLU H 79 -52.57 -8.08 16.96
CA GLU H 79 -52.88 -7.90 18.36
C GLU H 79 -53.52 -6.53 18.60
N TRP H 80 -53.14 -5.52 17.81
CA TRP H 80 -53.71 -4.19 17.97
C TRP H 80 -55.18 -4.20 17.55
N ASP H 81 -55.48 -4.95 16.48
CA ASP H 81 -56.84 -5.11 15.96
C ASP H 81 -57.71 -5.86 16.97
N ARG H 82 -57.12 -6.78 17.74
CA ARG H 82 -57.80 -7.50 18.82
C ARG H 82 -58.22 -6.48 19.89
N LEU H 83 -57.27 -5.71 20.42
CA LEU H 83 -57.51 -4.81 21.54
C LEU H 83 -58.38 -3.60 21.16
N HIS H 84 -58.32 -3.13 19.90
CA HIS H 84 -58.97 -1.89 19.52
C HIS H 84 -59.79 -2.13 18.24
N PRO H 85 -60.93 -2.88 18.32
CA PRO H 85 -61.49 -3.64 17.19
C PRO H 85 -62.06 -2.83 16.00
N ILE H 91 -69.58 5.68 9.69
CA ILE H 91 -69.07 6.80 10.55
C ILE H 91 -69.93 8.04 10.30
N ALA H 92 -70.08 8.89 11.32
CA ALA H 92 -70.68 10.20 11.15
C ALA H 92 -69.93 10.98 10.08
N PRO H 93 -70.59 11.53 9.03
CA PRO H 93 -69.88 12.28 8.00
C PRO H 93 -68.89 13.33 8.52
N GLY H 94 -67.69 13.34 7.93
CA GLY H 94 -66.64 14.29 8.30
C GLY H 94 -65.92 13.91 9.59
N GLN H 95 -65.84 12.59 9.88
CA GLN H 95 -65.07 12.17 11.05
C GLN H 95 -63.67 11.71 10.62
N MET H 96 -62.74 11.77 11.57
CA MET H 96 -61.46 11.08 11.49
C MET H 96 -61.69 9.62 11.90
N ARG H 97 -61.36 8.69 10.99
CA ARG H 97 -61.54 7.26 11.25
C ARG H 97 -60.47 6.78 12.24
N GLU H 98 -60.78 5.68 12.92
CA GLU H 98 -59.85 5.04 13.84
C GLU H 98 -58.88 4.21 13.01
N PRO H 99 -57.57 4.16 13.38
CA PRO H 99 -56.60 3.40 12.62
C PRO H 99 -56.55 1.93 13.00
N ARG H 100 -56.63 1.06 11.97
CA ARG H 100 -56.34 -0.35 12.13
C ARG H 100 -54.81 -0.57 12.18
N GLY H 101 -54.39 -1.78 12.54
CA GLY H 101 -52.98 -2.12 12.65
C GLY H 101 -52.22 -1.85 11.35
N SER H 102 -52.87 -2.09 10.22
CA SER H 102 -52.23 -1.93 8.94
C SER H 102 -52.13 -0.45 8.57
N ASP H 103 -52.88 0.40 9.29
CA ASP H 103 -52.82 1.83 9.08
C ASP H 103 -51.63 2.40 9.84
N ILE H 104 -51.39 1.86 11.04
CA ILE H 104 -50.26 2.25 11.85
C ILE H 104 -48.95 1.91 11.14
N ALA H 105 -48.92 0.80 10.41
CA ALA H 105 -47.71 0.38 9.71
C ALA H 105 -47.61 1.09 8.35
N GLY H 106 -48.58 1.94 8.02
CA GLY H 106 -48.52 2.74 6.82
C GLY H 106 -48.82 1.96 5.54
N THR H 107 -49.43 0.79 5.71
CA THR H 107 -49.71 -0.09 4.59
C THR H 107 -51.01 0.31 3.91
N THR H 108 -52.01 0.70 4.70
CA THR H 108 -53.35 0.99 4.21
C THR H 108 -53.75 2.44 4.54
N SER H 109 -52.78 3.25 4.97
CA SER H 109 -53.04 4.63 5.35
C SER H 109 -52.29 5.55 4.39
N THR H 110 -52.83 6.75 4.18
CA THR H 110 -52.15 7.76 3.42
C THR H 110 -51.31 8.63 4.35
N LEU H 111 -50.39 9.38 3.78
CA LEU H 111 -49.57 10.31 4.55
C LEU H 111 -50.47 11.29 5.33
N GLN H 112 -51.51 11.81 4.67
CA GLN H 112 -52.42 12.80 5.24
C GLN H 112 -53.13 12.21 6.46
N GLU H 113 -53.57 10.97 6.34
CA GLU H 113 -54.19 10.25 7.44
C GLU H 113 -53.21 10.12 8.61
N GLN H 114 -51.94 9.81 8.31
CA GLN H 114 -50.93 9.64 9.34
C GLN H 114 -50.71 10.96 10.08
N ILE H 115 -50.58 12.05 9.31
CA ILE H 115 -50.43 13.38 9.87
C ILE H 115 -51.66 13.73 10.70
N GLY H 116 -52.86 13.43 10.15
CA GLY H 116 -54.12 13.62 10.85
C GLY H 116 -54.08 13.04 12.27
N TRP H 117 -53.76 11.75 12.38
CA TRP H 117 -53.75 11.07 13.67
C TRP H 117 -52.69 11.68 14.60
N MET H 118 -51.54 12.01 14.04
CA MET H 118 -50.38 12.38 14.83
C MET H 118 -50.53 13.79 15.40
N THR H 119 -51.22 14.66 14.66
CA THR H 119 -51.39 16.05 15.07
C THR H 119 -52.78 16.32 15.64
N HIS H 120 -53.68 15.32 15.62
CA HIS H 120 -54.98 15.43 16.24
C HIS H 120 -54.81 15.84 17.71
N ASN H 121 -55.81 16.54 18.23
CA ASN H 121 -55.89 16.89 19.65
C ASN H 121 -57.04 16.09 20.24
N PRO H 122 -56.78 15.03 21.06
CA PRO H 122 -55.43 14.57 21.40
C PRO H 122 -54.81 13.67 20.33
N PRO H 123 -53.49 13.47 20.34
CA PRO H 123 -52.82 12.72 19.27
C PRO H 123 -53.07 11.21 19.38
N ILE H 124 -53.31 10.59 18.21
CA ILE H 124 -53.12 9.16 18.02
C ILE H 124 -51.72 8.98 17.43
N PRO H 125 -50.71 8.60 18.24
CA PRO H 125 -49.32 8.70 17.83
C PRO H 125 -48.87 7.46 17.05
N VAL H 126 -49.34 7.37 15.81
CA VAL H 126 -49.17 6.17 15.01
C VAL H 126 -47.68 5.97 14.70
N GLY H 127 -46.93 7.05 14.57
CA GLY H 127 -45.49 6.94 14.43
C GLY H 127 -44.85 6.24 15.63
N GLU H 128 -45.19 6.66 16.84
CA GLU H 128 -44.55 6.11 18.03
C GLU H 128 -44.99 4.66 18.23
N ILE H 129 -46.23 4.34 17.84
CA ILE H 129 -46.71 2.98 18.00
C ILE H 129 -45.99 2.06 17.03
N TYR H 130 -45.92 2.47 15.76
CA TYR H 130 -45.23 1.67 14.77
C TYR H 130 -43.76 1.50 15.14
N LYS H 131 -43.12 2.56 15.62
CA LYS H 131 -41.73 2.50 16.05
C LYS H 131 -41.58 1.43 17.12
N ARG H 132 -42.53 1.38 18.05
CA ARG H 132 -42.44 0.42 19.13
C ARG H 132 -42.45 -1.01 18.56
N TRP H 133 -43.28 -1.23 17.54
CA TRP H 133 -43.37 -2.54 16.91
C TRP H 133 -42.04 -2.86 16.22
N ILE H 134 -41.50 -1.90 15.49
CA ILE H 134 -40.29 -2.13 14.73
C ILE H 134 -39.18 -2.50 15.69
N ILE H 135 -39.12 -1.83 16.84
CA ILE H 135 -38.06 -2.06 17.80
C ILE H 135 -38.22 -3.46 18.39
N LEU H 136 -39.47 -3.90 18.61
CA LEU H 136 -39.69 -5.27 19.05
C LEU H 136 -39.03 -6.23 18.06
N GLY H 137 -39.28 -6.01 16.78
CA GLY H 137 -38.71 -6.86 15.74
C GLY H 137 -37.19 -6.73 15.66
N LEU H 138 -36.67 -5.51 15.87
CA LEU H 138 -35.24 -5.28 15.79
C LEU H 138 -34.54 -5.99 16.95
N ASN H 139 -35.20 -6.05 18.11
CA ASN H 139 -34.64 -6.77 19.25
C ASN H 139 -34.53 -8.26 18.97
N LYS H 140 -35.56 -8.86 18.34
CA LYS H 140 -35.53 -10.27 17.99
C LYS H 140 -34.37 -10.52 17.03
N ILE H 141 -34.19 -9.64 16.06
CA ILE H 141 -33.07 -9.76 15.13
C ILE H 141 -31.74 -9.67 15.87
N VAL H 142 -31.59 -8.74 16.80
CA VAL H 142 -30.33 -8.56 17.53
C VAL H 142 -29.99 -9.84 18.29
N ARG H 143 -30.97 -10.49 18.93
CA ARG H 143 -30.73 -11.75 19.63
CA ARG H 143 -30.73 -11.75 19.63
C ARG H 143 -30.27 -12.80 18.63
N MET H 144 -30.92 -12.86 17.47
CA MET H 144 -30.64 -13.85 16.44
C MET H 144 -29.19 -13.73 15.97
N TYR H 145 -28.79 -12.53 15.54
CA TYR H 145 -27.44 -12.24 15.10
C TYR H 145 -26.42 -12.30 16.26
N SER H 146 -26.87 -12.45 17.51
CA SER H 146 -25.94 -12.59 18.63
C SER H 146 -25.33 -13.98 18.62
N PRO H 147 -23.99 -14.10 18.51
CA PRO H 147 -23.34 -15.41 18.38
C PRO H 147 -23.31 -16.29 19.63
N THR H 148 -23.53 -15.71 20.82
CA THR H 148 -23.23 -16.45 22.03
C THR H 148 -24.30 -16.27 23.09
N SER H 149 -24.54 -17.32 23.86
CA SER H 149 -25.37 -17.26 25.07
C SER H 149 -24.53 -16.74 26.23
N ILE H 150 -25.17 -15.98 27.13
CA ILE H 150 -24.48 -15.46 28.31
C ILE H 150 -23.89 -16.61 29.12
N LEU H 151 -24.51 -17.79 29.04
CA LEU H 151 -24.02 -18.97 29.76
C LEU H 151 -22.63 -19.37 29.30
N ASP H 152 -22.20 -18.98 28.09
CA ASP H 152 -20.92 -19.39 27.57
C ASP H 152 -19.85 -18.29 27.71
N ILE H 153 -20.19 -17.16 28.35
CA ILE H 153 -19.19 -16.12 28.55
C ILE H 153 -18.44 -16.40 29.84
N ARG H 154 -17.32 -17.13 29.71
CA ARG H 154 -16.41 -17.47 30.80
C ARG H 154 -15.11 -16.70 30.57
N GLN H 155 -14.48 -16.22 31.64
CA GLN H 155 -13.26 -15.45 31.57
C GLN H 155 -12.09 -16.35 31.18
N GLY H 156 -11.35 -15.96 30.13
CA GLY H 156 -10.21 -16.74 29.70
C GLY H 156 -9.13 -16.77 30.79
N PRO H 157 -8.28 -17.82 30.85
CA PRO H 157 -7.22 -17.89 31.85
C PRO H 157 -6.26 -16.69 31.78
N LYS H 158 -6.10 -16.11 30.58
CA LYS H 158 -5.22 -14.97 30.39
C LYS H 158 -6.01 -13.68 30.07
N GLU H 159 -7.34 -13.71 30.12
CA GLU H 159 -8.16 -12.57 29.76
C GLU H 159 -8.22 -11.57 30.91
N PRO H 160 -7.89 -10.29 30.68
CA PRO H 160 -8.07 -9.27 31.71
C PRO H 160 -9.53 -9.14 32.11
N PHE H 161 -9.77 -8.90 33.39
CA PHE H 161 -11.13 -8.89 33.91
C PHE H 161 -11.99 -7.95 33.05
N ARG H 162 -11.48 -6.75 32.74
CA ARG H 162 -12.29 -5.74 32.07
C ARG H 162 -12.81 -6.25 30.71
N ASP H 163 -11.98 -6.98 29.97
CA ASP H 163 -12.37 -7.51 28.68
C ASP H 163 -13.50 -8.53 28.81
N TYR H 164 -13.41 -9.36 29.85
CA TYR H 164 -14.43 -10.34 30.20
C TYR H 164 -15.76 -9.62 30.44
N VAL H 165 -15.70 -8.60 31.27
CA VAL H 165 -16.89 -7.86 31.62
C VAL H 165 -17.50 -7.23 30.37
N ASP H 166 -16.68 -6.66 29.48
CA ASP H 166 -17.17 -6.11 28.23
C ASP H 166 -17.95 -7.17 27.45
N ARG H 167 -17.39 -8.39 27.36
CA ARG H 167 -18.03 -9.46 26.61
C ARG H 167 -19.32 -9.86 27.32
N PHE H 168 -19.22 -10.01 28.65
CA PHE H 168 -20.35 -10.41 29.44
C PHE H 168 -21.54 -9.51 29.09
N TYR H 169 -21.35 -8.20 29.29
CA TYR H 169 -22.46 -7.29 29.14
C TYR H 169 -22.78 -7.04 27.65
N LYS H 170 -21.79 -7.16 26.74
CA LYS H 170 -22.13 -7.09 25.32
C LYS H 170 -23.16 -8.18 25.02
N THR H 171 -22.81 -9.41 25.43
CA THR H 171 -23.64 -10.57 25.14
C THR H 171 -25.01 -10.41 25.81
N LEU H 172 -25.01 -9.95 27.07
CA LEU H 172 -26.22 -9.83 27.84
C LEU H 172 -27.18 -8.84 27.21
N ARG H 173 -26.66 -7.72 26.68
CA ARG H 173 -27.46 -6.69 26.02
C ARG H 173 -28.20 -7.25 24.80
N ALA H 174 -27.63 -8.24 24.10
CA ALA H 174 -28.25 -8.78 22.91
C ALA H 174 -29.46 -9.65 23.25
N GLU H 175 -29.44 -10.32 24.40
CA GLU H 175 -30.44 -11.32 24.72
C GLU H 175 -31.80 -10.67 25.02
N GLN H 176 -32.86 -11.49 24.90
CA GLN H 176 -34.22 -11.02 25.02
C GLN H 176 -34.81 -11.42 26.37
N ALA H 177 -34.95 -10.46 27.27
CA ALA H 177 -35.36 -10.74 28.63
C ALA H 177 -35.67 -9.44 29.35
N SER H 178 -36.61 -9.50 30.30
CA SER H 178 -36.91 -8.39 31.19
C SER H 178 -35.64 -7.94 31.90
N GLN H 179 -35.65 -6.69 32.37
CA GLN H 179 -34.53 -6.14 33.10
C GLN H 179 -34.23 -7.03 34.32
N GLU H 180 -35.29 -7.53 34.97
CA GLU H 180 -35.17 -8.31 36.19
C GLU H 180 -34.36 -9.59 35.93
N VAL H 181 -34.59 -10.27 34.79
CA VAL H 181 -33.96 -11.55 34.49
C VAL H 181 -32.49 -11.34 34.13
N LYS H 182 -32.21 -10.24 33.40
CA LYS H 182 -30.84 -9.82 33.09
C LYS H 182 -30.08 -9.41 34.36
N ASN H 183 -30.78 -8.71 35.29
CA ASN H 183 -30.20 -8.44 36.59
C ASN H 183 -29.84 -9.74 37.33
N ALA H 184 -30.72 -10.75 37.23
CA ALA H 184 -30.50 -12.03 37.89
C ALA H 184 -29.27 -12.71 37.29
N ALA H 185 -29.18 -12.71 35.96
CA ALA H 185 -28.07 -13.38 35.30
C ALA H 185 -26.73 -12.77 35.75
N THR H 186 -26.70 -11.44 35.90
CA THR H 186 -25.51 -10.74 36.34
C THR H 186 -25.08 -11.26 37.71
N GLU H 187 -26.01 -11.25 38.66
CA GLU H 187 -25.69 -11.49 40.07
C GLU H 187 -25.22 -12.93 40.29
N THR H 188 -25.67 -13.90 39.49
CA THR H 188 -25.22 -15.28 39.65
C THR H 188 -23.89 -15.41 38.91
N LEU H 189 -23.96 -15.01 37.64
CA LEU H 189 -23.13 -15.57 36.60
C LEU H 189 -21.79 -14.85 36.48
N LEU H 190 -21.71 -13.56 36.79
CA LEU H 190 -20.52 -12.80 36.46
C LEU H 190 -19.34 -13.26 37.33
N VAL H 191 -19.57 -13.37 38.64
CA VAL H 191 -18.52 -13.84 39.54
C VAL H 191 -18.29 -15.33 39.29
N GLN H 192 -19.40 -16.08 39.19
CA GLN H 192 -19.34 -17.50 38.92
C GLN H 192 -18.37 -17.80 37.78
N ASN H 193 -18.44 -17.02 36.70
CA ASN H 193 -17.80 -17.35 35.43
C ASN H 193 -16.42 -16.70 35.32
N ALA H 194 -16.04 -15.91 36.32
CA ALA H 194 -14.68 -15.39 36.37
C ALA H 194 -13.69 -16.55 36.48
N ASN H 195 -12.41 -16.28 36.19
CA ASN H 195 -11.37 -17.29 36.22
C ASN H 195 -10.93 -17.50 37.66
N PRO H 196 -10.31 -18.64 38.01
CA PRO H 196 -10.06 -19.00 39.40
C PRO H 196 -9.42 -17.90 40.26
N ASP H 197 -8.36 -17.26 39.72
CA ASP H 197 -7.61 -16.28 40.49
C ASP H 197 -8.54 -15.12 40.90
N CYS H 198 -9.27 -14.59 39.90
CA CYS H 198 -10.09 -13.40 40.10
C CYS H 198 -11.36 -13.80 40.86
N LYS H 199 -11.88 -15.02 40.61
CA LYS H 199 -13.07 -15.49 41.32
C LYS H 199 -12.82 -15.55 42.82
N THR H 200 -11.64 -15.99 43.25
CA THR H 200 -11.33 -16.07 44.67
C THR H 200 -11.40 -14.66 45.26
N ILE H 201 -10.71 -13.72 44.60
CA ILE H 201 -10.65 -12.34 45.08
C ILE H 201 -12.04 -11.73 45.16
N LEU H 202 -12.87 -11.97 44.13
CA LEU H 202 -14.19 -11.37 44.07
C LEU H 202 -15.07 -11.93 45.18
N LYS H 203 -15.02 -13.25 45.39
CA LYS H 203 -15.82 -13.92 46.40
C LYS H 203 -15.52 -13.35 47.77
N ALA H 204 -14.25 -12.94 47.99
CA ALA H 204 -13.80 -12.37 49.25
C ALA H 204 -14.40 -10.98 49.50
N LEU H 205 -14.80 -10.27 48.43
CA LEU H 205 -15.50 -9.00 48.61
C LEU H 205 -16.91 -9.28 49.11
N GLY H 206 -17.49 -10.44 48.78
CA GLY H 206 -18.82 -10.78 49.22
C GLY H 206 -19.91 -9.83 48.71
N GLY H 208 -22.18 -7.82 48.00
CA GLY H 208 -22.64 -6.44 47.78
C GLY H 208 -21.57 -5.55 47.18
N ALA H 209 -20.51 -6.14 46.61
CA ALA H 209 -19.46 -5.35 45.95
C ALA H 209 -20.01 -4.65 44.71
N THR H 210 -19.53 -3.43 44.46
CA THR H 210 -19.83 -2.71 43.24
C THR H 210 -18.93 -3.18 42.09
N LEU H 211 -19.36 -2.88 40.86
CA LEU H 211 -18.59 -3.21 39.67
C LEU H 211 -17.25 -2.46 39.67
N GLU H 212 -17.27 -1.19 40.09
CA GLU H 212 -16.03 -0.44 40.21
C GLU H 212 -15.06 -1.20 41.12
N GLU H 213 -15.58 -1.69 42.26
CA GLU H 213 -14.76 -2.36 43.25
C GLU H 213 -14.22 -3.67 42.70
N MET H 214 -15.10 -4.44 42.05
CA MET H 214 -14.74 -5.73 41.48
C MET H 214 -13.60 -5.54 40.48
N MET H 215 -13.70 -4.49 39.66
CA MET H 215 -12.77 -4.30 38.56
C MET H 215 -11.42 -3.82 39.06
N THR H 216 -11.45 -2.96 40.09
CA THR H 216 -10.21 -2.52 40.72
C THR H 216 -9.49 -3.74 41.29
N ALA H 217 -10.24 -4.61 41.97
CA ALA H 217 -9.66 -5.76 42.66
C ALA H 217 -9.08 -6.80 41.70
N CYS H 218 -9.35 -6.73 40.38
CA CYS H 218 -8.84 -7.73 39.45
C CYS H 218 -8.00 -7.09 38.34
N GLN H 219 -7.42 -5.90 38.60
CA GLN H 219 -6.90 -5.06 37.53
C GLN H 219 -5.50 -5.47 37.07
N PRO I 1 -33.08 18.17 22.18
CA PRO I 1 -32.80 19.27 23.14
C PRO I 1 -34.03 20.15 23.26
N ILE I 2 -33.91 21.12 24.16
CA ILE I 2 -34.89 22.19 24.25
C ILE I 2 -34.17 23.49 23.88
N VAL I 3 -34.80 24.26 22.97
CA VAL I 3 -34.16 25.37 22.26
C VAL I 3 -35.06 26.60 22.29
N GLN I 4 -34.45 27.79 22.18
CA GLN I 4 -35.19 28.99 21.77
C GLN I 4 -35.70 28.86 20.33
N MET I 10 -39.99 28.05 23.72
CA MET I 10 -39.04 26.96 24.07
C MET I 10 -39.66 25.62 23.70
N VAL I 11 -38.92 24.80 22.92
CA VAL I 11 -39.48 23.74 22.09
C VAL I 11 -38.57 22.50 22.09
N HIS I 12 -39.16 21.30 21.98
CA HIS I 12 -38.37 20.07 21.80
C HIS I 12 -37.92 19.89 20.35
N GLN I 13 -36.63 20.11 20.07
CA GLN I 13 -35.94 19.65 18.89
C GLN I 13 -35.44 18.23 19.11
N CYS I 14 -35.47 17.45 18.03
CA CYS I 14 -34.81 16.17 17.97
C CYS I 14 -33.29 16.34 18.05
N ILE I 15 -32.58 15.34 18.54
CA ILE I 15 -31.14 15.36 18.43
C ILE I 15 -30.80 15.24 16.96
N SER I 16 -29.83 16.03 16.53
CA SER I 16 -29.51 16.06 15.12
C SER I 16 -28.58 14.88 14.83
N PRO I 17 -28.58 14.36 13.58
CA PRO I 17 -27.57 13.39 13.14
C PRO I 17 -26.13 13.82 13.35
N ARG I 18 -25.84 15.13 13.21
CA ARG I 18 -24.47 15.60 13.37
C ARG I 18 -24.07 15.36 14.84
N THR I 19 -24.96 15.76 15.75
CA THR I 19 -24.71 15.55 17.17
C THR I 19 -24.55 14.06 17.49
N LEU I 20 -25.42 13.23 16.96
CA LEU I 20 -25.41 11.81 17.31
C LEU I 20 -24.08 11.20 16.90
N ASN I 21 -23.67 11.54 15.68
CA ASN I 21 -22.49 10.94 15.10
C ASN I 21 -21.23 11.45 15.80
N ALA I 22 -21.26 12.71 16.21
CA ALA I 22 -20.11 13.33 16.83
C ALA I 22 -19.81 12.64 18.14
N TRP I 23 -20.86 12.30 18.90
CA TRP I 23 -20.67 11.65 20.18
C TRP I 23 -20.14 10.24 19.99
N VAL I 24 -20.68 9.52 19.00
CA VAL I 24 -20.25 8.16 18.78
C VAL I 24 -18.78 8.18 18.39
N LYS I 25 -18.40 9.09 17.50
CA LYS I 25 -17.05 9.15 16.97
C LYS I 25 -16.05 9.52 18.06
N VAL I 26 -16.41 10.48 18.91
CA VAL I 26 -15.54 10.86 19.99
C VAL I 26 -15.20 9.64 20.84
N VAL I 27 -16.22 8.84 21.17
CA VAL I 27 -16.01 7.67 22.00
C VAL I 27 -15.19 6.64 21.22
N GLU I 28 -15.41 6.51 19.90
CA GLU I 28 -14.66 5.56 19.11
C GLU I 28 -13.18 5.95 19.10
N GLU I 29 -12.89 7.24 18.96
CA GLU I 29 -11.55 7.69 18.66
C GLU I 29 -10.75 7.95 19.94
N LYS I 30 -11.42 8.28 21.06
CA LYS I 30 -10.72 8.77 22.25
C LYS I 30 -11.06 7.95 23.49
N ALA I 31 -11.96 6.96 23.36
CA ALA I 31 -12.27 6.06 24.46
C ALA I 31 -12.69 6.92 25.65
N PHE I 32 -11.97 6.81 26.79
CA PHE I 32 -12.32 7.61 27.96
C PHE I 32 -11.12 8.44 28.40
N SER I 33 -10.44 9.00 27.41
CA SER I 33 -9.47 10.04 27.63
C SER I 33 -10.19 11.24 28.24
N PRO I 34 -9.56 12.05 29.13
CA PRO I 34 -10.28 13.08 29.88
C PRO I 34 -11.10 14.06 29.04
N GLU I 35 -10.63 14.42 27.85
CA GLU I 35 -11.28 15.47 27.07
C GLU I 35 -12.61 14.98 26.47
N VAL I 36 -12.91 13.68 26.61
CA VAL I 36 -14.22 13.19 26.21
C VAL I 36 -15.31 13.82 27.05
N ILE I 37 -15.02 14.15 28.30
CA ILE I 37 -16.06 14.63 29.22
C ILE I 37 -16.57 15.98 28.74
N PRO I 38 -15.71 17.01 28.56
CA PRO I 38 -16.18 18.32 28.12
C PRO I 38 -16.81 18.25 26.73
N MET I 39 -16.38 17.30 25.89
CA MET I 39 -17.04 17.12 24.60
C MET I 39 -18.46 16.60 24.80
N PHE I 40 -18.63 15.64 25.70
CA PHE I 40 -19.93 15.11 26.02
C PHE I 40 -20.84 16.26 26.48
N SER I 41 -20.29 17.09 27.36
CA SER I 41 -21.04 18.17 27.96
C SER I 41 -21.45 19.19 26.91
N ALA I 42 -20.54 19.50 25.99
CA ALA I 42 -20.83 20.47 24.93
C ALA I 42 -21.84 19.86 23.96
N LEU I 43 -21.61 18.61 23.53
CA LEU I 43 -22.53 17.97 22.61
C LEU I 43 -23.92 17.79 23.24
N SER I 44 -24.02 17.79 24.56
CA SER I 44 -25.30 17.58 25.23
C SER I 44 -25.90 18.91 25.74
N CYS I 45 -25.38 20.03 25.24
CA CYS I 45 -25.98 21.32 25.53
C CYS I 45 -27.48 21.28 25.23
N GLY I 46 -28.29 21.75 26.17
CA GLY I 46 -29.73 21.83 26.03
C GLY I 46 -30.45 20.50 26.25
N ALA I 47 -29.72 19.42 26.56
CA ALA I 47 -30.27 18.08 26.43
C ALA I 47 -31.35 17.81 27.47
N THR I 48 -32.36 17.02 27.07
CA THR I 48 -33.30 16.42 28.01
C THR I 48 -32.73 15.12 28.57
N PRO I 49 -33.25 14.61 29.70
CA PRO I 49 -32.83 13.29 30.16
C PRO I 49 -32.94 12.24 29.06
N GLN I 50 -34.00 12.30 28.24
CA GLN I 50 -34.15 11.35 27.15
C GLN I 50 -32.97 11.47 26.18
N ASP I 51 -32.60 12.70 25.83
CA ASP I 51 -31.50 12.95 24.92
C ASP I 51 -30.21 12.40 25.51
N LEU I 52 -30.01 12.59 26.81
CA LEU I 52 -28.83 12.06 27.49
C LEU I 52 -28.83 10.53 27.44
N ASN I 53 -29.98 9.89 27.67
CA ASN I 53 -30.07 8.45 27.55
C ASN I 53 -29.82 8.00 26.12
N THR I 54 -30.39 8.74 25.17
CA THR I 54 -30.16 8.44 23.76
C THR I 54 -28.67 8.44 23.49
N MET I 55 -27.97 9.47 23.95
CA MET I 55 -26.55 9.59 23.68
C MET I 55 -25.79 8.43 24.31
N LEU I 56 -26.13 8.08 25.57
CA LEU I 56 -25.42 7.01 26.26
C LEU I 56 -25.72 5.66 25.60
N ASN I 57 -26.96 5.48 25.12
CA ASN I 57 -27.34 4.21 24.53
C ASN I 57 -26.62 3.99 23.19
N THR I 58 -26.19 5.07 22.51
CA THR I 58 -25.66 4.90 21.17
C THR I 58 -24.21 4.46 21.24
N VAL I 59 -23.63 4.49 22.43
CA VAL I 59 -22.27 4.03 22.62
C VAL I 59 -22.25 2.51 22.47
N GLY I 60 -21.50 2.05 21.47
CA GLY I 60 -21.20 0.63 21.33
C GLY I 60 -19.85 0.32 21.95
N GLY I 61 -19.77 -0.84 22.62
CA GLY I 61 -18.56 -1.23 23.32
C GLY I 61 -18.52 -0.61 24.71
N HIS I 62 -17.35 -0.75 25.35
CA HIS I 62 -17.13 -0.20 26.66
C HIS I 62 -18.28 -0.50 27.63
N GLN I 63 -18.82 -1.73 27.61
CA GLN I 63 -20.03 -1.96 28.38
C GLN I 63 -19.72 -2.13 29.86
N ALA I 64 -18.49 -2.50 30.20
CA ALA I 64 -18.10 -2.41 31.60
C ALA I 64 -18.26 -0.99 32.10
N ALA I 65 -17.63 -0.07 31.37
CA ALA I 65 -17.66 1.34 31.77
C ALA I 65 -19.10 1.82 31.86
N MET I 66 -19.94 1.43 30.86
CA MET I 66 -21.29 1.95 30.80
C MET I 66 -22.14 1.42 31.96
N GLN I 67 -21.83 0.21 32.43
CA GLN I 67 -22.55 -0.34 33.57
C GLN I 67 -22.05 0.31 34.86
N MET I 68 -20.75 0.58 34.94
CA MET I 68 -20.21 1.35 36.05
C MET I 68 -20.93 2.69 36.13
N LEU I 69 -21.18 3.28 34.95
CA LEU I 69 -21.82 4.56 34.90
C LEU I 69 -23.22 4.50 35.51
N LYS I 70 -23.98 3.43 35.24
CA LYS I 70 -25.29 3.25 35.86
C LYS I 70 -25.21 3.21 37.39
N GLU I 71 -24.25 2.45 37.93
CA GLU I 71 -24.09 2.41 39.37
C GLU I 71 -23.97 3.83 39.93
N THR I 72 -23.10 4.66 39.32
CA THR I 72 -22.89 6.00 39.83
C THR I 72 -24.17 6.81 39.73
N ILE I 73 -24.83 6.70 38.58
CA ILE I 73 -26.07 7.44 38.39
C ILE I 73 -27.06 7.04 39.49
N ASN I 74 -27.14 5.74 39.81
CA ASN I 74 -28.04 5.27 40.86
C ASN I 74 -27.75 5.86 42.23
N GLU I 75 -26.48 5.87 42.67
CA GLU I 75 -26.11 6.45 43.95
C GLU I 75 -26.62 7.89 44.02
N GLU I 76 -26.49 8.62 42.91
CA GLU I 76 -26.85 10.04 42.90
C GLU I 76 -28.37 10.21 42.88
N ALA I 77 -29.08 9.26 42.26
CA ALA I 77 -30.53 9.27 42.25
C ALA I 77 -31.08 9.08 43.66
N ALA I 78 -30.58 8.04 44.34
CA ALA I 78 -30.95 7.71 45.70
C ALA I 78 -30.63 8.86 46.65
N GLU I 79 -29.46 9.47 46.53
CA GLU I 79 -29.11 10.61 47.37
C GLU I 79 -30.05 11.78 47.10
N TRP I 80 -30.53 11.92 45.87
CA TRP I 80 -31.44 13.02 45.53
C TRP I 80 -32.78 12.81 46.22
N ASP I 81 -33.23 11.54 46.28
CA ASP I 81 -34.47 11.16 46.94
C ASP I 81 -34.38 11.40 48.45
N ARG I 82 -33.17 11.24 49.02
CA ARG I 82 -32.93 11.53 50.42
C ARG I 82 -33.14 13.03 50.67
N LEU I 83 -32.44 13.89 49.91
CA LEU I 83 -32.46 15.33 50.13
C LEU I 83 -33.81 15.98 49.76
N HIS I 84 -34.54 15.43 48.78
CA HIS I 84 -35.73 16.10 48.26
C HIS I 84 -36.87 15.09 48.20
N PRO I 85 -37.44 14.66 49.36
CA PRO I 85 -38.26 13.44 49.42
C PRO I 85 -39.52 13.37 48.53
N MET I 96 -48.03 20.24 38.21
CA MET I 96 -46.66 19.73 37.94
C MET I 96 -46.15 19.03 39.20
N ARG I 97 -45.91 17.72 39.11
CA ARG I 97 -45.38 16.95 40.23
C ARG I 97 -43.89 17.24 40.38
N GLU I 98 -43.37 16.96 41.58
CA GLU I 98 -41.95 17.07 41.86
C GLU I 98 -41.23 15.84 41.30
N PRO I 99 -40.02 15.97 40.73
CA PRO I 99 -39.32 14.82 40.15
C PRO I 99 -38.50 14.03 41.17
N ARG I 100 -38.71 12.70 41.18
CA ARG I 100 -37.83 11.78 41.88
C ARG I 100 -36.54 11.59 41.08
N GLY I 101 -35.55 10.96 41.71
CA GLY I 101 -34.26 10.70 41.08
C GLY I 101 -34.39 9.92 39.78
N SER I 102 -35.35 8.99 39.73
CA SER I 102 -35.54 8.16 38.56
C SER I 102 -36.23 8.95 37.45
N ASP I 103 -36.82 10.10 37.81
CA ASP I 103 -37.45 10.97 36.83
C ASP I 103 -36.40 11.84 36.15
N ILE I 104 -35.42 12.28 36.95
CA ILE I 104 -34.30 13.05 36.44
C ILE I 104 -33.49 12.22 35.45
N ALA I 105 -33.36 10.92 35.70
CA ALA I 105 -32.60 10.06 34.81
C ALA I 105 -33.46 9.59 33.64
N GLY I 106 -34.72 10.01 33.58
CA GLY I 106 -35.58 9.74 32.44
C GLY I 106 -36.11 8.31 32.42
N THR I 107 -36.00 7.62 33.56
CA THR I 107 -36.41 6.23 33.65
C THR I 107 -37.92 6.12 33.89
N THR I 108 -38.47 7.03 34.71
CA THR I 108 -39.87 6.98 35.10
C THR I 108 -40.59 8.27 34.70
N SER I 109 -39.98 9.08 33.83
CA SER I 109 -40.57 10.33 33.41
C SER I 109 -40.81 10.26 31.91
N THR I 110 -41.82 11.00 31.45
CA THR I 110 -42.10 11.14 30.04
C THR I 110 -41.35 12.35 29.50
N LEU I 111 -41.25 12.42 28.17
CA LEU I 111 -40.63 13.57 27.53
C LEU I 111 -41.33 14.86 27.94
N GLN I 112 -42.67 14.84 27.98
CA GLN I 112 -43.49 16.02 28.27
C GLN I 112 -43.19 16.49 29.69
N GLU I 113 -43.09 15.55 30.62
CA GLU I 113 -42.73 15.87 32.00
C GLU I 113 -41.35 16.53 32.06
N GLN I 114 -40.39 16.02 31.28
CA GLN I 114 -39.04 16.56 31.26
C GLN I 114 -39.06 18.00 30.74
N ILE I 115 -39.78 18.21 29.64
CA ILE I 115 -39.94 19.54 29.07
C ILE I 115 -40.64 20.45 30.08
N GLY I 116 -41.70 19.94 30.72
CA GLY I 116 -42.41 20.65 31.77
C GLY I 116 -41.45 21.23 32.81
N TRP I 117 -40.62 20.38 33.41
CA TRP I 117 -39.71 20.81 34.45
C TRP I 117 -38.71 21.83 33.94
N MET I 118 -38.21 21.59 32.72
CA MET I 118 -37.08 22.32 32.19
C MET I 118 -37.50 23.74 31.77
N THR I 119 -38.75 23.88 31.31
CA THR I 119 -39.25 25.16 30.83
C THR I 119 -40.17 25.85 31.84
N HIS I 120 -40.47 25.19 32.96
CA HIS I 120 -41.22 25.81 34.04
C HIS I 120 -40.54 27.10 34.46
N ASN I 121 -41.36 28.04 34.95
CA ASN I 121 -40.89 29.28 35.53
C ASN I 121 -41.16 29.22 37.03
N PRO I 122 -40.14 29.04 37.91
CA PRO I 122 -38.75 28.87 37.49
C PRO I 122 -38.41 27.43 37.08
N PRO I 123 -37.29 27.21 36.37
CA PRO I 123 -36.98 25.88 35.84
C PRO I 123 -36.51 24.90 36.92
N ILE I 124 -37.00 23.67 36.83
CA ILE I 124 -36.37 22.51 37.44
C ILE I 124 -35.50 21.87 36.36
N PRO I 125 -34.16 22.10 36.38
CA PRO I 125 -33.31 21.78 35.22
C PRO I 125 -32.85 20.32 35.26
N VAL I 126 -33.79 19.42 34.95
CA VAL I 126 -33.55 18.00 35.12
C VAL I 126 -32.46 17.53 34.16
N GLY I 127 -32.37 18.15 32.99
CA GLY I 127 -31.28 17.87 32.09
C GLY I 127 -29.92 18.17 32.71
N GLU I 128 -29.78 19.35 33.29
CA GLU I 128 -28.50 19.76 33.84
C GLU I 128 -28.14 18.91 35.05
N ILE I 129 -29.17 18.48 35.82
CA ILE I 129 -28.92 17.68 37.00
C ILE I 129 -28.44 16.29 36.57
N TYR I 130 -29.16 15.68 35.64
CA TYR I 130 -28.77 14.37 35.17
C TYR I 130 -27.37 14.40 34.54
N LYS I 131 -27.08 15.46 33.77
CA LYS I 131 -25.77 15.62 33.16
C LYS I 131 -24.71 15.63 34.25
N ARG I 132 -24.98 16.32 35.35
CA ARG I 132 -24.00 16.40 36.42
C ARG I 132 -23.70 15.01 36.96
N TRP I 133 -24.75 14.18 37.08
CA TRP I 133 -24.57 12.81 37.56
C TRP I 133 -23.73 12.01 36.58
N ILE I 134 -24.06 12.14 35.29
CA ILE I 134 -23.39 11.35 34.27
C ILE I 134 -21.91 11.70 34.30
N ILE I 135 -21.60 12.98 34.46
CA ILE I 135 -20.22 13.42 34.45
C ILE I 135 -19.48 12.87 35.67
N LEU I 136 -20.17 12.82 36.81
CA LEU I 136 -19.56 12.17 37.98
C LEU I 136 -19.14 10.76 37.61
N GLY I 137 -20.05 10.01 36.97
CA GLY I 137 -19.75 8.65 36.56
C GLY I 137 -18.65 8.58 35.50
N LEU I 138 -18.65 9.54 34.58
CA LEU I 138 -17.66 9.56 33.51
C LEU I 138 -16.28 9.84 34.10
N ASN I 139 -16.21 10.66 35.14
CA ASN I 139 -14.95 10.93 35.82
C ASN I 139 -14.38 9.67 36.47
N LYS I 140 -15.24 8.87 37.12
CA LYS I 140 -14.82 7.62 37.73
C LYS I 140 -14.26 6.69 36.65
N ILE I 141 -14.93 6.62 35.51
CA ILE I 141 -14.45 5.82 34.39
C ILE I 141 -13.09 6.32 33.91
N VAL I 142 -12.92 7.64 33.77
CA VAL I 142 -11.67 8.19 33.27
C VAL I 142 -10.52 7.82 34.20
N ARG I 143 -10.73 7.86 35.53
CA ARG I 143 -9.69 7.46 36.48
CA ARG I 143 -9.69 7.46 36.48
C ARG I 143 -9.37 5.98 36.27
N MET I 144 -10.41 5.14 36.10
CA MET I 144 -10.27 3.70 35.95
C MET I 144 -9.40 3.38 34.74
N TYR I 145 -9.79 3.90 33.57
CA TYR I 145 -9.05 3.70 32.32
C TYR I 145 -7.69 4.41 32.35
N SER I 146 -7.39 5.22 33.37
CA SER I 146 -6.08 5.85 33.47
C SER I 146 -5.05 4.82 33.90
N PRO I 147 -4.00 4.56 33.08
CA PRO I 147 -3.04 3.50 33.37
C PRO I 147 -2.06 3.76 34.52
N THR I 148 -1.90 5.02 34.94
CA THR I 148 -0.79 5.35 35.81
C THR I 148 -1.20 6.31 36.92
N SER I 149 -0.58 6.12 38.10
CA SER I 149 -0.69 7.08 39.19
C SER I 149 0.30 8.22 38.97
N ILE I 150 -0.09 9.44 39.39
CA ILE I 150 0.78 10.59 39.27
C ILE I 150 2.10 10.33 39.99
N LEU I 151 2.07 9.48 41.03
CA LEU I 151 3.28 9.14 41.78
C LEU I 151 4.32 8.44 40.90
N ASP I 152 3.91 7.83 39.79
CA ASP I 152 4.84 7.09 38.93
C ASP I 152 5.28 7.90 37.71
N ILE I 153 4.85 9.16 37.58
CA ILE I 153 5.27 9.96 36.45
C ILE I 153 6.59 10.65 36.79
N ARG I 154 7.69 9.99 36.40
CA ARG I 154 9.06 10.47 36.60
C ARG I 154 9.63 10.79 35.21
N GLN I 155 10.43 11.86 35.10
CA GLN I 155 11.02 12.29 33.85
C GLN I 155 12.11 11.32 33.42
N GLY I 156 12.02 10.81 32.18
CA GLY I 156 13.03 9.90 31.68
C GLY I 156 14.40 10.59 31.60
N PRO I 157 15.53 9.85 31.69
CA PRO I 157 16.85 10.47 31.57
C PRO I 157 17.04 11.21 30.26
N LYS I 158 16.35 10.76 29.19
CA LYS I 158 16.45 11.36 27.87
C LYS I 158 15.16 12.09 27.46
N GLU I 159 14.16 12.18 28.36
CA GLU I 159 12.88 12.79 28.03
C GLU I 159 12.98 14.31 28.11
N PRO I 160 12.60 15.03 27.04
CA PRO I 160 12.53 16.50 27.13
C PRO I 160 11.53 16.94 28.19
N PHE I 161 11.86 18.03 28.89
CA PHE I 161 11.05 18.47 30.00
C PHE I 161 9.59 18.56 29.56
N ARG I 162 9.33 19.17 28.40
CA ARG I 162 7.97 19.45 27.98
C ARG I 162 7.12 18.17 27.87
N ASP I 163 7.71 17.08 27.39
CA ASP I 163 7.01 15.82 27.25
C ASP I 163 6.63 15.24 28.61
N TYR I 164 7.55 15.38 29.57
CA TYR I 164 7.33 14.99 30.96
C TYR I 164 6.12 15.74 31.52
N VAL I 165 6.14 17.05 31.34
CA VAL I 165 5.07 17.88 31.85
C VAL I 165 3.74 17.48 31.21
N ASP I 166 3.72 17.22 29.91
CA ASP I 166 2.51 16.73 29.25
C ASP I 166 1.98 15.48 29.95
N ARG I 167 2.87 14.53 30.23
CA ARG I 167 2.48 13.27 30.86
C ARG I 167 1.99 13.56 32.28
N PHE I 168 2.76 14.38 33.00
CA PHE I 168 2.42 14.72 34.36
C PHE I 168 0.97 15.18 34.40
N TYR I 169 0.66 16.24 33.64
CA TYR I 169 -0.66 16.83 33.72
C TYR I 169 -1.71 15.96 33.01
N LYS I 170 -1.33 15.19 31.99
CA LYS I 170 -2.30 14.25 31.42
C LYS I 170 -2.76 13.31 32.54
N THR I 171 -1.79 12.72 33.24
CA THR I 171 -2.09 11.77 34.29
C THR I 171 -2.90 12.42 35.41
N LEU I 172 -2.49 13.64 35.79
CA LEU I 172 -3.12 14.35 36.89
C LEU I 172 -4.58 14.65 36.58
N ARG I 173 -4.89 15.03 35.33
CA ARG I 173 -6.26 15.33 34.89
C ARG I 173 -7.17 14.11 35.04
N ALA I 174 -6.64 12.89 34.90
CA ALA I 174 -7.45 11.69 34.98
C ALA I 174 -7.88 11.40 36.42
N GLU I 175 -7.04 11.75 37.39
CA GLU I 175 -7.25 11.34 38.77
C GLU I 175 -8.40 12.09 39.40
N GLN I 176 -8.96 11.50 40.46
CA GLN I 176 -10.18 11.99 41.10
C GLN I 176 -9.83 12.68 42.41
N ALA I 177 -9.91 14.02 42.42
CA ALA I 177 -9.46 14.80 43.55
C ALA I 177 -9.88 16.25 43.38
N SER I 178 -10.14 16.91 44.51
CA SER I 178 -10.40 18.34 44.54
C SER I 178 -9.27 19.10 43.85
N GLN I 179 -9.58 20.30 43.39
CA GLN I 179 -8.58 21.15 42.75
C GLN I 179 -7.40 21.37 43.71
N GLU I 180 -7.71 21.54 45.01
CA GLU I 180 -6.71 21.83 46.03
C GLU I 180 -5.68 20.71 46.12
N VAL I 181 -6.13 19.45 46.07
CA VAL I 181 -5.25 18.29 46.26
C VAL I 181 -4.36 18.10 45.03
N LYS I 182 -4.94 18.32 43.84
CA LYS I 182 -4.20 18.32 42.58
C LYS I 182 -3.18 19.46 42.55
N ASN I 183 -3.55 20.64 43.05
CA ASN I 183 -2.60 21.74 43.19
C ASN I 183 -1.44 21.32 44.10
N ALA I 184 -1.74 20.60 45.19
CA ALA I 184 -0.72 20.17 46.13
C ALA I 184 0.23 19.19 45.44
N ALA I 185 -0.34 18.24 44.70
CA ALA I 185 0.47 17.22 44.03
C ALA I 185 1.47 17.89 43.07
N THR I 186 1.02 18.94 42.36
CA THR I 186 1.87 19.66 41.43
C THR I 186 3.08 20.24 42.18
N GLU I 187 2.81 20.98 43.26
CA GLU I 187 3.83 21.76 43.94
C GLU I 187 4.91 20.86 44.57
N THR I 188 4.56 19.65 45.00
CA THR I 188 5.56 18.76 45.58
C THR I 188 6.28 18.06 44.42
N LEU I 189 5.44 17.47 43.57
CA LEU I 189 5.83 16.29 42.82
C LEU I 189 6.50 16.63 41.50
N LEU I 190 6.17 17.77 40.88
CA LEU I 190 6.63 18.01 39.51
C LEU I 190 8.13 18.21 39.48
N VAL I 191 8.64 19.07 40.39
CA VAL I 191 10.08 19.30 40.46
C VAL I 191 10.75 18.07 41.05
N GLN I 192 10.15 17.52 42.11
CA GLN I 192 10.67 16.32 42.74
C GLN I 192 11.01 15.25 41.69
N ASN I 193 10.09 15.05 40.74
CA ASN I 193 10.13 13.89 39.85
C ASN I 193 10.87 14.19 38.55
N ALA I 194 11.31 15.44 38.38
CA ALA I 194 12.17 15.78 37.26
C ALA I 194 13.48 14.98 37.36
N ASN I 195 14.22 14.92 36.24
CA ASN I 195 15.46 14.17 36.17
C ASN I 195 16.57 15.03 36.78
N PRO I 196 17.69 14.43 37.22
CA PRO I 196 18.69 15.15 38.01
C PRO I 196 19.13 16.49 37.45
N ASP I 197 19.43 16.53 36.13
CA ASP I 197 19.97 17.73 35.50
C ASP I 197 18.97 18.87 35.64
N CYS I 198 17.70 18.59 35.28
CA CYS I 198 16.66 19.60 35.23
C CYS I 198 16.20 19.92 36.66
N LYS I 199 16.19 18.90 37.54
CA LYS I 199 15.81 19.10 38.93
C LYS I 199 16.73 20.13 39.60
N THR I 200 18.03 20.04 39.34
CA THR I 200 18.97 20.98 39.94
C THR I 200 18.60 22.40 39.51
N ILE I 201 18.44 22.58 38.18
CA ILE I 201 18.13 23.88 37.62
C ILE I 201 16.83 24.44 38.19
N LEU I 202 15.82 23.58 38.29
CA LEU I 202 14.51 24.03 38.76
C LEU I 202 14.58 24.45 40.21
N LYS I 203 15.27 23.65 41.05
CA LYS I 203 15.40 23.93 42.46
C LYS I 203 16.04 25.29 42.68
N ALA I 204 16.96 25.67 41.77
CA ALA I 204 17.65 26.95 41.84
C ALA I 204 16.72 28.14 41.55
N LEU I 205 15.61 27.90 40.84
CA LEU I 205 14.61 28.95 40.66
C LEU I 205 13.84 29.12 41.97
N GLY I 206 13.60 30.36 42.35
CA GLY I 206 13.09 30.65 43.70
C GLY I 206 11.71 30.08 43.98
N GLY I 208 8.71 30.76 43.70
CA GLY I 208 7.50 31.19 42.99
C GLY I 208 7.70 31.21 41.48
N ALA I 209 8.54 30.29 40.97
CA ALA I 209 8.80 30.22 39.53
C ALA I 209 7.55 29.79 38.77
N THR I 210 7.34 30.39 37.59
CA THR I 210 6.23 30.03 36.73
C THR I 210 6.57 28.82 35.87
N LEU I 211 5.53 28.18 35.34
CA LEU I 211 5.69 27.02 34.48
C LEU I 211 6.42 27.45 33.19
N GLU I 212 6.08 28.63 32.65
CA GLU I 212 6.79 29.14 31.50
C GLU I 212 8.28 29.20 31.79
N GLU I 213 8.63 29.72 32.99
CA GLU I 213 10.03 29.89 33.38
C GLU I 213 10.71 28.55 33.54
N MET I 214 10.03 27.60 34.21
CA MET I 214 10.57 26.27 34.43
C MET I 214 10.90 25.61 33.09
N MET I 215 10.01 25.78 32.11
CA MET I 215 10.11 25.08 30.85
C MET I 215 11.21 25.68 29.99
N THR I 216 11.34 27.01 30.04
CA THR I 216 12.44 27.69 29.35
C THR I 216 13.76 27.19 29.91
N ALA I 217 13.85 27.10 31.24
CA ALA I 217 15.08 26.74 31.91
C ALA I 217 15.51 25.29 31.64
N CYS I 218 14.64 24.43 31.08
CA CYS I 218 15.01 23.04 30.84
C CYS I 218 14.86 22.66 29.37
N GLN I 219 14.96 23.64 28.46
CA GLN I 219 14.52 23.47 27.08
C GLN I 219 15.56 22.76 26.21
N PRO J 1 -37.72 21.44 -4.82
CA PRO J 1 -38.94 20.88 -4.21
C PRO J 1 -39.92 22.01 -3.90
N ILE J 2 -41.08 21.59 -3.44
CA ILE J 2 -42.05 22.53 -2.87
C ILE J 2 -42.19 22.20 -1.38
N VAL J 3 -42.11 23.25 -0.56
CA VAL J 3 -41.99 23.13 0.90
C VAL J 3 -43.01 24.01 1.59
N GLN J 4 -43.53 23.52 2.74
CA GLN J 4 -44.33 24.27 3.70
C GLN J 4 -43.44 25.13 4.61
N ASN J 5 -44.08 25.89 5.53
CA ASN J 5 -43.43 26.62 6.62
C ASN J 5 -42.40 27.60 6.03
N GLN J 9 -46.93 28.84 3.99
CA GLN J 9 -46.77 29.39 2.62
C GLN J 9 -45.89 28.44 1.80
N MET J 10 -46.42 27.94 0.67
CA MET J 10 -45.83 26.84 -0.09
C MET J 10 -45.05 27.41 -1.28
N VAL J 11 -43.76 26.99 -1.40
CA VAL J 11 -42.75 27.74 -2.14
C VAL J 11 -41.77 26.79 -2.86
N HIS J 12 -41.23 27.25 -4.00
CA HIS J 12 -40.17 26.51 -4.70
C HIS J 12 -38.80 26.74 -4.06
N GLN J 13 -38.28 25.73 -3.36
CA GLN J 13 -36.88 25.61 -3.01
C GLN J 13 -36.13 24.91 -4.14
N CYS J 14 -34.87 25.34 -4.33
CA CYS J 14 -33.94 24.64 -5.19
C CYS J 14 -33.59 23.28 -4.59
N ILE J 15 -33.21 22.33 -5.43
CA ILE J 15 -32.65 21.10 -4.92
C ILE J 15 -31.33 21.45 -4.27
N SER J 16 -31.09 20.84 -3.11
CA SER J 16 -29.89 21.18 -2.35
C SER J 16 -28.73 20.39 -2.95
N PRO J 17 -27.49 20.90 -2.82
CA PRO J 17 -26.29 20.11 -3.12
C PRO J 17 -26.20 18.77 -2.43
N ARG J 18 -26.67 18.69 -1.18
CA ARG J 18 -26.59 17.45 -0.42
C ARG J 18 -27.48 16.43 -1.13
N THR J 19 -28.71 16.84 -1.47
CA THR J 19 -29.62 15.98 -2.20
C THR J 19 -29.03 15.55 -3.55
N LEU J 20 -28.46 16.48 -4.29
CA LEU J 20 -27.98 16.17 -5.63
C LEU J 20 -26.90 15.12 -5.55
N ASN J 21 -25.99 15.33 -4.61
CA ASN J 21 -24.82 14.48 -4.50
C ASN J 21 -25.22 13.10 -4.00
N ALA J 22 -26.21 13.05 -3.11
CA ALA J 22 -26.64 11.81 -2.51
C ALA J 22 -27.20 10.89 -3.59
N TRP J 23 -27.96 11.46 -4.54
CA TRP J 23 -28.56 10.67 -5.59
C TRP J 23 -27.47 10.15 -6.53
N VAL J 24 -26.52 11.00 -6.88
CA VAL J 24 -25.48 10.60 -7.80
C VAL J 24 -24.70 9.45 -7.16
N LYS J 25 -24.36 9.60 -5.87
CA LYS J 25 -23.53 8.63 -5.17
C LYS J 25 -24.23 7.29 -5.05
N VAL J 26 -25.52 7.33 -4.72
CA VAL J 26 -26.28 6.10 -4.60
C VAL J 26 -26.19 5.31 -5.89
N VAL J 27 -26.37 6.00 -7.02
CA VAL J 27 -26.33 5.32 -8.31
C VAL J 27 -24.90 4.84 -8.59
N GLU J 28 -23.87 5.61 -8.20
CA GLU J 28 -22.51 5.20 -8.43
C GLU J 28 -22.21 3.93 -7.64
N GLU J 29 -22.68 3.87 -6.40
CA GLU J 29 -22.22 2.85 -5.48
C GLU J 29 -23.10 1.60 -5.54
N LYS J 30 -24.37 1.72 -5.97
CA LYS J 30 -25.31 0.61 -5.86
C LYS J 30 -25.95 0.28 -7.21
N ALA J 31 -25.63 1.04 -8.26
CA ALA J 31 -26.15 0.74 -9.59
C ALA J 31 -27.66 0.64 -9.51
N PHE J 32 -28.25 -0.51 -9.87
CA PHE J 32 -29.70 -0.64 -9.80
C PHE J 32 -30.08 -1.82 -8.93
N SER J 33 -29.36 -1.93 -7.81
CA SER J 33 -29.76 -2.78 -6.72
C SER J 33 -31.11 -2.29 -6.19
N PRO J 34 -32.01 -3.17 -5.69
CA PRO J 34 -33.39 -2.76 -5.40
C PRO J 34 -33.54 -1.56 -4.45
N GLU J 35 -32.63 -1.40 -3.48
CA GLU J 35 -32.79 -0.38 -2.47
C GLU J 35 -32.50 1.01 -3.02
N VAL J 36 -32.05 1.11 -4.28
CA VAL J 36 -31.90 2.39 -4.93
C VAL J 36 -33.27 3.05 -5.10
N ILE J 37 -34.33 2.26 -5.28
CA ILE J 37 -35.64 2.81 -5.58
C ILE J 37 -36.14 3.63 -4.39
N PRO J 38 -36.24 3.03 -3.17
CA PRO J 38 -36.73 3.78 -2.02
C PRO J 38 -35.83 4.95 -1.67
N MET J 39 -34.54 4.85 -1.98
CA MET J 39 -33.65 5.99 -1.78
C MET J 39 -34.01 7.13 -2.74
N PHE J 40 -34.28 6.76 -4.00
CA PHE J 40 -34.69 7.75 -5.00
C PHE J 40 -35.94 8.45 -4.51
N SER J 41 -36.89 7.65 -4.01
CA SER J 41 -38.18 8.15 -3.59
C SER J 41 -38.04 9.09 -2.41
N ALA J 42 -37.19 8.71 -1.45
CA ALA J 42 -36.97 9.54 -0.28
C ALA J 42 -36.22 10.82 -0.68
N LEU J 43 -35.15 10.69 -1.47
CA LEU J 43 -34.41 11.87 -1.91
C LEU J 43 -35.26 12.80 -2.77
N SER J 44 -36.34 12.29 -3.37
CA SER J 44 -37.19 13.10 -4.24
C SER J 44 -38.48 13.53 -3.54
N CYS J 45 -38.51 13.41 -2.21
CA CYS J 45 -39.63 13.92 -1.44
C CYS J 45 -39.85 15.38 -1.80
N GLY J 46 -41.11 15.74 -2.06
CA GLY J 46 -41.50 17.10 -2.37
C GLY J 46 -41.22 17.53 -3.81
N ALA J 47 -40.68 16.62 -4.63
CA ALA J 47 -40.04 17.04 -5.89
C ALA J 47 -41.07 17.53 -6.90
N THR J 48 -40.68 18.53 -7.71
CA THR J 48 -41.41 18.89 -8.91
C THR J 48 -40.96 18.01 -10.08
N PRO J 49 -41.75 17.92 -11.16
CA PRO J 49 -41.28 17.23 -12.36
C PRO J 49 -39.90 17.71 -12.80
N GLN J 50 -39.64 19.02 -12.71
CA GLN J 50 -38.33 19.54 -13.08
C GLN J 50 -37.24 18.93 -12.19
N ASP J 51 -37.50 18.87 -10.89
CA ASP J 51 -36.55 18.32 -9.94
C ASP J 51 -36.29 16.85 -10.27
N LEU J 52 -37.36 16.12 -10.63
CA LEU J 52 -37.22 14.71 -11.01
C LEU J 52 -36.37 14.58 -12.27
N ASN J 53 -36.60 15.46 -13.27
CA ASN J 53 -35.77 15.43 -14.47
C ASN J 53 -34.33 15.79 -14.13
N THR J 54 -34.16 16.79 -13.27
CA THR J 54 -32.83 17.17 -12.83
C THR J 54 -32.11 15.96 -12.26
N MET J 55 -32.80 15.24 -11.37
CA MET J 55 -32.19 14.10 -10.71
C MET J 55 -31.82 13.02 -11.73
N LEU J 56 -32.73 12.74 -12.67
CA LEU J 56 -32.47 11.70 -13.66
C LEU J 56 -31.34 12.13 -14.59
N ASN J 57 -31.26 13.42 -14.93
CA ASN J 57 -30.26 13.88 -15.87
C ASN J 57 -28.86 13.80 -15.24
N THR J 58 -28.75 13.84 -13.90
CA THR J 58 -27.44 13.95 -13.30
C THR J 58 -26.77 12.58 -13.25
N VAL J 59 -27.53 11.53 -13.56
CA VAL J 59 -26.98 10.20 -13.60
C VAL J 59 -26.07 10.10 -14.81
N GLY J 60 -24.78 9.83 -14.54
CA GLY J 60 -23.82 9.51 -15.58
C GLY J 60 -23.68 7.99 -15.68
N GLY J 61 -23.55 7.52 -16.93
CA GLY J 61 -23.52 6.09 -17.19
C GLY J 61 -24.93 5.51 -17.26
N HIS J 62 -24.99 4.18 -17.31
CA HIS J 62 -26.25 3.47 -17.33
C HIS J 62 -27.21 4.05 -18.37
N GLN J 63 -26.74 4.38 -19.56
CA GLN J 63 -27.62 5.15 -20.45
C GLN J 63 -28.58 4.19 -21.15
N ALA J 64 -28.25 2.91 -21.25
CA ALA J 64 -29.25 1.95 -21.67
C ALA J 64 -30.44 2.00 -20.73
N ALA J 65 -30.15 1.85 -19.43
CA ALA J 65 -31.19 1.82 -18.43
C ALA J 65 -32.00 3.11 -18.50
N MET J 66 -31.31 4.25 -18.65
CA MET J 66 -31.99 5.54 -18.59
C MET J 66 -32.91 5.72 -19.80
N GLN J 67 -32.53 5.14 -20.95
CA GLN J 67 -33.37 5.21 -22.14
C GLN J 67 -34.55 4.26 -22.00
N MET J 68 -34.31 3.08 -21.41
CA MET J 68 -35.41 2.18 -21.09
C MET J 68 -36.41 2.92 -20.22
N LEU J 69 -35.89 3.71 -19.27
CA LEU J 69 -36.74 4.42 -18.36
C LEU J 69 -37.64 5.40 -19.12
N LYS J 70 -37.12 6.11 -20.13
CA LYS J 70 -37.95 6.99 -20.95
C LYS J 70 -39.09 6.24 -21.65
N GLU J 71 -38.79 5.07 -22.23
CA GLU J 71 -39.84 4.28 -22.86
C GLU J 71 -40.98 4.06 -21.86
N THR J 72 -40.65 3.63 -20.64
CA THR J 72 -41.70 3.34 -19.66
C THR J 72 -42.46 4.61 -19.32
N ILE J 73 -41.74 5.71 -19.10
CA ILE J 73 -42.38 6.96 -18.79
C ILE J 73 -43.35 7.31 -19.91
N ASN J 74 -42.96 7.11 -21.17
CA ASN J 74 -43.82 7.41 -22.31
C ASN J 74 -45.11 6.60 -22.31
N GLU J 75 -45.02 5.27 -22.11
CA GLU J 75 -46.21 4.42 -22.06
C GLU J 75 -47.19 5.00 -21.04
N GLU J 76 -46.67 5.45 -19.89
CA GLU J 76 -47.53 5.90 -18.80
C GLU J 76 -48.11 7.28 -19.12
N ALA J 77 -47.36 8.09 -19.86
CA ALA J 77 -47.84 9.40 -20.29
C ALA J 77 -49.03 9.25 -21.25
N ALA J 78 -48.83 8.39 -22.26
CA ALA J 78 -49.86 8.09 -23.25
C ALA J 78 -51.10 7.49 -22.59
N GLU J 79 -50.93 6.55 -21.65
CA GLU J 79 -52.06 5.97 -20.94
C GLU J 79 -52.78 7.04 -20.13
N TRP J 80 -52.06 8.04 -19.62
CA TRP J 80 -52.68 9.10 -18.84
C TRP J 80 -53.55 9.96 -19.75
N ASP J 81 -53.07 10.21 -20.97
CA ASP J 81 -53.80 10.99 -21.98
C ASP J 81 -55.08 10.25 -22.41
N ARG J 82 -55.05 8.91 -22.42
CA ARG J 82 -56.21 8.09 -22.70
C ARG J 82 -57.26 8.33 -21.62
N LEU J 83 -56.90 8.13 -20.35
CA LEU J 83 -57.85 8.17 -19.23
C LEU J 83 -58.33 9.60 -18.95
N HIS J 84 -57.53 10.63 -19.20
CA HIS J 84 -57.86 11.99 -18.79
C HIS J 84 -57.65 12.94 -19.96
N PRO J 85 -58.49 12.89 -21.02
CA PRO J 85 -58.15 13.46 -22.35
C PRO J 85 -57.81 14.96 -22.41
N MET J 96 -56.42 27.76 -14.61
CA MET J 96 -55.47 26.63 -14.50
C MET J 96 -55.90 25.54 -15.48
N ARG J 97 -55.05 25.25 -16.47
CA ARG J 97 -55.33 24.22 -17.45
C ARG J 97 -55.10 22.84 -16.81
N GLU J 98 -55.70 21.81 -17.41
CA GLU J 98 -55.49 20.44 -16.98
C GLU J 98 -54.17 19.95 -17.59
N PRO J 99 -53.34 19.16 -16.87
CA PRO J 99 -52.06 18.69 -17.39
C PRO J 99 -52.18 17.44 -18.26
N ARG J 100 -51.56 17.50 -19.44
CA ARG J 100 -51.34 16.32 -20.27
C ARG J 100 -50.17 15.51 -19.70
N GLY J 101 -50.01 14.28 -20.18
CA GLY J 101 -48.93 13.39 -19.75
C GLY J 101 -47.56 14.03 -19.88
N SER J 102 -47.36 14.81 -20.93
CA SER J 102 -46.07 15.42 -21.18
C SER J 102 -45.85 16.61 -20.25
N ASP J 103 -46.93 17.07 -19.61
CA ASP J 103 -46.83 18.16 -18.65
C ASP J 103 -46.41 17.60 -17.29
N ILE J 104 -46.93 16.42 -16.95
CA ILE J 104 -46.57 15.73 -15.74
C ILE J 104 -45.08 15.36 -15.76
N ALA J 105 -44.55 15.01 -16.93
CA ALA J 105 -43.14 14.65 -17.04
C ALA J 105 -42.26 15.88 -17.19
N GLY J 106 -42.87 17.07 -17.19
CA GLY J 106 -42.11 18.32 -17.19
C GLY J 106 -41.52 18.67 -18.55
N THR J 107 -42.02 18.02 -19.59
CA THR J 107 -41.51 18.22 -20.94
C THR J 107 -42.15 19.44 -21.59
N THR J 108 -43.44 19.66 -21.35
CA THR J 108 -44.21 20.71 -22.00
C THR J 108 -44.81 21.66 -20.96
N SER J 109 -44.36 21.57 -19.71
CA SER J 109 -44.88 22.40 -18.65
C SER J 109 -43.74 23.28 -18.13
N THR J 110 -44.10 24.45 -17.61
CA THR J 110 -43.15 25.33 -16.97
C THR J 110 -43.11 25.00 -15.49
N LEU J 111 -42.07 25.50 -14.82
CA LEU J 111 -41.95 25.34 -13.38
C LEU J 111 -43.18 25.92 -12.68
N GLN J 112 -43.64 27.10 -13.11
CA GLN J 112 -44.75 27.81 -12.49
C GLN J 112 -46.02 26.98 -12.61
N GLU J 113 -46.24 26.38 -13.79
CA GLU J 113 -47.37 25.50 -14.00
C GLU J 113 -47.29 24.30 -13.05
N GLN J 114 -46.09 23.74 -12.85
CA GLN J 114 -45.92 22.59 -11.97
C GLN J 114 -46.27 22.97 -10.53
N ILE J 115 -45.75 24.12 -10.10
CA ILE J 115 -46.06 24.64 -8.78
C ILE J 115 -47.56 24.90 -8.64
N GLY J 116 -48.15 25.52 -9.68
CA GLY J 116 -49.58 25.76 -9.76
C GLY J 116 -50.38 24.51 -9.43
N TRP J 117 -50.13 23.43 -10.16
CA TRP J 117 -50.88 22.18 -9.98
C TRP J 117 -50.67 21.61 -8.58
N MET J 118 -49.43 21.68 -8.10
CA MET J 118 -49.03 20.97 -6.90
C MET J 118 -49.58 21.67 -5.65
N THR J 119 -49.70 22.99 -5.71
CA THR J 119 -50.15 23.79 -4.57
C THR J 119 -51.62 24.21 -4.70
N HIS J 120 -52.25 23.93 -5.84
CA HIS J 120 -53.67 24.16 -6.01
C HIS J 120 -54.44 23.48 -4.88
N ASN J 121 -55.58 24.09 -4.53
CA ASN J 121 -56.50 23.53 -3.56
C ASN J 121 -57.75 23.11 -4.33
N PRO J 122 -58.01 21.79 -4.56
CA PRO J 122 -57.13 20.71 -4.13
C PRO J 122 -55.96 20.47 -5.08
N PRO J 123 -54.90 19.74 -4.64
CA PRO J 123 -53.70 19.59 -5.46
C PRO J 123 -53.90 18.61 -6.62
N ILE J 124 -53.34 18.98 -7.78
CA ILE J 124 -53.00 18.03 -8.83
C ILE J 124 -51.52 17.67 -8.63
N PRO J 125 -51.21 16.50 -8.02
CA PRO J 125 -49.85 16.23 -7.54
C PRO J 125 -48.97 15.65 -8.65
N VAL J 126 -48.57 16.54 -9.56
CA VAL J 126 -47.88 16.11 -10.76
C VAL J 126 -46.52 15.52 -10.40
N GLY J 127 -45.90 16.02 -9.34
CA GLY J 127 -44.67 15.42 -8.85
C GLY J 127 -44.86 13.97 -8.45
N GLU J 128 -45.91 13.70 -7.65
CA GLU J 128 -46.11 12.35 -7.15
C GLU J 128 -46.50 11.41 -8.30
N ILE J 129 -47.21 11.95 -9.30
CA ILE J 129 -47.63 11.11 -10.41
C ILE J 129 -46.41 10.75 -11.26
N TYR J 130 -45.59 11.76 -11.59
CA TYR J 130 -44.40 11.49 -12.38
C TYR J 130 -43.47 10.53 -11.64
N LYS J 131 -43.33 10.71 -10.32
CA LYS J 131 -42.50 9.84 -9.52
C LYS J 131 -43.00 8.40 -9.67
N ARG J 132 -44.31 8.22 -9.64
CA ARG J 132 -44.87 6.88 -9.74
C ARG J 132 -44.45 6.24 -11.05
N TRP J 133 -44.45 7.03 -12.13
CA TRP J 133 -44.06 6.53 -13.44
C TRP J 133 -42.58 6.14 -13.42
N ILE J 134 -41.75 7.02 -12.85
CA ILE J 134 -40.33 6.79 -12.86
C ILE J 134 -40.03 5.49 -12.12
N ILE J 135 -40.74 5.27 -11.02
CA ILE J 135 -40.50 4.10 -10.20
C ILE J 135 -40.92 2.85 -10.96
N LEU J 136 -42.02 2.95 -11.73
CA LEU J 136 -42.39 1.83 -12.60
C LEU J 136 -41.21 1.47 -13.50
N GLY J 137 -40.62 2.48 -14.13
CA GLY J 137 -39.48 2.27 -15.01
C GLY J 137 -38.25 1.75 -14.27
N LEU J 138 -38.04 2.26 -13.04
CA LEU J 138 -36.89 1.86 -12.25
C LEU J 138 -37.03 0.39 -11.84
N ASN J 139 -38.27 -0.05 -11.59
CA ASN J 139 -38.51 -1.44 -11.25
C ASN J 139 -38.18 -2.36 -12.42
N LYS J 140 -38.55 -1.97 -13.64
CA LYS J 140 -38.23 -2.76 -14.83
C LYS J 140 -36.71 -2.87 -14.97
N ILE J 141 -36.01 -1.77 -14.76
CA ILE J 141 -34.55 -1.78 -14.79
C ILE J 141 -33.98 -2.74 -13.73
N VAL J 142 -34.51 -2.69 -12.51
CA VAL J 142 -33.99 -3.51 -11.42
C VAL J 142 -34.16 -4.98 -11.77
N ARG J 143 -35.28 -5.39 -12.37
CA ARG J 143 -35.47 -6.78 -12.79
CA ARG J 143 -35.47 -6.78 -12.79
C ARG J 143 -34.43 -7.13 -13.85
N MET J 144 -34.21 -6.21 -14.81
CA MET J 144 -33.28 -6.43 -15.92
C MET J 144 -31.87 -6.69 -15.39
N TYR J 145 -31.35 -5.78 -14.56
CA TYR J 145 -30.04 -5.90 -13.96
C TYR J 145 -29.99 -7.06 -12.92
N SER J 146 -31.12 -7.68 -12.59
CA SER J 146 -31.10 -8.83 -11.69
C SER J 146 -30.56 -10.05 -12.42
N PRO J 147 -29.45 -10.65 -11.95
CA PRO J 147 -28.83 -11.78 -12.65
C PRO J 147 -29.59 -13.12 -12.60
N THR J 148 -30.52 -13.29 -11.67
CA THR J 148 -31.02 -14.63 -11.40
C THR J 148 -32.53 -14.64 -11.18
N SER J 149 -33.17 -15.73 -11.64
CA SER J 149 -34.56 -16.01 -11.34
C SER J 149 -34.66 -16.67 -9.97
N ILE J 150 -35.75 -16.38 -9.25
CA ILE J 150 -35.99 -16.98 -7.94
C ILE J 150 -36.00 -18.50 -8.06
N LEU J 151 -36.39 -19.02 -9.24
CA LEU J 151 -36.40 -20.45 -9.49
C LEU J 151 -35.00 -21.08 -9.35
N ASP J 152 -33.95 -20.29 -9.51
CA ASP J 152 -32.59 -20.83 -9.47
C ASP J 152 -31.91 -20.59 -8.12
N ILE J 153 -32.61 -20.01 -7.14
CA ILE J 153 -32.00 -19.82 -5.82
C ILE J 153 -32.23 -21.07 -4.98
N ARG J 154 -31.24 -21.96 -5.02
CA ARG J 154 -31.19 -23.21 -4.27
C ARG J 154 -30.07 -23.05 -3.23
N GLN J 155 -30.28 -23.61 -2.03
CA GLN J 155 -29.31 -23.53 -0.95
C GLN J 155 -28.11 -24.42 -1.24
N GLY J 156 -26.91 -23.84 -1.17
CA GLY J 156 -25.70 -24.62 -1.39
C GLY J 156 -25.55 -25.72 -0.34
N PRO J 157 -24.87 -26.85 -0.64
CA PRO J 157 -24.67 -27.91 0.35
C PRO J 157 -23.96 -27.44 1.61
N LYS J 158 -23.12 -26.41 1.47
CA LYS J 158 -22.38 -25.84 2.59
C LYS J 158 -22.86 -24.43 2.96
N GLU J 159 -23.93 -23.93 2.34
CA GLU J 159 -24.41 -22.58 2.60
C GLU J 159 -25.23 -22.54 3.88
N PRO J 160 -24.90 -21.64 4.82
CA PRO J 160 -25.75 -21.45 5.99
C PRO J 160 -27.15 -20.99 5.61
N PHE J 161 -28.15 -21.48 6.33
CA PHE J 161 -29.53 -21.20 5.96
C PHE J 161 -29.71 -19.69 5.76
N ARG J 162 -29.20 -18.88 6.71
CA ARG J 162 -29.45 -17.45 6.69
C ARG J 162 -28.97 -16.80 5.39
N ASP J 163 -27.82 -17.23 4.86
CA ASP J 163 -27.28 -16.67 3.64
C ASP J 163 -28.16 -17.01 2.44
N TYR J 164 -28.71 -18.23 2.43
CA TYR J 164 -29.66 -18.68 1.44
C TYR J 164 -30.88 -17.77 1.44
N VAL J 165 -31.42 -17.56 2.63
CA VAL J 165 -32.60 -16.74 2.77
C VAL J 165 -32.32 -15.31 2.28
N ASP J 166 -31.15 -14.76 2.63
CA ASP J 166 -30.75 -13.44 2.12
C ASP J 166 -30.81 -13.41 0.59
N ARG J 167 -30.26 -14.44 -0.05
CA ARG J 167 -30.23 -14.50 -1.51
C ARG J 167 -31.64 -14.66 -2.04
N PHE J 168 -32.39 -15.57 -1.41
CA PHE J 168 -33.75 -15.83 -1.83
C PHE J 168 -34.49 -14.49 -1.92
N TYR J 169 -34.54 -13.76 -0.80
CA TYR J 169 -35.34 -12.54 -0.76
C TYR J 169 -34.66 -11.40 -1.51
N LYS J 170 -33.31 -11.39 -1.60
CA LYS J 170 -32.68 -10.39 -2.46
C LYS J 170 -33.23 -10.56 -3.87
N THR J 171 -33.16 -11.79 -4.36
CA THR J 171 -33.57 -12.10 -5.72
C THR J 171 -35.06 -11.79 -5.91
N LEU J 172 -35.86 -12.18 -4.92
CA LEU J 172 -37.31 -12.02 -5.00
C LEU J 172 -37.70 -10.55 -5.08
N ARG J 173 -37.00 -9.68 -4.32
CA ARG J 173 -37.25 -8.23 -4.32
C ARG J 173 -37.01 -7.63 -5.71
N ALA J 174 -36.09 -8.18 -6.50
CA ALA J 174 -35.79 -7.63 -7.81
C ALA J 174 -36.91 -7.91 -8.81
N GLU J 175 -37.58 -9.05 -8.67
CA GLU J 175 -38.53 -9.50 -9.68
C GLU J 175 -39.79 -8.65 -9.70
N GLN J 176 -40.48 -8.70 -10.85
CA GLN J 176 -41.65 -7.86 -11.09
C GLN J 176 -42.93 -8.68 -10.96
N ALA J 177 -43.65 -8.46 -9.87
CA ALA J 177 -44.82 -9.27 -9.55
C ALA J 177 -45.59 -8.63 -8.40
N SER J 178 -46.91 -8.86 -8.41
CA SER J 178 -47.77 -8.44 -7.32
C SER J 178 -47.28 -9.06 -6.02
N GLN J 179 -47.65 -8.43 -4.90
CA GLN J 179 -47.28 -8.94 -3.58
C GLN J 179 -47.78 -10.38 -3.43
N GLU J 180 -48.98 -10.65 -3.96
CA GLU J 180 -49.62 -11.95 -3.82
C GLU J 180 -48.77 -13.05 -4.46
N VAL J 181 -48.19 -12.79 -5.65
CA VAL J 181 -47.45 -13.77 -6.41
C VAL J 181 -46.09 -14.04 -5.75
N LYS J 182 -45.47 -12.97 -5.23
CA LYS J 182 -44.24 -13.07 -4.44
C LYS J 182 -44.48 -13.84 -3.14
N ASN J 183 -45.63 -13.59 -2.48
CA ASN J 183 -46.01 -14.40 -1.33
C ASN J 183 -46.14 -15.88 -1.71
N ALA J 184 -46.71 -16.16 -2.89
CA ALA J 184 -46.88 -17.52 -3.36
C ALA J 184 -45.51 -18.18 -3.59
N ALA J 185 -44.60 -17.45 -4.22
CA ALA J 185 -43.29 -17.99 -4.54
C ALA J 185 -42.57 -18.41 -3.25
N THR J 186 -42.71 -17.59 -2.20
CA THR J 186 -42.09 -17.87 -0.92
C THR J 186 -42.60 -19.20 -0.37
N GLU J 187 -43.93 -19.34 -0.32
CA GLU J 187 -44.56 -20.47 0.36
C GLU J 187 -44.25 -21.80 -0.32
N THR J 188 -44.05 -21.82 -1.64
CA THR J 188 -43.73 -23.06 -2.31
C THR J 188 -42.21 -23.28 -2.16
N LEU J 189 -41.48 -22.24 -2.53
CA LEU J 189 -40.15 -22.39 -3.08
C LEU J 189 -39.07 -22.38 -2.00
N LEU J 190 -39.28 -21.68 -0.88
CA LEU J 190 -38.19 -21.47 0.06
C LEU J 190 -37.79 -22.77 0.73
N VAL J 191 -38.78 -23.52 1.23
CA VAL J 191 -38.52 -24.81 1.86
C VAL J 191 -38.10 -25.81 0.79
N GLN J 192 -38.86 -25.80 -0.33
CA GLN J 192 -38.56 -26.68 -1.46
C GLN J 192 -37.07 -26.64 -1.79
N ASN J 193 -36.49 -25.44 -1.85
CA ASN J 193 -35.18 -25.21 -2.43
C ASN J 193 -34.07 -25.27 -1.39
N ALA J 194 -34.45 -25.45 -0.12
CA ALA J 194 -33.46 -25.67 0.92
C ALA J 194 -32.69 -26.97 0.61
N ASN J 195 -31.53 -27.15 1.26
CA ASN J 195 -30.67 -28.30 1.05
C ASN J 195 -31.24 -29.46 1.87
N PRO J 196 -30.90 -30.71 1.53
CA PRO J 196 -31.58 -31.88 2.11
C PRO J 196 -31.70 -31.88 3.64
N ASP J 197 -30.59 -31.56 4.31
CA ASP J 197 -30.51 -31.64 5.76
C ASP J 197 -31.54 -30.69 6.36
N CYS J 198 -31.53 -29.43 5.89
CA CYS J 198 -32.35 -28.37 6.45
C CYS J 198 -33.79 -28.55 5.95
N LYS J 199 -33.97 -29.04 4.72
CA LYS J 199 -35.30 -29.26 4.18
C LYS J 199 -36.07 -30.27 5.03
N THR J 200 -35.40 -31.33 5.48
CA THR J 200 -36.07 -32.34 6.30
C THR J 200 -36.57 -31.67 7.58
N ILE J 201 -35.67 -30.93 8.25
CA ILE J 201 -35.99 -30.28 9.50
C ILE J 201 -37.15 -29.29 9.33
N LEU J 202 -37.11 -28.52 8.24
CA LEU J 202 -38.13 -27.51 8.01
C LEU J 202 -39.49 -28.16 7.77
N LYS J 203 -39.51 -29.22 6.95
CA LYS J 203 -40.74 -29.91 6.62
C LYS J 203 -41.41 -30.44 7.88
N ALA J 204 -40.59 -30.82 8.88
CA ALA J 204 -41.08 -31.33 10.15
C ALA J 204 -41.77 -30.24 10.98
N LEU J 205 -41.43 -28.97 10.76
CA LEU J 205 -42.15 -27.88 11.41
C LEU J 205 -43.54 -27.74 10.80
N GLY J 206 -43.72 -28.14 9.55
CA GLY J 206 -45.06 -28.14 8.96
C GLY J 206 -45.56 -26.71 8.72
N PRO J 207 -46.66 -26.55 7.94
CA PRO J 207 -46.88 -25.34 7.16
C PRO J 207 -46.82 -24.03 7.94
N GLY J 208 -47.09 -24.06 9.25
CA GLY J 208 -47.37 -22.84 9.99
C GLY J 208 -46.12 -22.11 10.49
N ALA J 209 -44.92 -22.63 10.23
CA ALA J 209 -43.72 -22.15 10.90
C ALA J 209 -43.42 -20.70 10.50
N THR J 210 -42.92 -19.92 11.47
CA THR J 210 -42.39 -18.59 11.20
C THR J 210 -40.97 -18.67 10.67
N LEU J 211 -40.54 -17.58 10.01
CA LEU J 211 -39.19 -17.48 9.49
C LEU J 211 -38.18 -17.50 10.64
N GLU J 212 -38.49 -16.82 11.76
CA GLU J 212 -37.64 -16.88 12.93
C GLU J 212 -37.43 -18.34 13.34
N GLU J 213 -38.52 -19.13 13.36
CA GLU J 213 -38.48 -20.51 13.80
C GLU J 213 -37.65 -21.35 12.82
N MET J 214 -37.90 -21.14 11.52
CA MET J 214 -37.21 -21.87 10.48
C MET J 214 -35.70 -21.64 10.61
N MET J 215 -35.31 -20.39 10.87
CA MET J 215 -33.91 -20.01 10.86
C MET J 215 -33.19 -20.53 12.09
N THR J 216 -33.89 -20.51 13.24
CA THR J 216 -33.34 -21.09 14.46
C THR J 216 -33.08 -22.58 14.22
N ALA J 217 -34.05 -23.27 13.61
CA ALA J 217 -33.98 -24.70 13.42
C ALA J 217 -32.89 -25.12 12.45
N CYS J 218 -32.28 -24.20 11.68
CA CYS J 218 -31.25 -24.58 10.71
C CYS J 218 -29.93 -23.84 10.98
N GLN J 219 -29.69 -23.42 12.22
CA GLN J 219 -28.66 -22.43 12.51
C GLN J 219 -27.24 -23.05 12.58
N PRO K 1 -27.40 33.67 -4.97
CA PRO K 1 -28.70 33.45 -5.61
C PRO K 1 -29.72 34.48 -5.10
N ILE K 2 -30.90 34.40 -5.70
CA ILE K 2 -32.05 35.13 -5.20
C ILE K 2 -33.07 34.10 -4.74
N VAL K 3 -33.59 34.32 -3.52
CA VAL K 3 -34.47 33.38 -2.82
C VAL K 3 -35.75 34.09 -2.37
N VAL K 11 -34.50 38.12 -2.03
CA VAL K 11 -33.27 38.62 -1.35
C VAL K 11 -32.03 37.97 -1.99
N HIS K 12 -30.91 38.73 -2.00
CA HIS K 12 -29.61 38.18 -2.40
C HIS K 12 -28.96 37.38 -1.28
N GLN K 13 -28.96 36.04 -1.40
CA GLN K 13 -28.11 35.16 -0.66
C GLN K 13 -26.78 35.01 -1.37
N CYS K 14 -25.72 34.89 -0.57
CA CYS K 14 -24.40 34.51 -1.08
C CYS K 14 -24.43 33.07 -1.57
N ILE K 15 -23.55 32.74 -2.51
CA ILE K 15 -23.38 31.35 -2.87
C ILE K 15 -22.76 30.66 -1.66
N SER K 16 -23.26 29.47 -1.35
CA SER K 16 -22.80 28.79 -0.16
C SER K 16 -21.50 28.07 -0.50
N PRO K 17 -20.62 27.83 0.49
CA PRO K 17 -19.48 26.94 0.33
C PRO K 17 -19.79 25.54 -0.22
N ARG K 18 -20.94 24.99 0.16
CA ARG K 18 -21.29 23.64 -0.29
C ARG K 18 -21.49 23.72 -1.81
N THR K 19 -22.25 24.72 -2.25
CA THR K 19 -22.47 24.92 -3.67
C THR K 19 -21.16 25.16 -4.43
N LEU K 20 -20.29 26.01 -3.89
CA LEU K 20 -19.07 26.36 -4.58
C LEU K 20 -18.23 25.12 -4.80
N ASN K 21 -18.11 24.33 -3.73
CA ASN K 21 -17.23 23.19 -3.74
C ASN K 21 -17.80 22.10 -4.65
N ALA K 22 -19.12 21.98 -4.68
CA ALA K 22 -19.78 20.94 -5.45
C ALA K 22 -19.49 21.16 -6.94
N TRP K 23 -19.51 22.43 -7.37
CA TRP K 23 -19.27 22.72 -8.77
C TRP K 23 -17.82 22.44 -9.13
N VAL K 24 -16.89 22.84 -8.25
CA VAL K 24 -15.48 22.65 -8.53
C VAL K 24 -15.22 21.14 -8.64
N LYS K 25 -15.78 20.36 -7.71
CA LYS K 25 -15.53 18.94 -7.63
C LYS K 25 -16.09 18.21 -8.85
N VAL K 26 -17.29 18.59 -9.26
CA VAL K 26 -17.90 17.98 -10.43
C VAL K 26 -16.97 18.13 -11.62
N VAL K 27 -16.43 19.34 -11.80
CA VAL K 27 -15.55 19.60 -12.93
C VAL K 27 -14.24 18.82 -12.75
N GLU K 28 -13.74 18.70 -11.51
CA GLU K 28 -12.50 17.97 -11.28
C GLU K 28 -12.71 16.50 -11.63
N GLU K 29 -13.86 15.93 -11.26
CA GLU K 29 -14.03 14.50 -11.29
C GLU K 29 -14.59 14.04 -12.65
N LYS K 30 -15.31 14.91 -13.37
CA LYS K 30 -16.06 14.48 -14.54
C LYS K 30 -15.71 15.28 -15.79
N ALA K 31 -14.83 16.29 -15.64
CA ALA K 31 -14.38 17.06 -16.79
C ALA K 31 -15.60 17.60 -17.52
N PHE K 32 -15.77 17.25 -18.80
CA PHE K 32 -16.93 17.73 -19.55
C PHE K 32 -17.72 16.55 -20.11
N SER K 33 -17.84 15.53 -19.27
CA SER K 33 -18.80 14.46 -19.51
C SER K 33 -20.21 15.07 -19.51
N PRO K 34 -21.17 14.55 -20.31
CA PRO K 34 -22.46 15.23 -20.48
C PRO K 34 -23.21 15.59 -19.22
N GLU K 35 -23.12 14.75 -18.17
CA GLU K 35 -23.94 14.95 -16.97
C GLU K 35 -23.44 16.15 -16.15
N VAL K 36 -22.30 16.74 -16.53
CA VAL K 36 -21.85 17.95 -15.89
C VAL K 36 -22.84 19.08 -16.14
N ILE K 37 -23.51 19.08 -17.30
CA ILE K 37 -24.38 20.18 -17.67
C ILE K 37 -25.55 20.27 -16.71
N PRO K 38 -26.36 19.21 -16.54
CA PRO K 38 -27.51 19.26 -15.64
C PRO K 38 -27.09 19.51 -14.20
N MET K 39 -25.89 19.07 -13.82
CA MET K 39 -25.39 19.38 -12.49
C MET K 39 -25.11 20.89 -12.35
N PHE K 40 -24.51 21.47 -13.38
CA PHE K 40 -24.26 22.90 -13.40
C PHE K 40 -25.57 23.63 -13.22
N SER K 41 -26.58 23.19 -13.98
CA SER K 41 -27.88 23.84 -14.00
C SER K 41 -28.55 23.77 -12.65
N ALA K 42 -28.47 22.58 -12.03
CA ALA K 42 -29.09 22.39 -10.72
C ALA K 42 -28.33 23.19 -9.67
N LEU K 43 -26.99 23.12 -9.67
CA LEU K 43 -26.19 23.86 -8.72
C LEU K 43 -26.36 25.37 -8.90
N SER K 44 -26.80 25.83 -10.07
CA SER K 44 -26.93 27.25 -10.33
C SER K 44 -28.40 27.71 -10.25
N CYS K 45 -29.25 26.86 -9.67
CA CYS K 45 -30.63 27.24 -9.43
C CYS K 45 -30.65 28.58 -8.67
N GLY K 46 -31.48 29.51 -9.13
CA GLY K 46 -31.67 30.81 -8.53
C GLY K 46 -30.56 31.82 -8.85
N ALA K 47 -29.57 31.43 -9.65
CA ALA K 47 -28.33 32.19 -9.72
C ALA K 47 -28.52 33.53 -10.41
N THR K 48 -27.77 34.54 -9.95
CA THR K 48 -27.61 35.79 -10.68
C THR K 48 -26.49 35.67 -11.69
N PRO K 49 -26.42 36.54 -12.71
CA PRO K 49 -25.27 36.55 -13.61
C PRO K 49 -23.94 36.58 -12.85
N GLN K 50 -23.87 37.34 -11.75
CA GLN K 50 -22.64 37.38 -10.96
C GLN K 50 -22.30 35.99 -10.41
N ASP K 51 -23.34 35.30 -9.89
CA ASP K 51 -23.15 33.98 -9.33
C ASP K 51 -22.67 33.02 -10.42
N LEU K 52 -23.23 33.15 -11.62
CA LEU K 52 -22.83 32.32 -12.74
C LEU K 52 -21.37 32.61 -13.10
N ASN K 53 -20.96 33.89 -13.11
CA ASN K 53 -19.56 34.22 -13.37
C ASN K 53 -18.67 33.68 -12.26
N THR K 54 -19.13 33.81 -11.02
CA THR K 54 -18.39 33.27 -9.90
C THR K 54 -18.13 31.79 -10.12
N MET K 55 -19.19 31.06 -10.48
CA MET K 55 -19.07 29.62 -10.65
C MET K 55 -18.09 29.30 -11.78
N LEU K 56 -18.20 30.02 -12.91
CA LEU K 56 -17.32 29.75 -14.05
C LEU K 56 -15.87 30.12 -13.71
N ASN K 57 -15.67 31.19 -12.94
CA ASN K 57 -14.33 31.63 -12.63
C ASN K 57 -13.63 30.65 -11.69
N THR K 58 -14.38 29.85 -10.92
CA THR K 58 -13.74 29.02 -9.91
C THR K 58 -13.20 27.76 -10.55
N VAL K 59 -13.54 27.52 -11.81
CA VAL K 59 -13.00 26.38 -12.52
C VAL K 59 -11.54 26.64 -12.80
N GLY K 60 -10.70 25.76 -12.26
CA GLY K 60 -9.28 25.73 -12.58
C GLY K 60 -9.04 24.66 -13.65
N GLY K 61 -8.13 24.98 -14.58
CA GLY K 61 -7.87 24.11 -15.70
C GLY K 61 -8.88 24.32 -16.82
N HIS K 62 -8.81 23.45 -17.83
CA HIS K 62 -9.73 23.49 -18.94
C HIS K 62 -9.88 24.91 -19.51
N GLN K 63 -8.79 25.65 -19.67
CA GLN K 63 -8.96 27.05 -20.02
C GLN K 63 -9.21 27.18 -21.52
N ALA K 64 -8.83 26.18 -22.33
CA ALA K 64 -9.29 26.18 -23.70
C ALA K 64 -10.82 26.16 -23.72
N ALA K 65 -11.39 25.19 -23.01
CA ALA K 65 -12.83 25.05 -22.99
C ALA K 65 -13.49 26.34 -22.50
N MET K 66 -12.90 26.94 -21.45
CA MET K 66 -13.51 28.11 -20.82
C MET K 66 -13.48 29.30 -21.77
N GLN K 67 -12.46 29.39 -22.61
CA GLN K 67 -12.36 30.46 -23.59
C GLN K 67 -13.34 30.21 -24.74
N MET K 68 -13.47 28.94 -25.14
CA MET K 68 -14.48 28.57 -26.11
C MET K 68 -15.84 29.02 -25.60
N LEU K 69 -16.06 28.83 -24.29
CA LEU K 69 -17.32 29.16 -23.70
C LEU K 69 -17.60 30.67 -23.84
N LYS K 70 -16.59 31.52 -23.63
CA LYS K 70 -16.77 32.96 -23.84
C LYS K 70 -17.18 33.30 -25.27
N GLU K 71 -16.53 32.68 -26.27
CA GLU K 71 -16.93 32.92 -27.64
C GLU K 71 -18.42 32.68 -27.81
N THR K 72 -18.93 31.54 -27.30
CA THR K 72 -20.33 31.22 -27.48
C THR K 72 -21.20 32.25 -26.76
N ILE K 73 -20.82 32.59 -25.53
CA ILE K 73 -21.56 33.57 -24.78
C ILE K 73 -21.65 34.86 -25.59
N ASN K 74 -20.53 35.28 -26.21
CA ASN K 74 -20.50 36.49 -27.00
C ASN K 74 -21.47 36.48 -28.18
N GLU K 75 -21.48 35.38 -28.97
CA GLU K 75 -22.38 35.27 -30.10
C GLU K 75 -23.81 35.50 -29.61
N GLU K 76 -24.15 34.93 -28.45
CA GLU K 76 -25.52 34.99 -27.95
C GLU K 76 -25.84 36.38 -27.41
N ALA K 77 -24.82 37.07 -26.88
CA ALA K 77 -24.99 38.44 -26.40
C ALA K 77 -25.31 39.38 -27.57
N ALA K 78 -24.50 39.28 -28.62
CA ALA K 78 -24.65 40.06 -29.83
C ALA K 78 -26.01 39.79 -30.49
N GLU K 79 -26.40 38.53 -30.59
CA GLU K 79 -27.70 38.18 -31.14
C GLU K 79 -28.83 38.77 -30.29
N TRP K 80 -28.63 38.87 -28.98
CA TRP K 80 -29.64 39.42 -28.10
C TRP K 80 -29.81 40.92 -28.37
N ASP K 81 -28.69 41.60 -28.61
CA ASP K 81 -28.66 43.03 -28.93
C ASP K 81 -29.35 43.30 -30.27
N ARG K 82 -29.26 42.34 -31.22
CA ARG K 82 -29.95 42.43 -32.50
C ARG K 82 -31.46 42.42 -32.24
N LEU K 83 -31.96 41.38 -31.55
CA LEU K 83 -33.40 41.18 -31.36
C LEU K 83 -34.03 42.23 -30.42
N HIS K 84 -33.27 42.75 -29.44
CA HIS K 84 -33.86 43.59 -28.41
C HIS K 84 -33.01 44.85 -28.24
N PRO K 85 -33.00 45.79 -29.23
CA PRO K 85 -31.93 46.79 -29.36
C PRO K 85 -31.65 47.70 -28.15
N MET K 96 -36.10 51.54 -14.26
CA MET K 96 -35.40 50.29 -14.60
C MET K 96 -35.07 50.30 -16.10
N ARG K 97 -33.77 50.31 -16.42
CA ARG K 97 -33.33 50.29 -17.81
C ARG K 97 -33.48 48.87 -18.37
N GLU K 98 -33.54 48.76 -19.71
CA GLU K 98 -33.56 47.48 -20.38
C GLU K 98 -32.13 46.93 -20.44
N PRO K 99 -31.91 45.61 -20.25
CA PRO K 99 -30.57 45.04 -20.25
C PRO K 99 -30.04 44.72 -21.64
N ARG K 100 -28.83 45.18 -21.93
CA ARG K 100 -28.06 44.72 -23.09
C ARG K 100 -27.47 43.33 -22.82
N GLY K 101 -26.98 42.69 -23.87
CA GLY K 101 -26.38 41.36 -23.79
C GLY K 101 -25.26 41.29 -22.75
N SER K 102 -24.48 42.36 -22.65
CA SER K 102 -23.35 42.40 -21.73
C SER K 102 -23.84 42.59 -20.30
N ASP K 103 -25.10 43.01 -20.14
CA ASP K 103 -25.69 43.17 -18.83
C ASP K 103 -26.18 41.81 -18.32
N ILE K 104 -26.73 41.01 -19.23
CA ILE K 104 -27.17 39.67 -18.91
C ILE K 104 -25.99 38.80 -18.48
N ALA K 105 -24.82 39.01 -19.09
CA ALA K 105 -23.65 38.22 -18.75
C ALA K 105 -22.93 38.82 -17.53
N GLY K 106 -23.46 39.90 -16.96
CA GLY K 106 -22.95 40.46 -15.72
C GLY K 106 -21.66 41.24 -15.92
N THR K 107 -21.36 41.60 -17.16
CA THR K 107 -20.12 42.29 -17.48
C THR K 107 -20.26 43.79 -17.25
N THR K 108 -21.44 44.35 -17.57
CA THR K 108 -21.68 45.79 -17.52
C THR K 108 -22.84 46.10 -16.58
N SER K 109 -23.27 45.13 -15.78
CA SER K 109 -24.40 45.31 -14.87
C SER K 109 -23.90 45.16 -13.44
N THR K 110 -24.59 45.83 -12.52
CA THR K 110 -24.31 45.67 -11.11
C THR K 110 -25.20 44.57 -10.55
N LEU K 111 -24.84 44.08 -9.37
CA LEU K 111 -25.64 43.08 -8.68
C LEU K 111 -27.07 43.59 -8.48
N GLN K 112 -27.22 44.86 -8.07
CA GLN K 112 -28.51 45.47 -7.77
C GLN K 112 -29.38 45.49 -9.03
N GLU K 113 -28.77 45.85 -10.15
CA GLU K 113 -29.45 45.83 -11.44
C GLU K 113 -29.94 44.41 -11.76
N GLN K 114 -29.09 43.40 -11.50
CA GLN K 114 -29.44 42.01 -11.78
C GLN K 114 -30.64 41.59 -10.94
N ILE K 115 -30.58 41.92 -9.65
CA ILE K 115 -31.67 41.65 -8.73
C ILE K 115 -32.94 42.37 -9.17
N GLY K 116 -32.77 43.65 -9.54
CA GLY K 116 -33.86 44.46 -10.09
C GLY K 116 -34.63 43.72 -11.19
N TRP K 117 -33.90 43.29 -12.23
CA TRP K 117 -34.53 42.65 -13.38
C TRP K 117 -35.20 41.34 -12.96
N MET K 118 -34.54 40.59 -12.07
CA MET K 118 -34.93 39.22 -11.79
C MET K 118 -36.18 39.20 -10.90
N THR K 119 -36.32 40.21 -10.04
CA THR K 119 -37.44 40.27 -9.09
C THR K 119 -38.52 41.26 -9.54
N HIS K 120 -38.29 41.99 -10.64
CA HIS K 120 -39.32 42.83 -11.22
C HIS K 120 -40.57 42.00 -11.50
N ASN K 121 -41.72 42.68 -11.42
CA ASN K 121 -43.01 42.08 -11.77
C ASN K 121 -43.47 42.78 -13.05
N PRO K 122 -43.44 42.12 -14.25
CA PRO K 122 -42.94 40.75 -14.39
C PRO K 122 -41.43 40.66 -14.49
N PRO K 123 -40.83 39.46 -14.29
CA PRO K 123 -39.38 39.33 -14.25
C PRO K 123 -38.74 39.43 -15.63
N ILE K 124 -37.61 40.14 -15.70
CA ILE K 124 -36.64 39.96 -16.75
C ILE K 124 -35.58 38.99 -16.22
N PRO K 125 -35.65 37.69 -16.59
CA PRO K 125 -34.92 36.65 -15.85
C PRO K 125 -33.49 36.51 -16.39
N VAL K 126 -32.65 37.49 -16.07
CA VAL K 126 -31.33 37.60 -16.67
C VAL K 126 -30.48 36.41 -16.25
N GLY K 127 -30.68 35.89 -15.04
CA GLY K 127 -30.02 34.67 -14.64
C GLY K 127 -30.34 33.50 -15.56
N GLU K 128 -31.61 33.28 -15.83
CA GLU K 128 -32.03 32.13 -16.62
C GLU K 128 -31.57 32.31 -18.07
N ILE K 129 -31.51 33.55 -18.55
CA ILE K 129 -31.10 33.80 -19.93
C ILE K 129 -29.61 33.52 -20.05
N TYR K 130 -28.81 34.07 -19.12
CA TYR K 130 -27.38 33.85 -19.15
C TYR K 130 -27.07 32.35 -19.01
N LYS K 131 -27.80 31.65 -18.13
CA LYS K 131 -27.61 30.23 -17.94
C LYS K 131 -27.84 29.53 -19.28
N ARG K 132 -28.86 29.94 -20.02
CA ARG K 132 -29.16 29.29 -21.27
C ARG K 132 -27.98 29.43 -22.23
N TRP K 133 -27.35 30.61 -22.23
CA TRP K 133 -26.19 30.85 -23.08
C TRP K 133 -25.03 29.96 -22.66
N ILE K 134 -24.80 29.88 -21.35
CA ILE K 134 -23.67 29.13 -20.84
C ILE K 134 -23.84 27.68 -21.24
N ILE K 135 -25.06 27.18 -21.16
CA ILE K 135 -25.34 25.77 -21.46
C ILE K 135 -25.12 25.53 -22.95
N LEU K 136 -25.48 26.50 -23.79
CA LEU K 136 -25.18 26.37 -25.20
C LEU K 136 -23.68 26.14 -25.38
N GLY K 137 -22.88 26.96 -24.71
CA GLY K 137 -21.44 26.84 -24.80
C GLY K 137 -20.93 25.53 -24.20
N LEU K 138 -21.55 25.10 -23.09
CA LEU K 138 -21.14 23.87 -22.43
C LEU K 138 -21.43 22.67 -23.33
N ASN K 139 -22.53 22.73 -24.09
CA ASN K 139 -22.85 21.66 -25.02
C ASN K 139 -21.80 21.55 -26.13
N LYS K 140 -21.35 22.68 -26.67
CA LYS K 140 -20.32 22.69 -27.70
C LYS K 140 -19.04 22.06 -27.13
N ILE K 141 -18.68 22.42 -25.91
CA ILE K 141 -17.53 21.82 -25.25
C ILE K 141 -17.70 20.31 -25.11
N VAL K 142 -18.87 19.85 -24.68
CA VAL K 142 -19.11 18.43 -24.46
C VAL K 142 -18.92 17.67 -25.77
N ARG K 143 -19.40 18.21 -26.90
CA ARG K 143 -19.21 17.56 -28.20
CA ARG K 143 -19.21 17.56 -28.20
C ARG K 143 -17.71 17.50 -28.52
N MET K 144 -16.99 18.60 -28.25
CA MET K 144 -15.56 18.70 -28.54
C MET K 144 -14.79 17.61 -27.79
N TYR K 145 -14.96 17.55 -26.47
CA TYR K 145 -14.31 16.55 -25.62
C TYR K 145 -14.85 15.13 -25.89
N SER K 146 -15.90 14.98 -26.70
CA SER K 146 -16.40 13.65 -27.03
C SER K 146 -15.46 12.98 -28.03
N PRO K 147 -14.87 11.82 -27.69
CA PRO K 147 -13.88 11.16 -28.54
C PRO K 147 -14.41 10.52 -29.83
N THR K 148 -15.71 10.26 -29.94
CA THR K 148 -16.17 9.38 -31.00
C THR K 148 -17.46 9.90 -31.65
N SER K 149 -17.59 9.67 -32.96
CA SER K 149 -18.84 9.86 -33.67
C SER K 149 -19.74 8.64 -33.48
N ILE K 150 -21.05 8.87 -33.41
CA ILE K 150 -22.02 7.80 -33.27
C ILE K 150 -21.87 6.81 -34.42
N LEU K 151 -21.40 7.28 -35.58
CA LEU K 151 -21.18 6.43 -36.73
C LEU K 151 -20.14 5.35 -36.47
N ASP K 152 -19.25 5.56 -35.48
CA ASP K 152 -18.19 4.60 -35.21
C ASP K 152 -18.52 3.69 -34.02
N ILE K 153 -19.71 3.80 -33.44
CA ILE K 153 -20.07 2.92 -32.34
C ILE K 153 -20.67 1.65 -32.90
N ARG K 154 -19.82 0.63 -33.10
CA ARG K 154 -20.19 -0.69 -33.59
C ARG K 154 -19.99 -1.68 -32.44
N GLN K 155 -20.88 -2.67 -32.30
CA GLN K 155 -20.82 -3.66 -31.23
C GLN K 155 -19.66 -4.62 -31.47
N GLY K 156 -18.80 -4.77 -30.46
CA GLY K 156 -17.68 -5.69 -30.56
C GLY K 156 -18.17 -7.14 -30.74
N PRO K 157 -17.38 -8.03 -31.39
CA PRO K 157 -17.79 -9.42 -31.56
C PRO K 157 -18.05 -10.14 -30.23
N LYS K 158 -17.37 -9.69 -29.15
CA LYS K 158 -17.53 -10.27 -27.83
C LYS K 158 -18.22 -9.32 -26.85
N GLU K 159 -18.67 -8.14 -27.31
CA GLU K 159 -19.26 -7.14 -26.43
C GLU K 159 -20.70 -7.49 -26.12
N PRO K 160 -21.09 -7.56 -24.83
CA PRO K 160 -22.49 -7.77 -24.48
C PRO K 160 -23.35 -6.61 -24.99
N PHE K 161 -24.57 -6.94 -25.42
CA PHE K 161 -25.42 -5.94 -26.05
C PHE K 161 -25.50 -4.70 -25.16
N ARG K 162 -25.72 -4.89 -23.86
CA ARG K 162 -25.98 -3.79 -22.95
C ARG K 162 -24.83 -2.77 -22.94
N ASP K 163 -23.58 -3.27 -23.00
CA ASP K 163 -22.42 -2.41 -22.99
C ASP K 163 -22.35 -1.56 -24.26
N TYR K 164 -22.70 -2.18 -25.39
CA TYR K 164 -22.80 -1.52 -26.68
C TYR K 164 -23.80 -0.37 -26.59
N VAL K 165 -24.98 -0.69 -26.07
CA VAL K 165 -26.03 0.30 -25.96
C VAL K 165 -25.59 1.45 -25.05
N ASP K 166 -24.91 1.16 -23.93
CA ASP K 166 -24.36 2.21 -23.09
C ASP K 166 -23.46 3.14 -23.89
N ARG K 167 -22.57 2.56 -24.70
CA ARG K 167 -21.63 3.36 -25.49
C ARG K 167 -22.41 4.15 -26.53
N PHE K 168 -23.33 3.47 -27.20
CA PHE K 168 -24.14 4.10 -28.23
C PHE K 168 -24.73 5.39 -27.67
N TYR K 169 -25.50 5.26 -26.59
CA TYR K 169 -26.23 6.41 -26.08
C TYR K 169 -25.29 7.37 -25.33
N LYS K 170 -24.19 6.87 -24.73
CA LYS K 170 -23.22 7.80 -24.16
C LYS K 170 -22.76 8.74 -25.27
N THR K 171 -22.32 8.14 -26.39
CA THR K 171 -21.79 8.90 -27.50
C THR K 171 -22.85 9.85 -28.06
N LEU K 172 -24.07 9.33 -28.21
CA LEU K 172 -25.15 10.10 -28.80
C LEU K 172 -25.49 11.33 -27.97
N ARG K 173 -25.48 11.19 -26.63
CA ARG K 173 -25.76 12.29 -25.70
C ARG K 173 -24.75 13.43 -25.87
N ALA K 174 -23.51 13.13 -26.24
CA ALA K 174 -22.49 14.16 -26.37
C ALA K 174 -22.71 15.03 -27.61
N GLU K 175 -23.26 14.43 -28.67
CA GLU K 175 -23.31 15.08 -29.96
C GLU K 175 -24.34 16.21 -29.97
N GLN K 176 -24.14 17.13 -30.95
CA GLN K 176 -24.95 18.32 -31.04
C GLN K 176 -25.97 18.19 -32.17
N ALA K 177 -27.23 17.99 -31.81
CA ALA K 177 -28.28 17.73 -32.77
C ALA K 177 -29.63 17.83 -32.08
N SER K 178 -30.66 18.22 -32.85
CA SER K 178 -32.03 18.24 -32.36
C SER K 178 -32.42 16.86 -31.88
N GLN K 179 -33.43 16.79 -31.01
CA GLN K 179 -33.91 15.51 -30.51
C GLN K 179 -34.35 14.64 -31.69
N GLU K 180 -34.97 15.26 -32.72
CA GLU K 180 -35.50 14.55 -33.88
C GLU K 180 -34.38 13.81 -34.62
N VAL K 181 -33.21 14.45 -34.78
CA VAL K 181 -32.10 13.88 -35.54
C VAL K 181 -31.45 12.74 -34.77
N LYS K 182 -31.33 12.92 -33.44
CA LYS K 182 -30.84 11.88 -32.54
C LYS K 182 -31.81 10.70 -32.49
N ASN K 183 -33.14 10.97 -32.51
CA ASN K 183 -34.10 9.90 -32.65
C ASN K 183 -33.89 9.13 -33.95
N ALA K 184 -33.59 9.86 -35.04
CA ALA K 184 -33.38 9.23 -36.34
C ALA K 184 -32.14 8.35 -36.30
N ALA K 185 -31.06 8.86 -35.71
CA ALA K 185 -29.81 8.11 -35.65
C ALA K 185 -30.01 6.78 -34.93
N THR K 186 -30.82 6.80 -33.85
CA THR K 186 -31.11 5.61 -33.08
C THR K 186 -31.77 4.56 -33.97
N GLU K 187 -32.85 4.98 -34.66
CA GLU K 187 -33.71 4.05 -35.39
C GLU K 187 -32.98 3.39 -36.56
N THR K 188 -32.00 4.06 -37.17
CA THR K 188 -31.26 3.46 -38.28
C THR K 188 -30.16 2.59 -37.65
N LEU K 189 -29.41 3.24 -36.78
CA LEU K 189 -28.01 2.91 -36.55
C LEU K 189 -27.84 1.84 -35.49
N LEU K 190 -28.73 1.76 -34.50
CA LEU K 190 -28.47 0.91 -33.34
C LEU K 190 -28.50 -0.55 -33.74
N VAL K 191 -29.55 -0.96 -34.47
CA VAL K 191 -29.65 -2.33 -34.94
C VAL K 191 -28.63 -2.57 -36.03
N GLN K 192 -28.52 -1.61 -36.96
CA GLN K 192 -27.54 -1.68 -38.03
C GLN K 192 -26.16 -2.06 -37.50
N ASN K 193 -25.74 -1.44 -36.39
CA ASN K 193 -24.37 -1.48 -35.92
C ASN K 193 -24.15 -2.60 -34.91
N ALA K 194 -25.22 -3.31 -34.55
CA ALA K 194 -25.09 -4.49 -33.72
C ALA K 194 -24.25 -5.53 -34.45
N ASN K 195 -23.75 -6.53 -33.70
CA ASN K 195 -22.91 -7.58 -34.25
C ASN K 195 -23.82 -8.61 -34.90
N PRO K 196 -23.28 -9.44 -35.83
CA PRO K 196 -24.13 -10.28 -36.68
C PRO K 196 -25.17 -11.12 -35.94
N ASP K 197 -24.74 -11.77 -34.84
CA ASP K 197 -25.58 -12.69 -34.11
C ASP K 197 -26.81 -11.94 -33.58
N CYS K 198 -26.56 -10.80 -32.92
CA CYS K 198 -27.60 -10.03 -32.26
C CYS K 198 -28.41 -9.27 -33.31
N LYS K 199 -27.74 -8.81 -34.39
CA LYS K 199 -28.44 -8.10 -35.45
C LYS K 199 -29.53 -8.97 -36.07
N THR K 200 -29.24 -10.26 -36.28
CA THR K 200 -30.22 -11.14 -36.88
C THR K 200 -31.45 -11.22 -35.96
N ILE K 201 -31.19 -11.48 -34.67
CA ILE K 201 -32.25 -11.60 -33.68
C ILE K 201 -33.10 -10.33 -33.60
N LEU K 202 -32.43 -9.17 -33.61
CA LEU K 202 -33.13 -7.90 -33.48
C LEU K 202 -34.01 -7.65 -34.69
N LYS K 203 -33.47 -7.90 -35.89
CA LYS K 203 -34.19 -7.68 -37.12
C LYS K 203 -35.48 -8.50 -37.14
N ALA K 204 -35.44 -9.70 -36.52
CA ALA K 204 -36.59 -10.58 -36.44
C ALA K 204 -37.69 -10.02 -35.54
N LEU K 205 -37.35 -9.13 -34.60
CA LEU K 205 -38.37 -8.46 -33.80
C LEU K 205 -39.08 -7.43 -34.67
N GLY K 206 -38.43 -6.89 -35.69
CA GLY K 206 -39.07 -5.95 -36.59
C GLY K 206 -39.32 -4.61 -35.89
N PRO K 207 -39.65 -3.56 -36.68
CA PRO K 207 -39.37 -2.18 -36.26
C PRO K 207 -39.91 -1.79 -34.90
N GLY K 208 -40.98 -2.45 -34.41
CA GLY K 208 -41.76 -1.93 -33.32
C GLY K 208 -41.20 -2.29 -31.94
N ALA K 209 -40.08 -3.03 -31.87
CA ALA K 209 -39.58 -3.55 -30.60
C ALA K 209 -39.17 -2.42 -29.66
N THR K 210 -39.42 -2.62 -28.36
CA THR K 210 -38.88 -1.75 -27.32
C THR K 210 -37.43 -2.10 -27.00
N LEU K 211 -36.74 -1.14 -26.36
CA LEU K 211 -35.35 -1.35 -25.95
C LEU K 211 -35.29 -2.47 -24.90
N GLU K 212 -36.26 -2.51 -23.98
CA GLU K 212 -36.32 -3.61 -23.03
C GLU K 212 -36.34 -4.96 -23.77
N GLU K 213 -37.17 -5.03 -24.83
CA GLU K 213 -37.34 -6.27 -25.58
C GLU K 213 -36.05 -6.62 -26.31
N MET K 214 -35.45 -5.61 -26.95
CA MET K 214 -34.21 -5.80 -27.70
C MET K 214 -33.12 -6.36 -26.79
N MET K 215 -33.06 -5.82 -25.57
CA MET K 215 -31.96 -6.15 -24.67
C MET K 215 -32.15 -7.52 -24.06
N THR K 216 -33.40 -7.89 -23.77
CA THR K 216 -33.72 -9.23 -23.31
C THR K 216 -33.29 -10.24 -24.39
N ALA K 217 -33.63 -9.94 -25.63
CA ALA K 217 -33.39 -10.84 -26.75
C ALA K 217 -31.89 -11.03 -27.04
N CYS K 218 -31.00 -10.21 -26.49
CA CYS K 218 -29.56 -10.34 -26.79
C CYS K 218 -28.75 -10.52 -25.51
N GLN K 219 -29.35 -11.06 -24.45
CA GLN K 219 -28.78 -10.98 -23.11
C GLN K 219 -27.69 -12.06 -22.87
N PRO L 1 -19.93 38.29 8.37
CA PRO L 1 -20.53 39.03 7.25
C PRO L 1 -21.67 39.91 7.76
N ILE L 2 -22.21 40.69 6.84
CA ILE L 2 -23.46 41.40 7.09
C ILE L 2 -24.49 40.82 6.12
N VAL L 3 -25.68 40.50 6.67
CA VAL L 3 -26.72 39.76 5.97
C VAL L 3 -28.06 40.51 6.07
N MET L 10 -30.54 44.25 8.83
CA MET L 10 -29.14 43.97 8.38
C MET L 10 -28.25 43.82 9.62
N VAL L 11 -27.51 42.70 9.69
CA VAL L 11 -27.00 42.17 10.97
C VAL L 11 -25.61 41.56 10.77
N HIS L 12 -24.76 41.65 11.83
CA HIS L 12 -23.47 40.96 11.83
C HIS L 12 -23.62 39.48 12.19
N GLN L 13 -23.48 38.60 11.19
CA GLN L 13 -23.23 37.19 11.38
C GLN L 13 -21.74 36.95 11.53
N CYS L 14 -21.41 35.96 12.36
CA CYS L 14 -20.07 35.41 12.44
C CYS L 14 -19.71 34.69 11.15
N ILE L 15 -18.42 34.62 10.82
CA ILE L 15 -18.01 33.77 9.74
C ILE L 15 -18.27 32.33 10.17
N SER L 16 -18.79 31.54 9.25
CA SER L 16 -19.15 30.18 9.60
C SER L 16 -17.90 29.31 9.54
N PRO L 17 -17.85 28.21 10.32
CA PRO L 17 -16.81 27.20 10.17
C PRO L 17 -16.62 26.65 8.76
N ARG L 18 -17.71 26.52 8.01
CA ARG L 18 -17.64 25.95 6.67
C ARG L 18 -16.82 26.95 5.83
N THR L 19 -17.18 28.25 5.92
CA THR L 19 -16.45 29.27 5.21
C THR L 19 -14.97 29.30 5.62
N LEU L 20 -14.70 29.25 6.91
CA LEU L 20 -13.33 29.39 7.39
C LEU L 20 -12.48 28.27 6.82
N ASN L 21 -13.03 27.06 6.88
CA ASN L 21 -12.29 25.89 6.50
C ASN L 21 -12.06 25.87 4.99
N ALA L 22 -13.07 26.35 4.25
CA ALA L 22 -13.04 26.32 2.81
C ALA L 22 -11.89 27.20 2.31
N TRP L 23 -11.70 28.36 2.95
CA TRP L 23 -10.66 29.28 2.55
C TRP L 23 -9.29 28.69 2.85
N VAL L 24 -9.15 28.08 4.03
CA VAL L 24 -7.85 27.53 4.41
C VAL L 24 -7.51 26.43 3.41
N LYS L 25 -8.48 25.57 3.11
CA LYS L 25 -8.25 24.41 2.25
C LYS L 25 -7.90 24.82 0.84
N VAL L 26 -8.59 25.82 0.31
CA VAL L 26 -8.31 26.31 -1.02
C VAL L 26 -6.85 26.71 -1.11
N VAL L 27 -6.37 27.46 -0.11
CA VAL L 27 -5.00 27.92 -0.12
C VAL L 27 -4.05 26.73 0.06
N GLU L 28 -4.43 25.73 0.87
CA GLU L 28 -3.57 24.58 1.06
C GLU L 28 -3.45 23.81 -0.26
N GLU L 29 -4.54 23.67 -0.99
CA GLU L 29 -4.59 22.73 -2.10
C GLU L 29 -4.17 23.40 -3.41
N LYS L 30 -4.32 24.73 -3.53
CA LYS L 30 -4.15 25.40 -4.82
C LYS L 30 -3.13 26.54 -4.75
N ALA L 31 -2.59 26.81 -3.55
CA ALA L 31 -1.56 27.82 -3.41
C ALA L 31 -2.07 29.12 -3.99
N PHE L 32 -1.39 29.68 -5.00
CA PHE L 32 -1.83 30.92 -5.61
C PHE L 32 -2.04 30.75 -7.11
N SER L 33 -2.63 29.59 -7.44
CA SER L 33 -3.16 29.38 -8.76
C SER L 33 -4.28 30.39 -9.00
N PRO L 34 -4.51 30.88 -10.25
CA PRO L 34 -5.43 32.01 -10.46
C PRO L 34 -6.84 31.85 -9.89
N GLU L 35 -7.38 30.63 -9.89
CA GLU L 35 -8.78 30.43 -9.51
C GLU L 35 -8.96 30.57 -7.99
N VAL L 36 -7.87 30.74 -7.23
CA VAL L 36 -7.98 31.02 -5.82
C VAL L 36 -8.64 32.39 -5.62
N ILE L 37 -8.44 33.33 -6.56
CA ILE L 37 -8.92 34.69 -6.38
C ILE L 37 -10.45 34.69 -6.35
N PRO L 38 -11.13 34.18 -7.40
CA PRO L 38 -12.59 34.17 -7.43
C PRO L 38 -13.18 33.34 -6.29
N MET L 39 -12.46 32.33 -5.84
CA MET L 39 -12.92 31.57 -4.68
C MET L 39 -12.86 32.43 -3.41
N PHE L 40 -11.77 33.20 -3.27
CA PHE L 40 -11.65 34.12 -2.15
C PHE L 40 -12.82 35.08 -2.15
N SER L 41 -13.11 35.62 -3.34
CA SER L 41 -14.14 36.62 -3.51
C SER L 41 -15.51 36.06 -3.18
N ALA L 42 -15.77 34.83 -3.63
CA ALA L 42 -17.05 34.20 -3.37
C ALA L 42 -17.16 33.86 -1.89
N LEU L 43 -16.10 33.26 -1.30
CA LEU L 43 -16.13 32.92 0.11
C LEU L 43 -16.23 34.16 0.99
N SER L 44 -15.85 35.34 0.47
CA SER L 44 -15.87 36.57 1.27
C SER L 44 -17.08 37.44 0.92
N CYS L 45 -18.07 36.86 0.23
CA CYS L 45 -19.32 37.55 0.00
C CYS L 45 -19.87 38.07 1.33
N GLY L 46 -20.28 39.34 1.32
CA GLY L 46 -20.87 39.99 2.48
C GLY L 46 -19.85 40.48 3.51
N ALA L 47 -18.55 40.24 3.28
CA ALA L 47 -17.58 40.32 4.36
C ALA L 47 -17.37 41.74 4.86
N THR L 48 -17.13 41.88 6.16
CA THR L 48 -16.62 43.12 6.74
C THR L 48 -15.09 43.14 6.65
N PRO L 49 -14.45 44.31 6.77
CA PRO L 49 -13.00 44.35 6.83
C PRO L 49 -12.45 43.38 7.88
N GLN L 50 -13.12 43.27 9.04
CA GLN L 50 -12.67 42.33 10.06
C GLN L 50 -12.68 40.90 9.52
N ASP L 51 -13.76 40.54 8.82
CA ASP L 51 -13.92 39.20 8.28
C ASP L 51 -12.80 38.94 7.26
N LEU L 52 -12.49 39.96 6.44
CA LEU L 52 -11.42 39.84 5.47
C LEU L 52 -10.08 39.64 6.17
N ASN L 53 -9.82 40.40 7.25
CA ASN L 53 -8.59 40.20 8.02
C ASN L 53 -8.57 38.81 8.65
N THR L 54 -9.72 38.39 9.18
CA THR L 54 -9.82 37.06 9.75
C THR L 54 -9.40 36.03 8.72
N MET L 55 -9.95 36.15 7.51
CA MET L 55 -9.67 35.17 6.47
C MET L 55 -8.18 35.19 6.11
N LEU L 56 -7.59 36.39 5.97
CA LEU L 56 -6.19 36.49 5.61
C LEU L 56 -5.30 35.96 6.73
N ASN L 57 -5.70 36.19 7.99
CA ASN L 57 -4.87 35.77 9.12
C ASN L 57 -4.86 34.25 9.23
N THR L 58 -5.89 33.55 8.73
CA THR L 58 -5.98 32.12 8.98
C THR L 58 -5.09 31.36 8.04
N VAL L 59 -4.54 32.05 7.04
CA VAL L 59 -3.61 31.42 6.12
C VAL L 59 -2.31 31.16 6.86
N GLY L 60 -1.96 29.87 6.94
CA GLY L 60 -0.65 29.46 7.40
C GLY L 60 0.25 29.19 6.21
N GLY L 61 1.52 29.59 6.37
CA GLY L 61 2.49 29.49 5.28
C GLY L 61 2.39 30.69 4.35
N HIS L 62 3.10 30.61 3.22
CA HIS L 62 3.08 31.66 2.23
C HIS L 62 3.26 33.06 2.86
N GLN L 63 4.16 33.21 3.83
CA GLN L 63 4.14 34.48 4.55
C GLN L 63 4.89 35.54 3.74
N ALA L 64 5.76 35.14 2.83
CA ALA L 64 6.27 36.10 1.86
C ALA L 64 5.11 36.72 1.09
N ALA L 65 4.28 35.89 0.51
CA ALA L 65 3.15 36.36 -0.28
C ALA L 65 2.27 37.27 0.58
N MET L 66 2.02 36.85 1.83
CA MET L 66 1.09 37.57 2.68
C MET L 66 1.64 38.95 3.05
N GLN L 67 2.97 39.06 3.16
CA GLN L 67 3.60 40.34 3.44
C GLN L 67 3.59 41.22 2.19
N MET L 68 3.81 40.61 1.03
CA MET L 68 3.67 41.33 -0.23
C MET L 68 2.26 41.91 -0.30
N LEU L 69 1.28 41.12 0.15
CA LEU L 69 -0.09 41.55 0.09
C LEU L 69 -0.29 42.81 0.94
N LYS L 70 0.31 42.88 2.14
CA LYS L 70 0.23 44.08 2.95
C LYS L 70 0.79 45.32 2.23
N GLU L 71 1.94 45.18 1.58
CA GLU L 71 2.50 46.30 0.83
C GLU L 71 1.46 46.84 -0.14
N THR L 72 0.82 45.96 -0.91
CA THR L 72 -0.15 46.40 -1.91
C THR L 72 -1.32 47.08 -1.22
N ILE L 73 -1.81 46.46 -0.14
CA ILE L 73 -2.92 47.05 0.58
C ILE L 73 -2.54 48.46 1.02
N ASN L 74 -1.32 48.64 1.52
CA ASN L 74 -0.86 49.95 1.96
C ASN L 74 -0.86 51.02 0.86
N GLU L 75 -0.31 50.68 -0.32
CA GLU L 75 -0.30 51.61 -1.44
C GLU L 75 -1.72 52.10 -1.70
N GLU L 76 -2.69 51.18 -1.64
CA GLU L 76 -4.07 51.50 -1.99
C GLU L 76 -4.73 52.32 -0.89
N ALA L 77 -4.32 52.08 0.37
CA ALA L 77 -4.81 52.85 1.50
C ALA L 77 -4.37 54.32 1.39
N ALA L 78 -3.06 54.51 1.15
CA ALA L 78 -2.46 55.82 0.98
C ALA L 78 -3.08 56.56 -0.21
N GLU L 79 -3.27 55.88 -1.33
CA GLU L 79 -3.91 56.50 -2.49
C GLU L 79 -5.35 56.91 -2.16
N TRP L 80 -6.02 56.15 -1.29
CA TRP L 80 -7.40 56.46 -0.94
C TRP L 80 -7.43 57.74 -0.11
N ASP L 81 -6.44 57.90 0.78
CA ASP L 81 -6.30 59.08 1.63
C ASP L 81 -6.00 60.32 0.78
N ARG L 82 -5.28 60.15 -0.35
CA ARG L 82 -5.01 61.22 -1.30
C ARG L 82 -6.34 61.69 -1.89
N LEU L 83 -7.11 60.77 -2.48
CA LEU L 83 -8.33 61.11 -3.22
C LEU L 83 -9.47 61.58 -2.29
N HIS L 84 -9.54 61.10 -1.05
CA HIS L 84 -10.68 61.36 -0.19
C HIS L 84 -10.18 61.83 1.18
N PRO L 85 -9.62 63.06 1.30
CA PRO L 85 -8.76 63.43 2.44
C PRO L 85 -9.37 63.34 3.85
N ARG L 97 -18.45 59.36 10.95
CA ARG L 97 -17.20 59.93 10.39
C ARG L 97 -16.93 59.27 9.04
N GLU L 98 -16.12 59.95 8.22
CA GLU L 98 -15.67 59.41 6.95
C GLU L 98 -14.50 58.46 7.22
N PRO L 99 -14.40 57.32 6.50
CA PRO L 99 -13.33 56.36 6.74
C PRO L 99 -12.04 56.70 6.02
N ARG L 100 -10.92 56.68 6.76
CA ARG L 100 -9.59 56.72 6.19
C ARG L 100 -9.22 55.33 5.64
N GLY L 101 -8.14 55.26 4.87
CA GLY L 101 -7.68 54.02 4.27
C GLY L 101 -7.45 52.91 5.30
N SER L 102 -6.96 53.30 6.49
CA SER L 102 -6.67 52.33 7.51
C SER L 102 -7.96 51.86 8.19
N ASP L 103 -9.05 52.59 7.96
CA ASP L 103 -10.34 52.20 8.50
C ASP L 103 -10.98 51.16 7.59
N ILE L 104 -10.80 51.33 6.28
CA ILE L 104 -11.27 50.38 5.29
C ILE L 104 -10.58 49.04 5.47
N ALA L 105 -9.31 49.04 5.85
CA ALA L 105 -8.57 47.80 6.04
C ALA L 105 -8.82 47.23 7.44
N GLY L 106 -9.64 47.91 8.25
CA GLY L 106 -10.05 47.37 9.55
C GLY L 106 -8.96 47.50 10.61
N THR L 107 -7.97 48.35 10.33
CA THR L 107 -6.83 48.49 11.24
C THR L 107 -7.16 49.48 12.35
N THR L 108 -7.88 50.55 12.01
CA THR L 108 -8.18 51.64 12.94
C THR L 108 -9.68 51.83 13.11
N SER L 109 -10.47 50.85 12.64
CA SER L 109 -11.92 50.94 12.72
C SER L 109 -12.42 49.82 13.61
N THR L 110 -13.56 50.05 14.26
CA THR L 110 -14.23 49.03 15.04
C THR L 110 -15.21 48.28 14.14
N LEU L 111 -15.66 47.13 14.61
CA LEU L 111 -16.67 46.36 13.90
C LEU L 111 -17.93 47.21 13.68
N GLN L 112 -18.35 47.94 14.72
CA GLN L 112 -19.58 48.75 14.68
C GLN L 112 -19.45 49.83 13.62
N GLU L 113 -18.28 50.47 13.56
CA GLU L 113 -18.01 51.46 12.52
C GLU L 113 -18.12 50.84 11.13
N GLN L 114 -17.58 49.61 10.97
CA GLN L 114 -17.61 48.93 9.68
C GLN L 114 -19.06 48.65 9.26
N ILE L 115 -19.85 48.14 10.22
CA ILE L 115 -21.25 47.88 10.00
C ILE L 115 -21.98 49.18 9.67
N GLY L 116 -21.67 50.24 10.45
CA GLY L 116 -22.21 51.57 10.21
C GLY L 116 -22.06 51.99 8.75
N TRP L 117 -20.84 51.96 8.23
CA TRP L 117 -20.58 52.40 6.87
C TRP L 117 -21.30 51.53 5.86
N MET L 118 -21.32 50.22 6.12
CA MET L 118 -21.76 49.25 5.13
C MET L 118 -23.28 49.28 5.00
N THR L 119 -23.98 49.57 6.11
CA THR L 119 -25.43 49.57 6.12
C THR L 119 -26.02 50.99 6.07
N HIS L 120 -25.18 52.01 6.12
CA HIS L 120 -25.63 53.39 5.97
C HIS L 120 -26.43 53.54 4.67
N ASN L 121 -27.36 54.48 4.70
CA ASN L 121 -28.11 54.86 3.51
C ASN L 121 -27.66 56.26 3.10
N PRO L 122 -26.87 56.43 2.00
CA PRO L 122 -26.40 55.32 1.17
C PRO L 122 -25.16 54.63 1.73
N PRO L 123 -24.81 53.41 1.26
CA PRO L 123 -23.70 52.65 1.86
C PRO L 123 -22.34 53.20 1.45
N ILE L 124 -21.43 53.26 2.44
CA ILE L 124 -20.00 53.30 2.19
C ILE L 124 -19.48 51.86 2.28
N PRO L 125 -19.27 51.17 1.14
CA PRO L 125 -19.06 49.73 1.14
C PRO L 125 -17.60 49.36 1.41
N VAL L 126 -17.21 49.52 2.68
CA VAL L 126 -15.81 49.39 3.06
C VAL L 126 -15.36 47.94 2.86
N GLY L 127 -16.26 46.98 3.03
CA GLY L 127 -15.96 45.60 2.72
C GLY L 127 -15.56 45.42 1.26
N GLU L 128 -16.37 45.95 0.36
CA GLU L 128 -16.12 45.74 -1.06
C GLU L 128 -14.87 46.49 -1.49
N ILE L 129 -14.59 47.63 -0.86
CA ILE L 129 -13.40 48.40 -1.23
C ILE L 129 -12.16 47.66 -0.77
N TYR L 130 -12.15 47.20 0.48
CA TYR L 130 -11.01 46.46 1.00
C TYR L 130 -10.79 45.19 0.18
N LYS L 131 -11.86 44.49 -0.19
CA LYS L 131 -11.77 43.30 -1.00
C LYS L 131 -11.08 43.64 -2.31
N ARG L 132 -11.43 44.77 -2.90
CA ARG L 132 -10.84 45.15 -4.18
C ARG L 132 -9.33 45.31 -4.02
N TRP L 133 -8.89 45.88 -2.89
CA TRP L 133 -7.48 46.06 -2.62
C TRP L 133 -6.79 44.71 -2.48
N ILE L 134 -7.43 43.81 -1.71
CA ILE L 134 -6.84 42.52 -1.43
C ILE L 134 -6.63 41.78 -2.74
N ILE L 135 -7.62 41.89 -3.64
CA ILE L 135 -7.57 41.19 -4.91
C ILE L 135 -6.46 41.77 -5.77
N LEU L 136 -6.26 43.08 -5.70
CA LEU L 136 -5.12 43.68 -6.40
C LEU L 136 -3.84 43.00 -5.94
N GLY L 137 -3.68 42.86 -4.63
CA GLY L 137 -2.51 42.22 -4.07
C GLY L 137 -2.42 40.74 -4.43
N LEU L 138 -3.57 40.06 -4.45
CA LEU L 138 -3.60 38.64 -4.77
C LEU L 138 -3.21 38.43 -6.22
N ASN L 139 -3.58 39.36 -7.11
CA ASN L 139 -3.19 39.28 -8.50
C ASN L 139 -1.67 39.40 -8.67
N LYS L 140 -1.05 40.33 -7.94
CA LYS L 140 0.41 40.49 -7.97
C LYS L 140 1.07 39.19 -7.52
N ILE L 141 0.56 38.59 -6.46
CA ILE L 141 1.06 37.31 -6.00
C ILE L 141 0.93 36.22 -7.06
N VAL L 142 -0.24 36.15 -7.72
CA VAL L 142 -0.49 35.13 -8.73
C VAL L 142 0.52 35.27 -9.87
N ARG L 143 0.83 36.49 -10.32
CA ARG L 143 1.83 36.70 -11.36
C ARG L 143 3.20 36.21 -10.86
N MET L 144 3.53 36.53 -9.60
CA MET L 144 4.81 36.17 -9.01
C MET L 144 5.00 34.65 -9.02
N TYR L 145 4.04 33.92 -8.44
CA TYR L 145 4.07 32.47 -8.39
C TYR L 145 3.87 31.84 -9.79
N SER L 146 3.57 32.64 -10.82
CA SER L 146 3.46 32.09 -12.17
C SER L 146 4.84 31.79 -12.72
N PRO L 147 5.12 30.52 -13.08
CA PRO L 147 6.46 30.12 -13.52
C PRO L 147 6.90 30.62 -14.91
N THR L 148 5.97 31.04 -15.76
CA THR L 148 6.32 31.22 -17.16
C THR L 148 5.71 32.51 -17.74
N SER L 149 6.46 33.14 -18.65
CA SER L 149 5.94 34.20 -19.49
C SER L 149 5.17 33.62 -20.67
N ILE L 150 4.09 34.31 -21.09
CA ILE L 150 3.33 33.87 -22.23
C ILE L 150 4.22 33.76 -23.47
N LEU L 151 5.28 34.56 -23.51
CA LEU L 151 6.23 34.53 -24.62
C LEU L 151 6.91 33.16 -24.75
N ASP L 152 6.96 32.37 -23.67
CA ASP L 152 7.65 31.08 -23.71
C ASP L 152 6.69 29.91 -23.90
N ILE L 153 5.39 30.16 -24.07
CA ILE L 153 4.46 29.07 -24.28
C ILE L 153 4.39 28.75 -25.76
N ARG L 154 5.23 27.80 -26.19
CA ARG L 154 5.30 27.31 -27.57
C ARG L 154 4.79 25.86 -27.55
N GLN L 155 4.06 25.45 -28.60
CA GLN L 155 3.49 24.13 -28.71
C GLN L 155 4.57 23.10 -28.96
N GLY L 156 4.61 22.05 -28.14
CA GLY L 156 5.61 21.01 -28.31
C GLY L 156 5.43 20.30 -29.65
N PRO L 157 6.50 19.72 -30.24
CA PRO L 157 6.37 19.00 -31.51
C PRO L 157 5.36 17.85 -31.43
N LYS L 158 5.20 17.26 -30.22
CA LYS L 158 4.27 16.16 -30.02
C LYS L 158 3.05 16.56 -29.17
N GLU L 159 2.92 17.84 -28.80
CA GLU L 159 1.87 18.28 -27.91
C GLU L 159 0.56 18.45 -28.67
N PRO L 160 -0.54 17.82 -28.24
CA PRO L 160 -1.84 18.08 -28.85
C PRO L 160 -2.24 19.55 -28.70
N PHE L 161 -2.89 20.07 -29.73
CA PHE L 161 -3.20 21.49 -29.76
C PHE L 161 -3.90 21.89 -28.45
N ARG L 162 -4.89 21.10 -28.02
CA ARG L 162 -5.72 21.47 -26.89
C ARG L 162 -4.88 21.70 -25.62
N ASP L 163 -3.88 20.87 -25.41
CA ASP L 163 -3.03 20.99 -24.23
C ASP L 163 -2.22 22.27 -24.27
N TYR L 164 -1.73 22.63 -25.47
CA TYR L 164 -1.03 23.88 -25.74
C TYR L 164 -1.91 25.06 -25.34
N VAL L 165 -3.13 25.03 -25.87
CA VAL L 165 -4.07 26.11 -25.61
C VAL L 165 -4.35 26.22 -24.10
N ASP L 166 -4.52 25.10 -23.40
CA ASP L 166 -4.69 25.12 -21.96
C ASP L 166 -3.53 25.85 -21.29
N ARG L 167 -2.30 25.53 -21.70
CA ARG L 167 -1.12 26.15 -21.12
C ARG L 167 -1.09 27.63 -21.46
N PHE L 168 -1.35 27.92 -22.74
CA PHE L 168 -1.34 29.27 -23.22
C PHE L 168 -2.21 30.13 -22.29
N TYR L 169 -3.49 29.75 -22.19
CA TYR L 169 -4.43 30.58 -21.46
C TYR L 169 -4.24 30.43 -19.94
N LYS L 170 -3.73 29.29 -19.45
CA LYS L 170 -3.38 29.22 -18.03
C LYS L 170 -2.38 30.31 -17.73
N THR L 171 -1.30 30.34 -18.54
CA THR L 171 -0.22 31.28 -18.33
C THR L 171 -0.73 32.72 -18.46
N LEU L 172 -1.55 32.95 -19.48
CA LEU L 172 -2.04 34.29 -19.78
C LEU L 172 -2.89 34.83 -18.64
N ARG L 173 -3.74 33.97 -18.02
CA ARG L 173 -4.58 34.34 -16.89
C ARG L 173 -3.74 34.80 -15.69
N ALA L 174 -2.54 34.28 -15.51
CA ALA L 174 -1.72 34.66 -14.37
C ALA L 174 -1.14 36.07 -14.53
N GLU L 175 -0.87 36.49 -15.76
CA GLU L 175 -0.15 37.73 -16.00
C GLU L 175 -1.01 38.94 -15.66
N GLN L 176 -0.31 40.07 -15.42
CA GLN L 176 -0.95 41.30 -14.98
C GLN L 176 -1.03 42.28 -16.14
N ALA L 177 -2.25 42.48 -16.67
CA ALA L 177 -2.42 43.28 -17.88
C ALA L 177 -3.91 43.50 -18.11
N SER L 178 -4.23 44.65 -18.71
CA SER L 178 -5.60 44.96 -19.12
C SER L 178 -6.12 43.89 -20.05
N GLN L 179 -7.44 43.78 -20.14
CA GLN L 179 -8.07 42.81 -21.02
C GLN L 179 -7.58 43.02 -22.44
N GLU L 180 -7.42 44.30 -22.83
CA GLU L 180 -7.04 44.67 -24.19
C GLU L 180 -5.67 44.08 -24.56
N VAL L 181 -4.71 44.14 -23.62
CA VAL L 181 -3.34 43.72 -23.87
C VAL L 181 -3.26 42.19 -23.95
N LYS L 182 -4.03 41.51 -23.09
CA LYS L 182 -4.17 40.06 -23.12
C LYS L 182 -4.87 39.61 -24.41
N ASN L 183 -5.88 40.36 -24.86
CA ASN L 183 -6.49 40.10 -26.16
C ASN L 183 -5.44 40.23 -27.27
N ALA L 184 -4.56 41.23 -27.18
CA ALA L 184 -3.52 41.45 -28.17
C ALA L 184 -2.56 40.27 -28.19
N ALA L 185 -2.14 39.83 -27.01
CA ALA L 185 -1.19 38.72 -26.92
C ALA L 185 -1.75 37.47 -27.60
N THR L 186 -3.05 37.22 -27.41
CA THR L 186 -3.71 36.08 -28.00
C THR L 186 -3.60 36.14 -29.52
N GLU L 187 -4.01 37.29 -30.10
CA GLU L 187 -4.16 37.41 -31.54
C GLU L 187 -2.81 37.29 -32.27
N THR L 188 -1.70 37.70 -31.65
CA THR L 188 -0.40 37.57 -32.29
C THR L 188 0.08 36.13 -32.06
N LEU L 189 0.07 35.78 -30.78
CA LEU L 189 1.01 34.82 -30.25
C LEU L 189 0.51 33.38 -30.37
N LEU L 190 -0.81 33.16 -30.33
CA LEU L 190 -1.30 31.79 -30.21
C LEU L 190 -1.00 31.00 -31.47
N VAL L 191 -1.33 31.60 -32.64
CA VAL L 191 -1.05 30.92 -33.91
C VAL L 191 0.45 30.94 -34.16
N GLN L 192 1.07 32.10 -33.91
CA GLN L 192 2.52 32.24 -34.06
C GLN L 192 3.25 31.06 -33.41
N ASN L 193 2.84 30.70 -32.18
CA ASN L 193 3.61 29.82 -31.32
C ASN L 193 3.17 28.37 -31.47
N ALA L 194 2.15 28.11 -32.30
CA ALA L 194 1.78 26.75 -32.63
C ALA L 194 2.95 26.08 -33.36
N ASN L 195 2.91 24.75 -33.43
CA ASN L 195 3.97 23.96 -34.06
C ASN L 195 3.74 23.98 -35.56
N PRO L 196 4.77 23.70 -36.38
CA PRO L 196 4.69 23.93 -37.81
C PRO L 196 3.47 23.35 -38.51
N ASP L 197 3.14 22.09 -38.18
CA ASP L 197 2.06 21.38 -38.85
C ASP L 197 0.74 22.12 -38.63
N CYS L 198 0.47 22.44 -37.34
CA CYS L 198 -0.79 23.04 -36.95
C CYS L 198 -0.80 24.52 -37.35
N LYS L 199 0.37 25.18 -37.27
CA LYS L 199 0.48 26.58 -37.67
C LYS L 199 0.05 26.77 -39.13
N THR L 200 0.48 25.85 -40.02
CA THR L 200 0.14 25.96 -41.42
C THR L 200 -1.39 25.91 -41.57
N ILE L 201 -2.01 24.89 -40.94
CA ILE L 201 -3.43 24.67 -41.02
C ILE L 201 -4.21 25.89 -40.48
N LEU L 202 -3.74 26.44 -39.35
CA LEU L 202 -4.42 27.55 -38.72
C LEU L 202 -4.36 28.79 -39.60
N LYS L 203 -3.16 29.06 -40.16
CA LYS L 203 -2.95 30.23 -41.01
C LYS L 203 -3.89 30.19 -42.20
N ALA L 204 -4.20 28.97 -42.69
CA ALA L 204 -5.09 28.78 -43.83
C ALA L 204 -6.55 29.13 -43.49
N LEU L 205 -6.92 29.08 -42.20
CA LEU L 205 -8.25 29.54 -41.79
C LEU L 205 -8.30 31.06 -41.87
N GLY L 206 -7.16 31.74 -41.72
CA GLY L 206 -7.14 33.19 -41.88
C GLY L 206 -7.80 33.86 -40.67
N PRO L 207 -7.58 35.19 -40.51
CA PRO L 207 -7.66 35.82 -39.19
C PRO L 207 -8.93 35.58 -38.41
N GLY L 208 -10.06 35.29 -39.10
CA GLY L 208 -11.37 35.38 -38.49
C GLY L 208 -11.78 34.10 -37.76
N ALA L 209 -10.92 33.08 -37.70
CA ALA L 209 -11.32 31.78 -37.19
C ALA L 209 -11.66 31.85 -35.70
N THR L 210 -12.67 31.08 -35.29
CA THR L 210 -12.97 30.89 -33.88
C THR L 210 -12.04 29.84 -33.26
N LEU L 211 -11.98 29.86 -31.92
CA LEU L 211 -11.18 28.91 -31.18
C LEU L 211 -11.74 27.50 -31.37
N GLU L 212 -13.07 27.35 -31.39
CA GLU L 212 -13.67 26.07 -31.69
C GLU L 212 -13.15 25.53 -33.03
N GLU L 213 -13.11 26.42 -34.04
CA GLU L 213 -12.70 26.04 -35.38
C GLU L 213 -11.23 25.66 -35.40
N MET L 214 -10.40 26.48 -34.74
CA MET L 214 -8.96 26.25 -34.68
C MET L 214 -8.69 24.87 -34.07
N MET L 215 -9.43 24.54 -33.01
CA MET L 215 -9.15 23.33 -32.24
C MET L 215 -9.62 22.10 -32.98
N THR L 216 -10.75 22.21 -33.69
CA THR L 216 -11.23 21.13 -34.53
C THR L 216 -10.17 20.84 -35.60
N ALA L 217 -9.66 21.90 -36.22
CA ALA L 217 -8.72 21.78 -37.32
C ALA L 217 -7.37 21.18 -36.90
N CYS L 218 -7.06 21.08 -35.61
CA CYS L 218 -5.76 20.55 -35.18
C CYS L 218 -5.94 19.34 -34.24
N GLN L 219 -7.06 18.62 -34.37
CA GLN L 219 -7.48 17.68 -33.33
C GLN L 219 -6.77 16.32 -33.45
N1 J6U M . 49.07 7.80 3.29
N3 J6U M . 42.50 2.36 2.74
C4 J6U M . 48.06 4.48 1.97
C5 J6U M . 47.55 3.87 3.11
C6 J6U M . 47.59 4.56 4.32
C7 J6U M . 44.63 1.53 1.84
C8 J6U M . 43.17 1.83 1.67
C10 J6U M . 44.55 3.34 3.55
C13 J6U M . 38.67 4.63 0.77
C15 J6U M . 37.87 4.11 -0.42
C17 J6U M . 39.12 4.66 -2.49
C20 J6U M . 40.17 2.15 -2.61
C21 J6U M . 39.31 2.45 -1.59
C22 J6U M . 36.68 7.23 2.69
C24 J6U M . 36.15 4.96 3.49
C26 J6U M . 34.36 6.01 5.36
C28 J6U M . 35.47 4.12 4.37
C1 J6U M . 48.07 5.86 4.38
C2 J6U M . 48.57 6.49 3.23
C3 J6U M . 48.55 5.78 2.02
S1 J6U M . 46.93 2.20 3.05
N2 J6U M . 45.29 2.16 3.01
C9 J6U M . 43.15 2.92 3.93
C11 J6U M . 41.03 2.41 2.76
O1 J6U M . 47.35 1.56 1.84
O2 J6U M . 47.26 1.60 4.31
C12 J6U M . 40.45 3.69 2.15
O3 J6U M . 42.65 1.58 0.58
O4 J6U M . 40.84 4.80 2.46
N4 J6U M . 39.49 3.54 1.25
C14 J6U M . 37.73 5.21 1.79
C16 J6U M . 38.77 3.73 -1.53
C18 J6U M . 39.98 4.29 -3.48
C19 J6U M . 40.55 3.04 -3.58
F1 J6U M . 40.32 5.24 -4.38
F2 J6U M . 40.67 0.90 -2.65
N5 J6U M . 37.52 6.57 1.77
C23 J6U M . 35.95 6.35 3.60
N6 J6U M . 37.05 4.41 2.56
C25 J6U M . 35.05 6.88 4.54
C27 J6U M . 34.60 4.63 5.27
O5 J6U M . 36.58 8.44 2.63
C29 J6U M . 38.27 7.45 0.91
C30 J6U M . 39.56 7.79 1.29
C31 J6U M . 40.29 8.65 0.50
C32 J6U M . 39.74 9.15 -0.67
C33 J6U M . 38.46 8.78 -1.07
C34 J6U M . 37.71 7.93 -0.25
S2 J6U M . 40.73 10.25 -1.63
N7 J6U M . 40.26 11.77 -1.29
O6 J6U M . 40.49 9.89 -3.12
C35 J6U M . 40.85 12.51 -0.15
C36 J6U M . 39.92 13.63 0.31
O7 J6U M . 39.50 14.45 -0.77
C37 J6U M . 38.65 13.67 -1.61
C38 J6U M . 39.33 12.46 -2.21
O8 J6U M . 42.20 9.88 -1.19
N1 J6U N . 9.69 -44.44 20.90
N3 J6U N . 9.82 -38.90 14.19
C4 J6U N . 9.59 -43.70 17.27
C5 J6U N . 10.93 -43.36 17.02
C6 J6U N . 11.85 -43.39 18.06
C7 J6U N . 9.56 -41.32 14.31
C8 J6U N . 8.96 -39.94 14.32
C10 J6U N . 11.84 -40.38 14.56
C13 J6U N . 9.51 -34.32 15.74
C15 J6U N . 10.47 -33.15 15.60
C17 J6U N . 12.79 -34.05 15.24
C20 J6U N . 13.50 -33.49 17.80
C21 J6U N . 12.22 -33.19 17.39
C22 J6U N . 6.10 -32.95 16.61
C24 J6U N . 6.37 -33.17 14.17
C26 J6U N . 3.79 -32.15 13.77
C28 J6U N . 5.85 -33.03 12.88
C1 J6U N . 11.44 -43.75 19.33
C2 J6U N . 10.11 -44.07 19.61
C3 J6U N . 9.18 -44.04 18.55
S1 J6U N . 11.43 -42.89 15.37
N2 J6U N . 10.85 -41.39 15.03
C9 J6U N . 11.25 -38.99 14.52
C11 J6U N . 9.34 -37.57 13.80
O1 J6U N . 12.86 -42.76 15.38
O2 J6U N . 10.79 -43.80 14.46
C12 J6U N . 9.28 -36.62 14.99
O3 J6U N . 7.72 -39.83 14.44
O4 J6U N . 8.72 -36.94 16.04
N4 J6U N . 9.85 -35.42 14.85
C14 J6U N . 8.12 -33.82 15.56
C16 J6U N . 11.86 -33.47 16.09
C18 J6U N . 14.04 -34.32 15.72
C19 J6U N . 14.44 -34.08 17.00
F1 J6U N . 14.94 -34.85 14.86
F2 J6U N . 13.83 -33.25 19.09
N5 J6U N . 7.42 -33.42 16.67
C23 J6U N . 5.56 -32.80 15.27
N6 J6U N . 7.67 -33.67 14.35
C25 J6U N . 4.25 -32.29 15.05
C27 J6U N . 4.60 -32.54 12.68
O5 J6U N . 5.51 -32.66 17.64
C29 J6U N . 7.92 -33.64 18.01
C30 J6U N . 7.74 -34.89 18.57
C31 J6U N . 8.14 -35.12 19.87
C32 J6U N . 8.75 -34.10 20.57
C33 J6U N . 8.95 -32.86 20.02
C34 J6U N . 8.52 -32.62 18.73
S2 J6U N . 9.23 -34.46 22.22
N7 J6U N . 7.99 -34.02 23.16
O6 J6U N . 10.53 -33.64 22.49
C35 J6U N . 6.91 -34.97 23.47
C36 J6U N . 5.72 -34.29 24.13
O7 J6U N . 6.10 -33.31 25.07
C37 J6U N . 6.73 -32.22 24.41
C38 J6U N . 7.99 -32.63 23.71
O8 J6U N . 9.66 -35.95 22.15
N1 J6U O . 36.20 -16.52 30.03
N3 J6U O . 30.65 -17.74 23.36
C4 J6U O . 36.03 -18.40 26.86
C5 J6U O . 34.68 -18.75 26.82
C6 J6U O . 33.84 -18.38 27.88
C7 J6U O . 33.04 -18.42 23.34
C8 J6U O . 31.81 -17.89 22.66
C10 J6U O . 31.78 -18.30 25.48
C13 J6U O . 29.19 -13.30 21.96
C15 J6U O . 29.35 -12.56 20.63
C17 J6U O . 31.27 -13.67 19.49
C20 J6U O . 32.89 -11.57 20.09
C21 J6U O . 31.58 -11.52 20.49
C22 J6U O . 26.31 -11.78 23.88
C24 J6U O . 25.56 -13.62 22.40
C26 J6U O . 22.95 -13.25 23.23
C28 J6U O . 24.55 -14.43 21.89
C1 J6U O . 34.34 -17.64 28.93
C2 J6U O . 35.69 -17.26 28.96
C3 J6U O . 36.53 -17.65 27.91
S1 J6U O . 34.09 -19.72 25.44
N2 J6U O . 32.81 -19.02 24.68
C9 J6U O . 30.46 -18.25 24.73
C11 J6U O . 29.53 -17.01 22.75
O1 J6U O . 35.14 -19.74 24.45
O2 J6U O . 33.64 -20.97 25.96
C12 J6U O . 29.68 -15.51 22.92
O3 J6U O . 31.90 -17.59 21.47
O4 J6U O . 29.99 -15.01 23.99
N4 J6U O . 29.48 -14.74 21.85
C14 J6U O . 27.80 -13.08 22.45
C16 J6U O . 30.76 -12.58 20.17
C18 J6U O . 32.59 -13.66 19.13
C19 J6U O . 33.45 -12.63 19.43
F1 J6U O . 33.06 -14.72 18.41
F2 J6U O . 33.68 -10.53 20.41
N5 J6U O . 27.58 -12.04 23.33
C23 J6U O . 25.25 -12.63 23.37
N6 J6U O . 26.86 -13.81 21.96
C25 J6U O . 23.92 -12.45 23.78
C27 J6U O . 23.27 -14.25 22.31
O5 J6U O . 26.18 -10.90 24.71
C29 J6U O . 28.69 -11.27 23.86
C30 J6U O . 29.34 -11.73 24.97
C31 J6U O . 30.40 -11.01 25.49
C32 J6U O . 30.82 -9.87 24.83
C33 J6U O . 30.18 -9.42 23.69
C34 J6U O . 29.11 -10.13 23.20
S2 J6U O . 32.14 -8.99 25.58
N7 J6U O . 31.39 -7.95 26.56
O6 J6U O . 32.98 -8.23 24.50
C35 J6U O . 31.03 -8.34 27.96
C36 J6U O . 30.17 -7.32 28.66
O7 J6U O . 30.52 -5.99 28.30
C37 J6U O . 30.22 -5.77 26.93
C38 J6U O . 31.11 -6.60 26.04
O8 J6U O . 32.98 -10.12 26.31
N1 J6U P . -3.13 -47.53 -16.44
N3 J6U P . 1.12 -39.64 -15.24
C4 J6U P . -0.06 -45.64 -15.52
C5 J6U P . 0.15 -44.90 -16.68
C6 J6U P . -0.71 -45.06 -17.77
C7 J6U P . 0.17 -41.51 -16.54
C8 J6U P . 0.31 -40.03 -16.25
C10 J6U P . 2.48 -41.65 -15.55
C13 J6U P . -0.79 -37.01 -11.59
C15 J6U P . -0.18 -36.57 -10.26
C17 J6U P . 1.99 -37.83 -10.14
C20 J6U P . 1.06 -39.33 -8.07
C21 J6U P . 0.25 -38.37 -8.61
C22 J6U P . -3.96 -34.99 -11.97
C24 J6U P . -2.10 -33.94 -13.21
C26 J6U P . -3.80 -31.86 -14.03
C28 J6U P . -1.62 -32.89 -14.01
C1 J6U P . -1.79 -45.93 -17.68
C2 J6U P . -2.03 -46.65 -16.52
C3 J6U P . -1.15 -46.50 -15.44
S1 J6U P . 1.55 -43.80 -16.83
N2 J6U P . 1.27 -42.39 -16.03
C9 J6U P . 2.10 -40.53 -14.62
C11 J6U P . 1.04 -38.27 -14.71
O1 J6U P . 2.66 -44.40 -16.16
O2 J6U P . 1.65 -43.46 -18.22
C12 J6U P . -0.03 -38.11 -13.61
O3 J6U P . -0.39 -39.26 -16.93
O4 J6U P . -1.12 -38.66 -13.70
N4 J6U P . 0.25 -37.34 -12.57
C14 J6U P . -1.71 -35.93 -12.07
C16 J6U P . 0.71 -37.61 -9.66
C18 J6U P . 2.76 -38.81 -9.56
C19 J6U P . 2.33 -39.57 -8.51
F1 J6U P . 4.02 -39.04 -10.04
F2 J6U P . 0.59 -40.06 -7.05
N5 J6U P . -3.00 -35.94 -11.57
C23 J6U P . -3.46 -33.93 -12.83
N6 J6U P . -1.24 -34.97 -12.82
C25 J6U P . -4.31 -32.86 -13.24
C27 J6U P . -2.45 -31.90 -14.43
O5 J6U P . -5.11 -35.07 -11.58
C29 J6U P . -3.46 -37.08 -10.81
C30 J6U P . -3.96 -38.17 -11.49
C31 J6U P . -4.38 -39.28 -10.79
C32 J6U P . -4.34 -39.28 -9.40
C33 J6U P . -3.85 -38.18 -8.72
C34 J6U P . -3.42 -37.08 -9.43
S2 J6U P . -5.00 -40.69 -8.58
N7 J6U P . -6.58 -40.44 -8.31
O6 J6U P . -4.21 -40.93 -7.23
C35 J6U P . -7.55 -40.76 -9.38
C36 J6U P . -8.91 -40.15 -9.14
O7 J6U P . -9.31 -40.22 -7.79
C37 J6U P . -8.43 -39.41 -7.00
C38 J6U P . -7.04 -39.97 -6.99
O8 J6U P . -4.74 -41.80 -9.66
N1 J6U Q . 10.18 -23.32 -43.06
N3 J6U Q . 12.78 -19.64 -35.60
C4 J6U Q . 12.94 -23.42 -40.60
C5 J6U Q . 13.17 -22.07 -40.37
C6 J6U Q . 12.41 -21.13 -41.08
C7 J6U Q . 13.45 -21.71 -36.77
C8 J6U Q . 13.05 -20.97 -35.52
C10 J6U Q . 12.89 -19.68 -38.07
C13 J6U Q . 8.86 -19.14 -32.73
C15 J6U Q . 8.56 -19.79 -31.40
C17 J6U Q . 10.15 -21.70 -31.26
C20 J6U Q . 8.16 -23.49 -31.67
C21 J6U Q . 7.85 -22.16 -31.64
C22 J6U Q . 6.55 -16.18 -33.11
C24 J6U Q . 8.69 -15.53 -32.06
C26 J6U Q . 7.83 -12.88 -31.87
C28 J6U Q . 9.52 -14.53 -31.52
C1 J6U Q . 11.41 -21.54 -41.95
C2 J6U Q . 11.18 -22.91 -42.18
C3 J6U Q . 11.95 -23.84 -41.49
S1 J6U Q . 14.45 -21.56 -39.24
N2 J6U Q . 13.81 -20.83 -37.91
C9 J6U Q . 12.91 -18.82 -36.82
C11 J6U Q . 12.28 -18.91 -34.42
O1 J6U Q . 15.05 -22.76 -38.76
O2 J6U Q . 15.23 -20.56 -39.89
C12 J6U Q . 10.76 -18.98 -34.27
O3 J6U Q . 13.01 -21.64 -34.48
O4 J6U Q . 10.02 -18.83 -35.23
N4 J6U Q . 10.28 -19.19 -33.04
C14 J6U Q . 8.37 -17.74 -32.66
C16 J6U Q . 8.86 -21.25 -31.42
C18 J6U Q . 10.40 -23.04 -31.34
C19 J6U Q . 9.42 -23.97 -31.55
F1 J6U Q . 11.67 -23.47 -31.17
F2 J6U Q . 7.16 -24.35 -31.93
N5 J6U Q . 7.07 -17.49 -33.08
C23 J6U Q . 7.42 -15.15 -32.54
N6 J6U Q . 9.14 -16.85 -32.13
C25 J6U Q . 6.98 -13.81 -32.42
C27 J6U Q . 9.11 -13.25 -31.43
O5 J6U Q . 5.43 -15.99 -33.55
C29 J6U Q . 6.30 -18.52 -33.73
C30 J6U Q . 6.53 -18.78 -35.06
C31 J6U Q . 5.79 -19.76 -35.71
C32 J6U Q . 4.84 -20.49 -35.00
C33 J6U Q . 4.62 -20.22 -33.68
C34 J6U Q . 5.34 -19.22 -33.04
S2 J6U Q . 3.90 -21.69 -35.86
N7 J6U Q . 2.51 -20.98 -36.28
O6 J6U Q . 3.69 -22.94 -34.95
C35 J6U Q . 2.39 -20.29 -37.59
C36 J6U Q . 1.19 -19.38 -37.63
O7 J6U Q . 0.02 -20.02 -37.10
C37 J6U Q . 0.20 -20.20 -35.71
C38 J6U Q . 1.32 -21.15 -35.42
O8 J6U Q . 4.76 -22.05 -37.09
N1 J6U R . 36.52 4.03 -34.35
N3 J6U R . 33.30 1.76 -26.26
C4 J6U R . 36.75 1.49 -31.68
C5 J6U R . 36.71 2.27 -30.53
C6 J6U R . 36.67 3.66 -30.66
C7 J6U R . 34.70 0.35 -27.75
C8 J6U R . 33.60 0.54 -26.73
C10 J6U R . 34.64 2.82 -28.02
C13 J6U R . 28.49 1.78 -26.60
C15 J6U R . 27.46 0.67 -26.48
C17 J6U R . 28.64 -1.46 -26.92
C20 J6U R . 27.60 -1.59 -29.39
C21 J6U R . 27.28 -0.54 -28.62
C22 J6U R . 26.64 4.98 -25.87
C24 J6U R . 27.68 4.06 -23.83
C26 J6U R . 26.70 6.19 -22.33
C28 J6U R . 27.95 4.14 -22.46
C1 J6U R . 36.59 4.24 -31.90
C2 J6U R . 36.59 3.45 -33.07
C3 J6U R . 36.68 2.06 -32.92
S1 J6U R . 36.85 1.49 -28.94
N2 J6U R . 35.47 1.59 -28.03
C9 J6U R . 34.02 2.98 -26.64
C11 J6U R . 32.11 1.92 -25.41
O1 J6U R . 37.03 0.09 -29.19
O2 J6U R . 37.87 2.19 -28.23
C12 J6U R . 30.86 2.17 -26.26
O3 J6U R . 32.96 -0.47 -26.40
O4 J6U R . 30.85 3.08 -27.09
N4 J6U R . 29.81 1.39 -26.10
C14 J6U R . 27.94 2.94 -25.82
C16 J6U R . 27.80 -0.47 -27.36
C18 J6U R . 28.95 -2.49 -27.77
C19 J6U R . 28.43 -2.60 -29.02
F1 J6U R . 29.80 -3.44 -27.30
F2 J6U R . 27.09 -1.60 -30.64
N5 J6U R . 27.11 3.83 -26.49
C23 J6U R . 26.92 5.08 -24.44
N6 J6U R . 28.18 2.98 -24.55
C25 J6U R . 26.42 6.16 -23.68
C27 J6U R . 27.47 5.18 -21.73
O5 J6U R . 26.00 5.76 -26.52
C29 J6U R . 26.96 3.77 -27.93
C30 J6U R . 27.99 4.27 -28.72
C31 J6U R . 27.88 4.23 -30.10
C32 J6U R . 26.75 3.69 -30.67
C33 J6U R . 25.71 3.19 -29.89
C34 J6U R . 25.82 3.23 -28.52
S2 J6U R . 26.69 3.71 -32.43
N7 J6U R . 25.86 5.03 -32.84
O6 J6U R . 25.99 2.41 -32.89
C35 J6U R . 26.58 6.31 -33.14
C36 J6U R . 25.72 7.53 -32.96
O7 J6U R . 24.46 7.33 -33.57
C37 J6U R . 23.74 6.33 -32.85
C38 J6U R . 24.39 4.97 -32.98
O8 J6U R . 28.19 3.73 -32.82
N1 J6U S . -2.28 22.48 39.52
N3 J6U S . -8.84 21.47 34.53
C4 J6U S . -3.51 20.70 36.58
C5 J6U S . -4.64 20.07 37.10
C6 J6U S . -5.00 20.27 38.43
C7 J6U S . -6.45 21.08 34.64
C8 J6U S . -7.63 21.71 33.98
C10 J6U S . -7.86 20.31 36.52
C13 J6U S . -11.00 25.39 32.84
C15 J6U S . -10.84 25.90 31.38
C17 J6U S . -8.75 24.86 30.44
C20 J6U S . -7.38 27.20 30.61
C21 J6U S . -8.69 27.17 31.00
C22 J6U S . -13.87 27.36 34.43
C24 J6U S . -14.63 25.22 33.45
C26 J6U S . -17.27 25.77 34.17
C28 J6U S . -15.65 24.31 33.15
C1 J6U S . -4.22 21.08 39.22
C2 J6U S . -3.07 21.69 38.72
C3 J6U S . -2.74 21.50 37.38
S1 J6U S . -5.61 19.03 36.06
N2 J6U S . -6.84 19.94 35.51
C9 J6U S . -9.09 20.85 35.84
C11 J6U S . -10.05 21.89 33.82
O1 J6U S . -4.80 18.71 34.92
O2 J6U S . -6.21 18.00 36.87
C12 J6U S . -10.12 23.40 33.86
O3 J6U S . -7.44 22.40 32.98
O4 J6U S . -9.58 24.04 34.75
N4 J6U S . -10.78 23.96 32.87
C14 J6U S . -12.38 25.74 33.37
C16 J6U S . -9.39 25.97 30.92
C18 J6U S . -7.45 24.96 30.09
C19 J6U S . -6.72 26.10 30.16
F1 J6U S . -6.81 23.87 29.60
F2 J6U S . -6.69 28.36 30.66
N5 J6U S . -12.59 26.98 33.96
C23 J6U S . -14.94 26.42 34.13
N6 J6U S . -13.33 24.92 33.07
C25 J6U S . -16.29 26.67 34.49
C27 J6U S . -16.94 24.58 33.49
O5 J6U S . -13.97 28.41 35.03
C29 J6U S . -11.49 27.82 34.38
C30 J6U S . -10.84 27.48 35.54
C31 J6U S . -9.76 28.22 36.00
C32 J6U S . -9.34 29.31 35.27
C33 J6U S . -9.99 29.67 34.10
C34 J6U S . -11.08 28.93 33.65
S2 J6U S . -7.99 30.23 35.94
N7 J6U S . -8.56 31.40 36.89
O6 J6U S . -7.10 30.77 34.75
C35 J6U S . -8.92 31.15 38.32
C36 J6U S . -10.08 32.01 38.77
O7 J6U S . -9.88 33.37 38.42
C37 J6U S . -9.85 33.48 36.99
C38 J6U S . -8.64 32.79 36.43
O8 J6U S . -7.17 29.17 36.72
N1 J6U T . -43.50 -13.08 0.90
N3 J6U T . -40.79 -5.15 0.28
C4 J6U T . -40.56 -10.97 0.23
C5 J6U T . -41.02 -10.18 -0.82
C6 J6U T . -42.32 -10.35 -1.30
C7 J6U T . -40.06 -7.46 0.63
C8 J6U T . -40.20 -6.05 1.10
C10 J6U T . -41.61 -6.95 -1.19
C13 J6U T . -42.42 -2.10 3.63
C15 J6U T . -41.52 -1.54 4.75
C17 J6U T . -39.45 -2.97 4.84
C20 J6U T . -40.31 -4.18 7.13
C21 J6U T . -41.09 -3.21 6.57
C22 J6U T . -45.73 -0.22 3.53
C24 J6U T . -44.03 0.76 2.04
C26 J6U T . -45.84 2.77 1.30
C28 J6U T . -43.65 1.75 1.13
C1 J6U T . -43.14 -11.30 -0.73
C2 J6U T . -42.69 -12.10 0.33
C3 J6U T . -41.38 -11.92 0.79
S1 J6U T . -39.97 -8.97 -1.54
N2 J6U T . -40.32 -7.55 -0.81
C9 J6U T . -41.52 -5.46 -0.95
C11 J6U T . -40.81 -3.73 0.63
O1 J6U T . -38.62 -9.32 -1.18
O2 J6U T . -40.35 -8.79 -2.91
C12 J6U T . -41.77 -3.49 1.76
O3 J6U T . -39.75 -5.79 2.23
O4 J6U T . -42.66 -4.30 2.02
N4 J6U T . -41.59 -2.40 2.47
C14 J6U T . -43.48 -1.13 3.23
C16 J6U T . -40.66 -2.58 5.40
C18 J6U T . -38.72 -3.95 5.47
C19 J6U T . -39.11 -4.57 6.63
F1 J6U T . -37.54 -4.33 4.95
F2 J6U T . -40.74 -4.79 8.25
N5 J6U T . -44.71 -1.11 3.88
C23 J6U T . -45.35 0.79 2.56
N6 J6U T . -43.13 -0.22 2.39
C25 J6U T . -46.26 1.81 2.19
C27 J6U T . -44.55 2.72 0.76
O5 J6U T . -46.82 -0.32 4.06
C29 J6U T . -45.11 -2.20 4.71
C30 J6U T . -45.62 -3.32 4.08
C31 J6U T . -46.02 -4.41 4.84
C32 J6U T . -45.92 -4.33 6.23
C33 J6U T . -45.41 -3.20 6.86
C34 J6U T . -45.02 -2.12 6.09
S2 J6U T . -46.44 -5.68 7.19
N7 J6U T . -47.98 -5.44 7.58
O6 J6U T . -45.50 -5.71 8.43
C35 J6U T . -49.07 -5.76 6.61
C36 J6U T . -50.32 -4.94 6.82
O7 J6U T . -50.65 -4.85 8.19
C37 J6U T . -49.61 -4.18 8.88
C38 J6U T . -48.33 -4.97 8.91
O8 J6U T . -46.25 -6.91 6.30
N1 J6U U . -27.51 -5.87 35.37
N3 J6U U . -29.32 -1.05 29.02
C4 J6U U . -26.56 -5.16 31.92
C5 J6U U . -27.77 -5.39 31.27
C6 J6U U . -28.89 -5.76 31.99
C7 J6U U . -27.57 -2.57 29.78
C8 J6U U . -28.03 -1.19 29.41
C10 J6U U . -29.88 -3.46 29.56
C13 J6U U . -30.35 3.66 29.83
C15 J6U U . -29.30 4.76 29.51
C17 J6U U . -27.06 3.63 29.09
C20 J6U U . -26.07 4.44 31.50
C21 J6U U . -27.36 4.80 31.14
C22 J6U U . -33.80 5.15 30.68
C24 J6U U . -33.55 4.61 28.28
C26 J6U U . -36.13 5.56 27.79
C28 J6U U . -34.08 4.58 26.99
C1 J6U U . -28.80 -5.91 33.35
C2 J6U U . -27.59 -5.71 34.02
C3 J6U U . -26.47 -5.32 33.28
S1 J6U U . -27.89 -5.16 29.52
N2 J6U U . -28.45 -3.65 29.28
C9 J6U U . -30.36 -2.10 29.10
C11 J6U U . -29.79 0.20 28.42
O1 J6U U . -26.56 -5.22 28.98
O2 J6U U . -28.91 -6.04 29.03
C12 J6U U . -30.05 1.29 29.44
O3 J6U U . -27.19 -0.28 29.47
O4 J6U U . -30.23 1.04 30.63
N4 J6U U . -30.10 2.53 28.96
C14 J6U U . -31.78 4.14 29.70
C16 J6U U . -27.87 4.40 29.91
C18 J6U U . -25.79 3.29 29.53
C19 J6U U . -25.26 3.68 30.72
F1 J6U U . -24.98 2.56 28.73
F2 J6U U . -25.56 4.86 32.68
N5 J6U U . -32.46 4.68 30.78
C23 J6U U . -34.35 5.11 29.33
N6 J6U U . -32.27 4.14 28.50
C25 J6U U . -35.66 5.58 29.08
C27 J6U U . -35.34 5.05 26.75
O5 J6U U . -34.40 5.55 31.66
C29 J6U U . -31.93 4.55 32.12
C30 J6U U . -32.18 3.37 32.78
C31 J6U U . -31.70 3.17 34.06
C32 J6U U . -30.94 4.16 34.66
C33 J6U U . -30.70 5.34 33.99
C34 J6U U . -31.19 5.54 32.72
S2 J6U U . -30.38 3.89 36.30
N7 J6U U . -31.53 4.49 37.26
O6 J6U U . -29.05 4.65 36.54
C35 J6U U . -32.69 3.63 37.71
C36 J6U U . -33.85 4.43 38.23
O7 J6U U . -33.39 5.45 39.09
C37 J6U U . -32.68 6.42 38.31
C38 J6U U . -31.40 5.88 37.74
O8 J6U U . -30.07 2.37 36.41
N1 J6U V . -33.46 8.10 -29.20
N3 J6U V . -31.55 13.29 -22.87
C4 J6U V . -30.92 9.02 -26.73
C5 J6U V . -30.69 10.35 -27.05
C6 J6U V . -31.40 10.95 -28.10
C7 J6U V . -30.81 11.14 -23.79
C8 J6U V . -31.47 11.95 -22.71
C10 J6U V . -31.28 13.03 -25.28
C13 J6U V . -35.02 14.17 -19.67
C15 J6U V . -35.14 13.48 -18.31
C17 J6U V . -33.48 11.62 -18.29
C20 J6U V . -35.43 9.71 -18.35
C21 J6U V . -35.79 11.04 -18.34
C22 J6U V . -37.65 16.93 -19.77
C24 J6U V . -35.42 17.76 -19.10
C26 J6U V . -36.44 20.34 -18.79
C28 J6U V . -34.58 18.80 -18.68
C1 J6U V . -32.31 10.21 -28.81
C2 J6U V . -32.54 8.86 -28.49
C3 J6U V . -31.84 8.29 -27.43
S1 J6U V . -29.50 11.24 -26.12
N2 J6U V . -30.30 11.98 -24.90
C9 J6U V . -31.49 14.00 -24.14
C11 J6U V . -31.82 14.15 -21.71
O1 J6U V . -28.63 10.24 -25.59
O2 J6U V . -28.95 12.30 -26.92
C12 J6U V . -33.28 13.96 -21.29
O3 J6U V . -31.92 11.33 -21.73
O4 J6U V . -34.08 13.50 -22.10
N4 J6U V . -33.63 14.25 -20.05
C14 J6U V . -35.65 15.51 -19.62
C16 J6U V . -34.80 12.01 -18.32
C18 J6U V . -33.19 10.27 -18.30
C19 J6U V . -34.13 9.29 -18.34
F1 J6U V . -31.91 9.88 -18.27
F2 J6U V . -36.38 8.75 -18.37
N5 J6U V . -37.02 15.66 -19.85
C23 J6U V . -36.78 18.03 -19.35
N6 J6U V . -34.89 16.47 -19.23
C25 J6U V . -37.29 19.33 -19.20
C27 J6U V . -35.08 20.06 -18.54
O5 J6U V . -38.83 17.05 -20.04
C29 J6U V . -37.83 14.59 -20.39
C30 J6U V . -37.69 14.27 -21.73
C31 J6U V . -38.42 13.24 -22.28
C32 J6U V . -39.30 12.53 -21.48
C33 J6U V . -39.45 12.84 -20.15
C34 J6U V . -38.71 13.87 -19.60
S2 J6U V . -40.29 11.27 -22.21
N7 J6U V . -41.73 11.93 -22.45
O6 J6U V . -40.32 10.01 -21.29
C35 J6U V . -41.96 12.84 -23.61
C36 J6U V . -43.13 13.75 -23.41
O7 J6U V . -44.26 13.05 -22.91
C37 J6U V . -43.97 12.57 -21.59
C38 J6U V . -42.88 11.54 -21.59
O8 J6U V . -39.61 10.98 -23.54
N1 J6U W . -8.13 36.66 -25.24
N3 J6U W . -10.96 35.87 -17.29
C4 J6U W . -7.76 34.74 -22.12
C5 J6U W . -7.52 35.76 -21.21
C6 J6U W . -7.50 37.09 -21.63
C7 J6U W . -9.81 34.71 -19.13
C8 J6U W . -10.98 34.86 -18.20
C10 J6U W . -9.12 36.94 -18.46
C13 J6U W . -15.78 36.02 -16.62
C15 J6U W . -16.59 34.73 -16.34
C17 J6U W . -15.19 32.76 -16.97
C20 J6U W . -16.57 32.41 -19.28
C21 J6U W . -16.92 33.42 -18.43
C22 J6U W . -17.85 39.18 -15.94
C24 J6U W . -16.54 38.45 -13.98
C26 J6U W . -17.59 40.56 -12.49
C28 J6U W . -16.19 38.62 -12.64
C1 J6U W . -7.72 37.40 -22.95
C2 J6U W . -7.93 36.37 -23.89
C3 J6U W . -7.96 35.04 -23.45
S1 J6U W . -7.24 35.36 -19.52
N2 J6U W . -8.68 35.56 -18.73
C9 J6U W . -9.96 36.94 -17.21
C11 J6U W . -12.03 35.99 -16.29
O1 J6U W . -6.89 33.97 -19.48
O2 J6U W . -6.36 36.34 -18.98
C12 J6U W . -13.41 36.20 -16.93
O3 J6U W . -11.91 34.05 -18.33
O4 J6U W . -13.58 36.71 -18.04
N4 J6U W . -14.43 35.79 -16.18
C14 J6U W . -16.36 37.23 -15.93
C16 J6U W . -16.23 33.62 -17.25
C18 J6U W . -14.88 31.77 -17.86
C19 J6U W . -15.54 31.55 -19.04
F1 J6U W . -13.84 30.95 -17.55
F2 J6U W . -17.29 32.25 -20.41
N5 J6U W . -17.30 38.04 -16.56
C23 J6U W . -17.44 39.36 -14.56
N6 J6U W . -16.02 37.38 -14.69
C25 J6U W . -17.96 40.44 -13.81
C27 J6U W . -16.71 39.65 -11.91
O5 J6U W . -18.59 39.91 -16.55
C29 J6U W . -17.53 37.91 -17.98
C30 J6U W . -16.65 38.55 -18.84
C31 J6U W . -16.81 38.41 -20.21
C32 J6U W . -17.84 37.63 -20.70
C33 J6U W . -18.73 37.02 -19.84
C34 J6U W . -18.55 37.13 -18.47
S2 J6U W . -18.08 37.53 -22.45
N7 J6U W . -19.02 38.78 -22.87
O6 J6U W . -18.70 36.15 -22.84
C35 J6U W . -18.42 40.11 -23.14
C36 J6U W . -19.39 41.21 -22.88
O7 J6U W . -20.64 40.95 -23.51
C37 J6U W . -21.25 39.85 -22.86
C38 J6U W . -20.47 38.57 -23.07
O8 J6U W . -16.73 37.80 -23.09
N1 J6U X . 7.50 43.95 9.08
N3 J6U X . 0.51 40.02 11.17
C4 J6U X . 5.98 40.62 9.52
C5 J6U X . 5.58 40.71 10.87
C6 J6U X . 5.78 41.87 11.59
C7 J6U X . 2.66 39.66 10.10
C8 J6U X . 1.17 39.66 10.04
C10 J6U X . 2.63 40.70 12.34
C13 J6U X . -3.63 41.76 9.31
C15 J6U X . -4.39 41.13 8.13
C17 J6U X . -2.81 39.47 7.08
C20 J6U X . -2.50 41.05 4.89
C21 J6U X . -3.32 41.47 5.90
C22 J6U X . -5.81 44.43 11.00
C24 J6U X . -6.03 42.19 12.07
C26 J6U X . -7.85 43.26 13.90
C28 J6U X . -6.58 41.37 13.06
C1 J6U X . 6.42 42.94 10.99
C2 J6U X . 6.85 42.87 9.66
C3 J6U X . 6.60 41.70 8.94
S1 J6U X . 4.78 39.33 11.63
N2 J6U X . 3.17 39.62 11.49
C9 J6U X . 1.13 40.56 12.42
C11 J6U X . -0.94 39.90 11.23
O1 J6U X . 5.08 38.16 10.85
O2 J6U X . 5.06 39.35 13.04
C12 J6U X . -1.63 41.01 10.45
O3 J6U X . 0.64 39.33 8.96
O4 J6U X . -1.10 42.09 10.29
N4 J6U X . -2.82 40.73 9.94
C14 J6U X . -4.58 42.42 10.30
C16 J6U X . -3.49 40.66 7.02
C18 J6U X . -1.99 39.11 6.04
C19 J6U X . -1.81 39.87 4.92
F1 J6U X . -1.32 37.92 6.08
F2 J6U X . -2.34 41.85 3.81
N5 J6U X . -4.93 43.77 10.13
C23 J6U X . -6.40 43.57 12.02
N6 J6U X . -5.13 41.63 11.17
C25 J6U X . -7.31 44.10 12.96
C27 J6U X . -7.49 41.89 13.94
O5 J6U X . -6.04 45.62 10.84
C29 J6U X . -4.25 44.60 9.16
C30 J6U X . -2.98 45.07 9.46
C31 J6U X . -2.29 45.85 8.56
C32 J6U X . -2.86 46.15 7.35
C33 J6U X . -4.12 45.68 7.02
C34 J6U X . -4.82 44.90 7.94
S2 J6U X . -1.93 47.15 6.24
N7 J6U X . -2.43 48.67 6.41
O6 J6U X . -2.05 46.54 4.81
C35 J6U X . -1.89 49.51 7.54
C36 J6U X . -2.83 50.59 8.00
O7 J6U X . -3.38 51.30 6.90
C37 J6U X . -4.17 50.40 6.12
C38 J6U X . -3.35 49.33 5.45
O8 J6U X . -0.48 46.88 6.62
#